data_6FE6
#
_entry.id   6FE6
#
loop_
_entity.id
_entity.type
_entity.pdbx_description
1 polymer 'Non-structural 3 protease'
2 non-polymer (3aR,7S,10S,12R,24aR)-7-cyclopentyl-N-{(1R,2S)-1-[(cyclopropylsulfonyl)carbamoyl]-2-ethenylcyclopropyl}-5,8-dioxo-1,2,3,3a,5,6,7,8,11,12,20,21,22,23,24,24a-hexadecahydro-10H-9,12-methanocyclopenta[18,19][1,10,3,6]dioxadiazacyclononadecino[12,11-b]quinoline-10-carboxamide
3 non-polymer 'ZINC ION'
#
_entity_poly.entity_id   1
_entity_poly.type   'polypeptide(L)'
_entity_poly.pdbx_seq_one_letter_code
;TGRDKNQVEGEVQVVSTATQSFLATCVNGVCWTVYHGAGSKTLAGPKGPITQMYTNVDQDLVGWQAPPGARSLTPCTCGS
SDLYLVTRHADVIPVRRRGDSRGSLLSPRPVSYLKGSSGGPLLCPSGHAVGIFRAAVCTRGVAKAVDFVPVESMETTMRA
SKKKK
;
_entity_poly.pdbx_strand_id   A
#
loop_
_chem_comp.id
_chem_comp.type
_chem_comp.name
_chem_comp.formula
4P2 peptide-like (3aR,7S,10S,12R,24aR)-7-cyclopentyl-N-{(1R,2S)-1-[(cyclopropylsulfonyl)carbamoyl]-2-ethenylcyclopropyl}-5,8-dioxo-1,2,3,3a,5,6,7,8,11,12,20,21,22,23,24,24a-hexadecahydro-10H-9,12-methanocyclopenta[18,19][1,10,3,6]dioxadiazacyclononadecino[12,11-b]quinoline-10-carboxamide 'C41 H53 N5 O8 S'
ZN non-polymer 'ZINC ION' 'Zn 2'
#
# COMPACT_ATOMS: atom_id res chain seq x y z
N THR A 1 -6.58 9.00 27.84
CA THR A 1 -7.11 10.29 28.36
C THR A 1 -7.21 11.31 27.22
N GLY A 2 -8.40 11.73 26.88
CA GLY A 2 -8.58 12.72 25.78
C GLY A 2 -9.72 12.29 24.88
N ARG A 3 -10.08 13.11 23.91
CA ARG A 3 -11.20 12.74 22.99
C ARG A 3 -10.69 12.68 21.55
N ASP A 4 -11.03 11.63 20.84
CA ASP A 4 -10.57 11.50 19.42
C ASP A 4 -11.45 10.51 18.66
N LYS A 5 -11.30 10.43 17.37
CA LYS A 5 -12.15 9.50 16.56
C LYS A 5 -11.29 8.81 15.49
N ASN A 6 -11.79 7.76 14.90
CA ASN A 6 -11.02 7.02 13.84
C ASN A 6 -9.63 6.62 14.36
N GLN A 7 -9.57 6.02 15.51
CA GLN A 7 -8.25 5.60 16.08
C GLN A 7 -7.87 4.18 15.63
N VAL A 8 -8.64 3.59 14.75
CA VAL A 8 -8.32 2.20 14.28
C VAL A 8 -6.93 2.18 13.64
N GLU A 9 -6.68 3.08 12.72
CA GLU A 9 -5.35 3.12 12.05
C GLU A 9 -4.89 4.57 11.87
N GLY A 10 -3.64 4.84 12.16
CA GLY A 10 -3.12 6.23 12.01
C GLY A 10 -2.01 6.27 10.95
N GLU A 11 -1.47 5.15 10.56
CA GLU A 11 -0.39 5.13 9.53
C GLU A 11 -0.97 5.08 8.10
N VAL A 12 -2.29 5.09 7.96
CA VAL A 12 -2.89 5.03 6.60
C VAL A 12 -3.54 6.38 6.26
N GLN A 13 -3.17 6.96 5.14
CA GLN A 13 -3.75 8.27 4.74
C GLN A 13 -4.58 8.10 3.46
N VAL A 14 -5.46 9.02 3.20
CA VAL A 14 -6.30 8.93 1.97
C VAL A 14 -6.02 10.12 1.04
N VAL A 15 -5.76 9.86 -0.22
CA VAL A 15 -5.47 10.97 -1.18
C VAL A 15 -6.21 10.72 -2.50
N SER A 16 -6.75 11.75 -3.09
CA SER A 16 -7.49 11.58 -4.38
C SER A 16 -6.92 12.52 -5.45
N THR A 17 -6.83 12.06 -6.66
CA THR A 17 -6.28 12.92 -7.76
C THR A 17 -7.42 13.39 -8.67
N ALA A 18 -7.09 14.12 -9.71
CA ALA A 18 -8.15 14.63 -10.63
C ALA A 18 -8.78 13.49 -11.44
N THR A 19 -7.99 12.54 -11.88
CA THR A 19 -8.56 11.42 -12.70
C THR A 19 -8.44 10.08 -11.95
N GLN A 20 -7.57 9.98 -10.98
CA GLN A 20 -7.41 8.69 -10.25
C GLN A 20 -7.38 8.92 -8.74
N SER A 21 -7.64 7.90 -7.97
CA SER A 21 -7.63 8.06 -6.48
C SER A 21 -6.97 6.85 -5.82
N PHE A 22 -5.90 7.07 -5.10
CA PHE A 22 -5.19 5.94 -4.43
C PHE A 22 -4.84 6.33 -2.99
N LEU A 23 -4.25 5.43 -2.24
CA LEU A 23 -3.90 5.76 -0.81
C LEU A 23 -2.39 5.65 -0.61
N ALA A 24 -1.88 6.26 0.43
CA ALA A 24 -0.41 6.20 0.71
C ALA A 24 -0.17 5.68 2.12
N THR A 25 0.97 5.08 2.36
CA THR A 25 1.28 4.54 3.72
C THR A 25 2.62 5.09 4.22
N CYS A 26 2.70 5.42 5.48
CA CYS A 26 3.97 5.96 6.04
C CYS A 26 4.85 4.82 6.54
N VAL A 27 5.93 4.55 5.85
CA VAL A 27 6.84 3.44 6.27
C VAL A 27 8.26 3.98 6.47
N ASN A 28 8.86 3.68 7.60
CA ASN A 28 10.25 4.17 7.89
C ASN A 28 10.33 5.70 7.75
N GLY A 29 9.31 6.39 8.19
CA GLY A 29 9.32 7.89 8.09
C GLY A 29 9.27 8.35 6.63
N VAL A 30 8.87 7.48 5.73
CA VAL A 30 8.79 7.87 4.29
C VAL A 30 7.42 7.47 3.73
N CYS A 31 6.75 8.38 3.07
CA CYS A 31 5.42 8.05 2.48
C CYS A 31 5.59 7.28 1.17
N TRP A 32 4.91 6.18 1.03
CA TRP A 32 5.05 5.38 -0.23
C TRP A 32 3.70 5.25 -0.94
N THR A 33 3.70 5.42 -2.23
CA THR A 33 2.44 5.29 -3.03
C THR A 33 2.72 4.49 -4.30
N VAL A 34 1.70 4.15 -5.05
CA VAL A 34 1.94 3.37 -6.31
C VAL A 34 2.37 4.32 -7.43
N TYR A 35 3.28 3.89 -8.27
CA TYR A 35 3.75 4.78 -9.38
C TYR A 35 2.76 4.81 -10.55
N HIS A 36 2.17 3.69 -10.91
CA HIS A 36 1.22 3.71 -12.07
C HIS A 36 0.06 4.68 -11.79
N GLY A 37 -0.22 4.95 -10.54
CA GLY A 37 -1.33 5.89 -10.20
C GLY A 37 -0.86 7.32 -10.51
N ALA A 38 0.05 7.84 -9.74
CA ALA A 38 0.55 9.24 -9.98
C ALA A 38 1.21 9.30 -11.37
N GLY A 39 2.14 8.41 -11.63
CA GLY A 39 2.81 8.41 -12.96
C GLY A 39 3.89 9.49 -13.01
N SER A 40 4.44 9.73 -14.18
CA SER A 40 5.51 10.78 -14.32
C SER A 40 4.96 12.15 -13.91
N LYS A 41 3.73 12.44 -14.27
CA LYS A 41 3.13 13.77 -13.91
C LYS A 41 3.13 13.95 -12.39
N THR A 42 3.45 15.14 -11.93
CA THR A 42 3.47 15.38 -10.45
C THR A 42 2.05 15.66 -9.92
N LEU A 43 1.89 15.67 -8.63
CA LEU A 43 0.55 15.93 -8.04
C LEU A 43 0.67 16.83 -6.81
N ALA A 44 -0.24 17.76 -6.63
CA ALA A 44 -0.17 18.68 -5.45
C ALA A 44 -0.71 17.98 -4.21
N GLY A 45 -0.01 18.10 -3.10
CA GLY A 45 -0.45 17.46 -1.84
C GLY A 45 -1.06 18.52 -0.92
N PRO A 46 -1.09 18.23 0.37
CA PRO A 46 -1.65 19.20 1.34
C PRO A 46 -0.72 20.41 1.51
N LYS A 47 0.56 20.16 1.57
CA LYS A 47 1.54 21.29 1.72
C LYS A 47 1.59 22.13 0.44
N GLY A 48 1.37 21.50 -0.69
CA GLY A 48 1.41 22.26 -1.98
C GLY A 48 2.01 21.35 -3.07
N PRO A 49 2.65 21.97 -4.05
CA PRO A 49 3.26 21.18 -5.15
C PRO A 49 4.53 20.47 -4.65
N ILE A 50 4.70 19.23 -5.00
CA ILE A 50 5.91 18.47 -4.55
C ILE A 50 6.56 17.74 -5.72
N THR A 51 7.80 17.36 -5.58
CA THR A 51 8.50 16.63 -6.69
C THR A 51 8.78 15.19 -6.25
N GLN A 52 8.47 14.23 -7.09
CA GLN A 52 8.70 12.80 -6.73
C GLN A 52 10.19 12.55 -6.46
N MET A 53 10.51 12.02 -5.30
CA MET A 53 11.94 11.74 -4.97
C MET A 53 12.29 10.30 -5.37
N TYR A 54 11.34 9.41 -5.29
CA TYR A 54 11.60 7.99 -5.66
C TYR A 54 10.70 7.58 -6.82
N THR A 55 11.25 7.01 -7.86
CA THR A 55 10.42 6.59 -9.03
C THR A 55 10.91 5.25 -9.57
N ASN A 56 10.01 4.43 -10.04
CA ASN A 56 10.42 3.10 -10.60
C ASN A 56 9.23 2.46 -11.34
N VAL A 57 9.22 2.53 -12.65
CA VAL A 57 8.10 1.92 -13.42
C VAL A 57 8.17 0.39 -13.34
N ASP A 58 9.35 -0.16 -13.48
CA ASP A 58 9.48 -1.65 -13.41
C ASP A 58 9.00 -2.17 -12.06
N GLN A 59 9.38 -1.50 -11.01
CA GLN A 59 8.95 -1.93 -9.64
C GLN A 59 7.64 -1.25 -9.25
N ASP A 60 7.17 -0.29 -10.04
CA ASP A 60 5.90 0.42 -9.69
C ASP A 60 5.99 0.99 -8.28
N LEU A 61 7.14 1.51 -7.92
CA LEU A 61 7.31 2.07 -6.55
C LEU A 61 7.68 3.55 -6.62
N VAL A 62 6.99 4.37 -5.87
CA VAL A 62 7.28 5.83 -5.88
C VAL A 62 6.86 6.44 -4.53
N GLY A 63 7.51 7.49 -4.08
CA GLY A 63 7.13 8.09 -2.77
C GLY A 63 7.96 9.35 -2.50
N TRP A 64 7.81 9.91 -1.33
CA TRP A 64 8.56 11.15 -0.97
C TRP A 64 9.26 10.96 0.39
N GLN A 65 10.26 11.74 0.66
CA GLN A 65 10.98 11.61 1.97
C GLN A 65 10.37 12.57 3.00
N ALA A 66 10.07 12.07 4.17
CA ALA A 66 9.47 12.94 5.23
C ALA A 66 10.47 13.14 6.39
N PRO A 67 10.26 14.18 7.16
CA PRO A 67 11.16 14.47 8.31
C PRO A 67 10.94 13.44 9.44
N PRO A 68 11.92 13.31 10.31
CA PRO A 68 11.79 12.35 11.44
C PRO A 68 10.86 12.92 12.52
N GLY A 69 10.33 12.07 13.36
CA GLY A 69 9.42 12.55 14.44
C GLY A 69 8.00 11.98 14.24
N ALA A 70 7.76 11.27 13.17
CA ALA A 70 6.40 10.71 12.94
C ALA A 70 6.43 9.18 13.10
N ARG A 71 5.38 8.62 13.67
CA ARG A 71 5.35 7.14 13.85
C ARG A 71 5.44 6.43 12.50
N SER A 72 6.17 5.35 12.44
CA SER A 72 6.31 4.60 11.15
C SER A 72 6.11 3.10 11.37
N LEU A 73 5.74 2.38 10.34
CA LEU A 73 5.53 0.91 10.48
C LEU A 73 6.82 0.16 10.17
N THR A 74 6.90 -1.08 10.56
CA THR A 74 8.13 -1.89 10.30
C THR A 74 7.77 -3.14 9.47
N PRO A 75 8.77 -3.76 8.90
CA PRO A 75 8.52 -4.98 8.08
C PRO A 75 8.07 -6.15 8.98
N CYS A 76 7.52 -7.18 8.39
CA CYS A 76 7.06 -8.34 9.22
C CYS A 76 8.25 -9.17 9.69
N THR A 77 8.31 -9.43 10.96
CA THR A 77 9.44 -10.25 11.51
C THR A 77 8.89 -11.37 12.38
N CYS A 78 7.87 -12.05 11.91
CA CYS A 78 7.26 -13.16 12.72
C CYS A 78 6.78 -14.31 11.81
N GLY A 79 7.15 -14.32 10.56
CA GLY A 79 6.72 -15.42 9.64
C GLY A 79 5.20 -15.58 9.66
N SER A 80 4.47 -14.50 9.49
CA SER A 80 2.97 -14.59 9.51
C SER A 80 2.43 -14.80 8.10
N SER A 81 1.97 -15.99 7.78
CA SER A 81 1.41 -16.25 6.42
C SER A 81 0.09 -15.51 6.24
N ASP A 82 -0.73 -15.49 7.26
CA ASP A 82 -2.04 -14.78 7.18
C ASP A 82 -1.82 -13.27 7.25
N LEU A 83 -2.28 -12.55 6.25
CA LEU A 83 -2.09 -11.08 6.24
C LEU A 83 -3.43 -10.38 5.94
N TYR A 84 -3.62 -9.19 6.45
CA TYR A 84 -4.90 -8.46 6.21
C TYR A 84 -4.65 -7.31 5.21
N LEU A 85 -5.51 -7.17 4.23
CA LEU A 85 -5.33 -6.09 3.23
C LEU A 85 -6.24 -4.90 3.56
N VAL A 86 -5.69 -3.71 3.59
CA VAL A 86 -6.51 -2.50 3.91
C VAL A 86 -7.13 -1.95 2.61
N THR A 87 -8.44 -1.84 2.58
CA THR A 87 -9.11 -1.31 1.36
C THR A 87 -9.48 0.16 1.54
N ARG A 88 -9.84 0.83 0.48
CA ARG A 88 -10.22 2.27 0.58
C ARG A 88 -11.45 2.43 1.48
N HIS A 89 -12.28 1.42 1.56
CA HIS A 89 -13.51 1.52 2.42
C HIS A 89 -13.24 0.95 3.81
N ALA A 90 -12.00 0.96 4.25
CA ALA A 90 -11.66 0.43 5.61
C ALA A 90 -12.15 -1.01 5.77
N ASP A 91 -12.02 -1.82 4.74
CA ASP A 91 -12.47 -3.23 4.84
C ASP A 91 -11.29 -4.13 5.25
N VAL A 92 -11.57 -5.26 5.84
CA VAL A 92 -10.47 -6.18 6.27
C VAL A 92 -10.72 -7.60 5.76
N ILE A 93 -9.71 -8.22 5.20
CA ILE A 93 -9.87 -9.61 4.68
C ILE A 93 -8.55 -10.39 4.87
N PRO A 94 -8.66 -11.62 5.35
CA PRO A 94 -7.43 -12.43 5.56
C PRO A 94 -6.92 -12.96 4.23
N VAL A 95 -5.63 -12.96 4.03
CA VAL A 95 -5.04 -13.46 2.75
C VAL A 95 -3.92 -14.46 3.05
N ARG A 96 -3.96 -15.61 2.43
CA ARG A 96 -2.90 -16.64 2.67
C ARG A 96 -1.64 -16.27 1.89
N ARG A 97 -0.48 -16.58 2.43
CA ARG A 97 0.78 -16.25 1.72
C ARG A 97 1.15 -17.36 0.73
N ARG A 98 1.20 -17.04 -0.54
CA ARG A 98 1.55 -18.07 -1.57
C ARG A 98 2.82 -17.66 -2.32
N GLY A 99 3.62 -16.79 -1.75
CA GLY A 99 4.88 -16.36 -2.44
C GLY A 99 5.39 -15.07 -1.79
N ASP A 100 6.60 -14.68 -2.11
CA ASP A 100 7.17 -13.44 -1.51
C ASP A 100 6.45 -12.19 -2.07
N SER A 101 6.16 -12.18 -3.34
CA SER A 101 5.46 -11.00 -3.95
C SER A 101 4.06 -11.35 -4.44
N ARG A 102 3.68 -12.61 -4.41
CA ARG A 102 2.32 -13.00 -4.87
C ARG A 102 1.61 -13.85 -3.81
N GLY A 103 0.32 -13.69 -3.68
CA GLY A 103 -0.44 -14.49 -2.67
C GLY A 103 -1.80 -14.87 -3.25
N SER A 104 -2.65 -15.49 -2.45
CA SER A 104 -3.99 -15.90 -2.95
C SER A 104 -5.09 -15.23 -2.11
N LEU A 105 -6.18 -14.87 -2.74
CA LEU A 105 -7.29 -14.21 -1.99
C LEU A 105 -8.28 -15.27 -1.48
N LEU A 106 -8.64 -15.20 -0.23
CA LEU A 106 -9.60 -16.21 0.33
C LEU A 106 -10.93 -16.16 -0.41
N SER A 107 -11.48 -14.99 -0.59
CA SER A 107 -12.79 -14.86 -1.31
C SER A 107 -12.57 -14.28 -2.72
N PRO A 108 -12.93 -15.03 -3.74
CA PRO A 108 -12.74 -14.53 -5.14
C PRO A 108 -13.75 -13.42 -5.44
N ARG A 109 -13.26 -12.27 -5.80
CA ARG A 109 -14.17 -11.12 -6.13
C ARG A 109 -13.74 -10.45 -7.44
N PRO A 110 -14.64 -9.67 -8.01
CA PRO A 110 -14.33 -8.98 -9.29
C PRO A 110 -13.31 -7.85 -9.06
N VAL A 111 -12.52 -7.54 -10.06
CA VAL A 111 -11.49 -6.46 -9.91
C VAL A 111 -12.17 -5.14 -9.52
N SER A 112 -13.35 -4.89 -10.00
CA SER A 112 -14.06 -3.62 -9.67
C SER A 112 -14.25 -3.50 -8.14
N TYR A 113 -14.58 -4.58 -7.48
CA TYR A 113 -14.77 -4.52 -6.00
C TYR A 113 -13.46 -4.13 -5.32
N LEU A 114 -12.37 -4.66 -5.81
CA LEU A 114 -11.04 -4.33 -5.20
C LEU A 114 -10.37 -3.18 -5.97
N LYS A 115 -11.11 -2.44 -6.76
CA LYS A 115 -10.49 -1.31 -7.52
C LYS A 115 -10.55 -0.02 -6.70
N GLY A 116 -9.51 0.77 -6.77
CA GLY A 116 -9.46 2.06 -6.01
C GLY A 116 -8.92 1.80 -4.60
N SER A 117 -8.20 0.72 -4.39
CA SER A 117 -7.64 0.43 -3.05
C SER A 117 -6.10 0.36 -3.10
N SER A 118 -5.49 0.84 -4.16
CA SER A 118 -4.00 0.79 -4.25
C SER A 118 -3.37 1.54 -3.08
N GLY A 119 -2.26 1.07 -2.60
CA GLY A 119 -1.59 1.75 -1.45
C GLY A 119 -2.02 1.10 -0.12
N GLY A 120 -3.09 0.33 -0.13
CA GLY A 120 -3.56 -0.34 1.12
C GLY A 120 -2.42 -1.24 1.67
N PRO A 121 -1.85 -0.85 2.79
CA PRO A 121 -0.74 -1.65 3.37
C PRO A 121 -1.26 -2.96 3.98
N LEU A 122 -0.54 -4.03 3.79
CA LEU A 122 -0.96 -5.34 4.37
C LEU A 122 -0.28 -5.52 5.72
N LEU A 123 -1.03 -5.72 6.77
CA LEU A 123 -0.41 -5.89 8.12
C LEU A 123 -0.72 -7.27 8.70
N CYS A 124 0.31 -7.97 9.12
CA CYS A 124 0.10 -9.32 9.72
C CYS A 124 -0.65 -9.17 11.06
N PRO A 125 -1.19 -10.26 11.57
CA PRO A 125 -1.92 -10.20 12.85
C PRO A 125 -0.99 -9.80 14.00
N SER A 126 0.29 -9.96 13.83
CA SER A 126 1.24 -9.57 14.91
C SER A 126 1.28 -8.05 15.06
N GLY A 127 1.00 -7.33 14.00
CA GLY A 127 1.02 -5.84 14.07
C GLY A 127 2.01 -5.26 13.06
N HIS A 128 2.98 -6.04 12.63
CA HIS A 128 3.98 -5.53 11.64
C HIS A 128 3.38 -5.49 10.23
N ALA A 129 4.01 -4.75 9.34
CA ALA A 129 3.49 -4.66 7.94
C ALA A 129 4.36 -5.50 6.99
N VAL A 130 3.76 -6.10 5.99
CA VAL A 130 4.55 -6.93 5.03
C VAL A 130 4.80 -6.15 3.72
N GLY A 131 3.92 -5.26 3.35
CA GLY A 131 4.12 -4.48 2.09
C GLY A 131 2.84 -3.70 1.74
N ILE A 132 2.72 -3.27 0.51
CA ILE A 132 1.51 -2.51 0.09
C ILE A 132 0.89 -3.12 -1.18
N PHE A 133 -0.37 -2.90 -1.39
CA PHE A 133 -1.06 -3.47 -2.61
C PHE A 133 -0.50 -2.81 -3.88
N ARG A 134 -0.30 -3.57 -4.92
CA ARG A 134 0.24 -3.00 -6.18
C ARG A 134 -0.71 -3.25 -7.35
N ALA A 135 -0.86 -4.49 -7.76
CA ALA A 135 -1.78 -4.80 -8.90
C ALA A 135 -2.66 -6.00 -8.58
N ALA A 136 -3.84 -6.05 -9.16
CA ALA A 136 -4.75 -7.20 -8.91
C ALA A 136 -4.58 -8.24 -10.03
N VAL A 137 -4.82 -9.49 -9.75
CA VAL A 137 -4.64 -10.55 -10.79
C VAL A 137 -5.97 -11.27 -11.05
N CYS A 138 -6.45 -11.21 -12.27
CA CYS A 138 -7.74 -11.91 -12.59
C CYS A 138 -7.67 -12.54 -13.98
N THR A 139 -8.48 -13.53 -14.25
CA THR A 139 -8.47 -14.18 -15.59
C THR A 139 -9.53 -13.54 -16.49
N ARG A 140 -10.73 -13.36 -15.97
CA ARG A 140 -11.82 -12.74 -16.77
C ARG A 140 -12.46 -11.61 -15.97
N GLY A 141 -11.67 -10.90 -15.20
CA GLY A 141 -12.23 -9.79 -14.37
C GLY A 141 -12.39 -10.24 -12.91
N VAL A 142 -12.22 -11.52 -12.64
CA VAL A 142 -12.36 -12.01 -11.23
C VAL A 142 -10.98 -12.12 -10.60
N ALA A 143 -10.76 -11.45 -9.49
CA ALA A 143 -9.43 -11.50 -8.82
C ALA A 143 -9.35 -12.68 -7.86
N LYS A 144 -8.45 -13.60 -8.13
CA LYS A 144 -8.29 -14.79 -7.23
C LYS A 144 -6.98 -14.69 -6.47
N ALA A 145 -5.99 -14.05 -7.05
CA ALA A 145 -4.67 -13.91 -6.38
C ALA A 145 -4.28 -12.42 -6.35
N VAL A 146 -3.42 -12.05 -5.42
CA VAL A 146 -2.99 -10.62 -5.34
C VAL A 146 -1.47 -10.50 -5.29
N ASP A 147 -0.92 -9.50 -5.93
CA ASP A 147 0.55 -9.32 -5.94
C ASP A 147 0.93 -8.00 -5.24
N PHE A 148 1.89 -8.03 -4.36
CA PHE A 148 2.32 -6.80 -3.65
C PHE A 148 3.85 -6.79 -3.48
N VAL A 149 4.42 -5.63 -3.26
CA VAL A 149 5.90 -5.55 -3.08
C VAL A 149 6.27 -5.63 -1.58
N PRO A 150 7.37 -6.30 -1.29
CA PRO A 150 7.81 -6.44 0.12
C PRO A 150 8.46 -5.13 0.61
N VAL A 151 8.57 -4.97 1.91
CA VAL A 151 9.21 -3.73 2.46
C VAL A 151 10.71 -3.75 2.16
N GLU A 152 11.31 -4.92 2.14
CA GLU A 152 12.78 -5.00 1.87
C GLU A 152 13.10 -4.42 0.50
N SER A 153 12.26 -4.66 -0.48
CA SER A 153 12.53 -4.12 -1.85
C SER A 153 12.51 -2.59 -1.81
N MET A 154 11.60 -2.03 -1.06
CA MET A 154 11.51 -0.53 -0.95
C MET A 154 12.82 0.04 -0.41
N GLU A 155 13.40 -0.63 0.57
CA GLU A 155 14.68 -0.14 1.17
C GLU A 155 15.78 -0.08 0.10
N THR A 156 15.82 -1.05 -0.77
CA THR A 156 16.87 -1.07 -1.84
C THR A 156 16.74 0.18 -2.72
N THR A 157 15.53 0.57 -3.03
CA THR A 157 15.33 1.78 -3.89
C THR A 157 15.75 3.04 -3.14
N MET A 158 15.37 3.14 -1.88
CA MET A 158 15.73 4.35 -1.08
C MET A 158 17.26 4.48 -0.97
N ARG A 159 17.94 3.38 -0.78
CA ARG A 159 19.44 3.43 -0.67
C ARG A 159 20.05 3.97 -1.97
N ALA A 160 19.52 3.58 -3.10
CA ALA A 160 20.06 4.07 -4.40
C ALA A 160 19.49 5.46 -4.71
O1 4P2 B . -0.96 -2.40 -14.63
C8 4P2 B . -2.33 -7.68 -13.98
O9 4P2 B . -2.13 -8.96 -13.50
C10 4P2 B . -0.78 -9.54 -13.61
C11 4P2 B . -0.98 -11.05 -13.64
C12 4P2 B . 0.29 -11.60 -13.02
C13 4P2 B . 0.52 -10.67 -11.84
C14 4P2 B . 0.08 -9.26 -12.35
C15 4P2 B . 1.31 -8.37 -12.60
C16 4P2 B . 0.98 -6.94 -13.06
C17 4P2 B . 2.03 -5.93 -12.57
C18 4P2 B . 1.96 -4.61 -13.32
C19 4P2 B . 0.91 -3.63 -12.77
C20 4P2 B . 1.11 -2.25 -13.38
N21 4P2 B . 2.31 -1.62 -12.99
C22 4P2 B . 2.71 -0.42 -13.59
C23 4P2 B . 3.95 0.22 -13.19
C24 4P2 B . 4.38 1.47 -13.80
C25 4P2 B . 3.57 2.10 -14.84
C26 4P2 B . 2.31 1.48 -15.27
C27 4P2 B . 1.87 0.23 -14.65
C28 4P2 B . 0.63 -0.45 -15.01
C29 4P2 B . 0.21 -1.70 -14.38
O38 4P2 B . -1.52 -6.97 -14.57
C5 4P2 B . -3.50 -4.93 -12.83
C6 4P2 B . -4.07 -5.88 -13.95
N7 4P2 B . -3.61 -7.26 -13.68
O32 4P2 B . -3.24 -5.38 -11.71
C33 4P2 B . -5.63 -5.80 -13.94
C34 4P2 B . -6.34 -6.96 -14.68
C35 4P2 B . -7.73 -6.43 -15.04
C36 4P2 B . -7.69 -4.93 -14.81
C37 4P2 B . -6.21 -4.59 -14.68
N4 4P2 B . -3.35 -3.57 -13.12
C31 4P2 B . -2.97 -2.60 -12.08
C39 4P2 B . -4.20 -2.16 -11.25
O40 4P2 B . -5.34 -2.16 -11.72
C30 4P2 B . -2.37 -1.40 -12.87
C2 4P2 B . -2.26 -1.84 -14.34
C3 4P2 B . -3.28 -2.99 -14.44
N41 4P2 B . -3.94 -1.83 -9.92
C42 4P2 B . -4.99 -1.51 -8.94
C43 4P2 B . -5.71 -2.76 -8.32
C44 4P2 B . -4.75 -1.96 -7.50
C47 4P2 B . -7.16 -2.75 -8.04
C48 4P2 B . -8.02 -3.69 -8.45
C45 4P2 B . -5.67 -0.12 -9.04
O46 4P2 B . -6.72 0.11 -8.47
N49 4P2 B . -4.98 0.81 -9.83
S 4P2 B . -5.38 2.39 -10.03
O51 4P2 B . -4.37 2.94 -10.92
O52 4P2 B . -6.78 2.53 -10.35
C53 4P2 B . -5.06 3.22 -8.44
C54 4P2 B . -6.03 4.34 -8.12
C55 4P2 B . -6.11 3.02 -7.39
H2 4P2 B . -2.53 -1.06 -15.06
H10 4P2 B . -0.29 -9.24 -14.54
H111 4P2 B . -1.11 -11.43 -14.67
H112 4P2 B . -1.85 -11.36 -13.04
H122 4P2 B . 1.12 -11.54 -13.74
H121 4P2 B . 0.18 -12.64 -12.71
H132 4P2 B . 1.56 -10.71 -11.50
H131 4P2 B . -0.10 -10.96 -11.00
H14 4P2 B . -0.53 -8.78 -11.56
H151 4P2 B . 1.90 -8.31 -11.67
H152 4P2 B . 1.97 -8.84 -13.34
H162 4P2 B . 0.94 -6.92 -14.15
H161 4P2 B . 0.00 -6.65 -12.67
H171 4P2 B . 3.03 -6.36 -12.72
H172 4P2 B . 1.92 -5.76 -11.49
H182 4P2 B . 2.96 -4.14 -13.28
H181 4P2 B . 1.77 -4.79 -14.39
H191 4P2 B . 1.03 -3.55 -11.68
H192 4P2 B . -0.10 -3.99 -12.95
H23 4P2 B . 4.57 -0.24 -12.42
H24 4P2 B . 5.31 1.92 -13.50
H25 4P2 B . 3.91 3.03 -15.30
H26 4P2 B . 1.73 1.97 -16.04
H28 4P2 B . 0.01 0.02 -15.77
H6 4P2 B . -3.71 -5.61 -14.94
H7 4P2 B . -4.21 -7.95 -13.24
H33 4P2 B . -6.00 -5.78 -12.91
H341 4P2 B . -5.80 -7.21 -15.60
H342 4P2 B . -6.40 -7.87 -14.06
H352 4P2 B . -8.49 -6.89 -14.39
H351 4P2 B . -7.99 -6.68 -16.08
H361 4P2 B . -8.22 -4.69 -13.89
H362 4P2 B . -8.17 -4.38 -15.62
H371 4P2 B . -6.06 -3.65 -14.15
H372 4P2 B . -5.78 -4.49 -15.68
H31 4P2 B . -2.21 -3.07 -11.44
H302 4P2 B . -1.41 -1.11 -12.44
H301 4P2 B . -3.02 -0.51 -12.81
H32 4P2 B . -2.98 -3.73 -15.18
H31A 4P2 B . -4.28 -2.60 -14.68
H41 4P2 B . -2.97 -1.80 -9.59
H43 4P2 B . -5.35 -3.73 -8.65
H442 4P2 B . -3.81 -2.41 -7.23
H441 4P2 B . -5.14 -1.34 -6.69
H47 4P2 B . -7.55 -1.92 -7.45
H482 4P2 B . -7.68 -4.59 -8.97
H481 4P2 B . -9.08 -3.58 -8.27
H53 4P2 B . -4.03 3.33 -8.16
H541 4P2 B . -5.63 5.19 -7.58
H542 4P2 B . -6.82 4.58 -8.81
H552 4P2 B . -5.79 3.01 -6.35
H551 4P2 B . -6.96 2.38 -7.59
ZN ZN C . 4.05 -9.50 11.75
N THR A 1 -17.95 6.63 20.06
CA THR A 1 -17.93 7.94 19.36
C THR A 1 -17.25 7.80 17.99
N GLY A 2 -17.92 7.18 17.05
CA GLY A 2 -17.32 7.00 15.69
C GLY A 2 -17.85 8.08 14.76
N ARG A 3 -18.19 9.23 15.28
CA ARG A 3 -18.72 10.33 14.43
C ARG A 3 -17.79 11.55 14.49
N ASP A 4 -16.52 11.32 14.71
CA ASP A 4 -15.56 12.46 14.78
C ASP A 4 -14.86 12.67 13.44
N LYS A 5 -14.21 13.78 13.26
CA LYS A 5 -13.50 14.05 11.97
C LYS A 5 -12.11 14.64 12.24
N ASN A 6 -11.46 14.21 13.29
CA ASN A 6 -10.10 14.74 13.61
C ASN A 6 -9.02 13.87 12.97
N GLN A 7 -9.09 12.58 13.14
CA GLN A 7 -8.06 11.68 12.54
C GLN A 7 -8.62 10.26 12.38
N VAL A 8 -9.73 10.11 11.71
CA VAL A 8 -10.33 8.76 11.52
C VAL A 8 -9.37 7.86 10.72
N GLU A 9 -9.15 6.66 11.19
CA GLU A 9 -8.23 5.70 10.49
C GLU A 9 -6.79 6.26 10.46
N GLY A 10 -5.83 5.47 10.85
CA GLY A 10 -4.41 5.92 10.84
C GLY A 10 -3.56 4.94 10.05
N GLU A 11 -2.25 5.00 10.21
CA GLU A 11 -1.32 4.08 9.46
C GLU A 11 -1.36 4.35 7.96
N VAL A 12 -2.48 4.10 7.33
CA VAL A 12 -2.59 4.34 5.86
C VAL A 12 -3.35 5.65 5.60
N GLN A 13 -2.84 6.48 4.73
CA GLN A 13 -3.53 7.77 4.42
C GLN A 13 -4.27 7.66 3.08
N VAL A 14 -5.19 8.55 2.82
CA VAL A 14 -5.94 8.49 1.53
C VAL A 14 -5.70 9.77 0.72
N VAL A 15 -5.47 9.64 -0.56
CA VAL A 15 -5.22 10.84 -1.41
C VAL A 15 -5.84 10.65 -2.80
N SER A 16 -6.25 11.73 -3.42
CA SER A 16 -6.87 11.61 -4.78
C SER A 16 -6.05 12.43 -5.79
N THR A 17 -5.83 11.88 -6.96
CA THR A 17 -5.05 12.61 -8.00
C THR A 17 -5.99 13.27 -9.01
N ALA A 18 -5.44 13.91 -10.00
CA ALA A 18 -6.30 14.60 -11.00
C ALA A 18 -7.21 13.59 -11.72
N THR A 19 -6.67 12.47 -12.14
CA THR A 19 -7.50 11.45 -12.84
C THR A 19 -7.53 10.13 -12.07
N GLN A 20 -6.49 9.84 -11.32
CA GLN A 20 -6.46 8.56 -10.54
C GLN A 20 -6.50 8.84 -9.04
N SER A 21 -6.59 7.82 -8.24
CA SER A 21 -6.62 8.00 -6.76
C SER A 21 -6.05 6.77 -6.06
N PHE A 22 -5.01 6.95 -5.29
CA PHE A 22 -4.39 5.79 -4.56
C PHE A 22 -4.16 6.14 -3.10
N LEU A 23 -3.61 5.23 -2.34
CA LEU A 23 -3.35 5.52 -0.88
C LEU A 23 -1.85 5.42 -0.61
N ALA A 24 -1.43 5.67 0.61
CA ALA A 24 0.02 5.60 0.95
C ALA A 24 0.24 5.03 2.35
N THR A 25 1.44 4.57 2.61
CA THR A 25 1.75 3.99 3.95
C THR A 25 2.96 4.71 4.55
N CYS A 26 2.98 4.90 5.85
CA CYS A 26 4.14 5.62 6.48
C CYS A 26 5.22 4.63 6.95
N VAL A 27 6.36 4.64 6.31
CA VAL A 27 7.46 3.72 6.71
C VAL A 27 8.78 4.48 6.87
N ASN A 28 9.38 4.38 8.04
CA ASN A 28 10.70 5.06 8.29
C ASN A 28 10.67 6.55 7.93
N GLY A 29 9.55 7.22 8.12
CA GLY A 29 9.49 8.68 7.80
C GLY A 29 9.13 8.93 6.34
N VAL A 30 9.27 7.94 5.48
CA VAL A 30 8.95 8.14 4.03
C VAL A 30 7.63 7.47 3.67
N CYS A 31 6.73 8.19 3.04
CA CYS A 31 5.42 7.60 2.65
C CYS A 31 5.57 6.88 1.32
N TRP A 32 5.55 5.57 1.32
CA TRP A 32 5.70 4.82 0.04
C TRP A 32 4.33 4.53 -0.58
N THR A 33 4.21 4.69 -1.87
CA THR A 33 2.92 4.42 -2.56
C THR A 33 3.18 3.66 -3.85
N VAL A 34 2.14 3.33 -4.59
CA VAL A 34 2.33 2.60 -5.87
C VAL A 34 2.73 3.59 -6.96
N TYR A 35 3.61 3.20 -7.84
CA TYR A 35 4.05 4.14 -8.92
C TYR A 35 3.08 4.09 -10.12
N HIS A 36 2.66 2.91 -10.54
CA HIS A 36 1.76 2.82 -11.74
C HIS A 36 0.47 3.62 -11.51
N GLY A 37 0.08 3.81 -10.27
CA GLY A 37 -1.15 4.59 -9.98
C GLY A 37 -0.83 6.08 -10.04
N ALA A 38 0.22 6.50 -9.39
CA ALA A 38 0.59 7.95 -9.41
C ALA A 38 1.36 8.28 -10.68
N GLY A 39 2.51 7.68 -10.87
CA GLY A 39 3.32 7.95 -12.09
C GLY A 39 4.43 8.95 -11.77
N SER A 40 5.31 9.21 -12.71
CA SER A 40 6.42 10.18 -12.46
C SER A 40 5.87 11.62 -12.37
N LYS A 41 4.68 11.85 -12.86
CA LYS A 41 4.09 13.24 -12.80
C LYS A 41 4.03 13.73 -11.34
N THR A 42 4.27 15.00 -11.14
CA THR A 42 4.23 15.55 -9.75
C THR A 42 2.80 15.50 -9.20
N LEU A 43 2.66 15.50 -7.90
CA LEU A 43 1.29 15.46 -7.28
C LEU A 43 0.84 16.86 -6.88
N ALA A 44 -0.42 17.16 -7.03
CA ALA A 44 -0.93 18.51 -6.66
C ALA A 44 -1.79 18.42 -5.40
N GLY A 45 -1.56 19.27 -4.44
CA GLY A 45 -2.36 19.24 -3.19
C GLY A 45 -3.02 20.61 -2.97
N PRO A 46 -4.04 20.64 -2.14
CA PRO A 46 -4.75 21.92 -1.86
C PRO A 46 -3.85 22.87 -1.07
N LYS A 47 -3.21 22.37 -0.03
CA LYS A 47 -2.31 23.24 0.78
C LYS A 47 -1.05 23.59 -0.02
N GLY A 48 -0.64 22.71 -0.89
CA GLY A 48 0.58 22.98 -1.71
C GLY A 48 0.99 21.69 -2.45
N PRO A 49 1.65 21.84 -3.57
CA PRO A 49 2.09 20.67 -4.35
C PRO A 49 3.26 19.95 -3.64
N ILE A 50 3.65 18.81 -4.13
CA ILE A 50 4.77 18.06 -3.48
C ILE A 50 5.84 17.73 -4.53
N THR A 51 7.03 17.44 -4.09
CA THR A 51 8.13 17.11 -5.06
C THR A 51 8.35 15.59 -5.12
N GLN A 52 8.78 15.10 -6.25
CA GLN A 52 9.01 13.63 -6.40
C GLN A 52 10.36 13.24 -5.77
N MET A 53 10.36 12.26 -4.90
CA MET A 53 11.63 11.82 -4.27
C MET A 53 12.08 10.48 -4.85
N TYR A 54 11.22 9.50 -4.89
CA TYR A 54 11.59 8.18 -5.46
C TYR A 54 10.69 7.82 -6.64
N THR A 55 11.24 7.28 -7.70
CA THR A 55 10.42 6.92 -8.89
C THR A 55 11.06 5.75 -9.64
N ASN A 56 10.31 4.70 -9.90
CA ASN A 56 10.88 3.53 -10.63
C ASN A 56 9.76 2.57 -11.08
N VAL A 57 9.64 2.33 -12.37
CA VAL A 57 8.59 1.39 -12.85
C VAL A 57 8.96 -0.06 -12.49
N ASP A 58 10.23 -0.39 -12.62
CA ASP A 58 10.67 -1.80 -12.29
C ASP A 58 10.26 -2.14 -10.86
N GLN A 59 10.43 -1.22 -9.95
CA GLN A 59 10.02 -1.48 -8.54
C GLN A 59 8.59 -0.97 -8.31
N ASP A 60 8.07 -0.19 -9.23
CA ASP A 60 6.68 0.35 -9.08
C ASP A 60 6.52 1.05 -7.72
N LEU A 61 7.56 1.71 -7.27
CA LEU A 61 7.49 2.39 -5.94
C LEU A 61 7.79 3.90 -6.05
N VAL A 62 7.20 4.67 -5.18
CA VAL A 62 7.44 6.14 -5.15
C VAL A 62 7.35 6.59 -3.70
N GLY A 63 8.04 7.64 -3.31
CA GLY A 63 7.99 8.06 -1.88
C GLY A 63 7.90 9.58 -1.75
N TRP A 64 7.23 10.03 -0.72
CA TRP A 64 7.09 11.49 -0.47
C TRP A 64 7.26 11.75 1.04
N GLN A 65 8.18 12.60 1.42
CA GLN A 65 8.39 12.89 2.87
C GLN A 65 7.12 13.45 3.51
N ALA A 66 6.76 12.95 4.67
CA ALA A 66 5.54 13.45 5.37
C ALA A 66 5.93 14.44 6.48
N PRO A 67 4.94 15.03 7.11
CA PRO A 67 5.22 15.99 8.20
C PRO A 67 5.77 15.23 9.43
N PRO A 68 6.63 15.86 10.18
CA PRO A 68 7.21 15.21 11.37
C PRO A 68 6.16 15.08 12.47
N GLY A 69 6.06 13.93 13.09
CA GLY A 69 5.06 13.75 14.17
C GLY A 69 4.26 12.45 13.95
N ALA A 70 4.14 11.99 12.73
CA ALA A 70 3.37 10.74 12.48
C ALA A 70 3.89 9.97 11.26
N ARG A 71 5.05 9.36 11.35
CA ARG A 71 5.57 8.58 10.19
C ARG A 71 6.53 7.49 10.68
N SER A 72 6.04 6.31 10.93
CA SER A 72 6.95 5.20 11.40
C SER A 72 6.18 3.89 11.58
N LEU A 73 6.35 2.97 10.66
CA LEU A 73 5.65 1.65 10.77
C LEU A 73 6.69 0.53 10.91
N THR A 74 6.51 -0.36 11.86
CA THR A 74 7.49 -1.46 12.04
C THR A 74 7.29 -2.56 10.97
N PRO A 75 8.39 -3.06 10.43
CA PRO A 75 8.29 -4.11 9.39
C PRO A 75 7.96 -5.46 10.04
N CYS A 76 7.57 -6.43 9.25
CA CYS A 76 7.23 -7.77 9.81
C CYS A 76 8.51 -8.59 10.02
N THR A 77 8.64 -9.20 11.17
CA THR A 77 9.85 -10.03 11.46
C THR A 77 9.43 -11.34 12.13
N CYS A 78 8.46 -12.02 11.57
CA CYS A 78 7.98 -13.30 12.18
C CYS A 78 7.55 -14.34 11.12
N GLY A 79 7.64 -14.01 9.85
CA GLY A 79 7.24 -14.99 8.78
C GLY A 79 5.83 -15.53 9.05
N SER A 80 4.83 -14.87 8.54
CA SER A 80 3.42 -15.33 8.75
C SER A 80 2.67 -15.41 7.42
N SER A 81 2.05 -16.53 7.14
CA SER A 81 1.30 -16.67 5.87
C SER A 81 0.05 -15.78 5.88
N ASP A 82 -0.61 -15.71 7.00
CA ASP A 82 -1.85 -14.85 7.10
C ASP A 82 -1.47 -13.38 6.86
N LEU A 83 -2.32 -12.65 6.18
CA LEU A 83 -2.03 -11.21 5.92
C LEU A 83 -3.31 -10.39 5.97
N TYR A 84 -3.20 -9.10 6.19
CA TYR A 84 -4.41 -8.23 6.24
C TYR A 84 -4.26 -7.07 5.28
N LEU A 85 -5.02 -7.06 4.21
CA LEU A 85 -4.93 -5.95 3.21
C LEU A 85 -5.95 -4.86 3.52
N VAL A 86 -5.52 -3.62 3.50
CA VAL A 86 -6.46 -2.50 3.79
C VAL A 86 -6.95 -1.88 2.48
N THR A 87 -8.25 -1.72 2.32
CA THR A 87 -8.81 -1.13 1.07
C THR A 87 -9.11 0.35 1.27
N ARG A 88 -9.41 1.04 0.19
CA ARG A 88 -9.72 2.51 0.30
C ARG A 88 -10.99 2.74 1.14
N HIS A 89 -11.80 1.72 1.32
CA HIS A 89 -13.05 1.88 2.12
C HIS A 89 -12.81 1.46 3.58
N ALA A 90 -11.59 1.55 4.04
CA ALA A 90 -11.27 1.16 5.45
C ALA A 90 -11.77 -0.25 5.76
N ASP A 91 -11.63 -1.16 4.83
CA ASP A 91 -12.10 -2.56 5.06
C ASP A 91 -10.90 -3.48 5.32
N VAL A 92 -11.14 -4.67 5.79
CA VAL A 92 -10.02 -5.61 6.07
C VAL A 92 -10.34 -7.01 5.50
N ILE A 93 -9.42 -7.59 4.79
CA ILE A 93 -9.65 -8.95 4.21
C ILE A 93 -8.43 -9.85 4.48
N PRO A 94 -8.67 -11.03 5.04
CA PRO A 94 -7.55 -11.95 5.33
C PRO A 94 -7.04 -12.60 4.04
N VAL A 95 -5.77 -12.48 3.76
CA VAL A 95 -5.21 -13.10 2.52
C VAL A 95 -4.12 -14.11 2.89
N ARG A 96 -4.20 -15.31 2.36
CA ARG A 96 -3.17 -16.34 2.68
C ARG A 96 -1.99 -16.23 1.70
N ARG A 97 -0.79 -16.33 2.21
CA ARG A 97 0.41 -16.23 1.33
C ARG A 97 0.58 -17.51 0.51
N ARG A 98 0.96 -17.38 -0.74
CA ARG A 98 1.15 -18.59 -1.60
C ARG A 98 2.44 -18.48 -2.41
N GLY A 99 3.27 -17.50 -2.13
CA GLY A 99 4.54 -17.36 -2.90
C GLY A 99 5.44 -16.33 -2.21
N ASP A 100 6.54 -15.96 -2.83
CA ASP A 100 7.45 -14.96 -2.22
C ASP A 100 6.82 -13.56 -2.23
N SER A 101 6.13 -13.21 -3.29
CA SER A 101 5.50 -11.86 -3.35
C SER A 101 4.03 -11.96 -3.78
N ARG A 102 3.47 -13.14 -3.85
CA ARG A 102 2.04 -13.28 -4.25
C ARG A 102 1.24 -14.01 -3.17
N GLY A 103 -0.02 -13.70 -3.03
CA GLY A 103 -0.85 -14.36 -1.99
C GLY A 103 -2.23 -14.69 -2.58
N SER A 104 -3.00 -15.49 -1.90
CA SER A 104 -4.36 -15.85 -2.42
C SER A 104 -5.44 -15.15 -1.58
N LEU A 105 -6.62 -15.01 -2.13
CA LEU A 105 -7.73 -14.34 -1.39
C LEU A 105 -8.88 -15.31 -1.15
N LEU A 106 -9.39 -15.37 0.06
CA LEU A 106 -10.52 -16.31 0.35
C LEU A 106 -11.80 -15.83 -0.35
N SER A 107 -12.07 -14.55 -0.32
CA SER A 107 -13.30 -14.03 -0.98
C SER A 107 -12.96 -13.48 -2.37
N PRO A 108 -13.43 -14.13 -3.41
CA PRO A 108 -13.15 -13.67 -4.78
C PRO A 108 -14.09 -12.52 -5.17
N ARG A 109 -13.59 -11.32 -5.22
CA ARG A 109 -14.45 -10.16 -5.60
C ARG A 109 -14.01 -9.61 -6.97
N PRO A 110 -14.91 -8.92 -7.64
CA PRO A 110 -14.57 -8.36 -8.98
C PRO A 110 -13.57 -7.21 -8.86
N VAL A 111 -12.74 -7.02 -9.87
CA VAL A 111 -11.73 -5.92 -9.83
C VAL A 111 -12.43 -4.58 -9.54
N SER A 112 -13.66 -4.44 -9.96
CA SER A 112 -14.40 -3.16 -9.72
C SER A 112 -14.52 -2.87 -8.22
N TYR A 113 -14.80 -3.87 -7.43
CA TYR A 113 -14.93 -3.65 -5.95
C TYR A 113 -13.56 -3.30 -5.37
N LEU A 114 -12.53 -3.96 -5.83
CA LEU A 114 -11.16 -3.68 -5.32
C LEU A 114 -10.46 -2.62 -6.19
N LYS A 115 -11.21 -1.90 -7.00
CA LYS A 115 -10.58 -0.88 -7.88
C LYS A 115 -10.28 0.40 -7.13
N GLY A 116 -9.01 0.68 -7.02
CA GLY A 116 -8.58 1.91 -6.30
C GLY A 116 -8.12 1.55 -4.90
N SER A 117 -7.47 0.42 -4.75
CA SER A 117 -6.98 0.00 -3.41
C SER A 117 -5.46 -0.14 -3.41
N SER A 118 -4.78 0.46 -4.38
CA SER A 118 -3.29 0.36 -4.40
C SER A 118 -2.71 1.17 -3.25
N GLY A 119 -1.74 0.62 -2.56
CA GLY A 119 -1.14 1.36 -1.41
C GLY A 119 -1.54 0.67 -0.10
N GLY A 120 -2.65 -0.03 -0.11
CA GLY A 120 -3.10 -0.73 1.13
C GLY A 120 -2.00 -1.70 1.60
N PRO A 121 -1.40 -1.41 2.75
CA PRO A 121 -0.31 -2.28 3.25
C PRO A 121 -0.86 -3.60 3.78
N LEU A 122 -0.10 -4.66 3.66
CA LEU A 122 -0.54 -5.99 4.18
C LEU A 122 0.07 -6.23 5.56
N LEU A 123 -0.75 -6.33 6.58
CA LEU A 123 -0.22 -6.54 7.95
C LEU A 123 -0.38 -8.00 8.39
N CYS A 124 0.68 -8.62 8.82
CA CYS A 124 0.60 -10.04 9.29
C CYS A 124 -0.24 -10.11 10.57
N PRO A 125 -0.67 -11.31 10.94
CA PRO A 125 -1.48 -11.45 12.18
C PRO A 125 -0.65 -11.10 13.43
N SER A 126 0.65 -11.00 13.31
CA SER A 126 1.49 -10.64 14.49
C SER A 126 1.23 -9.17 14.88
N GLY A 127 1.11 -8.30 13.90
CA GLY A 127 0.85 -6.87 14.21
C GLY A 127 1.94 -6.00 13.59
N HIS A 128 2.40 -6.34 12.41
CA HIS A 128 3.48 -5.53 11.74
C HIS A 128 3.12 -5.28 10.27
N ALA A 129 4.02 -4.70 9.53
CA ALA A 129 3.74 -4.41 8.08
C ALA A 129 4.50 -5.41 7.20
N VAL A 130 3.91 -5.80 6.09
CA VAL A 130 4.59 -6.78 5.18
C VAL A 130 4.91 -6.12 3.83
N GLY A 131 3.90 -5.70 3.10
CA GLY A 131 4.14 -5.05 1.78
C GLY A 131 2.96 -4.17 1.40
N ILE A 132 2.80 -3.88 0.13
CA ILE A 132 1.66 -3.02 -0.32
C ILE A 132 0.97 -3.65 -1.53
N PHE A 133 -0.33 -3.47 -1.66
CA PHE A 133 -1.05 -4.08 -2.82
C PHE A 133 -0.53 -3.50 -4.14
N ARG A 134 -0.40 -4.33 -5.13
CA ARG A 134 0.10 -3.85 -6.46
C ARG A 134 -0.97 -4.03 -7.54
N ALA A 135 -1.16 -5.24 -7.99
CA ALA A 135 -2.16 -5.49 -9.06
C ALA A 135 -3.17 -6.56 -8.63
N ALA A 136 -4.37 -6.42 -9.08
CA ALA A 136 -5.44 -7.42 -8.76
C ALA A 136 -5.47 -8.46 -9.89
N VAL A 137 -5.34 -9.71 -9.54
CA VAL A 137 -5.31 -10.78 -10.59
C VAL A 137 -6.70 -11.40 -10.78
N CYS A 138 -7.26 -11.30 -11.96
CA CYS A 138 -8.60 -11.90 -12.21
C CYS A 138 -8.66 -12.56 -13.58
N THR A 139 -9.40 -13.64 -13.71
CA THR A 139 -9.51 -14.33 -15.03
C THR A 139 -10.49 -13.57 -15.93
N ARG A 140 -11.65 -13.28 -15.43
CA ARG A 140 -12.67 -12.54 -16.24
C ARG A 140 -13.20 -11.34 -15.45
N GLY A 141 -12.34 -10.71 -14.69
CA GLY A 141 -12.76 -9.53 -13.87
C GLY A 141 -12.93 -9.94 -12.41
N VAL A 142 -12.93 -11.22 -12.11
CA VAL A 142 -13.08 -11.68 -10.70
C VAL A 142 -11.68 -11.86 -10.09
N ALA A 143 -11.40 -11.15 -9.03
CA ALA A 143 -10.04 -11.25 -8.39
C ALA A 143 -9.99 -12.39 -7.37
N LYS A 144 -9.17 -13.38 -7.63
CA LYS A 144 -9.04 -14.54 -6.69
C LYS A 144 -7.66 -14.50 -6.01
N ALA A 145 -6.68 -13.98 -6.70
CA ALA A 145 -5.31 -13.89 -6.12
C ALA A 145 -4.86 -12.43 -6.04
N VAL A 146 -3.78 -12.16 -5.33
CA VAL A 146 -3.29 -10.76 -5.22
C VAL A 146 -1.75 -10.72 -5.15
N ASP A 147 -1.14 -9.81 -5.86
CA ASP A 147 0.34 -9.70 -5.84
C ASP A 147 0.79 -8.40 -5.16
N PHE A 148 1.87 -8.44 -4.43
CA PHE A 148 2.37 -7.21 -3.72
C PHE A 148 3.90 -7.23 -3.59
N VAL A 149 4.50 -6.09 -3.33
CA VAL A 149 5.99 -6.05 -3.16
C VAL A 149 6.36 -5.98 -1.67
N PRO A 150 7.44 -6.63 -1.30
CA PRO A 150 7.87 -6.60 0.12
C PRO A 150 8.61 -5.29 0.42
N VAL A 151 8.85 -5.01 1.68
CA VAL A 151 9.57 -3.76 2.05
C VAL A 151 11.02 -3.82 1.55
N GLU A 152 11.55 -5.00 1.35
CA GLU A 152 12.96 -5.14 0.87
C GLU A 152 13.20 -4.34 -0.41
N SER A 153 12.24 -4.33 -1.31
CA SER A 153 12.44 -3.58 -2.59
C SER A 153 12.64 -2.09 -2.31
N MET A 154 12.15 -1.60 -1.20
CA MET A 154 12.31 -0.15 -0.87
C MET A 154 13.77 0.19 -0.55
N GLU A 155 14.51 -0.77 -0.03
CA GLU A 155 15.95 -0.50 0.32
C GLU A 155 16.73 -0.06 -0.92
N THR A 156 16.64 -0.81 -1.99
CA THR A 156 17.38 -0.43 -3.24
C THR A 156 16.74 0.80 -3.90
N THR A 157 15.46 0.98 -3.72
CA THR A 157 14.77 2.15 -4.33
C THR A 157 15.23 3.46 -3.68
N MET A 158 15.57 3.41 -2.41
CA MET A 158 16.02 4.65 -1.71
C MET A 158 17.27 5.21 -2.39
N ARG A 159 18.28 4.40 -2.58
CA ARG A 159 19.53 4.88 -3.25
C ARG A 159 19.23 5.31 -4.69
N ALA A 160 18.40 4.56 -5.37
CA ALA A 160 18.06 4.90 -6.78
C ALA A 160 17.24 6.20 -6.83
O1 4P2 B . -0.33 -3.50 -14.06
C8 4P2 B . -2.91 -8.09 -13.59
O9 4P2 B . -2.73 -9.38 -13.17
C10 4P2 B . -1.39 -9.99 -13.31
C11 4P2 B . -1.58 -11.49 -13.54
C12 4P2 B . -0.50 -12.16 -12.72
C13 4P2 B . -0.44 -11.31 -11.48
C14 4P2 B . -0.57 -9.85 -11.99
C15 4P2 B . 0.84 -9.19 -12.10
C16 4P2 B . 0.84 -7.72 -12.51
C17 4P2 B . 2.21 -7.10 -12.24
C18 4P2 B . 2.33 -5.66 -12.75
C19 4P2 B . 1.43 -4.64 -12.04
C20 4P2 B . 1.63 -3.27 -12.67
N21 4P2 B . 2.83 -2.64 -12.23
C22 4P2 B . 3.28 -1.48 -12.86
C23 4P2 B . 4.49 -0.83 -12.41
C24 4P2 B . 4.99 0.38 -13.05
C25 4P2 B . 4.27 0.97 -14.16
C26 4P2 B . 3.03 0.35 -14.65
C27 4P2 B . 2.52 -0.87 -14.00
C28 4P2 B . 1.29 -1.55 -14.42
C29 4P2 B . 0.82 -2.77 -13.76
O38 4P2 B . -2.06 -7.34 -14.08
C5 4P2 B . -4.07 -5.32 -12.70
C6 4P2 B . -4.68 -6.32 -13.77
N7 4P2 B . -4.23 -7.68 -13.38
O32 4P2 B . -4.34 -5.49 -11.55
C33 4P2 B . -6.25 -6.19 -13.73
C34 4P2 B . -6.98 -7.13 -14.70
C35 4P2 B . -8.35 -6.52 -14.93
C36 4P2 B . -8.25 -5.05 -14.55
C37 4P2 B . -6.80 -4.81 -14.20
N4 4P2 B . -3.29 -4.23 -13.07
C31 4P2 B . -2.81 -3.24 -12.07
C39 4P2 B . -4.03 -2.60 -11.31
O40 4P2 B . -5.13 -2.48 -11.87
C30 4P2 B . -2.06 -2.17 -12.89
C2 4P2 B . -1.63 -2.88 -14.20
C3 4P2 B . -2.64 -4.03 -14.37
N41 4P2 B . -3.82 -2.22 -9.96
C42 4P2 B . -4.94 -1.66 -9.15
C43 4P2 B . -5.98 -2.74 -8.69
C44 4P2 B . -5.03 -2.16 -7.71
C47 4P2 B . -7.41 -2.43 -8.60
C48 4P2 B . -8.39 -3.31 -8.78
C45 4P2 B . -5.33 -0.17 -9.40
O46 4P2 B . -6.48 0.22 -9.18
N49 4P2 B . -4.32 0.66 -9.85
S 4P2 B . -4.50 2.26 -10.15
O51 4P2 B . -3.42 2.65 -11.02
O52 4P2 B . -5.87 2.54 -10.49
C53 4P2 B . -4.12 3.09 -8.57
C54 4P2 B . -5.00 4.27 -8.27
C55 4P2 B . -5.18 2.97 -7.52
H2 4P2 B . -1.67 -2.24 -15.08
H10 4P2 B . -0.85 -9.58 -14.18
H111 4P2 B . -1.49 -11.75 -14.59
H112 4P2 B . -2.56 -11.82 -13.19
H122 4P2 B . 0.45 -12.14 -13.26
H121 4P2 B . -0.74 -13.20 -12.50
H132 4P2 B . 0.48 -11.49 -10.91
H131 4P2 B . -1.27 -11.54 -10.83
H14 4P2 B . -1.14 -9.28 -11.25
H151 4P2 B . 1.32 -9.28 -11.12
H152 4P2 B . 1.46 -9.76 -12.80
H162 4P2 B . 0.62 -7.65 -13.58
H161 4P2 B . 0.07 -7.16 -11.97
H171 4P2 B . 2.98 -7.68 -12.76
H172 4P2 B . 2.43 -7.14 -11.17
H182 4P2 B . 3.38 -5.35 -12.64
H181 4P2 B . 2.13 -5.64 -13.84
H191 4P2 B . 1.71 -4.59 -10.98
H192 4P2 B . 0.38 -4.94 -12.07
H23 4P2 B . 5.04 -1.27 -11.59
H24 4P2 B . 5.91 0.84 -12.69
H25 4P2 B . 4.66 1.89 -14.63
H26 4P2 B . 2.50 0.82 -15.48
H28 4P2 B . 0.74 -1.12 -15.25
H6 4P2 B . -4.32 -6.13 -14.79
H7 4P2 B . -4.86 -8.34 -12.95
H33 4P2 B . -6.61 -6.39 -12.72
H341 4P2 B . -6.43 -7.21 -15.65
H342 4P2 B . -7.07 -8.15 -14.28
H352 4P2 B . -9.11 -7.00 -14.32
H351 4P2 B . -8.66 -6.63 -15.98
H361 4P2 B . -8.88 -4.86 -13.68
H362 4P2 B . -8.58 -4.39 -15.35
H371 4P2 B . -6.70 -4.04 -13.43
H372 4P2 B . -6.26 -4.47 -15.09
H31 4P2 B . -2.17 -3.79 -11.36
H302 4P2 B . -1.22 -1.76 -12.33
H301 4P2 B . -2.72 -1.33 -13.16
H32 4P2 B . -2.16 -4.95 -14.71
H31A 4P2 B . -3.44 -3.74 -15.07
H41 4P2 B . -2.93 -2.35 -9.53
H43 4P2 B . -5.82 -3.77 -9.01
H442 4P2 B . -4.24 -2.81 -7.35
H441 4P2 B . -5.39 -1.48 -6.94
H47 4P2 B . -7.69 -1.41 -8.34
H482 4P2 B . -8.19 -4.32 -8.95
H481 4P2 B . -9.43 -2.99 -8.79
H53 4P2 B . -3.09 3.11 -8.28
H541 4P2 B . -4.55 5.11 -7.73
H542 4P2 B . -5.77 4.57 -8.96
H552 4P2 B . -4.86 2.93 -6.49
H551 4P2 B . -6.06 2.38 -7.73
ZN ZN C . 4.36 -9.76 11.62
N THR A 1 -16.66 14.25 26.77
CA THR A 1 -16.61 15.27 25.68
C THR A 1 -15.34 15.09 24.84
N GLY A 2 -14.19 15.26 25.45
CA GLY A 2 -12.90 15.10 24.71
C GLY A 2 -12.37 13.68 24.91
N ARG A 3 -11.08 13.50 24.80
CA ARG A 3 -10.46 12.15 24.98
C ARG A 3 -11.03 11.14 23.97
N ASP A 4 -10.19 10.63 23.10
CA ASP A 4 -10.66 9.64 22.07
C ASP A 4 -11.85 10.19 21.28
N LYS A 5 -11.72 11.38 20.77
CA LYS A 5 -12.84 11.99 19.98
C LYS A 5 -12.41 12.17 18.51
N ASN A 6 -13.13 11.59 17.59
CA ASN A 6 -12.78 11.72 16.13
C ASN A 6 -11.30 11.38 15.90
N GLN A 7 -10.69 11.99 14.90
CA GLN A 7 -9.24 11.72 14.59
C GLN A 7 -9.03 10.28 14.12
N VAL A 8 -9.13 9.34 15.02
CA VAL A 8 -8.94 7.90 14.65
C VAL A 8 -7.60 7.70 13.92
N GLU A 9 -6.50 7.84 14.63
CA GLU A 9 -5.16 7.67 13.99
C GLU A 9 -4.97 6.22 13.53
N GLY A 10 -4.23 6.02 12.48
CA GLY A 10 -3.99 4.64 11.97
C GLY A 10 -2.59 4.55 11.34
N GLU A 11 -2.51 4.66 10.05
CA GLU A 11 -1.17 4.59 9.36
C GLU A 11 -1.30 5.01 7.89
N VAL A 12 -2.37 4.62 7.25
CA VAL A 12 -2.57 4.98 5.82
C VAL A 12 -3.71 5.99 5.69
N GLN A 13 -3.59 6.92 4.78
CA GLN A 13 -4.66 7.94 4.60
C GLN A 13 -5.29 7.82 3.21
N VAL A 14 -6.55 8.13 3.08
CA VAL A 14 -7.23 8.03 1.76
C VAL A 14 -6.87 9.26 0.90
N VAL A 15 -6.35 9.04 -0.28
CA VAL A 15 -5.97 10.19 -1.15
C VAL A 15 -6.47 9.97 -2.58
N SER A 16 -6.98 10.99 -3.22
CA SER A 16 -7.48 10.85 -4.61
C SER A 16 -6.71 11.78 -5.55
N THR A 17 -6.65 11.43 -6.81
CA THR A 17 -5.92 12.29 -7.79
C THR A 17 -6.90 12.96 -8.76
N ALA A 18 -6.40 13.74 -9.67
CA ALA A 18 -7.30 14.44 -10.63
C ALA A 18 -8.08 13.42 -11.49
N THR A 19 -7.42 12.36 -11.92
CA THR A 19 -8.12 11.35 -12.77
C THR A 19 -8.12 9.97 -12.09
N GLN A 20 -7.13 9.68 -11.27
CA GLN A 20 -7.09 8.36 -10.59
C GLN A 20 -7.16 8.54 -9.07
N SER A 21 -7.17 7.45 -8.33
CA SER A 21 -7.24 7.57 -6.84
C SER A 21 -6.60 6.34 -6.18
N PHE A 22 -5.55 6.55 -5.43
CA PHE A 22 -4.86 5.41 -4.74
C PHE A 22 -4.66 5.75 -3.26
N LEU A 23 -4.01 4.87 -2.53
CA LEU A 23 -3.76 5.14 -1.08
C LEU A 23 -2.26 5.23 -0.79
N ALA A 24 -1.91 5.78 0.34
CA ALA A 24 -0.46 5.90 0.69
C ALA A 24 -0.20 5.38 2.09
N THR A 25 0.98 4.86 2.33
CA THR A 25 1.32 4.31 3.69
C THR A 25 2.60 4.98 4.22
N CYS A 26 2.67 5.21 5.51
CA CYS A 26 3.90 5.85 6.07
C CYS A 26 4.80 4.79 6.73
N VAL A 27 5.90 4.47 6.09
CA VAL A 27 6.84 3.45 6.65
C VAL A 27 8.28 3.98 6.66
N ASN A 28 9.02 3.70 7.70
CA ASN A 28 10.45 4.18 7.79
C ASN A 28 10.55 5.69 7.59
N GLY A 29 9.65 6.44 8.16
CA GLY A 29 9.70 7.93 8.03
C GLY A 29 9.53 8.36 6.56
N VAL A 30 9.08 7.48 5.70
CA VAL A 30 8.88 7.86 4.27
C VAL A 30 7.57 7.26 3.76
N CYS A 31 6.82 8.00 3.00
CA CYS A 31 5.52 7.48 2.49
C CYS A 31 5.72 6.73 1.16
N TRP A 32 5.26 5.51 1.09
CA TRP A 32 5.43 4.73 -0.18
C TRP A 32 4.07 4.52 -0.84
N THR A 33 4.02 4.68 -2.14
CA THR A 33 2.73 4.50 -2.88
C THR A 33 2.97 3.72 -4.17
N VAL A 34 1.93 3.47 -4.93
CA VAL A 34 2.10 2.74 -6.21
C VAL A 34 2.51 3.73 -7.31
N TYR A 35 3.40 3.32 -8.18
CA TYR A 35 3.86 4.24 -9.28
C TYR A 35 2.92 4.17 -10.49
N HIS A 36 2.49 3.00 -10.90
CA HIS A 36 1.62 2.92 -12.10
C HIS A 36 0.31 3.69 -11.88
N GLY A 37 -0.07 3.91 -10.64
CA GLY A 37 -1.32 4.66 -10.36
C GLY A 37 -0.99 6.14 -10.17
N ALA A 38 0.17 6.44 -9.64
CA ALA A 38 0.57 7.87 -9.42
C ALA A 38 1.17 8.45 -10.71
N GLY A 39 2.28 7.92 -11.15
CA GLY A 39 2.92 8.43 -12.39
C GLY A 39 4.07 9.37 -12.03
N SER A 40 4.69 9.96 -13.03
CA SER A 40 5.82 10.90 -12.76
C SER A 40 5.32 12.19 -12.11
N LYS A 41 4.07 12.52 -12.31
CA LYS A 41 3.51 13.77 -11.71
C LYS A 41 3.63 13.73 -10.18
N THR A 42 3.97 14.83 -9.57
CA THR A 42 4.10 14.86 -8.08
C THR A 42 2.72 14.92 -7.42
N LEU A 43 2.53 14.21 -6.34
CA LEU A 43 1.21 14.23 -5.65
C LEU A 43 1.39 14.16 -4.13
N ALA A 44 0.88 15.14 -3.41
CA ALA A 44 1.01 15.12 -1.92
C ALA A 44 -0.21 15.76 -1.27
N GLY A 45 -1.06 14.97 -0.65
CA GLY A 45 -2.27 15.52 0.03
C GLY A 45 -3.14 16.30 -0.97
N PRO A 46 -4.38 16.53 -0.60
CA PRO A 46 -5.29 17.29 -1.50
C PRO A 46 -4.92 18.78 -1.53
N LYS A 47 -4.00 19.21 -0.69
CA LYS A 47 -3.62 20.66 -0.67
C LYS A 47 -2.80 21.03 -1.92
N GLY A 48 -2.03 20.12 -2.44
CA GLY A 48 -1.21 20.43 -3.65
C GLY A 48 -0.05 19.44 -3.80
N PRO A 49 0.51 19.38 -5.00
CA PRO A 49 1.64 18.45 -5.26
C PRO A 49 2.95 19.00 -4.66
N ILE A 50 3.93 18.15 -4.49
CA ILE A 50 5.24 18.59 -3.93
C ILE A 50 6.38 18.12 -4.83
N THR A 51 7.57 17.93 -4.29
CA THR A 51 8.72 17.46 -5.12
C THR A 51 8.83 15.94 -5.03
N GLN A 52 9.08 15.28 -6.14
CA GLN A 52 9.19 13.79 -6.14
C GLN A 52 10.62 13.35 -5.79
N MET A 53 10.76 12.28 -5.05
CA MET A 53 12.12 11.79 -4.68
C MET A 53 12.37 10.38 -5.22
N TYR A 54 11.44 9.48 -5.03
CA TYR A 54 11.63 8.08 -5.53
C TYR A 54 10.68 7.81 -6.71
N THR A 55 11.21 7.33 -7.80
CA THR A 55 10.35 7.04 -8.99
C THR A 55 10.97 5.91 -9.83
N ASN A 56 10.23 4.84 -10.06
CA ASN A 56 10.80 3.71 -10.88
C ASN A 56 9.70 2.75 -11.32
N VAL A 57 9.59 2.51 -12.61
CA VAL A 57 8.55 1.54 -13.10
C VAL A 57 8.96 0.11 -12.75
N ASP A 58 10.23 -0.16 -12.70
CA ASP A 58 10.71 -1.55 -12.38
C ASP A 58 10.16 -1.99 -11.02
N GLN A 59 10.13 -1.10 -10.06
CA GLN A 59 9.60 -1.46 -8.71
C GLN A 59 8.14 -1.03 -8.55
N ASP A 60 7.61 -0.29 -9.50
CA ASP A 60 6.18 0.18 -9.40
C ASP A 60 5.94 0.90 -8.07
N LEU A 61 6.88 1.68 -7.61
CA LEU A 61 6.70 2.39 -6.31
C LEU A 61 7.23 3.83 -6.37
N VAL A 62 6.71 4.67 -5.52
CA VAL A 62 7.15 6.10 -5.47
C VAL A 62 7.09 6.56 -4.02
N GLY A 63 7.84 7.57 -3.64
CA GLY A 63 7.80 8.01 -2.21
C GLY A 63 8.21 9.48 -2.09
N TRP A 64 8.07 10.02 -0.91
CA TRP A 64 8.44 11.45 -0.68
C TRP A 64 8.97 11.62 0.74
N GLN A 65 9.71 12.67 1.00
CA GLN A 65 10.26 12.89 2.38
C GLN A 65 9.13 13.27 3.34
N ALA A 66 8.86 12.43 4.31
CA ALA A 66 7.79 12.73 5.31
C ALA A 66 8.34 13.60 6.45
N PRO A 67 7.46 14.31 7.12
CA PRO A 67 7.90 15.19 8.24
C PRO A 67 8.33 14.32 9.45
N PRO A 68 9.19 14.88 10.29
CA PRO A 68 9.66 14.13 11.48
C PRO A 68 8.56 14.08 12.55
N GLY A 69 8.60 13.09 13.40
CA GLY A 69 7.56 12.97 14.46
C GLY A 69 6.47 11.99 14.02
N ALA A 70 6.29 11.82 12.73
CA ALA A 70 5.24 10.88 12.23
C ALA A 70 5.54 9.46 12.70
N ARG A 71 4.53 8.63 12.81
CA ARG A 71 4.76 7.22 13.26
C ARG A 71 5.43 6.42 12.14
N SER A 72 6.44 5.63 12.48
CA SER A 72 7.12 4.82 11.45
C SER A 72 6.73 3.35 11.58
N LEU A 73 6.33 2.73 10.49
CA LEU A 73 5.92 1.30 10.55
C LEU A 73 7.16 0.38 10.46
N THR A 74 7.09 -0.77 11.09
CA THR A 74 8.24 -1.71 11.06
C THR A 74 7.87 -2.99 10.28
N PRO A 75 8.85 -3.61 9.66
CA PRO A 75 8.58 -4.84 8.87
C PRO A 75 8.24 -6.02 9.81
N CYS A 76 7.51 -6.98 9.32
CA CYS A 76 7.13 -8.16 10.15
C CYS A 76 8.22 -9.23 10.10
N THR A 77 8.44 -9.92 11.20
CA THR A 77 9.49 -10.98 11.22
C THR A 77 8.96 -12.23 11.96
N CYS A 78 8.00 -12.91 11.38
CA CYS A 78 7.45 -14.13 12.04
C CYS A 78 7.05 -15.22 11.03
N GLY A 79 7.36 -15.04 9.75
CA GLY A 79 6.99 -16.06 8.73
C GLY A 79 5.50 -16.42 8.83
N SER A 80 4.64 -15.43 8.90
CA SER A 80 3.18 -15.70 9.00
C SER A 80 2.50 -15.55 7.65
N SER A 81 1.88 -16.59 7.16
CA SER A 81 1.20 -16.52 5.84
C SER A 81 -0.05 -15.63 5.95
N ASP A 82 -0.77 -15.74 7.03
CA ASP A 82 -2.00 -14.90 7.21
C ASP A 82 -1.62 -13.42 7.22
N LEU A 83 -2.35 -12.60 6.50
CA LEU A 83 -2.04 -11.15 6.46
C LEU A 83 -3.31 -10.31 6.44
N TYR A 84 -3.22 -9.05 6.79
CA TYR A 84 -4.42 -8.16 6.77
C TYR A 84 -4.17 -7.00 5.81
N LEU A 85 -5.13 -6.69 4.98
CA LEU A 85 -4.94 -5.58 4.01
C LEU A 85 -6.10 -4.57 4.11
N VAL A 86 -5.83 -3.37 4.56
CA VAL A 86 -6.92 -2.35 4.66
C VAL A 86 -7.34 -1.93 3.26
N THR A 87 -8.59 -1.60 3.07
CA THR A 87 -9.06 -1.19 1.71
C THR A 87 -9.35 0.31 1.67
N ARG A 88 -9.99 0.77 0.63
CA ARG A 88 -10.31 2.22 0.49
C ARG A 88 -11.66 2.54 1.16
N HIS A 89 -12.51 1.55 1.30
CA HIS A 89 -13.84 1.78 1.93
C HIS A 89 -13.84 1.27 3.38
N ALA A 90 -12.70 1.28 4.01
CA ALA A 90 -12.60 0.80 5.43
C ALA A 90 -13.10 -0.65 5.56
N ASP A 91 -12.53 -1.55 4.79
CA ASP A 91 -12.94 -2.98 4.87
C ASP A 91 -11.73 -3.85 5.21
N VAL A 92 -11.92 -4.88 5.99
CA VAL A 92 -10.75 -5.75 6.36
C VAL A 92 -10.92 -7.16 5.79
N ILE A 93 -9.93 -7.65 5.10
CA ILE A 93 -10.02 -9.02 4.51
C ILE A 93 -8.68 -9.76 4.71
N PRO A 94 -8.74 -11.02 5.12
CA PRO A 94 -7.50 -11.79 5.34
C PRO A 94 -6.89 -12.22 4.00
N VAL A 95 -5.58 -12.26 3.93
CA VAL A 95 -4.91 -12.67 2.66
C VAL A 95 -3.87 -13.76 2.94
N ARG A 96 -3.91 -14.84 2.20
CA ARG A 96 -2.94 -15.95 2.43
C ARG A 96 -1.64 -15.67 1.67
N ARG A 97 -0.55 -16.23 2.11
CA ARG A 97 0.75 -16.00 1.41
C ARG A 97 1.07 -17.19 0.49
N ARG A 98 1.49 -16.91 -0.72
CA ARG A 98 1.82 -18.01 -1.68
C ARG A 98 3.30 -17.94 -2.09
N GLY A 99 3.99 -16.87 -1.79
CA GLY A 99 5.42 -16.75 -2.18
C GLY A 99 6.06 -15.55 -1.49
N ASP A 100 7.17 -15.09 -2.01
CA ASP A 100 7.85 -13.90 -1.38
C ASP A 100 7.04 -12.63 -1.61
N SER A 101 6.43 -12.48 -2.77
CA SER A 101 5.63 -11.25 -3.04
C SER A 101 4.28 -11.59 -3.66
N ARG A 102 3.75 -12.76 -3.37
CA ARG A 102 2.42 -13.15 -3.94
C ARG A 102 1.59 -13.92 -2.90
N GLY A 103 0.32 -13.64 -2.84
CA GLY A 103 -0.57 -14.34 -1.88
C GLY A 103 -1.96 -14.48 -2.50
N SER A 104 -2.78 -15.37 -1.99
CA SER A 104 -4.14 -15.54 -2.56
C SER A 104 -5.17 -14.78 -1.71
N LEU A 105 -6.35 -14.57 -2.25
CA LEU A 105 -7.39 -13.83 -1.49
C LEU A 105 -8.56 -14.77 -1.13
N LEU A 106 -8.92 -14.82 0.11
CA LEU A 106 -10.05 -15.71 0.54
C LEU A 106 -11.36 -15.26 -0.12
N SER A 107 -11.58 -13.97 -0.21
CA SER A 107 -12.85 -13.47 -0.82
C SER A 107 -12.58 -13.01 -2.27
N PRO A 108 -13.04 -13.79 -3.23
CA PRO A 108 -12.83 -13.42 -4.65
C PRO A 108 -13.79 -12.30 -5.06
N ARG A 109 -13.26 -11.14 -5.34
CA ARG A 109 -14.14 -9.99 -5.76
C ARG A 109 -13.76 -9.54 -7.17
N PRO A 110 -14.70 -8.92 -7.86
CA PRO A 110 -14.43 -8.43 -9.23
C PRO A 110 -13.46 -7.25 -9.19
N VAL A 111 -12.66 -7.07 -10.21
CA VAL A 111 -11.69 -5.93 -10.23
C VAL A 111 -12.43 -4.60 -9.95
N SER A 112 -13.66 -4.49 -10.42
CA SER A 112 -14.43 -3.23 -10.20
C SER A 112 -14.57 -2.93 -8.70
N TYR A 113 -14.97 -3.90 -7.93
CA TYR A 113 -15.11 -3.69 -6.46
C TYR A 113 -13.73 -3.45 -5.83
N LEU A 114 -12.74 -4.15 -6.31
CA LEU A 114 -11.36 -3.98 -5.77
C LEU A 114 -10.60 -2.91 -6.56
N LYS A 115 -11.30 -2.07 -7.31
CA LYS A 115 -10.59 -1.02 -8.10
C LYS A 115 -10.28 0.20 -7.27
N GLY A 116 -9.02 0.50 -7.19
CA GLY A 116 -8.58 1.69 -6.40
C GLY A 116 -8.04 1.24 -5.05
N SER A 117 -7.42 0.09 -5.01
CA SER A 117 -6.84 -0.41 -3.72
C SER A 117 -5.32 -0.28 -3.72
N SER A 118 -4.75 0.44 -4.66
CA SER A 118 -3.27 0.59 -4.70
C SER A 118 -2.78 1.28 -3.42
N GLY A 119 -1.64 0.88 -2.93
CA GLY A 119 -1.10 1.51 -1.68
C GLY A 119 -1.74 0.87 -0.43
N GLY A 120 -2.50 -0.18 -0.60
CA GLY A 120 -3.15 -0.85 0.58
C GLY A 120 -2.06 -1.33 1.57
N PRO A 121 -2.24 -1.05 2.85
CA PRO A 121 -1.25 -1.48 3.85
C PRO A 121 -1.43 -2.96 4.22
N LEU A 122 -0.45 -3.78 3.95
CA LEU A 122 -0.56 -5.23 4.32
C LEU A 122 0.17 -5.48 5.63
N LEU A 123 -0.55 -5.63 6.71
CA LEU A 123 0.12 -5.84 8.03
C LEU A 123 -0.26 -7.21 8.61
N CYS A 124 0.64 -7.82 9.34
CA CYS A 124 0.35 -9.15 9.96
C CYS A 124 -0.57 -8.96 11.17
N PRO A 125 -0.94 -10.05 11.82
CA PRO A 125 -1.81 -9.94 13.02
C PRO A 125 -1.06 -9.32 14.19
N SER A 126 0.25 -9.43 14.19
CA SER A 126 1.05 -8.84 15.31
C SER A 126 1.02 -7.31 15.21
N GLY A 127 1.11 -6.77 14.02
CA GLY A 127 1.10 -5.28 13.85
C GLY A 127 2.34 -4.84 13.09
N HIS A 128 2.68 -5.52 12.02
CA HIS A 128 3.88 -5.13 11.23
C HIS A 128 3.57 -5.17 9.74
N ALA A 129 3.98 -4.16 9.01
CA ALA A 129 3.71 -4.12 7.53
C ALA A 129 4.69 -5.04 6.79
N VAL A 130 4.21 -5.74 5.79
CA VAL A 130 5.10 -6.66 5.03
C VAL A 130 5.20 -6.21 3.56
N GLY A 131 4.22 -5.52 3.06
CA GLY A 131 4.27 -5.06 1.63
C GLY A 131 3.07 -4.16 1.32
N ILE A 132 2.92 -3.79 0.07
CA ILE A 132 1.79 -2.91 -0.33
C ILE A 132 1.05 -3.53 -1.54
N PHE A 133 -0.19 -3.15 -1.75
CA PHE A 133 -0.94 -3.72 -2.91
C PHE A 133 -0.38 -3.19 -4.22
N ARG A 134 -0.43 -3.98 -5.27
CA ARG A 134 0.11 -3.54 -6.58
C ARG A 134 -0.91 -3.84 -7.70
N ALA A 135 -0.96 -5.05 -8.17
CA ALA A 135 -1.92 -5.38 -9.27
C ALA A 135 -2.90 -6.47 -8.84
N ALA A 136 -4.11 -6.36 -9.28
CA ALA A 136 -5.15 -7.39 -8.95
C ALA A 136 -5.20 -8.42 -10.08
N VAL A 137 -5.14 -9.68 -9.74
CA VAL A 137 -5.13 -10.75 -10.79
C VAL A 137 -6.51 -11.39 -10.97
N CYS A 138 -7.07 -11.32 -12.15
CA CYS A 138 -8.41 -11.95 -12.39
C CYS A 138 -8.45 -12.62 -13.77
N THR A 139 -9.23 -13.67 -13.91
CA THR A 139 -9.33 -14.37 -15.22
C THR A 139 -10.44 -13.74 -16.05
N ARG A 140 -11.60 -13.57 -15.48
CA ARG A 140 -12.75 -12.96 -16.21
C ARG A 140 -13.18 -11.68 -15.50
N GLY A 141 -12.24 -11.01 -14.88
CA GLY A 141 -12.58 -9.77 -14.13
C GLY A 141 -12.72 -10.11 -12.63
N VAL A 142 -12.77 -11.39 -12.29
CA VAL A 142 -12.90 -11.78 -10.86
C VAL A 142 -11.49 -11.91 -10.25
N ALA A 143 -11.22 -11.16 -9.21
CA ALA A 143 -9.87 -11.21 -8.59
C ALA A 143 -9.81 -12.32 -7.53
N LYS A 144 -9.02 -13.35 -7.79
CA LYS A 144 -8.89 -14.47 -6.81
C LYS A 144 -7.50 -14.42 -6.17
N ALA A 145 -6.52 -13.94 -6.88
CA ALA A 145 -5.14 -13.86 -6.33
C ALA A 145 -4.70 -12.39 -6.23
N VAL A 146 -3.62 -12.12 -5.55
CA VAL A 146 -3.15 -10.71 -5.42
C VAL A 146 -1.62 -10.64 -5.32
N ASP A 147 -1.02 -9.72 -6.03
CA ASP A 147 0.47 -9.57 -5.98
C ASP A 147 0.84 -8.27 -5.25
N PHE A 148 1.79 -8.33 -4.35
CA PHE A 148 2.20 -7.10 -3.61
C PHE A 148 3.73 -6.95 -3.63
N VAL A 149 4.22 -5.76 -3.39
CA VAL A 149 5.70 -5.53 -3.39
C VAL A 149 6.26 -5.69 -1.96
N PRO A 150 7.43 -6.31 -1.85
CA PRO A 150 8.04 -6.50 -0.52
C PRO A 150 8.63 -5.18 -0.01
N VAL A 151 8.89 -5.09 1.28
CA VAL A 151 9.45 -3.83 1.86
C VAL A 151 10.96 -3.76 1.59
N GLU A 152 11.62 -4.89 1.52
CA GLU A 152 13.10 -4.90 1.28
C GLU A 152 13.42 -4.22 -0.06
N SER A 153 12.62 -4.46 -1.06
CA SER A 153 12.88 -3.87 -2.40
C SER A 153 12.85 -2.33 -2.32
N MET A 154 12.14 -1.79 -1.37
CA MET A 154 12.06 -0.29 -1.26
C MET A 154 13.42 0.29 -0.86
N GLU A 155 14.16 -0.41 -0.02
CA GLU A 155 15.49 0.10 0.42
C GLU A 155 16.42 0.26 -0.79
N THR A 156 16.37 -0.66 -1.72
CA THR A 156 17.25 -0.57 -2.93
C THR A 156 16.94 0.70 -3.72
N THR A 157 15.70 1.14 -3.71
CA THR A 157 15.32 2.38 -4.46
C THR A 157 16.13 3.58 -3.96
N MET A 158 16.33 3.68 -2.68
CA MET A 158 17.11 4.84 -2.13
C MET A 158 18.53 4.87 -2.74
N ARG A 159 19.11 3.72 -2.96
CA ARG A 159 20.48 3.67 -3.56
C ARG A 159 20.49 4.36 -4.93
N ALA A 160 19.46 4.14 -5.71
CA ALA A 160 19.39 4.77 -7.06
C ALA A 160 18.96 6.25 -6.94
O1 4P2 B . -0.27 -3.39 -14.42
C8 4P2 B . -2.78 -8.03 -13.84
O9 4P2 B . -2.58 -9.32 -13.45
C10 4P2 B . -1.24 -9.91 -13.60
C11 4P2 B . -1.42 -11.42 -13.81
C12 4P2 B . -0.32 -12.08 -13.01
C13 4P2 B . -0.23 -11.20 -11.78
C14 4P2 B . -0.39 -9.75 -12.30
C15 4P2 B . 1.00 -9.09 -12.47
C16 4P2 B . 0.96 -7.61 -12.90
C17 4P2 B . 2.33 -6.98 -12.73
C18 4P2 B . 2.41 -5.54 -13.25
C19 4P2 B . 1.56 -4.53 -12.46
C20 4P2 B . 1.70 -3.15 -13.05
N21 4P2 B . 2.88 -2.49 -12.64
C22 4P2 B . 3.29 -1.32 -13.24
C23 4P2 B . 4.50 -0.66 -12.81
C24 4P2 B . 4.96 0.57 -13.42
C25 4P2 B . 4.21 1.18 -14.52
C26 4P2 B . 2.98 0.54 -14.98
C27 4P2 B . 2.51 -0.71 -14.36
C28 4P2 B . 1.29 -1.40 -14.77
C29 4P2 B . 0.86 -2.65 -14.12
O38 4P2 B . -1.94 -7.27 -14.34
C5 4P2 B . -3.98 -5.28 -12.93
C6 4P2 B . -4.58 -6.29 -13.99
N7 4P2 B . -4.09 -7.65 -13.62
O32 4P2 B . -4.25 -5.45 -11.76
C33 4P2 B . -6.14 -6.20 -13.94
C34 4P2 B . -6.84 -7.16 -14.91
C35 4P2 B . -8.22 -6.57 -15.18
C36 4P2 B . -8.17 -5.11 -14.77
C37 4P2 B . -6.73 -4.83 -14.40
N4 4P2 B . -3.21 -4.18 -13.33
C31 4P2 B . -2.73 -3.16 -12.34
C39 4P2 B . -3.96 -2.55 -11.58
O40 4P2 B . -5.07 -2.46 -12.13
C30 4P2 B . -2.01 -2.10 -13.20
C2 4P2 B . -1.60 -2.81 -14.50
C3 4P2 B . -2.59 -3.99 -14.63
N41 4P2 B . -3.77 -2.16 -10.23
C42 4P2 B . -4.90 -1.62 -9.43
C43 4P2 B . -5.93 -2.73 -9.00
C44 4P2 B . -5.00 -2.15 -7.99
C47 4P2 B . -7.37 -2.47 -8.93
C48 4P2 B . -8.32 -3.36 -9.16
C45 4P2 B . -5.33 -0.15 -9.65
O46 4P2 B . -6.50 0.21 -9.45
N49 4P2 B . -4.35 0.73 -10.07
S 4P2 B . -4.59 2.34 -10.34
O51 4P2 B . -3.49 2.79 -11.18
O52 4P2 B . -5.96 2.55 -10.74
C53 4P2 B . -4.31 3.15 -8.74
C54 4P2 B . -5.27 4.27 -8.43
C55 4P2 B . -5.38 2.95 -7.73
H2 4P2 B . -1.69 -2.18 -15.39
H10 4P2 B . -0.73 -9.51 -14.48
H111 4P2 B . -1.35 -11.69 -14.87
H112 4P2 B . -2.40 -11.75 -13.44
H122 4P2 B . 0.62 -12.06 -13.57
H121 4P2 B . -0.56 -13.12 -12.76
H132 4P2 B . 0.71 -11.37 -11.23
H131 4P2 B . -1.03 -11.43 -11.09
H14 4P2 B . -0.95 -9.18 -11.55
H151 4P2 B . 1.53 -9.16 -11.52
H152 4P2 B . 1.60 -9.65 -13.19
H162 4P2 B . 0.67 -7.55 -13.96
H161 4P2 B . 0.23 -7.06 -12.31
H171 4P2 B . 3.08 -7.56 -13.28
H172 4P2 B . 2.64 -7.01 -11.67
H182 4P2 B . 3.47 -5.22 -13.20
H181 4P2 B . 2.14 -5.51 -14.30
H191 4P2 B . 1.91 -4.50 -11.41
H192 4P2 B . 0.51 -4.84 -12.41
H23 4P2 B . 5.08 -1.10 -12.00
H24 4P2 B . 5.88 1.05 -13.08
H25 4P2 B . 4.58 2.11 -14.96
H26 4P2 B . 2.43 1.01 -15.80
H28 4P2 B . 0.71 -0.97 -15.58
H6 4P2 B . -4.23 -6.09 -15.02
H7 4P2 B . -4.70 -8.31 -13.18
H33 4P2 B . -6.50 -6.42 -12.93
H341 4P2 B . -6.28 -7.24 -15.85
H342 4P2 B . -6.93 -8.18 -14.49
H352 4P2 B . -8.99 -7.09 -14.57
H351 4P2 B . -8.51 -6.70 -16.23
H361 4P2 B . -8.83 -4.95 -13.92
H362 4P2 B . -8.51 -4.45 -15.58
H371 4P2 B . -6.67 -4.07 -13.62
H372 4P2 B . -6.19 -4.46 -15.28
H31 4P2 B . -2.07 -3.71 -11.64
H302 4P2 B . -1.15 -1.69 -12.65
H301 4P2 B . -2.67 -1.27 -13.44
H32 4P2 B . -2.09 -4.90 -14.95
H31A 4P2 B . -3.39 -3.75 -15.33
H41 4P2 B . -2.86 -2.25 -9.79
H43 4P2 B . -5.72 -3.76 -9.33
H442 4P2 B . -4.21 -2.79 -7.63
H441 4P2 B . -5.40 -1.50 -7.22
H47 4P2 B . -7.68 -1.47 -8.66
H482 4P2 B . -8.08 -4.38 -9.35
H481 4P2 B . -9.37 -3.08 -9.18
H53 4P2 B . -3.29 3.23 -8.42
H541 4P2 B . -4.89 5.11 -7.86
H542 4P2 B . -6.04 4.54 -9.15
H552 4P2 B . -5.10 2.89 -6.69
H551 4P2 B . -6.23 2.31 -7.97
ZN ZN C . 3.91 -9.87 11.71
N THR A 1 -8.75 -11.51 36.69
CA THR A 1 -10.03 -10.94 36.21
C THR A 1 -9.76 -9.83 35.18
N GLY A 2 -9.44 -10.19 33.96
CA GLY A 2 -9.16 -9.17 32.91
C GLY A 2 -8.46 -9.84 31.73
N ARG A 3 -8.77 -9.42 30.53
CA ARG A 3 -8.12 -10.03 29.32
C ARG A 3 -7.45 -8.94 28.49
N ASP A 4 -6.81 -9.31 27.41
CA ASP A 4 -6.13 -8.30 26.54
C ASP A 4 -7.15 -7.28 26.01
N LYS A 5 -6.77 -6.03 25.97
CA LYS A 5 -7.72 -4.98 25.46
C LYS A 5 -6.97 -3.97 24.59
N ASN A 6 -5.99 -4.43 23.84
CA ASN A 6 -5.21 -3.51 22.96
C ASN A 6 -5.95 -3.30 21.63
N GLN A 7 -6.19 -2.07 21.26
CA GLN A 7 -6.90 -1.78 19.98
C GLN A 7 -5.93 -1.86 18.80
N VAL A 8 -6.45 -2.05 17.61
CA VAL A 8 -5.56 -2.14 16.40
C VAL A 8 -5.76 -0.91 15.52
N GLU A 9 -4.68 -0.26 15.13
CA GLU A 9 -4.80 0.95 14.25
C GLU A 9 -3.58 1.06 13.32
N GLY A 10 -3.69 1.83 12.28
CA GLY A 10 -2.56 1.98 11.32
C GLY A 10 -2.39 3.45 10.95
N GLU A 11 -1.31 3.79 10.27
CA GLU A 11 -1.08 5.21 9.88
C GLU A 11 -1.16 5.36 8.36
N VAL A 12 -2.31 5.10 7.79
CA VAL A 12 -2.47 5.23 6.31
C VAL A 12 -3.48 6.37 6.01
N GLN A 13 -3.07 7.32 5.20
CA GLN A 13 -3.98 8.44 4.85
C GLN A 13 -4.55 8.25 3.45
N VAL A 14 -5.81 8.53 3.25
CA VAL A 14 -6.43 8.35 1.91
C VAL A 14 -6.27 9.63 1.07
N VAL A 15 -5.83 9.49 -0.16
CA VAL A 15 -5.64 10.68 -1.03
C VAL A 15 -6.31 10.46 -2.39
N SER A 16 -6.59 11.52 -3.11
CA SER A 16 -7.23 11.37 -4.45
C SER A 16 -6.56 12.29 -5.48
N THR A 17 -6.61 11.93 -6.73
CA THR A 17 -5.98 12.77 -7.79
C THR A 17 -7.05 13.27 -8.76
N ALA A 18 -6.64 14.02 -9.75
CA ALA A 18 -7.63 14.57 -10.73
C ALA A 18 -8.18 13.47 -11.64
N THR A 19 -7.45 12.39 -11.81
CA THR A 19 -7.94 11.30 -12.71
C THR A 19 -8.11 9.98 -11.94
N GLN A 20 -7.34 9.76 -10.90
CA GLN A 20 -7.45 8.49 -10.12
C GLN A 20 -7.28 8.76 -8.62
N SER A 21 -7.64 7.82 -7.80
CA SER A 21 -7.49 8.00 -6.33
C SER A 21 -6.82 6.77 -5.71
N PHE A 22 -5.73 6.99 -5.01
CA PHE A 22 -4.99 5.85 -4.37
C PHE A 22 -4.64 6.20 -2.92
N LEU A 23 -4.03 5.29 -2.21
CA LEU A 23 -3.65 5.56 -0.79
C LEU A 23 -2.13 5.43 -0.60
N ALA A 24 -1.63 5.87 0.53
CA ALA A 24 -0.15 5.78 0.78
C ALA A 24 0.10 5.38 2.24
N THR A 25 1.19 4.72 2.52
CA THR A 25 1.50 4.30 3.92
C THR A 25 2.81 4.93 4.38
N CYS A 26 2.84 5.46 5.59
CA CYS A 26 4.10 6.10 6.10
C CYS A 26 4.92 5.08 6.89
N VAL A 27 5.98 4.57 6.31
CA VAL A 27 6.83 3.58 7.03
C VAL A 27 8.31 3.98 6.95
N ASN A 28 9.05 3.83 8.03
CA ASN A 28 10.50 4.19 8.04
C ASN A 28 10.69 5.67 7.66
N GLY A 29 9.79 6.52 8.09
CA GLY A 29 9.92 7.97 7.78
C GLY A 29 9.84 8.22 6.27
N VAL A 30 9.38 7.27 5.50
CA VAL A 30 9.28 7.47 4.03
C VAL A 30 7.97 6.86 3.52
N CYS A 31 7.11 7.67 2.93
CA CYS A 31 5.81 7.13 2.41
C CYS A 31 6.01 6.45 1.06
N TRP A 32 5.39 5.32 0.85
CA TRP A 32 5.54 4.61 -0.45
C TRP A 32 4.18 4.33 -1.09
N THR A 33 4.05 4.53 -2.37
CA THR A 33 2.75 4.28 -3.05
C THR A 33 3.01 3.56 -4.39
N VAL A 34 1.97 3.24 -5.12
CA VAL A 34 2.15 2.57 -6.43
C VAL A 34 2.50 3.63 -7.49
N TYR A 35 3.38 3.30 -8.41
CA TYR A 35 3.78 4.30 -9.45
C TYR A 35 2.75 4.37 -10.59
N HIS A 36 2.25 3.24 -11.03
CA HIS A 36 1.28 3.23 -12.16
C HIS A 36 0.08 4.17 -11.91
N GLY A 37 -0.19 4.50 -10.67
CA GLY A 37 -1.36 5.38 -10.37
C GLY A 37 -0.90 6.67 -9.66
N ALA A 38 0.23 6.65 -9.01
CA ALA A 38 0.71 7.88 -8.29
C ALA A 38 1.97 8.44 -8.94
N GLY A 39 2.75 7.59 -9.57
CA GLY A 39 4.02 8.06 -10.21
C GLY A 39 3.72 9.12 -11.28
N SER A 40 2.49 9.19 -11.75
CA SER A 40 2.15 10.19 -12.81
C SER A 40 2.45 11.62 -12.35
N LYS A 41 2.52 11.84 -11.05
CA LYS A 41 2.80 13.21 -10.54
C LYS A 41 3.50 13.14 -9.17
N THR A 42 4.13 14.22 -8.76
CA THR A 42 4.82 14.22 -7.44
C THR A 42 3.79 14.13 -6.32
N LEU A 43 4.13 13.53 -5.21
CA LEU A 43 3.16 13.39 -4.08
C LEU A 43 3.82 13.56 -2.73
N ALA A 44 3.12 14.15 -1.80
CA ALA A 44 3.67 14.36 -0.43
C ALA A 44 2.51 14.29 0.58
N GLY A 45 2.82 14.13 1.85
CA GLY A 45 1.74 14.04 2.88
C GLY A 45 0.93 15.35 2.94
N PRO A 46 0.72 15.87 4.13
CA PRO A 46 -0.07 17.12 4.28
C PRO A 46 0.66 18.34 3.68
N LYS A 47 1.90 18.19 3.29
CA LYS A 47 2.65 19.36 2.71
C LYS A 47 2.10 19.71 1.32
N GLY A 48 1.62 18.73 0.60
CA GLY A 48 1.07 19.01 -0.77
C GLY A 48 2.07 18.53 -1.83
N PRO A 49 1.80 18.85 -3.08
CA PRO A 49 2.72 18.42 -4.17
C PRO A 49 4.05 19.18 -4.09
N ILE A 50 5.15 18.47 -4.09
CA ILE A 50 6.48 19.15 -3.99
C ILE A 50 7.42 18.62 -5.11
N THR A 51 8.45 17.86 -4.78
CA THR A 51 9.39 17.36 -5.84
C THR A 51 9.41 15.83 -5.86
N GLN A 52 9.67 15.26 -7.02
CA GLN A 52 9.74 13.77 -7.13
C GLN A 52 11.16 13.29 -6.84
N MET A 53 11.32 12.31 -5.99
CA MET A 53 12.68 11.80 -5.65
C MET A 53 12.82 10.33 -6.04
N TYR A 54 11.85 9.51 -5.72
CA TYR A 54 11.93 8.05 -6.07
C TYR A 54 10.94 7.72 -7.18
N THR A 55 11.42 7.15 -8.26
CA THR A 55 10.51 6.78 -9.39
C THR A 55 11.08 5.58 -10.17
N ASN A 56 10.24 4.63 -10.50
CA ASN A 56 10.73 3.43 -11.26
C ASN A 56 9.54 2.61 -11.80
N VAL A 57 9.36 2.59 -13.10
CA VAL A 57 8.23 1.79 -13.68
C VAL A 57 8.56 0.29 -13.57
N ASP A 58 9.82 -0.06 -13.59
CA ASP A 58 10.20 -1.50 -13.47
C ASP A 58 9.69 -2.08 -12.15
N GLN A 59 9.83 -1.34 -11.07
CA GLN A 59 9.35 -1.82 -9.75
C GLN A 59 7.99 -1.21 -9.41
N ASP A 60 7.52 -0.26 -10.20
CA ASP A 60 6.19 0.39 -9.93
C ASP A 60 6.17 1.01 -8.52
N LEU A 61 7.29 1.50 -8.06
CA LEU A 61 7.33 2.09 -6.69
C LEU A 61 7.73 3.57 -6.71
N VAL A 62 7.16 4.34 -5.81
CA VAL A 62 7.48 5.80 -5.73
C VAL A 62 7.47 6.21 -4.25
N GLY A 63 8.11 7.29 -3.89
CA GLY A 63 8.12 7.71 -2.45
C GLY A 63 8.68 9.12 -2.29
N TRP A 64 8.45 9.73 -1.16
CA TRP A 64 8.96 11.10 -0.91
C TRP A 64 9.32 11.25 0.57
N GLN A 65 10.14 12.23 0.90
CA GLN A 65 10.52 12.44 2.33
C GLN A 65 9.28 12.77 3.16
N ALA A 66 9.18 12.20 4.34
CA ALA A 66 8.00 12.48 5.20
C ALA A 66 8.21 13.79 5.99
N PRO A 67 7.13 14.48 6.26
CA PRO A 67 7.23 15.76 7.01
C PRO A 67 7.57 15.49 8.49
N PRO A 68 8.08 16.49 9.17
CA PRO A 68 8.43 16.32 10.59
C PRO A 68 7.17 16.27 11.46
N GLY A 69 7.04 15.24 12.27
CA GLY A 69 5.84 15.12 13.14
C GLY A 69 4.95 13.98 12.62
N ALA A 70 5.54 12.99 12.02
CA ALA A 70 4.74 11.84 11.49
C ALA A 70 5.13 10.55 12.20
N ARG A 71 4.28 9.55 12.18
CA ARG A 71 4.60 8.26 12.85
C ARG A 71 5.18 7.27 11.85
N SER A 72 5.80 6.22 12.32
CA SER A 72 6.39 5.20 11.41
C SER A 72 5.96 3.79 11.85
N LEU A 73 5.76 2.91 10.92
CA LEU A 73 5.34 1.52 11.27
C LEU A 73 6.51 0.55 11.11
N THR A 74 6.65 -0.38 12.02
CA THR A 74 7.76 -1.37 11.93
C THR A 74 7.42 -2.44 10.88
N PRO A 75 8.42 -2.91 10.17
CA PRO A 75 8.18 -3.95 9.14
C PRO A 75 7.83 -5.29 9.80
N CYS A 76 7.25 -6.20 9.06
CA CYS A 76 6.88 -7.51 9.65
C CYS A 76 8.13 -8.37 9.88
N THR A 77 8.29 -8.88 11.08
CA THR A 77 9.47 -9.73 11.39
C THR A 77 9.03 -10.96 12.18
N CYS A 78 8.11 -11.71 11.65
CA CYS A 78 7.60 -12.92 12.38
C CYS A 78 7.25 -14.07 11.43
N GLY A 79 7.51 -13.94 10.14
CA GLY A 79 7.20 -15.03 9.17
C GLY A 79 5.74 -15.51 9.35
N SER A 80 4.82 -14.93 8.61
CA SER A 80 3.39 -15.34 8.74
C SER A 80 2.73 -15.39 7.37
N SER A 81 1.79 -16.28 7.18
CA SER A 81 1.09 -16.39 5.86
C SER A 81 -0.20 -15.57 5.89
N ASP A 82 -0.87 -15.52 7.01
CA ASP A 82 -2.14 -14.74 7.10
C ASP A 82 -1.84 -13.24 6.93
N LEU A 83 -2.56 -12.58 6.05
CA LEU A 83 -2.33 -11.13 5.83
C LEU A 83 -3.65 -10.37 5.74
N TYR A 84 -3.64 -9.10 6.02
CA TYR A 84 -4.89 -8.29 5.95
C TYR A 84 -4.67 -7.07 5.04
N LEU A 85 -5.26 -7.09 3.87
CA LEU A 85 -5.08 -5.94 2.92
C LEU A 85 -6.14 -4.86 3.16
N VAL A 86 -5.72 -3.63 3.29
CA VAL A 86 -6.70 -2.52 3.52
C VAL A 86 -7.24 -2.03 2.18
N THR A 87 -8.53 -1.90 2.04
CA THR A 87 -9.12 -1.43 0.75
C THR A 87 -9.42 0.07 0.82
N ARG A 88 -10.02 0.60 -0.22
CA ARG A 88 -10.34 2.06 -0.25
C ARG A 88 -11.46 2.39 0.75
N HIS A 89 -12.31 1.44 1.06
CA HIS A 89 -13.42 1.71 2.02
C HIS A 89 -13.14 1.04 3.37
N ALA A 90 -11.89 0.88 3.72
CA ALA A 90 -11.51 0.26 5.03
C ALA A 90 -12.14 -1.13 5.21
N ASP A 91 -11.88 -2.02 4.30
CA ASP A 91 -12.45 -3.41 4.42
C ASP A 91 -11.33 -4.41 4.72
N VAL A 92 -11.56 -5.32 5.63
CA VAL A 92 -10.51 -6.32 5.97
C VAL A 92 -10.57 -7.50 4.98
N ILE A 93 -9.44 -7.85 4.39
CA ILE A 93 -9.42 -8.98 3.42
C ILE A 93 -8.29 -9.95 3.77
N PRO A 94 -8.63 -11.10 4.32
CA PRO A 94 -7.60 -12.10 4.69
C PRO A 94 -6.99 -12.72 3.43
N VAL A 95 -5.70 -12.58 3.25
CA VAL A 95 -5.04 -13.14 2.04
C VAL A 95 -3.95 -14.14 2.44
N ARG A 96 -3.97 -15.33 1.88
CA ARG A 96 -2.94 -16.35 2.23
C ARG A 96 -1.68 -16.10 1.41
N ARG A 97 -0.53 -16.18 2.03
CA ARG A 97 0.75 -15.95 1.29
C ARG A 97 1.19 -17.21 0.56
N ARG A 98 1.57 -17.08 -0.68
CA ARG A 98 2.02 -18.28 -1.46
C ARG A 98 3.30 -17.95 -2.24
N GLY A 99 4.01 -16.92 -1.87
CA GLY A 99 5.27 -16.56 -2.59
C GLY A 99 5.97 -15.42 -1.84
N ASP A 100 7.10 -14.99 -2.33
CA ASP A 100 7.85 -13.88 -1.66
C ASP A 100 7.09 -12.56 -1.81
N SER A 101 6.52 -12.32 -2.98
CA SER A 101 5.77 -11.04 -3.20
C SER A 101 4.39 -11.33 -3.80
N ARG A 102 3.86 -12.50 -3.57
CA ARG A 102 2.51 -12.83 -4.14
C ARG A 102 1.71 -13.68 -3.14
N GLY A 103 0.44 -13.44 -3.05
CA GLY A 103 -0.41 -14.22 -2.10
C GLY A 103 -1.78 -14.50 -2.73
N SER A 104 -2.46 -15.52 -2.27
CA SER A 104 -3.80 -15.85 -2.84
C SER A 104 -4.90 -15.15 -2.04
N LEU A 105 -6.05 -14.95 -2.64
CA LEU A 105 -7.16 -14.26 -1.92
C LEU A 105 -8.24 -15.27 -1.51
N LEU A 106 -8.61 -15.30 -0.26
CA LEU A 106 -9.65 -16.26 0.21
C LEU A 106 -11.02 -15.88 -0.38
N SER A 107 -11.33 -14.61 -0.40
CA SER A 107 -12.63 -14.16 -0.96
C SER A 107 -12.42 -13.59 -2.37
N PRO A 108 -12.70 -14.39 -3.37
CA PRO A 108 -12.51 -13.93 -4.77
C PRO A 108 -13.57 -12.88 -5.15
N ARG A 109 -13.18 -11.64 -5.25
CA ARG A 109 -14.13 -10.57 -5.62
C ARG A 109 -13.76 -9.98 -6.98
N PRO A 110 -14.70 -9.30 -7.61
CA PRO A 110 -14.42 -8.70 -8.93
C PRO A 110 -13.48 -7.50 -8.78
N VAL A 111 -12.68 -7.23 -9.80
CA VAL A 111 -11.73 -6.06 -9.72
C VAL A 111 -12.49 -4.79 -9.30
N SER A 112 -13.75 -4.70 -9.64
CA SER A 112 -14.56 -3.50 -9.27
C SER A 112 -14.63 -3.34 -7.75
N TYR A 113 -14.79 -4.42 -7.03
CA TYR A 113 -14.87 -4.33 -5.54
C TYR A 113 -13.52 -3.87 -4.98
N LEU A 114 -12.46 -4.37 -5.54
CA LEU A 114 -11.10 -3.99 -5.07
C LEU A 114 -10.53 -2.85 -5.93
N LYS A 115 -11.39 -2.14 -6.64
CA LYS A 115 -10.87 -1.04 -7.52
C LYS A 115 -10.60 0.22 -6.75
N GLY A 116 -9.35 0.60 -6.74
CA GLY A 116 -8.96 1.84 -6.03
C GLY A 116 -8.34 1.50 -4.67
N SER A 117 -7.84 0.30 -4.52
CA SER A 117 -7.22 -0.11 -3.22
C SER A 117 -5.70 -0.09 -3.34
N SER A 118 -5.14 0.61 -4.30
CA SER A 118 -3.66 0.64 -4.44
C SER A 118 -3.05 1.43 -3.28
N GLY A 119 -1.99 0.94 -2.69
CA GLY A 119 -1.36 1.65 -1.55
C GLY A 119 -1.80 1.00 -0.23
N GLY A 120 -2.93 0.32 -0.24
CA GLY A 120 -3.41 -0.34 1.02
C GLY A 120 -2.34 -1.30 1.54
N PRO A 121 -1.72 -0.96 2.65
CA PRO A 121 -0.66 -1.84 3.21
C PRO A 121 -1.26 -3.11 3.82
N LEU A 122 -0.62 -4.23 3.60
CA LEU A 122 -1.11 -5.51 4.17
C LEU A 122 -0.55 -5.67 5.58
N LEU A 123 -1.29 -6.27 6.48
CA LEU A 123 -0.79 -6.42 7.87
C LEU A 123 -0.86 -7.89 8.32
N CYS A 124 -0.13 -8.21 9.37
CA CYS A 124 -0.14 -9.61 9.90
C CYS A 124 -0.64 -9.59 11.35
N PRO A 125 -1.01 -10.75 11.87
CA PRO A 125 -1.52 -10.82 13.26
C PRO A 125 -0.45 -10.43 14.29
N SER A 126 0.79 -10.34 13.89
CA SER A 126 1.86 -9.96 14.87
C SER A 126 1.73 -8.46 15.23
N GLY A 127 1.29 -7.66 14.29
CA GLY A 127 1.13 -6.20 14.57
C GLY A 127 2.08 -5.38 13.69
N HIS A 128 2.54 -5.94 12.59
CA HIS A 128 3.47 -5.19 11.70
C HIS A 128 2.99 -5.28 10.25
N ALA A 129 3.32 -4.29 9.43
CA ALA A 129 2.90 -4.33 8.00
C ALA A 129 3.82 -5.26 7.21
N VAL A 130 3.32 -5.83 6.14
CA VAL A 130 4.17 -6.75 5.32
C VAL A 130 4.47 -6.16 3.94
N GLY A 131 3.58 -5.33 3.42
CA GLY A 131 3.83 -4.74 2.08
C GLY A 131 2.64 -3.86 1.66
N ILE A 132 2.53 -3.58 0.38
CA ILE A 132 1.41 -2.72 -0.11
C ILE A 132 0.78 -3.36 -1.36
N PHE A 133 -0.49 -3.10 -1.59
CA PHE A 133 -1.17 -3.67 -2.79
C PHE A 133 -0.65 -2.99 -4.07
N ARG A 134 -0.71 -3.69 -5.18
CA ARG A 134 -0.23 -3.09 -6.46
C ARG A 134 -1.22 -3.38 -7.58
N ALA A 135 -1.22 -4.59 -8.09
CA ALA A 135 -2.15 -4.92 -9.19
C ALA A 135 -3.08 -6.07 -8.79
N ALA A 136 -4.30 -6.00 -9.22
CA ALA A 136 -5.28 -7.07 -8.90
C ALA A 136 -5.29 -8.10 -10.03
N VAL A 137 -5.12 -9.35 -9.72
CA VAL A 137 -5.05 -10.42 -10.78
C VAL A 137 -6.41 -11.10 -10.98
N CYS A 138 -6.98 -10.98 -12.16
CA CYS A 138 -8.30 -11.67 -12.41
C CYS A 138 -8.32 -12.27 -13.82
N THR A 139 -9.01 -13.37 -13.99
CA THR A 139 -9.08 -14.01 -15.34
C THR A 139 -10.12 -13.27 -16.21
N ARG A 140 -11.30 -13.07 -15.68
CA ARG A 140 -12.35 -12.35 -16.46
C ARG A 140 -12.96 -11.24 -15.59
N GLY A 141 -12.15 -10.59 -14.79
CA GLY A 141 -12.66 -9.51 -13.90
C GLY A 141 -12.77 -10.01 -12.45
N VAL A 142 -12.65 -11.30 -12.23
CA VAL A 142 -12.74 -11.84 -10.83
C VAL A 142 -11.33 -11.94 -10.25
N ALA A 143 -11.08 -11.28 -9.14
CA ALA A 143 -9.72 -11.32 -8.54
C ALA A 143 -9.55 -12.52 -7.60
N LYS A 144 -8.60 -13.37 -7.88
CA LYS A 144 -8.37 -14.56 -7.01
C LYS A 144 -7.00 -14.44 -6.31
N ALA A 145 -6.06 -13.77 -6.95
CA ALA A 145 -4.71 -13.60 -6.34
C ALA A 145 -4.37 -12.11 -6.25
N VAL A 146 -3.32 -11.77 -5.53
CA VAL A 146 -2.95 -10.33 -5.39
C VAL A 146 -1.43 -10.16 -5.44
N ASP A 147 -0.95 -9.16 -6.15
CA ASP A 147 0.52 -8.93 -6.25
C ASP A 147 0.94 -7.74 -5.37
N PHE A 148 1.90 -7.92 -4.50
CA PHE A 148 2.36 -6.81 -3.61
C PHE A 148 3.87 -6.96 -3.31
N VAL A 149 4.50 -5.90 -2.86
CA VAL A 149 5.97 -5.99 -2.55
C VAL A 149 6.21 -5.88 -1.04
N PRO A 150 7.25 -6.53 -0.56
CA PRO A 150 7.58 -6.46 0.88
C PRO A 150 8.27 -5.13 1.18
N VAL A 151 8.30 -4.72 2.43
CA VAL A 151 8.97 -3.42 2.78
C VAL A 151 10.44 -3.46 2.36
N GLU A 152 11.01 -4.64 2.29
CA GLU A 152 12.45 -4.76 1.89
C GLU A 152 12.68 -4.17 0.49
N SER A 153 11.72 -4.33 -0.39
CA SER A 153 11.90 -3.79 -1.77
C SER A 153 12.07 -2.27 -1.74
N MET A 154 11.57 -1.62 -0.71
CA MET A 154 11.71 -0.13 -0.63
C MET A 154 13.17 0.27 -0.37
N GLU A 155 13.86 -0.49 0.45
CA GLU A 155 15.28 -0.15 0.75
C GLU A 155 16.13 -0.17 -0.52
N THR A 156 15.89 -1.12 -1.39
CA THR A 156 16.67 -1.20 -2.66
C THR A 156 16.47 0.07 -3.49
N THR A 157 15.27 0.59 -3.53
CA THR A 157 14.99 1.83 -4.30
C THR A 157 15.70 3.03 -3.67
N MET A 158 15.76 3.06 -2.35
CA MET A 158 16.43 4.20 -1.66
C MET A 158 17.90 4.31 -2.08
N ARG A 159 18.58 3.20 -2.17
CA ARG A 159 20.02 3.22 -2.57
C ARG A 159 20.16 3.84 -3.97
N ALA A 160 19.26 3.53 -4.87
CA ALA A 160 19.35 4.10 -6.24
C ALA A 160 18.85 5.54 -6.25
O1 4P2 B . -0.72 -2.77 -14.27
C8 4P2 B . -2.96 -7.51 -13.83
O9 4P2 B . -2.72 -8.81 -13.46
C10 4P2 B . -1.37 -9.36 -13.65
C11 4P2 B . -1.51 -10.88 -13.85
C12 4P2 B . -0.37 -11.50 -13.09
C13 4P2 B . -0.26 -10.62 -11.85
C14 4P2 B . -0.47 -9.17 -12.37
C15 4P2 B . 0.89 -8.48 -12.60
C16 4P2 B . 0.81 -7.02 -13.02
C17 4P2 B . 2.18 -6.35 -12.90
C18 4P2 B . 2.20 -4.92 -13.43
C19 4P2 B . 1.35 -3.95 -12.60
C20 4P2 B . 1.43 -2.55 -13.20
N21 4P2 B . 2.67 -1.92 -12.95
C22 4P2 B . 3.01 -0.75 -13.59
C23 4P2 B . 4.28 -0.11 -13.31
C24 4P2 B . 4.67 1.12 -13.96
C25 4P2 B . 3.79 1.76 -14.92
C26 4P2 B . 2.49 1.16 -15.24
C27 4P2 B . 2.08 -0.09 -14.58
C28 4P2 B . 0.81 -0.77 -14.83
C29 4P2 B . 0.45 -2.03 -14.14
O38 4P2 B . -2.15 -6.72 -14.33
C5 4P2 B . -4.23 -4.83 -12.85
C6 4P2 B . -4.81 -5.83 -13.91
N7 4P2 B . -4.28 -7.17 -13.58
O32 4P2 B . -4.42 -5.05 -11.67
C33 4P2 B . -6.38 -5.78 -13.83
C34 4P2 B . -7.08 -6.74 -14.79
C35 4P2 B . -8.50 -6.20 -14.96
C36 4P2 B . -8.47 -4.75 -14.53
C37 4P2 B . -7.02 -4.43 -14.24
N4 4P2 B . -3.57 -3.65 -13.22
C31 4P2 B . -3.11 -2.66 -12.20
C39 4P2 B . -4.35 -2.14 -11.39
O40 4P2 B . -5.48 -2.09 -11.90
C30 4P2 B . -2.48 -1.52 -13.04
C2 4P2 B . -2.04 -2.18 -14.37
C3 4P2 B . -3.03 -3.35 -14.55
N41 4P2 B . -4.13 -1.78 -10.04
C42 4P2 B . -5.25 -1.34 -9.17
C43 4P2 B . -6.20 -2.50 -8.71
C44 4P2 B . -5.26 -1.88 -7.74
C47 4P2 B . -7.65 -2.29 -8.56
C48 4P2 B . -8.57 -3.22 -8.75
C45 4P2 B . -5.75 0.13 -9.35
O46 4P2 B . -6.91 0.44 -9.09
N49 4P2 B . -4.80 1.04 -9.80
S 4P2 B . -5.08 2.63 -10.03
O51 4P2 B . -4.04 3.12 -10.92
O52 4P2 B . -6.48 2.83 -10.34
C53 4P2 B . -4.73 3.41 -8.43
C54 4P2 B . -5.69 4.51 -8.03
C55 4P2 B . -5.74 3.16 -7.36
H2 4P2 B . -2.12 -1.51 -15.23
H10 4P2 B . -0.89 -8.95 -14.55
H111 4P2 B . -1.47 -11.15 -14.90
H112 4P2 B . -2.47 -11.23 -13.44
H122 4P2 B . 0.55 -11.46 -13.67
H121 4P2 B . -0.56 -12.55 -12.83
H132 4P2 B . 0.70 -10.77 -11.34
H131 4P2 B . -1.04 -10.87 -11.15
H14 4P2 B . -1.02 -8.61 -11.60
H151 4P2 B . 1.46 -8.54 -11.66
H152 4P2 B . 1.48 -9.04 -13.34
H162 4P2 B . 0.48 -6.97 -14.07
H161 4P2 B . 0.08 -6.48 -12.41
H171 4P2 B . 2.91 -6.92 -13.49
H172 4P2 B . 2.52 -6.38 -11.86
H182 4P2 B . 3.25 -4.57 -13.42
H181 4P2 B . 1.88 -4.90 -14.48
H191 4P2 B . 1.74 -3.89 -11.58
H192 4P2 B . 0.32 -4.28 -12.53
H23 4P2 B . 4.95 -0.58 -12.59
H24 4P2 B . 5.63 1.56 -13.73
H25 4P2 B . 4.12 2.70 -15.39
H26 4P2 B . 1.84 1.65 -15.96
H28 4P2 B . 0.13 -0.32 -15.54
H6 4P2 B . -4.50 -5.59 -14.93
H7 4P2 B . -4.87 -7.87 -13.13
H33 4P2 B . -6.71 -6.02 -12.80
H341 4P2 B . -6.57 -6.76 -15.76
H342 4P2 B . -7.10 -7.77 -14.40
H352 4P2 B . -9.21 -6.75 -14.33
H351 4P2 B . -8.84 -6.31 -16.00
H361 4P2 B . -9.08 -4.61 -13.63
H362 4P2 B . -8.88 -4.09 -15.31
H371 4P2 B . -6.94 -3.67 -13.45
H372 4P2 B . -6.54 -4.02 -15.14
H31 4P2 B . -2.41 -3.18 -11.55
H302 4P2 B . -1.66 -1.05 -12.50
H301 4P2 B . -3.22 -0.74 -13.27
H32 4P2 B . -2.54 -4.22 -14.98
H31A 4P2 B . -3.89 -3.05 -15.17
H41 4P2 B . -3.21 -1.84 -9.63
H43 4P2 B . -5.97 -3.50 -9.07
H442 4P2 B . -4.42 -2.49 -7.43
H441 4P2 B . -5.64 -1.25 -6.95
H47 4P2 B . -7.99 -1.31 -8.27
H482 4P2 B . -8.29 -4.23 -8.96
H481 4P2 B . -9.63 -2.99 -8.71
H53 4P2 B . -3.69 3.50 -8.15
H541 4P2 B . -5.29 5.33 -7.47
H542 4P2 B . -6.50 4.77 -8.70
H552 4P2 B . -5.39 3.08 -6.34
H551 4P2 B . -6.58 2.51 -7.58
ZN ZN C . 4.17 -9.33 11.61
N THR A 1 -0.89 22.21 15.50
CA THR A 1 0.15 22.76 16.42
C THR A 1 -0.25 22.52 17.88
N GLY A 2 0.67 22.72 18.79
CA GLY A 2 0.35 22.51 20.24
C GLY A 2 0.17 21.01 20.52
N ARG A 3 0.84 20.18 19.75
CA ARG A 3 0.73 18.69 19.94
C ARG A 3 -0.75 18.25 19.92
N ASP A 4 -0.98 16.97 20.01
CA ASP A 4 -2.38 16.45 19.99
C ASP A 4 -2.51 15.20 20.85
N LYS A 5 -1.78 15.14 21.94
CA LYS A 5 -1.85 13.95 22.86
C LYS A 5 -1.60 12.65 22.07
N ASN A 6 -0.67 12.68 21.15
CA ASN A 6 -0.36 11.45 20.33
C ASN A 6 -1.63 10.87 19.71
N GLN A 7 -2.48 11.72 19.19
CA GLN A 7 -3.75 11.22 18.57
C GLN A 7 -3.47 10.68 17.15
N VAL A 8 -3.94 9.50 16.86
CA VAL A 8 -3.70 8.91 15.50
C VAL A 8 -5.01 8.33 14.95
N GLU A 9 -5.33 8.66 13.72
CA GLU A 9 -6.59 8.13 13.10
C GLU A 9 -6.32 6.79 12.40
N GLY A 10 -5.19 6.68 11.75
CA GLY A 10 -4.86 5.40 11.04
C GLY A 10 -3.41 5.45 10.55
N GLU A 11 -2.93 4.37 10.01
CA GLU A 11 -1.53 4.32 9.51
C GLU A 11 -1.47 4.75 8.03
N VAL A 12 -2.56 4.59 7.32
CA VAL A 12 -2.57 4.97 5.88
C VAL A 12 -3.64 6.06 5.64
N GLN A 13 -3.35 6.99 4.75
CA GLN A 13 -4.33 8.07 4.47
C GLN A 13 -4.92 7.91 3.06
N VAL A 14 -6.20 8.18 2.91
CA VAL A 14 -6.83 8.04 1.56
C VAL A 14 -6.57 9.30 0.72
N VAL A 15 -6.12 9.12 -0.50
CA VAL A 15 -5.84 10.31 -1.37
C VAL A 15 -6.33 10.03 -2.81
N SER A 16 -6.82 11.05 -3.47
CA SER A 16 -7.32 10.86 -4.87
C SER A 16 -6.72 11.92 -5.80
N THR A 17 -6.44 11.55 -7.02
CA THR A 17 -5.86 12.53 -7.99
C THR A 17 -6.96 13.04 -8.92
N ALA A 18 -6.59 13.74 -9.95
CA ALA A 18 -7.61 14.30 -10.89
C ALA A 18 -8.25 13.20 -11.75
N THR A 19 -7.48 12.24 -12.20
CA THR A 19 -8.07 11.16 -13.05
C THR A 19 -7.99 9.79 -12.36
N GLN A 20 -7.15 9.65 -11.38
CA GLN A 20 -7.03 8.34 -10.66
C GLN A 20 -6.88 8.56 -9.15
N SER A 21 -7.15 7.56 -8.36
CA SER A 21 -7.02 7.73 -6.88
C SER A 21 -6.35 6.50 -6.24
N PHE A 22 -5.26 6.71 -5.54
CA PHE A 22 -4.55 5.58 -4.87
C PHE A 22 -4.34 5.91 -3.39
N LEU A 23 -3.64 5.07 -2.67
CA LEU A 23 -3.43 5.34 -1.21
C LEU A 23 -1.93 5.30 -0.87
N ALA A 24 -1.57 5.79 0.29
CA ALA A 24 -0.13 5.79 0.71
C ALA A 24 -0.01 5.48 2.20
N THR A 25 1.10 4.91 2.61
CA THR A 25 1.28 4.57 4.06
C THR A 25 2.63 5.09 4.55
N CYS A 26 2.67 5.62 5.76
CA CYS A 26 3.96 6.16 6.31
C CYS A 26 4.85 5.01 6.78
N VAL A 27 6.03 4.88 6.22
CA VAL A 27 6.95 3.79 6.64
C VAL A 27 8.35 4.35 6.94
N ASN A 28 8.83 4.16 8.15
CA ASN A 28 10.19 4.64 8.54
C ASN A 28 10.41 6.12 8.16
N GLY A 29 9.38 6.93 8.23
CA GLY A 29 9.54 8.38 7.90
C GLY A 29 9.24 8.63 6.41
N VAL A 30 9.37 7.62 5.59
CA VAL A 30 9.09 7.81 4.12
C VAL A 30 7.80 7.09 3.75
N CYS A 31 6.93 7.73 3.01
CA CYS A 31 5.64 7.09 2.62
C CYS A 31 5.80 6.39 1.28
N TRP A 32 5.47 5.12 1.22
CA TRP A 32 5.60 4.37 -0.07
C TRP A 32 4.24 4.26 -0.76
N THR A 33 4.22 4.46 -2.05
CA THR A 33 2.95 4.37 -2.82
C THR A 33 3.18 3.61 -4.12
N VAL A 34 2.13 3.32 -4.85
CA VAL A 34 2.29 2.60 -6.15
C VAL A 34 2.69 3.61 -7.23
N TYR A 35 3.56 3.21 -8.13
CA TYR A 35 3.99 4.15 -9.21
C TYR A 35 3.01 4.10 -10.40
N HIS A 36 2.57 2.92 -10.79
CA HIS A 36 1.64 2.84 -11.96
C HIS A 36 0.36 3.64 -11.68
N GLY A 37 0.05 3.86 -10.42
CA GLY A 37 -1.18 4.64 -10.08
C GLY A 37 -0.88 6.13 -10.18
N ALA A 38 -0.01 6.64 -9.31
CA ALA A 38 0.34 8.09 -9.36
C ALA A 38 0.92 8.46 -10.73
N GLY A 39 2.04 7.90 -11.08
CA GLY A 39 2.65 8.20 -12.41
C GLY A 39 3.67 9.32 -12.28
N SER A 40 3.89 10.06 -13.34
CA SER A 40 4.89 11.18 -13.30
C SER A 40 4.49 12.21 -12.24
N LYS A 41 3.27 12.70 -12.29
CA LYS A 41 2.83 13.72 -11.29
C LYS A 41 2.88 13.12 -9.89
N THR A 42 3.37 13.86 -8.93
CA THR A 42 3.44 13.34 -7.52
C THR A 42 2.51 14.14 -6.61
N LEU A 43 1.85 13.48 -5.70
CA LEU A 43 0.92 14.18 -4.77
C LEU A 43 1.00 13.56 -3.37
N ALA A 44 0.96 14.39 -2.35
CA ALA A 44 1.04 13.87 -0.95
C ALA A 44 0.21 14.76 -0.03
N GLY A 45 -0.78 14.20 0.62
CA GLY A 45 -1.63 15.00 1.54
C GLY A 45 -2.45 16.02 0.73
N PRO A 46 -3.74 16.05 0.93
CA PRO A 46 -4.60 17.01 0.19
C PRO A 46 -4.35 18.46 0.64
N LYS A 47 -3.60 18.66 1.69
CA LYS A 47 -3.33 20.05 2.17
C LYS A 47 -2.09 20.65 1.50
N GLY A 48 -1.58 20.03 0.45
CA GLY A 48 -0.39 20.57 -0.25
C GLY A 48 0.42 19.42 -0.88
N PRO A 49 0.74 19.54 -2.15
CA PRO A 49 1.51 18.49 -2.84
C PRO A 49 3.02 18.72 -2.66
N ILE A 50 3.82 17.75 -3.02
CA ILE A 50 5.30 17.91 -2.88
C ILE A 50 6.03 17.18 -4.02
N THR A 51 7.27 17.53 -4.26
CA THR A 51 8.04 16.87 -5.35
C THR A 51 8.41 15.43 -4.96
N GLN A 52 8.52 14.55 -5.92
CA GLN A 52 8.88 13.13 -5.60
C GLN A 52 10.40 12.94 -5.69
N MET A 53 10.94 12.02 -4.92
CA MET A 53 12.40 11.77 -4.95
C MET A 53 12.70 10.34 -5.44
N TYR A 54 11.82 9.41 -5.14
CA TYR A 54 12.05 8.00 -5.59
C TYR A 54 11.02 7.64 -6.68
N THR A 55 11.47 7.12 -7.79
CA THR A 55 10.52 6.76 -8.89
C THR A 55 11.08 5.60 -9.72
N ASN A 56 10.27 4.60 -9.99
CA ASN A 56 10.77 3.43 -10.80
C ASN A 56 9.61 2.55 -11.27
N VAL A 57 9.51 2.31 -12.56
CA VAL A 57 8.42 1.44 -13.08
C VAL A 57 8.69 -0.02 -12.70
N ASP A 58 9.93 -0.45 -12.77
CA ASP A 58 10.26 -1.87 -12.42
C ASP A 58 9.78 -2.19 -11.00
N GLN A 59 10.02 -1.31 -10.07
CA GLN A 59 9.56 -1.55 -8.67
C GLN A 59 8.09 -1.14 -8.52
N ASP A 60 7.54 -0.42 -9.47
CA ASP A 60 6.11 0.03 -9.39
C ASP A 60 5.84 0.73 -8.07
N LEU A 61 6.76 1.54 -7.60
CA LEU A 61 6.54 2.25 -6.31
C LEU A 61 7.18 3.64 -6.33
N VAL A 62 6.70 4.52 -5.49
CA VAL A 62 7.25 5.90 -5.43
C VAL A 62 7.19 6.36 -3.97
N GLY A 63 8.15 7.14 -3.53
CA GLY A 63 8.14 7.60 -2.10
C GLY A 63 8.34 9.11 -2.01
N TRP A 64 7.86 9.69 -0.94
CA TRP A 64 8.01 11.17 -0.75
C TRP A 64 8.69 11.43 0.60
N GLN A 65 9.27 12.60 0.77
CA GLN A 65 9.93 12.93 2.07
C GLN A 65 8.88 13.43 3.08
N ALA A 66 8.79 12.77 4.21
CA ALA A 66 7.78 13.20 5.24
C ALA A 66 8.47 14.01 6.35
N PRO A 67 7.68 14.76 7.10
CA PRO A 67 8.24 15.58 8.20
C PRO A 67 8.67 14.68 9.37
N PRO A 68 9.54 15.20 10.22
CA PRO A 68 10.01 14.41 11.38
C PRO A 68 8.91 14.30 12.44
N GLY A 69 9.00 13.31 13.30
CA GLY A 69 7.97 13.13 14.36
C GLY A 69 6.69 12.58 13.75
N ALA A 70 6.81 11.79 12.70
CA ALA A 70 5.60 11.21 12.05
C ALA A 70 5.48 9.72 12.36
N ARG A 71 4.28 9.20 12.39
CA ARG A 71 4.09 7.75 12.69
C ARG A 71 4.81 6.89 11.65
N SER A 72 5.22 5.71 12.02
CA SER A 72 5.94 4.80 11.06
C SER A 72 5.62 3.34 11.38
N LEU A 73 5.75 2.48 10.40
CA LEU A 73 5.47 1.02 10.62
C LEU A 73 6.76 0.21 10.53
N THR A 74 7.00 -0.65 11.50
CA THR A 74 8.25 -1.48 11.48
C THR A 74 8.10 -2.62 10.44
N PRO A 75 9.22 -3.17 10.02
CA PRO A 75 9.18 -4.28 9.04
C PRO A 75 8.66 -5.57 9.69
N CYS A 76 8.19 -6.49 8.90
CA CYS A 76 7.66 -7.77 9.47
C CYS A 76 8.80 -8.78 9.63
N THR A 77 8.94 -9.35 10.80
CA THR A 77 10.02 -10.34 11.04
C THR A 77 9.45 -11.57 11.77
N CYS A 78 8.42 -12.17 11.23
CA CYS A 78 7.82 -13.36 11.89
C CYS A 78 7.31 -14.40 10.87
N GLY A 79 7.59 -14.22 9.60
CA GLY A 79 7.12 -15.21 8.56
C GLY A 79 5.62 -15.44 8.70
N SER A 80 4.85 -14.40 8.92
CA SER A 80 3.37 -14.55 9.06
C SER A 80 2.71 -14.70 7.69
N SER A 81 2.26 -15.88 7.37
CA SER A 81 1.61 -16.10 6.04
C SER A 81 0.29 -15.32 5.97
N ASP A 82 -0.45 -15.30 7.04
CA ASP A 82 -1.75 -14.56 7.05
C ASP A 82 -1.50 -13.05 6.95
N LEU A 83 -2.15 -12.39 6.03
CA LEU A 83 -1.94 -10.91 5.87
C LEU A 83 -3.29 -10.20 5.71
N TYR A 84 -3.37 -8.97 6.15
CA TYR A 84 -4.65 -8.20 6.03
C TYR A 84 -4.43 -6.98 5.13
N LEU A 85 -5.22 -6.84 4.10
CA LEU A 85 -5.06 -5.68 3.18
C LEU A 85 -6.13 -4.62 3.45
N VAL A 86 -5.77 -3.36 3.32
CA VAL A 86 -6.77 -2.26 3.58
C VAL A 86 -7.20 -1.65 2.24
N THR A 87 -8.48 -1.59 2.00
CA THR A 87 -8.97 -1.00 0.71
C THR A 87 -9.30 0.49 0.89
N ARG A 88 -9.68 1.15 -0.18
CA ARG A 88 -10.01 2.61 -0.09
C ARG A 88 -11.17 2.84 0.89
N HIS A 89 -11.99 1.84 1.11
CA HIS A 89 -13.15 2.02 2.04
C HIS A 89 -12.79 1.50 3.43
N ALA A 90 -11.52 1.52 3.78
CA ALA A 90 -11.07 1.05 5.13
C ALA A 90 -11.59 -0.37 5.41
N ASP A 91 -11.81 -1.15 4.37
CA ASP A 91 -12.30 -2.54 4.57
C ASP A 91 -11.14 -3.45 4.95
N VAL A 92 -11.42 -4.52 5.67
CA VAL A 92 -10.33 -5.46 6.07
C VAL A 92 -10.57 -6.83 5.44
N ILE A 93 -9.57 -7.37 4.78
CA ILE A 93 -9.73 -8.70 4.13
C ILE A 93 -8.49 -9.58 4.43
N PRO A 94 -8.72 -10.85 4.71
CA PRO A 94 -7.61 -11.76 5.01
C PRO A 94 -6.97 -12.29 3.71
N VAL A 95 -5.68 -12.51 3.73
CA VAL A 95 -4.99 -13.02 2.51
C VAL A 95 -3.95 -14.07 2.90
N ARG A 96 -3.98 -15.22 2.26
CA ARG A 96 -2.99 -16.29 2.60
C ARG A 96 -1.76 -16.18 1.69
N ARG A 97 -0.58 -16.21 2.28
CA ARG A 97 0.66 -16.10 1.45
C ARG A 97 1.00 -17.46 0.83
N ARG A 98 1.08 -17.53 -0.47
CA ARG A 98 1.41 -18.81 -1.15
C ARG A 98 2.71 -18.67 -1.99
N GLY A 99 3.18 -17.46 -2.20
CA GLY A 99 4.42 -17.26 -2.99
C GLY A 99 5.33 -16.26 -2.28
N ASP A 100 6.43 -15.90 -2.89
CA ASP A 100 7.37 -14.93 -2.25
C ASP A 100 6.76 -13.53 -2.23
N SER A 101 6.18 -13.10 -3.32
CA SER A 101 5.56 -11.74 -3.37
C SER A 101 4.12 -11.81 -3.86
N ARG A 102 3.49 -12.96 -3.76
CA ARG A 102 2.07 -13.09 -4.22
C ARG A 102 1.28 -13.98 -3.25
N GLY A 103 0.05 -13.64 -3.01
CA GLY A 103 -0.78 -14.47 -2.07
C GLY A 103 -2.16 -14.71 -2.67
N SER A 104 -2.91 -15.63 -2.11
CA SER A 104 -4.27 -15.93 -2.65
C SER A 104 -5.33 -15.21 -1.83
N LEU A 105 -6.54 -15.13 -2.34
CA LEU A 105 -7.63 -14.41 -1.60
C LEU A 105 -8.78 -15.39 -1.31
N LEU A 106 -9.16 -15.53 -0.06
CA LEU A 106 -10.28 -16.46 0.29
C LEU A 106 -11.57 -15.99 -0.37
N SER A 107 -11.82 -14.71 -0.37
CA SER A 107 -13.07 -14.18 -0.99
C SER A 107 -12.74 -13.56 -2.36
N PRO A 108 -13.11 -14.25 -3.42
CA PRO A 108 -12.83 -13.73 -4.78
C PRO A 108 -13.74 -12.55 -5.11
N ARG A 109 -13.20 -11.35 -5.12
CA ARG A 109 -14.02 -10.14 -5.45
C ARG A 109 -13.65 -9.64 -6.84
N PRO A 110 -14.59 -8.98 -7.50
CA PRO A 110 -14.33 -8.46 -8.86
C PRO A 110 -13.38 -7.25 -8.81
N VAL A 111 -12.60 -7.05 -9.85
CA VAL A 111 -11.64 -5.89 -9.87
C VAL A 111 -12.42 -4.59 -9.60
N SER A 112 -13.65 -4.53 -10.00
CA SER A 112 -14.46 -3.29 -9.77
C SER A 112 -14.58 -2.99 -8.27
N TYR A 113 -14.76 -4.01 -7.46
CA TYR A 113 -14.88 -3.78 -5.99
C TYR A 113 -13.52 -3.35 -5.43
N LEU A 114 -12.46 -3.95 -5.91
CA LEU A 114 -11.10 -3.60 -5.43
C LEU A 114 -10.45 -2.56 -6.34
N LYS A 115 -11.22 -1.94 -7.22
CA LYS A 115 -10.63 -0.92 -8.14
C LYS A 115 -10.36 0.38 -7.41
N GLY A 116 -9.11 0.69 -7.29
CA GLY A 116 -8.70 1.93 -6.58
C GLY A 116 -8.24 1.60 -5.17
N SER A 117 -7.63 0.45 -5.00
CA SER A 117 -7.14 0.05 -3.66
C SER A 117 -5.60 -0.04 -3.65
N SER A 118 -4.95 0.59 -4.60
CA SER A 118 -3.44 0.53 -4.61
C SER A 118 -2.89 1.31 -3.42
N GLY A 119 -1.77 0.89 -2.89
CA GLY A 119 -1.18 1.60 -1.72
C GLY A 119 -1.63 0.93 -0.41
N GLY A 120 -2.70 0.17 -0.45
CA GLY A 120 -3.19 -0.52 0.78
C GLY A 120 -2.08 -1.42 1.34
N PRO A 121 -1.55 -1.08 2.50
CA PRO A 121 -0.47 -1.89 3.10
C PRO A 121 -1.01 -3.22 3.64
N LEU A 122 -0.15 -4.21 3.77
CA LEU A 122 -0.59 -5.54 4.29
C LEU A 122 -0.02 -5.74 5.69
N LEU A 123 -0.85 -6.06 6.65
CA LEU A 123 -0.35 -6.25 8.04
C LEU A 123 -0.42 -7.72 8.45
N CYS A 124 0.33 -8.09 9.46
CA CYS A 124 0.33 -9.50 9.93
C CYS A 124 -0.12 -9.54 11.41
N PRO A 125 -0.46 -10.70 11.91
CA PRO A 125 -0.92 -10.81 13.32
C PRO A 125 0.19 -10.42 14.30
N SER A 126 1.42 -10.36 13.85
CA SER A 126 2.54 -9.98 14.77
C SER A 126 2.43 -8.50 15.14
N GLY A 127 2.07 -7.66 14.19
CA GLY A 127 1.94 -6.20 14.48
C GLY A 127 3.00 -5.42 13.69
N HIS A 128 3.36 -5.89 12.54
CA HIS A 128 4.39 -5.17 11.71
C HIS A 128 3.91 -5.03 10.26
N ALA A 129 4.41 -4.05 9.55
CA ALA A 129 4.00 -3.86 8.13
C ALA A 129 4.62 -4.94 7.25
N VAL A 130 3.93 -5.36 6.22
CA VAL A 130 4.48 -6.42 5.32
C VAL A 130 4.80 -5.83 3.93
N GLY A 131 3.80 -5.33 3.25
CA GLY A 131 4.04 -4.74 1.89
C GLY A 131 2.85 -3.87 1.49
N ILE A 132 2.68 -3.63 0.21
CA ILE A 132 1.54 -2.80 -0.26
C ILE A 132 0.85 -3.47 -1.46
N PHE A 133 -0.41 -3.17 -1.69
CA PHE A 133 -1.13 -3.80 -2.84
C PHE A 133 -0.58 -3.25 -4.15
N ARG A 134 -0.58 -4.06 -5.19
CA ARG A 134 -0.04 -3.59 -6.50
C ARG A 134 -1.06 -3.87 -7.63
N ALA A 135 -1.13 -5.09 -8.11
CA ALA A 135 -2.08 -5.39 -9.21
C ALA A 135 -3.09 -6.46 -8.79
N ALA A 136 -4.30 -6.32 -9.24
CA ALA A 136 -5.36 -7.32 -8.92
C ALA A 136 -5.41 -8.36 -10.05
N VAL A 137 -5.35 -9.62 -9.70
CA VAL A 137 -5.34 -10.69 -10.75
C VAL A 137 -6.73 -11.30 -10.95
N CYS A 138 -7.29 -11.19 -12.13
CA CYS A 138 -8.63 -11.79 -12.38
C CYS A 138 -8.69 -12.44 -13.77
N THR A 139 -9.38 -13.55 -13.87
CA THR A 139 -9.50 -14.24 -15.20
C THR A 139 -10.49 -13.48 -16.10
N ARG A 140 -11.59 -13.05 -15.53
CA ARG A 140 -12.61 -12.30 -16.32
C ARG A 140 -13.23 -11.19 -15.47
N GLY A 141 -12.41 -10.40 -14.84
CA GLY A 141 -12.94 -9.30 -13.97
C GLY A 141 -13.10 -9.81 -12.53
N VAL A 142 -13.00 -11.10 -12.31
CA VAL A 142 -13.14 -11.65 -10.92
C VAL A 142 -11.75 -11.83 -10.33
N ALA A 143 -11.45 -11.17 -9.24
CA ALA A 143 -10.10 -11.30 -8.62
C ALA A 143 -10.04 -12.48 -7.65
N LYS A 144 -9.15 -13.40 -7.91
CA LYS A 144 -9.01 -14.59 -7.01
C LYS A 144 -7.65 -14.54 -6.31
N ALA A 145 -6.65 -14.00 -6.97
CA ALA A 145 -5.30 -13.91 -6.35
C ALA A 145 -4.88 -12.44 -6.24
N VAL A 146 -3.83 -12.16 -5.50
CA VAL A 146 -3.38 -10.74 -5.35
C VAL A 146 -1.85 -10.66 -5.30
N ASP A 147 -1.28 -9.71 -6.00
CA ASP A 147 0.20 -9.55 -6.00
C ASP A 147 0.61 -8.27 -5.25
N PHE A 148 1.64 -8.34 -4.46
CA PHE A 148 2.10 -7.13 -3.70
C PHE A 148 3.63 -7.07 -3.64
N VAL A 149 4.17 -5.92 -3.33
CA VAL A 149 5.66 -5.78 -3.25
C VAL A 149 6.12 -5.79 -1.79
N PRO A 150 7.26 -6.39 -1.52
CA PRO A 150 7.78 -6.45 -0.14
C PRO A 150 8.37 -5.09 0.26
N VAL A 151 8.62 -4.89 1.53
CA VAL A 151 9.19 -3.59 2.00
C VAL A 151 10.73 -3.63 1.95
N GLU A 152 11.31 -4.80 2.05
CA GLU A 152 12.80 -4.89 2.03
C GLU A 152 13.36 -4.33 0.72
N SER A 153 12.63 -4.46 -0.36
CA SER A 153 13.11 -3.92 -1.68
C SER A 153 13.11 -2.38 -1.66
N MET A 154 12.31 -1.79 -0.80
CA MET A 154 12.25 -0.29 -0.74
C MET A 154 13.61 0.27 -0.30
N GLU A 155 14.37 -0.49 0.44
CA GLU A 155 15.70 0.01 0.91
C GLU A 155 16.59 0.40 -0.29
N THR A 156 16.70 -0.47 -1.26
CA THR A 156 17.56 -0.15 -2.45
C THR A 156 16.89 0.95 -3.31
N THR A 157 15.60 1.11 -3.20
CA THR A 157 14.90 2.16 -4.00
C THR A 157 15.23 3.56 -3.43
N MET A 158 15.43 3.65 -2.15
CA MET A 158 15.75 4.98 -1.53
C MET A 158 17.05 5.54 -2.12
N ARG A 159 18.01 4.69 -2.40
CA ARG A 159 19.30 5.17 -2.97
C ARG A 159 19.05 5.87 -4.32
N ALA A 160 18.17 5.35 -5.11
CA ALA A 160 17.88 5.98 -6.44
C ALA A 160 16.92 7.15 -6.26
O1 4P2 B . -0.42 -3.40 -14.37
C8 4P2 B . -2.99 -8.01 -13.81
O9 4P2 B . -2.81 -9.32 -13.41
C10 4P2 B . -1.48 -9.92 -13.57
C11 4P2 B . -1.68 -11.44 -13.78
C12 4P2 B . -0.58 -12.10 -12.99
C13 4P2 B . -0.48 -11.23 -11.75
C14 4P2 B . -0.62 -9.78 -12.27
C15 4P2 B . 0.78 -9.13 -12.45
C16 4P2 B . 0.76 -7.66 -12.86
C17 4P2 B . 2.14 -7.03 -12.69
C18 4P2 B . 2.24 -5.59 -13.21
C19 4P2 B . 1.41 -4.58 -12.42
C20 4P2 B . 1.57 -3.20 -13.02
N21 4P2 B . 2.76 -2.56 -12.61
C22 4P2 B . 3.20 -1.39 -13.22
C23 4P2 B . 4.42 -0.75 -12.79
C24 4P2 B . 4.89 0.48 -13.40
C25 4P2 B . 4.14 1.09 -14.48
C26 4P2 B . 2.89 0.48 -14.95
C27 4P2 B . 2.41 -0.76 -14.33
C28 4P2 B . 1.17 -1.43 -14.73
C29 4P2 B . 0.73 -2.68 -14.08
O38 4P2 B . -2.14 -7.28 -14.31
C5 4P2 B . -4.12 -5.25 -12.90
C6 4P2 B . -4.74 -6.24 -13.96
N7 4P2 B . -4.30 -7.60 -13.59
O32 4P2 B . -4.37 -5.43 -11.73
C33 4P2 B . -6.30 -6.09 -13.91
C34 4P2 B . -7.03 -7.04 -14.88
C35 4P2 B . -8.42 -6.40 -15.10
C36 4P2 B . -8.31 -4.95 -14.70
C37 4P2 B . -6.85 -4.71 -14.37
N4 4P2 B . -3.36 -4.14 -13.29
C31 4P2 B . -2.85 -3.16 -12.29
C39 4P2 B . -4.07 -2.53 -11.51
O40 4P2 B . -5.18 -2.42 -12.05
C30 4P2 B . -2.13 -2.09 -13.14
C2 4P2 B . -1.73 -2.79 -14.45
C3 4P2 B . -2.74 -3.94 -14.60
N41 4P2 B . -3.86 -2.15 -10.18
C42 4P2 B . -4.97 -1.61 -9.34
C43 4P2 B . -5.98 -2.71 -8.84
C44 4P2 B . -5.02 -2.09 -7.90
C47 4P2 B . -7.41 -2.44 -8.71
C48 4P2 B . -8.37 -3.34 -8.86
C45 4P2 B . -5.40 -0.13 -9.59
O46 4P2 B . -6.55 0.23 -9.37
N49 4P2 B . -4.41 0.71 -10.07
S 4P2 B . -4.62 2.32 -10.38
O51 4P2 B . -3.55 2.71 -11.26
O52 4P2 B . -6.00 2.58 -10.72
C53 4P2 B . -4.23 3.16 -8.82
C54 4P2 B . -5.10 4.35 -8.51
C55 4P2 B . -5.28 3.06 -7.75
H2 4P2 B . -1.81 -2.15 -15.33
H10 4P2 B . -0.97 -9.53 -14.45
H111 4P2 B . -1.62 -11.70 -14.83
H112 4P2 B . -2.65 -11.74 -13.40
H122 4P2 B . 0.36 -12.08 -13.55
H121 4P2 B . -0.81 -13.14 -12.75
H132 4P2 B . 0.46 -11.42 -11.21
H131 4P2 B . -1.29 -11.45 -11.06
H14 4P2 B . -1.17 -9.20 -11.51
H151 4P2 B . 1.31 -9.20 -11.49
H152 4P2 B . 1.38 -9.70 -13.17
H162 4P2 B . 0.47 -7.58 -13.91
H161 4P2 B . 0.03 -7.10 -12.27
H171 4P2 B . 2.87 -7.63 -13.26
H172 4P2 B . 2.45 -7.07 -11.64
H182 4P2 B . 3.30 -5.30 -13.17
H181 4P2 B . 1.96 -5.57 -14.28
H191 4P2 B . 1.76 -4.56 -11.38
H192 4P2 B . 0.36 -4.87 -12.38
H23 4P2 B . 4.99 -1.20 -11.98
H24 4P2 B . 5.81 0.94 -13.07
H25 4P2 B . 4.52 2.02 -14.94
H26 4P2 B . 2.34 0.95 -15.76
H28 4P2 B . 0.60 -0.99 -15.52
H6 4P2 B . -4.38 -6.04 -14.97
H7 4P2 B . -4.92 -8.26 -13.14
H33 4P2 B . -6.66 -6.31 -12.89
H341 4P2 B . -6.51 -7.09 -15.84
H342 4P2 B . -7.13 -8.05 -14.47
H352 4P2 B . -9.17 -6.90 -14.47
H351 4P2 B . -8.74 -6.52 -16.13
H361 4P2 B . -8.92 -4.75 -13.82
H362 4P2 B . -8.66 -4.28 -15.49
H371 4P2 B . -6.72 -3.94 -13.60
H372 4P2 B . -6.32 -4.37 -15.27
H31 4P2 B . -2.20 -3.70 -11.60
H302 4P2 B . -1.27 -1.68 -12.60
H301 4P2 B . -2.79 -1.25 -13.38
H32 4P2 B . -2.26 -4.86 -14.95
H31A 4P2 B . -3.56 -3.67 -15.28
H41 4P2 B . -2.94 -2.26 -9.74
H43 4P2 B . -5.79 -3.74 -9.15
H442 4P2 B . -4.22 -2.72 -7.55
H441 4P2 B . -5.40 -1.41 -7.13
H47 4P2 B . -7.70 -1.43 -8.45
H482 4P2 B . -8.14 -4.36 -9.04
H481 4P2 B . -9.42 -3.06 -8.83
H53 4P2 B . -3.19 3.19 -8.53
H541 4P2 B . -4.64 5.19 -7.99
H542 4P2 B . -5.88 4.64 -9.20
H552 4P2 B . -4.95 3.03 -6.71
H551 4P2 B . -6.17 2.47 -7.95
ZN ZN C . 4.17 -9.38 11.60
N THR A 1 -17.41 -15.25 21.26
CA THR A 1 -18.35 -14.10 21.15
C THR A 1 -17.72 -12.96 20.35
N GLY A 2 -16.42 -12.81 20.44
CA GLY A 2 -15.73 -11.72 19.68
C GLY A 2 -14.52 -12.30 18.96
N ARG A 3 -13.52 -11.48 18.70
CA ARG A 3 -12.30 -11.97 18.00
C ARG A 3 -11.06 -11.21 18.49
N ASP A 4 -9.89 -11.75 18.29
CA ASP A 4 -8.64 -11.07 18.74
C ASP A 4 -7.95 -10.38 17.55
N LYS A 5 -8.10 -9.08 17.45
CA LYS A 5 -7.45 -8.34 16.32
C LYS A 5 -6.91 -6.99 16.83
N ASN A 6 -5.66 -6.71 16.54
CA ASN A 6 -5.07 -5.42 16.99
C ASN A 6 -5.41 -4.30 16.00
N GLN A 7 -5.86 -3.18 16.48
CA GLN A 7 -6.21 -2.05 15.56
C GLN A 7 -5.31 -0.85 15.80
N VAL A 8 -4.85 -0.21 14.75
CA VAL A 8 -3.95 0.98 14.90
C VAL A 8 -4.37 2.07 13.92
N GLU A 9 -4.32 3.32 14.34
CA GLU A 9 -4.71 4.43 13.42
C GLU A 9 -3.54 5.41 13.25
N GLY A 10 -3.56 6.17 12.18
CA GLY A 10 -2.46 7.16 11.93
C GLY A 10 -1.31 6.48 11.19
N GLU A 11 -1.61 5.46 10.42
CA GLU A 11 -0.53 4.75 9.66
C GLU A 11 -0.75 4.88 8.14
N VAL A 12 -1.97 5.03 7.72
CA VAL A 12 -2.26 5.16 6.26
C VAL A 12 -3.07 6.42 5.98
N GLN A 13 -2.77 7.11 4.91
CA GLN A 13 -3.53 8.35 4.56
C GLN A 13 -4.45 8.09 3.37
N VAL A 14 -5.46 8.90 3.19
CA VAL A 14 -6.40 8.70 2.06
C VAL A 14 -6.18 9.78 0.98
N VAL A 15 -5.80 9.38 -0.21
CA VAL A 15 -5.57 10.36 -1.31
C VAL A 15 -6.49 10.07 -2.50
N SER A 16 -7.13 11.07 -3.03
CA SER A 16 -8.04 10.87 -4.18
C SER A 16 -7.71 11.88 -5.30
N THR A 17 -7.66 11.42 -6.52
CA THR A 17 -7.34 12.35 -7.65
C THR A 17 -8.56 12.57 -8.53
N ALA A 18 -8.46 13.46 -9.48
CA ALA A 18 -9.64 13.75 -10.36
C ALA A 18 -9.94 12.57 -11.29
N THR A 19 -8.93 11.87 -11.74
CA THR A 19 -9.15 10.71 -12.66
C THR A 19 -9.01 9.38 -11.92
N GLN A 20 -8.22 9.34 -10.88
CA GLN A 20 -8.03 8.07 -10.12
C GLN A 20 -7.91 8.34 -8.62
N SER A 21 -7.78 7.30 -7.83
CA SER A 21 -7.64 7.50 -6.36
C SER A 21 -6.79 6.38 -5.75
N PHE A 22 -5.70 6.75 -5.12
CA PHE A 22 -4.80 5.73 -4.50
C PHE A 22 -4.54 6.09 -3.04
N LEU A 23 -3.90 5.23 -2.31
CA LEU A 23 -3.61 5.53 -0.87
C LEU A 23 -2.10 5.50 -0.63
N ALA A 24 -1.63 6.21 0.36
CA ALA A 24 -0.17 6.23 0.65
C ALA A 24 0.09 5.85 2.12
N THR A 25 1.25 5.34 2.41
CA THR A 25 1.57 4.95 3.82
C THR A 25 2.92 5.55 4.23
N CYS A 26 3.05 5.95 5.47
CA CYS A 26 4.34 6.56 5.92
C CYS A 26 5.25 5.50 6.56
N VAL A 27 6.40 5.28 5.99
CA VAL A 27 7.34 4.27 6.54
C VAL A 27 8.74 4.88 6.70
N ASN A 28 9.33 4.78 7.87
CA ASN A 28 10.69 5.35 8.10
C ASN A 28 10.76 6.82 7.67
N GLY A 29 9.71 7.57 7.94
CA GLY A 29 9.70 9.02 7.55
C GLY A 29 9.64 9.15 6.02
N VAL A 30 9.14 8.15 5.34
CA VAL A 30 9.06 8.23 3.85
C VAL A 30 7.70 7.71 3.37
N CYS A 31 6.90 8.56 2.79
CA CYS A 31 5.55 8.13 2.30
C CYS A 31 5.69 7.36 0.99
N TRP A 32 5.34 6.10 0.99
CA TRP A 32 5.47 5.28 -0.26
C TRP A 32 4.11 5.17 -0.97
N THR A 33 4.11 5.31 -2.27
CA THR A 33 2.83 5.20 -3.04
C THR A 33 3.08 4.37 -4.31
N VAL A 34 2.04 4.07 -5.05
CA VAL A 34 2.24 3.28 -6.30
C VAL A 34 2.64 4.23 -7.43
N TYR A 35 3.52 3.77 -8.30
CA TYR A 35 3.97 4.61 -9.43
C TYR A 35 2.99 4.55 -10.62
N HIS A 36 2.49 3.38 -10.95
CA HIS A 36 1.56 3.28 -12.12
C HIS A 36 0.34 4.21 -11.94
N GLY A 37 0.05 4.62 -10.73
CA GLY A 37 -1.12 5.52 -10.50
C GLY A 37 -0.64 6.97 -10.31
N ALA A 38 0.08 7.23 -9.24
CA ALA A 38 0.57 8.62 -8.98
C ALA A 38 1.78 8.96 -9.87
N GLY A 39 2.49 7.95 -10.33
CA GLY A 39 3.68 8.20 -11.19
C GLY A 39 3.26 8.96 -12.45
N SER A 40 2.06 8.74 -12.92
CA SER A 40 1.60 9.45 -14.15
C SER A 40 1.56 10.97 -13.93
N LYS A 41 0.93 11.41 -12.87
CA LYS A 41 0.85 12.88 -12.59
C LYS A 41 1.55 13.20 -11.26
N THR A 42 2.29 14.28 -11.22
CA THR A 42 3.00 14.65 -9.96
C THR A 42 1.99 15.00 -8.85
N LEU A 43 2.25 14.63 -7.63
CA LEU A 43 1.31 14.93 -6.52
C LEU A 43 1.76 16.19 -5.77
N ALA A 44 0.94 17.22 -5.75
CA ALA A 44 1.33 18.48 -5.07
C ALA A 44 0.28 18.87 -4.01
N GLY A 45 0.66 19.73 -3.10
CA GLY A 45 -0.28 20.18 -2.05
C GLY A 45 -1.15 21.31 -2.61
N PRO A 46 -1.69 22.12 -1.72
CA PRO A 46 -2.55 23.25 -2.17
C PRO A 46 -1.74 24.33 -2.87
N LYS A 47 -0.66 24.77 -2.27
CA LYS A 47 0.18 25.85 -2.90
C LYS A 47 1.67 25.45 -2.90
N GLY A 48 1.98 24.20 -3.11
CA GLY A 48 3.41 23.77 -3.11
C GLY A 48 3.69 22.85 -4.31
N PRO A 49 4.91 22.94 -4.83
CA PRO A 49 5.30 22.08 -5.98
C PRO A 49 5.57 20.65 -5.51
N ILE A 50 5.81 19.76 -6.44
CA ILE A 50 6.07 18.34 -6.06
C ILE A 50 7.57 18.02 -6.11
N THR A 51 8.05 17.26 -5.16
CA THR A 51 9.49 16.88 -5.15
C THR A 51 9.62 15.36 -5.34
N GLN A 52 10.10 14.94 -6.47
CA GLN A 52 10.23 13.47 -6.73
C GLN A 52 11.65 12.98 -6.43
N MET A 53 11.79 12.15 -5.43
CA MET A 53 13.15 11.61 -5.09
C MET A 53 13.19 10.10 -5.36
N TYR A 54 12.06 9.43 -5.25
CA TYR A 54 12.03 7.96 -5.52
C TYR A 54 11.05 7.67 -6.67
N THR A 55 11.53 7.16 -7.77
CA THR A 55 10.62 6.87 -8.92
C THR A 55 11.16 5.69 -9.74
N ASN A 56 10.34 4.71 -10.04
CA ASN A 56 10.83 3.55 -10.84
C ASN A 56 9.66 2.68 -11.33
N VAL A 57 9.56 2.47 -12.62
CA VAL A 57 8.45 1.62 -13.16
C VAL A 57 8.73 0.14 -12.82
N ASP A 58 9.97 -0.27 -12.89
CA ASP A 58 10.32 -1.70 -12.59
C ASP A 58 9.81 -2.09 -11.19
N GLN A 59 9.81 -1.17 -10.27
CA GLN A 59 9.33 -1.48 -8.90
C GLN A 59 7.88 -0.97 -8.69
N ASP A 60 7.41 -0.11 -9.57
CA ASP A 60 6.01 0.44 -9.47
C ASP A 60 5.74 1.21 -8.18
N LEU A 61 6.66 2.01 -7.69
CA LEU A 61 6.36 2.83 -6.46
C LEU A 61 7.11 4.15 -6.47
N VAL A 62 6.64 5.09 -5.69
CA VAL A 62 7.28 6.43 -5.62
C VAL A 62 7.33 6.87 -4.16
N GLY A 63 8.19 7.79 -3.81
CA GLY A 63 8.27 8.22 -2.38
C GLY A 63 8.47 9.73 -2.29
N TRP A 64 7.78 10.37 -1.38
CA TRP A 64 7.91 11.84 -1.20
C TRP A 64 8.59 12.14 0.15
N GLN A 65 9.18 13.30 0.27
CA GLN A 65 9.84 13.65 1.56
C GLN A 65 8.81 13.83 2.66
N ALA A 66 8.82 12.99 3.67
CA ALA A 66 7.83 13.11 4.78
C ALA A 66 8.46 13.81 5.98
N PRO A 67 7.64 14.25 6.90
CA PRO A 67 8.16 14.94 8.12
C PRO A 67 8.84 13.93 9.05
N PRO A 68 9.96 14.32 9.64
CA PRO A 68 10.67 13.41 10.56
C PRO A 68 9.97 13.36 11.92
N GLY A 69 10.22 12.33 12.69
CA GLY A 69 9.57 12.21 14.03
C GLY A 69 8.08 11.91 13.85
N ALA A 70 7.72 11.25 12.78
CA ALA A 70 6.29 10.92 12.54
C ALA A 70 6.05 9.42 12.73
N ARG A 71 4.81 9.02 12.79
CA ARG A 71 4.50 7.56 12.98
C ARG A 71 5.09 6.74 11.83
N SER A 72 5.65 5.60 12.13
CA SER A 72 6.26 4.75 11.06
C SER A 72 5.81 3.29 11.22
N LEU A 73 5.76 2.55 10.14
CA LEU A 73 5.34 1.13 10.23
C LEU A 73 6.56 0.21 10.26
N THR A 74 6.59 -0.72 11.19
CA THR A 74 7.75 -1.65 11.30
C THR A 74 7.57 -2.83 10.34
N PRO A 75 8.67 -3.44 9.94
CA PRO A 75 8.60 -4.60 9.03
C PRO A 75 8.06 -5.84 9.75
N CYS A 76 7.62 -6.83 9.02
CA CYS A 76 7.08 -8.06 9.67
C CYS A 76 8.22 -9.00 10.06
N THR A 77 8.21 -9.48 11.28
CA THR A 77 9.29 -10.41 11.74
C THR A 77 8.69 -11.58 12.51
N CYS A 78 7.78 -12.30 11.90
CA CYS A 78 7.15 -13.46 12.60
C CYS A 78 6.83 -14.62 11.63
N GLY A 79 7.25 -14.54 10.39
CA GLY A 79 6.97 -15.64 9.41
C GLY A 79 5.49 -16.01 9.42
N SER A 80 4.62 -15.03 9.28
CA SER A 80 3.16 -15.32 9.28
C SER A 80 2.62 -15.37 7.85
N SER A 81 2.03 -16.48 7.47
CA SER A 81 1.47 -16.62 6.08
C SER A 81 0.19 -15.80 5.95
N ASP A 82 -0.64 -15.80 6.96
CA ASP A 82 -1.91 -15.03 6.90
C ASP A 82 -1.62 -13.53 6.85
N LEU A 83 -2.23 -12.83 5.92
CA LEU A 83 -2.00 -11.36 5.80
C LEU A 83 -3.32 -10.62 5.61
N TYR A 84 -3.43 -9.43 6.15
CA TYR A 84 -4.69 -8.64 6.01
C TYR A 84 -4.43 -7.38 5.19
N LEU A 85 -5.22 -7.15 4.18
CA LEU A 85 -5.03 -5.93 3.32
C LEU A 85 -6.10 -4.88 3.64
N VAL A 86 -5.73 -3.63 3.68
CA VAL A 86 -6.72 -2.55 3.97
C VAL A 86 -7.31 -2.02 2.67
N THR A 87 -8.61 -2.09 2.53
CA THR A 87 -9.26 -1.59 1.28
C THR A 87 -9.53 -0.08 1.37
N ARG A 88 -9.96 0.52 0.30
CA ARG A 88 -10.24 2.00 0.32
C ARG A 88 -11.32 2.32 1.36
N HIS A 89 -12.17 1.37 1.66
CA HIS A 89 -13.25 1.63 2.66
C HIS A 89 -12.83 1.12 4.05
N ALA A 90 -11.54 1.06 4.30
CA ALA A 90 -11.04 0.58 5.63
C ALA A 90 -11.63 -0.78 5.98
N ASP A 91 -11.75 -1.65 5.00
CA ASP A 91 -12.32 -3.02 5.26
C ASP A 91 -11.19 -4.01 5.55
N VAL A 92 -11.52 -5.13 6.12
CA VAL A 92 -10.48 -6.17 6.42
C VAL A 92 -10.67 -7.39 5.52
N ILE A 93 -9.62 -7.83 4.88
CA ILE A 93 -9.73 -9.02 3.98
C ILE A 93 -8.51 -9.95 4.18
N PRO A 94 -8.77 -11.18 4.59
CA PRO A 94 -7.66 -12.14 4.81
C PRO A 94 -7.06 -12.60 3.48
N VAL A 95 -5.77 -12.78 3.43
CA VAL A 95 -5.12 -13.25 2.17
C VAL A 95 -4.03 -14.27 2.49
N ARG A 96 -4.06 -15.41 1.83
CA ARG A 96 -3.04 -16.46 2.09
C ARG A 96 -1.79 -16.20 1.25
N ARG A 97 -0.63 -16.19 1.89
CA ARG A 97 0.63 -15.94 1.12
C ARG A 97 1.01 -17.16 0.29
N ARG A 98 1.40 -16.96 -0.94
CA ARG A 98 1.78 -18.10 -1.83
C ARG A 98 3.04 -17.76 -2.62
N GLY A 99 3.87 -16.88 -2.09
CA GLY A 99 5.12 -16.50 -2.82
C GLY A 99 5.80 -15.34 -2.09
N ASP A 100 6.90 -14.88 -2.61
CA ASP A 100 7.63 -13.74 -1.94
C ASP A 100 6.84 -12.44 -2.09
N SER A 101 6.24 -12.22 -3.24
CA SER A 101 5.45 -10.96 -3.45
C SER A 101 4.08 -11.27 -4.04
N ARG A 102 3.53 -12.42 -3.75
CA ARG A 102 2.19 -12.78 -4.31
C ARG A 102 1.43 -13.68 -3.32
N GLY A 103 0.13 -13.75 -3.46
CA GLY A 103 -0.68 -14.60 -2.53
C GLY A 103 -2.04 -14.91 -3.17
N SER A 104 -2.95 -15.49 -2.42
CA SER A 104 -4.29 -15.81 -2.98
C SER A 104 -5.39 -15.21 -2.10
N LEU A 105 -6.59 -15.14 -2.61
CA LEU A 105 -7.71 -14.55 -1.81
C LEU A 105 -8.82 -15.60 -1.61
N LEU A 106 -9.21 -15.84 -0.39
CA LEU A 106 -10.29 -16.85 -0.12
C LEU A 106 -11.57 -16.45 -0.83
N SER A 107 -11.99 -15.21 -0.67
CA SER A 107 -13.25 -14.75 -1.32
C SER A 107 -12.92 -14.13 -2.70
N PRO A 108 -13.36 -14.77 -3.76
CA PRO A 108 -13.09 -14.24 -5.12
C PRO A 108 -13.95 -13.01 -5.41
N ARG A 109 -13.36 -11.84 -5.41
CA ARG A 109 -14.13 -10.60 -5.68
C ARG A 109 -13.72 -10.01 -7.04
N PRO A 110 -14.65 -9.35 -7.70
CA PRO A 110 -14.35 -8.75 -9.02
C PRO A 110 -13.40 -7.55 -8.88
N VAL A 111 -12.60 -7.29 -9.88
CA VAL A 111 -11.65 -6.12 -9.83
C VAL A 111 -12.42 -4.84 -9.47
N SER A 112 -13.68 -4.77 -9.85
CA SER A 112 -14.49 -3.55 -9.54
C SER A 112 -14.62 -3.33 -8.03
N TYR A 113 -14.82 -4.39 -7.27
CA TYR A 113 -14.96 -4.24 -5.80
C TYR A 113 -13.62 -3.80 -5.19
N LEU A 114 -12.55 -4.35 -5.68
CA LEU A 114 -11.20 -4.00 -5.17
C LEU A 114 -10.59 -2.87 -6.01
N LYS A 115 -11.40 -2.15 -6.76
CA LYS A 115 -10.83 -1.07 -7.63
C LYS A 115 -10.55 0.21 -6.87
N GLY A 116 -9.30 0.56 -6.83
CA GLY A 116 -8.89 1.81 -6.12
C GLY A 116 -8.34 1.45 -4.74
N SER A 117 -7.62 0.36 -4.66
CA SER A 117 -7.03 -0.05 -3.36
C SER A 117 -5.50 -0.09 -3.45
N SER A 118 -4.92 0.60 -4.40
CA SER A 118 -3.42 0.59 -4.52
C SER A 118 -2.82 1.40 -3.37
N GLY A 119 -1.86 0.84 -2.67
CA GLY A 119 -1.24 1.57 -1.52
C GLY A 119 -1.65 0.92 -0.20
N GLY A 120 -2.78 0.25 -0.18
CA GLY A 120 -3.25 -0.42 1.08
C GLY A 120 -2.16 -1.38 1.59
N PRO A 121 -1.53 -1.04 2.70
CA PRO A 121 -0.46 -1.92 3.25
C PRO A 121 -1.05 -3.20 3.84
N LEU A 122 -0.32 -4.28 3.77
CA LEU A 122 -0.80 -5.57 4.32
C LEU A 122 -0.20 -5.79 5.71
N LEU A 123 -1.03 -5.90 6.72
CA LEU A 123 -0.51 -6.11 8.11
C LEU A 123 -0.75 -7.55 8.56
N CYS A 124 0.31 -8.25 8.88
CA CYS A 124 0.18 -9.66 9.35
C CYS A 124 -0.61 -9.70 10.68
N PRO A 125 -1.11 -10.86 11.05
CA PRO A 125 -1.87 -10.98 12.32
C PRO A 125 -0.98 -10.73 13.54
N SER A 126 0.32 -10.77 13.36
CA SER A 126 1.25 -10.52 14.51
C SER A 126 1.18 -9.04 14.93
N GLY A 127 0.85 -8.16 14.02
CA GLY A 127 0.75 -6.71 14.37
C GLY A 127 1.93 -5.96 13.74
N HIS A 128 2.25 -6.25 12.51
CA HIS A 128 3.38 -5.55 11.84
C HIS A 128 3.08 -5.34 10.36
N ALA A 129 3.74 -4.40 9.73
CA ALA A 129 3.50 -4.14 8.28
C ALA A 129 4.21 -5.19 7.43
N VAL A 130 3.66 -5.52 6.29
CA VAL A 130 4.31 -6.54 5.40
C VAL A 130 4.66 -5.92 4.05
N GLY A 131 3.67 -5.46 3.31
CA GLY A 131 3.95 -4.85 1.97
C GLY A 131 2.79 -3.92 1.59
N ILE A 132 2.63 -3.66 0.32
CA ILE A 132 1.54 -2.75 -0.14
C ILE A 132 0.86 -3.36 -1.38
N PHE A 133 -0.43 -3.17 -1.52
CA PHE A 133 -1.15 -3.72 -2.71
C PHE A 133 -0.60 -3.09 -3.98
N ARG A 134 -0.72 -3.77 -5.10
CA ARG A 134 -0.18 -3.20 -6.36
C ARG A 134 -1.13 -3.48 -7.52
N ALA A 135 -1.28 -4.72 -7.89
CA ALA A 135 -2.19 -5.06 -9.02
C ALA A 135 -3.16 -6.17 -8.65
N ALA A 136 -4.35 -6.08 -9.14
CA ALA A 136 -5.37 -7.14 -8.86
C ALA A 136 -5.35 -8.16 -9.99
N VAL A 137 -5.23 -9.42 -9.65
CA VAL A 137 -5.15 -10.48 -10.71
C VAL A 137 -6.50 -11.15 -10.94
N CYS A 138 -7.02 -11.07 -12.14
CA CYS A 138 -8.33 -11.72 -12.44
C CYS A 138 -8.32 -12.36 -13.84
N THR A 139 -9.19 -13.30 -14.08
CA THR A 139 -9.24 -13.95 -15.42
C THR A 139 -10.24 -13.19 -16.31
N ARG A 140 -11.47 -13.08 -15.88
CA ARG A 140 -12.49 -12.33 -16.67
C ARG A 140 -13.09 -11.21 -15.82
N GLY A 141 -12.28 -10.60 -15.00
CA GLY A 141 -12.78 -9.50 -14.11
C GLY A 141 -12.92 -10.04 -12.67
N VAL A 142 -12.83 -11.33 -12.47
CA VAL A 142 -12.94 -11.89 -11.09
C VAL A 142 -11.54 -12.01 -10.48
N ALA A 143 -11.32 -11.41 -9.33
CA ALA A 143 -9.97 -11.49 -8.70
C ALA A 143 -9.84 -12.73 -7.83
N LYS A 144 -8.90 -13.58 -8.15
CA LYS A 144 -8.68 -14.83 -7.36
C LYS A 144 -7.37 -14.73 -6.57
N ALA A 145 -6.42 -13.98 -7.10
CA ALA A 145 -5.10 -13.84 -6.39
C ALA A 145 -4.72 -12.36 -6.27
N VAL A 146 -3.73 -12.05 -5.48
CA VAL A 146 -3.31 -10.62 -5.32
C VAL A 146 -1.78 -10.51 -5.28
N ASP A 147 -1.23 -9.48 -5.87
CA ASP A 147 0.26 -9.31 -5.88
C ASP A 147 0.67 -8.04 -5.13
N PHE A 148 1.69 -8.12 -4.32
CA PHE A 148 2.16 -6.91 -3.56
C PHE A 148 3.68 -6.96 -3.36
N VAL A 149 4.29 -5.83 -3.07
CA VAL A 149 5.77 -5.79 -2.86
C VAL A 149 6.07 -5.58 -1.36
N PRO A 150 7.11 -6.21 -0.87
CA PRO A 150 7.47 -6.08 0.56
C PRO A 150 8.10 -4.71 0.83
N VAL A 151 8.48 -4.45 2.06
CA VAL A 151 9.10 -3.13 2.41
C VAL A 151 10.63 -3.25 2.36
N GLU A 152 11.15 -4.42 2.60
CA GLU A 152 12.64 -4.61 2.57
C GLU A 152 13.20 -4.25 1.19
N SER A 153 12.45 -4.53 0.15
CA SER A 153 12.94 -4.22 -1.22
C SER A 153 13.18 -2.72 -1.38
N MET A 154 12.41 -1.90 -0.70
CA MET A 154 12.59 -0.42 -0.81
C MET A 154 13.88 0.03 -0.13
N GLU A 155 14.33 -0.71 0.87
CA GLU A 155 15.59 -0.32 1.59
C GLU A 155 16.76 -0.21 0.60
N THR A 156 16.87 -1.14 -0.31
CA THR A 156 17.99 -1.09 -1.30
C THR A 156 17.76 0.08 -2.27
N THR A 157 16.53 0.28 -2.68
CA THR A 157 16.23 1.41 -3.61
C THR A 157 16.34 2.76 -2.89
N MET A 158 15.99 2.80 -1.64
CA MET A 158 16.07 4.08 -0.87
C MET A 158 17.51 4.59 -0.84
N ARG A 159 18.47 3.71 -0.69
CA ARG A 159 19.90 4.15 -0.66
C ARG A 159 20.27 4.83 -1.98
N ALA A 160 19.79 4.32 -3.07
CA ALA A 160 20.10 4.95 -4.40
C ALA A 160 19.58 6.38 -4.45
O1 4P2 B . -0.50 -2.93 -14.00
C8 4P2 B . -2.76 -7.65 -13.65
O9 4P2 B . -2.53 -8.95 -13.24
C10 4P2 B . -1.17 -9.49 -13.34
C11 4P2 B . -1.30 -11.01 -13.56
C12 4P2 B . -0.22 -11.64 -12.70
C13 4P2 B . -0.21 -10.75 -11.47
C14 4P2 B . -0.38 -9.31 -12.00
C15 4P2 B . 1.00 -8.61 -12.10
C16 4P2 B . 0.96 -7.15 -12.54
C17 4P2 B . 2.31 -6.46 -12.26
C18 4P2 B . 2.38 -5.03 -12.81
C19 4P2 B . 1.43 -4.03 -12.14
C20 4P2 B . 1.58 -2.68 -12.81
N21 4P2 B . 2.80 -2.03 -12.51
C22 4P2 B . 3.19 -0.89 -13.20
C23 4P2 B . 4.45 -0.24 -12.90
C24 4P2 B . 4.88 0.96 -13.60
C25 4P2 B . 4.06 1.54 -14.65
C26 4P2 B . 2.78 0.91 -14.99
C27 4P2 B . 2.33 -0.31 -14.28
C28 4P2 B . 1.08 -0.99 -14.56
C29 4P2 B . 0.66 -2.20 -13.83
O38 4P2 B . -1.93 -6.87 -14.11
C5 4P2 B . -4.06 -4.95 -12.77
C6 4P2 B . -4.60 -5.95 -13.85
N7 4P2 B . -4.10 -7.31 -13.47
O32 4P2 B . -4.29 -5.17 -11.60
C33 4P2 B . -6.17 -5.90 -13.83
C34 4P2 B . -6.85 -6.87 -14.82
C35 4P2 B . -8.25 -6.30 -15.06
C36 4P2 B . -8.21 -4.85 -14.66
C37 4P2 B . -6.78 -4.54 -14.30
N4 4P2 B . -3.39 -3.78 -13.13
C31 4P2 B . -2.98 -2.78 -12.10
C39 4P2 B . -4.23 -2.25 -11.33
O40 4P2 B . -5.35 -2.21 -11.88
C30 4P2 B . -2.33 -1.65 -12.93
C2 4P2 B . -1.81 -2.33 -14.20
C3 4P2 B . -2.80 -3.48 -14.43
N41 4P2 B . -4.05 -1.87 -9.99
C42 4P2 B . -5.18 -1.42 -9.15
C43 4P2 B . -6.16 -2.57 -8.72
C44 4P2 B . -5.23 -1.95 -7.72
C47 4P2 B . -7.60 -2.34 -8.62
C48 4P2 B . -8.52 -3.27 -8.84
C45 4P2 B . -5.66 0.05 -9.35
O46 4P2 B . -6.82 0.38 -9.13
N49 4P2 B . -4.69 0.93 -9.80
S 4P2 B . -4.90 2.54 -10.08
O51 4P2 B . -3.82 2.96 -10.96
O52 4P2 B . -6.29 2.77 -10.42
C53 4P2 B . -4.55 3.35 -8.50
C54 4P2 B . -5.47 4.51 -8.16
C55 4P2 B . -5.59 3.19 -7.44
H2 4P2 B . -1.81 -1.68 -15.09
H10 4P2 B . -0.64 -9.08 -14.20
H111 4P2 B . -1.16 -11.27 -14.60
H112 4P2 B . -2.28 -11.36 -13.24
H122 4P2 B . 0.75 -11.59 -13.22
H121 4P2 B . -0.43 -12.68 -12.46
H132 4P2 B . 0.70 -10.90 -10.87
H131 4P2 B . -1.05 -11.00 -10.82
H14 4P2 B . -1.00 -8.75 -11.28
H151 4P2 B . 1.48 -8.65 -11.11
H152 4P2 B . 1.67 -9.16 -12.78
H162 4P2 B . 0.76 -7.09 -13.61
H161 4P2 B . 0.17 -6.59 -12.01
H171 4P2 B . 3.11 -7.03 -12.75
H172 4P2 B . 2.52 -6.46 -11.18
H182 4P2 B . 3.41 -4.67 -12.68
H181 4P2 B . 2.19 -5.05 -13.90
H191 4P2 B . 1.69 -3.94 -11.07
H192 4P2 B . 0.40 -4.37 -12.18
H23 4P2 B . 5.08 -0.65 -12.11
H24 4P2 B . 5.83 1.42 -13.35
H25 4P2 B . 4.40 2.43 -15.17
H26 4P2 B . 2.17 1.35 -15.77
H28 4P2 B . 0.45 -0.58 -15.34
H6 4P2 B . -4.23 -5.75 -14.86
H7 4P2 B . -4.69 -8.00 -13.05
H33 4P2 B . -6.54 -6.13 -12.82
H341 4P2 B . -6.30 -6.91 -15.77
H342 4P2 B . -6.91 -7.89 -14.41
H352 4P2 B . -8.99 -6.83 -14.45
H351 4P2 B . -8.55 -6.43 -16.10
H361 4P2 B . -8.86 -4.68 -13.79
H362 4P2 B . -8.58 -4.19 -15.45
H371 4P2 B . -6.71 -3.77 -13.53
H372 4P2 B . -6.25 -4.17 -15.19
H31 4P2 B . -2.29 -3.29 -11.42
H302 4P2 B . -1.54 -1.15 -12.35
H301 4P2 B . -3.07 -0.87 -13.21
H32 4P2 B . -2.31 -4.36 -14.85
H31A 4P2 B . -3.62 -3.17 -15.09
H41 4P2 B . -3.13 -1.94 -9.56
H43 4P2 B . -5.93 -3.56 -9.07
H442 4P2 B . -4.40 -2.57 -7.38
H441 4P2 B . -5.62 -1.31 -6.94
H47 4P2 B . -7.94 -1.35 -8.34
H482 4P2 B . -8.25 -4.27 -9.03
H481 4P2 B . -9.58 -3.03 -8.83
H53 4P2 B . -3.51 3.41 -8.21
H541 4P2 B . -5.04 5.34 -7.63
H542 4P2 B . -6.26 4.78 -8.85
H552 4P2 B . -5.25 3.14 -6.40
H551 4P2 B . -6.45 2.57 -7.64
ZN ZN C . 3.97 -9.78 11.60
N THR A 1 -5.55 28.32 2.47
CA THR A 1 -4.35 27.94 3.25
C THR A 1 -4.58 28.14 4.75
N GLY A 2 -5.73 27.72 5.23
CA GLY A 2 -6.03 27.88 6.68
C GLY A 2 -6.51 26.55 7.26
N ARG A 3 -6.08 25.44 6.69
CA ARG A 3 -6.50 24.11 7.22
C ARG A 3 -5.35 23.12 7.10
N ASP A 4 -4.18 23.49 7.56
CA ASP A 4 -3.00 22.57 7.48
C ASP A 4 -3.16 21.40 8.45
N LYS A 5 -4.01 21.54 9.45
CA LYS A 5 -4.22 20.42 10.44
C LYS A 5 -2.87 20.02 11.05
N ASN A 6 -1.98 20.97 11.22
CA ASN A 6 -0.63 20.68 11.81
C ASN A 6 0.09 19.58 11.04
N GLN A 7 -0.30 19.33 9.81
CA GLN A 7 0.38 18.27 8.98
C GLN A 7 0.50 16.95 9.77
N VAL A 8 -0.51 16.13 9.76
CA VAL A 8 -0.44 14.84 10.51
C VAL A 8 -0.59 13.66 9.55
N GLU A 9 0.00 12.53 9.89
CA GLU A 9 -0.10 11.34 9.00
C GLU A 9 -0.28 10.07 9.85
N GLY A 10 -0.78 9.02 9.25
CA GLY A 10 -0.99 7.75 10.01
C GLY A 10 -0.53 6.57 9.16
N GLU A 11 -0.82 5.36 9.59
CA GLU A 11 -0.41 4.15 8.81
C GLU A 11 -1.02 4.19 7.41
N VAL A 12 -2.25 4.61 7.30
CA VAL A 12 -2.91 4.68 5.95
C VAL A 12 -3.74 5.97 5.86
N GLN A 13 -3.73 6.61 4.71
CA GLN A 13 -4.50 7.86 4.53
C GLN A 13 -5.28 7.83 3.21
N VAL A 14 -6.39 8.51 3.16
CA VAL A 14 -7.22 8.52 1.90
C VAL A 14 -6.84 9.73 1.05
N VAL A 15 -6.36 9.51 -0.15
CA VAL A 15 -5.99 10.64 -1.05
C VAL A 15 -6.55 10.41 -2.46
N SER A 16 -7.21 11.39 -3.01
CA SER A 16 -7.80 11.23 -4.38
C SER A 16 -7.16 12.23 -5.34
N THR A 17 -7.16 11.92 -6.62
CA THR A 17 -6.55 12.83 -7.62
C THR A 17 -7.62 13.34 -8.59
N ALA A 18 -7.24 14.14 -9.54
CA ALA A 18 -8.23 14.70 -10.51
C ALA A 18 -8.71 13.62 -11.49
N THR A 19 -7.90 12.62 -11.74
CA THR A 19 -8.32 11.55 -12.70
C THR A 19 -8.39 10.18 -12.02
N GLN A 20 -7.62 9.97 -10.99
CA GLN A 20 -7.64 8.64 -10.28
C GLN A 20 -7.54 8.86 -8.77
N SER A 21 -7.71 7.81 -8.00
CA SER A 21 -7.62 7.96 -6.52
C SER A 21 -6.96 6.72 -5.90
N PHE A 22 -5.84 6.90 -5.24
CA PHE A 22 -5.15 5.75 -4.59
C PHE A 22 -4.86 6.08 -3.12
N LEU A 23 -4.29 5.15 -2.40
CA LEU A 23 -3.98 5.41 -0.96
C LEU A 23 -2.47 5.38 -0.72
N ALA A 24 -2.01 5.96 0.36
CA ALA A 24 -0.55 5.97 0.65
C ALA A 24 -0.26 5.48 2.07
N THR A 25 0.91 4.94 2.30
CA THR A 25 1.25 4.44 3.66
C THR A 25 2.63 4.98 4.09
N CYS A 26 2.79 5.29 5.35
CA CYS A 26 4.11 5.82 5.82
C CYS A 26 4.99 4.67 6.35
N VAL A 27 6.15 4.50 5.78
CA VAL A 27 7.07 3.42 6.23
C VAL A 27 8.48 3.96 6.47
N ASN A 28 9.10 3.56 7.56
CA ASN A 28 10.49 4.01 7.91
C ASN A 28 10.69 5.52 7.69
N GLY A 29 9.67 6.31 7.92
CA GLY A 29 9.82 7.79 7.75
C GLY A 29 9.48 8.23 6.32
N VAL A 30 9.60 7.35 5.36
CA VAL A 30 9.29 7.73 3.95
C VAL A 30 7.97 7.09 3.50
N CYS A 31 7.07 7.87 2.96
CA CYS A 31 5.76 7.32 2.51
C CYS A 31 5.92 6.69 1.11
N TRP A 32 5.43 5.49 0.93
CA TRP A 32 5.56 4.81 -0.40
C TRP A 32 4.18 4.55 -1.00
N THR A 33 4.05 4.79 -2.28
CA THR A 33 2.73 4.56 -2.96
C THR A 33 2.97 3.86 -4.31
N VAL A 34 1.92 3.60 -5.05
CA VAL A 34 2.07 2.94 -6.37
C VAL A 34 2.49 3.97 -7.43
N TYR A 35 3.36 3.59 -8.34
CA TYR A 35 3.82 4.54 -9.39
C TYR A 35 2.83 4.57 -10.58
N HIS A 36 2.35 3.41 -11.00
CA HIS A 36 1.43 3.39 -12.17
C HIS A 36 0.20 4.30 -11.95
N GLY A 37 -0.09 4.62 -10.72
CA GLY A 37 -1.24 5.53 -10.43
C GLY A 37 -0.84 6.96 -10.83
N ALA A 38 0.14 7.51 -10.16
CA ALA A 38 0.61 8.89 -10.49
C ALA A 38 1.67 8.82 -11.60
N GLY A 39 2.80 8.20 -11.30
CA GLY A 39 3.88 8.07 -12.32
C GLY A 39 4.35 9.44 -12.80
N SER A 40 3.85 9.89 -13.93
CA SER A 40 4.28 11.21 -14.48
C SER A 40 4.22 12.32 -13.42
N LYS A 41 3.05 12.82 -13.12
CA LYS A 41 2.94 13.90 -12.09
C LYS A 41 3.30 13.37 -10.71
N THR A 42 3.41 14.24 -9.74
CA THR A 42 3.77 13.80 -8.35
C THR A 42 2.60 14.05 -7.40
N LEU A 43 2.64 13.46 -6.23
CA LEU A 43 1.54 13.65 -5.25
C LEU A 43 2.09 13.74 -3.83
N ALA A 44 1.74 14.78 -3.11
CA ALA A 44 2.24 14.92 -1.71
C ALA A 44 1.20 15.61 -0.84
N GLY A 45 0.59 14.88 0.07
CA GLY A 45 -0.44 15.49 0.96
C GLY A 45 -1.57 16.12 0.12
N PRO A 46 -2.62 16.53 0.78
CA PRO A 46 -3.77 17.17 0.06
C PRO A 46 -3.42 18.59 -0.41
N LYS A 47 -2.25 19.09 -0.07
CA LYS A 47 -1.88 20.48 -0.51
C LYS A 47 -1.64 20.54 -2.03
N GLY A 48 -1.16 19.47 -2.61
CA GLY A 48 -0.92 19.49 -4.09
C GLY A 48 0.35 18.69 -4.43
N PRO A 49 0.71 18.69 -5.71
CA PRO A 49 1.93 17.95 -6.14
C PRO A 49 3.20 18.72 -5.79
N ILE A 50 4.32 18.04 -5.79
CA ILE A 50 5.62 18.71 -5.47
C ILE A 50 6.77 18.02 -6.22
N THR A 51 7.98 18.16 -5.76
CA THR A 51 9.13 17.50 -6.45
C THR A 51 9.19 16.01 -6.08
N GLN A 52 9.49 15.16 -7.04
CA GLN A 52 9.56 13.69 -6.75
C GLN A 52 11.00 13.27 -6.47
N MET A 53 11.19 12.31 -5.59
CA MET A 53 12.58 11.84 -5.28
C MET A 53 12.74 10.36 -5.63
N TYR A 54 11.74 9.55 -5.38
CA TYR A 54 11.83 8.10 -5.71
C TYR A 54 10.86 7.77 -6.86
N THR A 55 11.36 7.27 -7.96
CA THR A 55 10.48 6.94 -9.12
C THR A 55 11.06 5.75 -9.90
N ASN A 56 10.24 4.75 -10.17
CA ASN A 56 10.76 3.55 -10.93
C ASN A 56 9.62 2.65 -11.41
N VAL A 57 9.47 2.50 -12.72
CA VAL A 57 8.38 1.60 -13.24
C VAL A 57 8.75 0.14 -12.97
N ASP A 58 10.02 -0.19 -13.05
CA ASP A 58 10.45 -1.61 -12.81
C ASP A 58 9.96 -2.09 -11.44
N GLN A 59 9.94 -1.21 -10.47
CA GLN A 59 9.47 -1.59 -9.11
C GLN A 59 8.07 -0.99 -8.83
N ASP A 60 7.59 -0.12 -9.69
CA ASP A 60 6.25 0.52 -9.47
C ASP A 60 6.19 1.16 -8.09
N LEU A 61 7.22 1.85 -7.69
CA LEU A 61 7.21 2.47 -6.33
C LEU A 61 7.69 3.92 -6.37
N VAL A 62 7.05 4.75 -5.59
CA VAL A 62 7.42 6.20 -5.51
C VAL A 62 7.19 6.67 -4.07
N GLY A 63 7.89 7.68 -3.63
CA GLY A 63 7.71 8.16 -2.23
C GLY A 63 8.29 9.57 -2.08
N TRP A 64 8.03 10.18 -0.96
CA TRP A 64 8.55 11.57 -0.71
C TRP A 64 9.09 11.65 0.73
N GLN A 65 9.81 12.69 1.05
CA GLN A 65 10.36 12.83 2.43
C GLN A 65 9.27 13.32 3.39
N ALA A 66 8.99 12.56 4.42
CA ALA A 66 7.95 12.96 5.40
C ALA A 66 8.56 13.85 6.50
N PRO A 67 7.72 14.38 7.36
CA PRO A 67 8.21 15.25 8.46
C PRO A 67 8.94 14.40 9.52
N PRO A 68 10.01 14.94 10.07
CA PRO A 68 10.77 14.20 11.10
C PRO A 68 10.03 14.23 12.44
N GLY A 69 10.25 13.25 13.28
CA GLY A 69 9.56 13.22 14.61
C GLY A 69 8.37 12.27 14.54
N ALA A 70 7.79 12.10 13.37
CA ALA A 70 6.61 11.19 13.24
C ALA A 70 7.07 9.73 13.29
N ARG A 71 6.28 8.87 13.90
CA ARG A 71 6.67 7.44 13.99
C ARG A 71 6.37 6.72 12.66
N SER A 72 7.00 5.59 12.44
CA SER A 72 6.77 4.85 11.17
C SER A 72 6.34 3.40 11.47
N LEU A 73 5.71 2.74 10.52
CA LEU A 73 5.27 1.34 10.76
C LEU A 73 6.47 0.38 10.67
N THR A 74 6.45 -0.68 11.43
CA THR A 74 7.59 -1.65 11.40
C THR A 74 7.30 -2.76 10.36
N PRO A 75 8.33 -3.21 9.68
CA PRO A 75 8.15 -4.29 8.67
C PRO A 75 7.84 -5.62 9.35
N CYS A 76 7.38 -6.59 8.59
CA CYS A 76 7.06 -7.92 9.19
C CYS A 76 8.34 -8.60 9.70
N THR A 77 8.26 -9.25 10.83
CA THR A 77 9.46 -9.94 11.39
C THR A 77 9.08 -11.34 11.88
N CYS A 78 8.22 -12.01 11.15
CA CYS A 78 7.79 -13.39 11.57
C CYS A 78 7.56 -14.33 10.37
N GLY A 79 7.58 -13.83 9.16
CA GLY A 79 7.36 -14.71 7.97
C GLY A 79 6.03 -15.46 8.09
N SER A 80 5.04 -14.84 8.68
CA SER A 80 3.71 -15.51 8.85
C SER A 80 2.97 -15.56 7.50
N SER A 81 2.02 -16.46 7.38
CA SER A 81 1.24 -16.57 6.11
C SER A 81 -0.05 -15.77 6.19
N ASP A 82 -0.64 -15.70 7.36
CA ASP A 82 -1.91 -14.93 7.52
C ASP A 82 -1.64 -13.43 7.40
N LEU A 83 -2.26 -12.77 6.45
CA LEU A 83 -2.04 -11.31 6.28
C LEU A 83 -3.38 -10.58 6.18
N TYR A 84 -3.42 -9.34 6.61
CA TYR A 84 -4.69 -8.55 6.54
C TYR A 84 -4.50 -7.37 5.58
N LEU A 85 -5.41 -7.19 4.66
CA LEU A 85 -5.29 -6.05 3.69
C LEU A 85 -6.37 -5.00 3.94
N VAL A 86 -6.03 -3.75 3.77
CA VAL A 86 -7.04 -2.66 3.98
C VAL A 86 -7.50 -2.12 2.62
N THR A 87 -8.79 -2.04 2.41
CA THR A 87 -9.31 -1.53 1.10
C THR A 87 -9.84 -0.11 1.24
N ARG A 88 -10.12 0.53 0.13
CA ARG A 88 -10.64 1.94 0.16
C ARG A 88 -11.97 1.99 0.94
N HIS A 89 -12.65 0.87 1.07
CA HIS A 89 -13.96 0.88 1.81
C HIS A 89 -13.74 0.55 3.30
N ALA A 90 -12.53 0.71 3.80
CA ALA A 90 -12.25 0.42 5.24
C ALA A 90 -12.72 -0.99 5.62
N ASP A 91 -12.58 -1.93 4.71
CA ASP A 91 -13.01 -3.33 5.00
C ASP A 91 -11.79 -4.19 5.35
N VAL A 92 -11.97 -5.18 6.18
CA VAL A 92 -10.84 -6.06 6.57
C VAL A 92 -11.02 -7.45 5.95
N ILE A 93 -10.00 -7.94 5.29
CA ILE A 93 -10.09 -9.30 4.66
C ILE A 93 -8.78 -10.08 4.87
N PRO A 94 -8.90 -11.36 5.16
CA PRO A 94 -7.68 -12.18 5.39
C PRO A 94 -7.06 -12.59 4.04
N VAL A 95 -5.77 -12.79 4.02
CA VAL A 95 -5.09 -13.20 2.75
C VAL A 95 -4.07 -14.30 3.03
N ARG A 96 -4.05 -15.33 2.23
CA ARG A 96 -3.08 -16.44 2.44
C ARG A 96 -1.80 -16.18 1.63
N ARG A 97 -0.66 -16.39 2.23
CA ARG A 97 0.63 -16.15 1.51
C ARG A 97 0.97 -17.36 0.63
N ARG A 98 1.25 -17.13 -0.63
CA ARG A 98 1.59 -18.26 -1.55
C ARG A 98 2.92 -17.95 -2.28
N GLY A 99 3.72 -17.06 -1.74
CA GLY A 99 5.01 -16.71 -2.40
C GLY A 99 5.60 -15.47 -1.74
N ASP A 100 6.82 -15.13 -2.06
CA ASP A 100 7.45 -13.91 -1.44
C ASP A 100 6.64 -12.66 -1.80
N SER A 101 6.33 -12.48 -3.06
CA SER A 101 5.53 -11.29 -3.48
C SER A 101 4.16 -11.73 -4.04
N ARG A 102 4.00 -13.00 -4.35
CA ARG A 102 2.71 -13.49 -4.89
C ARG A 102 1.84 -14.06 -3.76
N GLY A 103 0.57 -13.75 -3.76
CA GLY A 103 -0.33 -14.27 -2.68
C GLY A 103 -1.69 -14.65 -3.26
N SER A 104 -2.57 -15.16 -2.44
CA SER A 104 -3.92 -15.56 -2.94
C SER A 104 -5.01 -14.99 -2.02
N LEU A 105 -6.24 -15.00 -2.47
CA LEU A 105 -7.36 -14.46 -1.63
C LEU A 105 -8.40 -15.55 -1.40
N LEU A 106 -8.92 -15.64 -0.20
CA LEU A 106 -9.95 -16.68 0.11
C LEU A 106 -11.26 -16.35 -0.62
N SER A 107 -11.78 -15.17 -0.42
CA SER A 107 -13.05 -14.77 -1.10
C SER A 107 -12.72 -14.05 -2.43
N PRO A 108 -12.99 -14.70 -3.54
CA PRO A 108 -12.70 -14.08 -4.85
C PRO A 108 -13.73 -12.99 -5.19
N ARG A 109 -13.27 -11.79 -5.39
CA ARG A 109 -14.19 -10.66 -5.73
C ARG A 109 -13.79 -10.06 -7.08
N PRO A 110 -14.74 -9.45 -7.77
CA PRO A 110 -14.44 -8.84 -9.09
C PRO A 110 -13.51 -7.64 -8.96
N VAL A 111 -12.71 -7.38 -9.96
CA VAL A 111 -11.76 -6.20 -9.91
C VAL A 111 -12.56 -4.92 -9.58
N SER A 112 -13.80 -4.85 -9.98
CA SER A 112 -14.62 -3.64 -9.72
C SER A 112 -14.75 -3.36 -8.21
N TYR A 113 -14.94 -4.39 -7.41
CA TYR A 113 -15.06 -4.17 -5.94
C TYR A 113 -13.72 -3.72 -5.37
N LEU A 114 -12.65 -4.31 -5.85
CA LEU A 114 -11.29 -3.93 -5.35
C LEU A 114 -10.69 -2.83 -6.25
N LYS A 115 -11.51 -2.14 -7.02
CA LYS A 115 -10.97 -1.08 -7.91
C LYS A 115 -10.74 0.22 -7.17
N GLY A 116 -9.49 0.58 -7.10
CA GLY A 116 -9.12 1.85 -6.39
C GLY A 116 -8.61 1.53 -4.99
N SER A 117 -8.02 0.37 -4.81
CA SER A 117 -7.50 0.00 -3.47
C SER A 117 -5.97 -0.02 -3.48
N SER A 118 -5.34 0.63 -4.45
CA SER A 118 -3.85 0.63 -4.49
C SER A 118 -3.30 1.36 -3.26
N GLY A 119 -2.18 0.92 -2.75
CA GLY A 119 -1.61 1.60 -1.55
C GLY A 119 -2.03 0.86 -0.28
N GLY A 120 -3.12 0.11 -0.33
CA GLY A 120 -3.59 -0.64 0.88
C GLY A 120 -2.45 -1.54 1.39
N PRO A 121 -1.89 -1.19 2.55
CA PRO A 121 -0.78 -2.00 3.11
C PRO A 121 -1.30 -3.30 3.72
N LEU A 122 -0.50 -4.33 3.70
CA LEU A 122 -0.92 -5.63 4.29
C LEU A 122 -0.29 -5.77 5.69
N LEU A 123 -1.09 -5.73 6.72
CA LEU A 123 -0.54 -5.85 8.10
C LEU A 123 -0.66 -7.29 8.61
N CYS A 124 0.35 -7.76 9.30
CA CYS A 124 0.32 -9.15 9.85
C CYS A 124 -0.59 -9.21 11.07
N PRO A 125 -0.82 -10.40 11.60
CA PRO A 125 -1.69 -10.54 12.79
C PRO A 125 -1.01 -9.93 14.02
N SER A 126 0.30 -9.93 14.04
CA SER A 126 1.03 -9.34 15.21
C SER A 126 0.87 -7.81 15.21
N GLY A 127 0.84 -7.21 14.06
CA GLY A 127 0.69 -5.73 13.98
C GLY A 127 1.91 -5.12 13.28
N HIS A 128 2.41 -5.77 12.27
CA HIS A 128 3.60 -5.23 11.54
C HIS A 128 3.29 -5.09 10.05
N ALA A 129 3.71 -3.99 9.45
CA ALA A 129 3.45 -3.79 7.99
C ALA A 129 4.21 -4.83 7.16
N VAL A 130 3.59 -5.34 6.13
CA VAL A 130 4.26 -6.37 5.28
C VAL A 130 4.57 -5.78 3.90
N GLY A 131 3.57 -5.29 3.21
CA GLY A 131 3.80 -4.70 1.85
C GLY A 131 2.62 -3.81 1.46
N ILE A 132 2.53 -3.47 0.19
CA ILE A 132 1.42 -2.60 -0.28
C ILE A 132 0.76 -3.21 -1.52
N PHE A 133 -0.54 -3.09 -1.66
CA PHE A 133 -1.23 -3.67 -2.85
C PHE A 133 -0.69 -3.02 -4.13
N ARG A 134 -0.64 -3.77 -5.20
CA ARG A 134 -0.14 -3.21 -6.49
C ARG A 134 -1.14 -3.48 -7.62
N ALA A 135 -1.24 -4.73 -8.02
CA ALA A 135 -2.18 -5.07 -9.12
C ALA A 135 -3.14 -6.18 -8.71
N ALA A 136 -4.35 -6.10 -9.18
CA ALA A 136 -5.36 -7.15 -8.86
C ALA A 136 -5.35 -8.19 -9.99
N VAL A 137 -5.23 -9.45 -9.64
CA VAL A 137 -5.16 -10.52 -10.69
C VAL A 137 -6.51 -11.20 -10.91
N CYS A 138 -7.03 -11.14 -12.11
CA CYS A 138 -8.34 -11.82 -12.39
C CYS A 138 -8.32 -12.47 -13.77
N THR A 139 -8.83 -13.67 -13.88
CA THR A 139 -8.86 -14.37 -15.22
C THR A 139 -9.89 -13.70 -16.13
N ARG A 140 -11.04 -13.37 -15.60
CA ARG A 140 -12.09 -12.71 -16.42
C ARG A 140 -12.80 -11.62 -15.60
N GLY A 141 -12.05 -10.77 -14.97
CA GLY A 141 -12.66 -9.69 -14.13
C GLY A 141 -12.85 -10.17 -12.69
N VAL A 142 -12.69 -11.45 -12.45
CA VAL A 142 -12.85 -11.98 -11.06
C VAL A 142 -11.48 -12.05 -10.39
N ALA A 143 -11.29 -11.35 -9.31
CA ALA A 143 -9.96 -11.35 -8.62
C ALA A 143 -9.86 -12.50 -7.62
N LYS A 144 -8.94 -13.39 -7.85
CA LYS A 144 -8.75 -14.55 -6.93
C LYS A 144 -7.39 -14.44 -6.21
N ALA A 145 -6.44 -13.78 -6.82
CA ALA A 145 -5.10 -13.63 -6.18
C ALA A 145 -4.70 -12.15 -6.11
N VAL A 146 -3.66 -11.85 -5.37
CA VAL A 146 -3.22 -10.43 -5.23
C VAL A 146 -1.69 -10.34 -5.14
N ASP A 147 -1.09 -9.42 -5.85
CA ASP A 147 0.40 -9.30 -5.81
C ASP A 147 0.82 -7.97 -5.15
N PHE A 148 1.78 -8.04 -4.25
CA PHE A 148 2.26 -6.82 -3.55
C PHE A 148 3.77 -6.93 -3.23
N VAL A 149 4.41 -5.82 -2.94
CA VAL A 149 5.88 -5.86 -2.62
C VAL A 149 6.09 -5.70 -1.11
N PRO A 150 7.10 -6.37 -0.58
CA PRO A 150 7.39 -6.26 0.86
C PRO A 150 8.08 -4.92 1.15
N VAL A 151 8.56 -4.74 2.35
CA VAL A 151 9.23 -3.44 2.71
C VAL A 151 10.73 -3.51 2.35
N GLU A 152 11.28 -4.70 2.28
CA GLU A 152 12.74 -4.83 1.95
C GLU A 152 13.06 -4.25 0.56
N SER A 153 12.12 -4.30 -0.36
CA SER A 153 12.39 -3.75 -1.72
C SER A 153 12.67 -2.25 -1.65
N MET A 154 12.18 -1.58 -0.64
CA MET A 154 12.41 -0.11 -0.52
C MET A 154 13.80 0.20 0.05
N GLU A 155 14.34 -0.69 0.84
CA GLU A 155 15.69 -0.44 1.44
C GLU A 155 16.74 -0.28 0.34
N THR A 156 16.71 -1.12 -0.66
CA THR A 156 17.71 -1.02 -1.77
C THR A 156 17.45 0.23 -2.61
N THR A 157 16.20 0.52 -2.87
CA THR A 157 15.87 1.72 -3.70
C THR A 157 16.22 3.01 -2.96
N MET A 158 16.13 3.00 -1.65
CA MET A 158 16.45 4.23 -0.86
C MET A 158 17.91 4.66 -1.11
N ARG A 159 18.80 3.72 -1.22
CA ARG A 159 20.24 4.07 -1.46
C ARG A 159 20.39 4.84 -2.77
N ALA A 160 19.67 4.46 -3.78
CA ALA A 160 19.76 5.18 -5.10
C ALA A 160 19.13 6.57 -4.98
O1 4P2 B . -0.60 -3.00 -14.14
C8 4P2 B . -2.86 -7.74 -13.70
O9 4P2 B . -2.63 -9.03 -13.30
C10 4P2 B . -1.27 -9.58 -13.42
C11 4P2 B . -1.40 -11.10 -13.61
C12 4P2 B . -0.30 -11.71 -12.80
C13 4P2 B . -0.24 -10.82 -11.56
C14 4P2 B . -0.44 -9.38 -12.10
C15 4P2 B . 0.93 -8.68 -12.25
C16 4P2 B . 0.87 -7.21 -12.69
C17 4P2 B . 2.22 -6.53 -12.47
C18 4P2 B . 2.27 -5.10 -13.02
C19 4P2 B . 1.36 -4.11 -12.28
C20 4P2 B . 1.48 -2.74 -12.92
N21 4P2 B . 2.69 -2.08 -12.60
C22 4P2 B . 3.07 -0.92 -13.27
C23 4P2 B . 4.31 -0.26 -12.93
C24 4P2 B . 4.73 0.95 -13.60
C25 4P2 B . 3.91 1.54 -14.65
C26 4P2 B . 2.64 0.91 -15.03
C27 4P2 B . 2.21 -0.32 -14.34
C28 4P2 B . 0.96 -1.02 -14.64
C29 4P2 B . 0.56 -2.26 -13.94
O38 4P2 B . -2.04 -6.96 -14.18
C5 4P2 B . -4.15 -5.03 -12.83
C6 4P2 B . -4.70 -6.05 -13.89
N7 4P2 B . -4.18 -7.39 -13.51
O32 4P2 B . -4.37 -5.24 -11.66
C33 4P2 B . -6.27 -6.00 -13.86
C34 4P2 B . -6.93 -6.98 -14.84
C35 4P2 B . -8.35 -6.43 -15.09
C36 4P2 B . -8.32 -4.97 -14.68
C37 4P2 B . -6.88 -4.64 -14.33
N4 4P2 B . -3.47 -3.86 -13.20
C31 4P2 B . -3.04 -2.85 -12.18
C39 4P2 B . -4.30 -2.31 -11.41
O40 4P2 B . -5.42 -2.27 -11.95
C30 4P2 B . -2.40 -1.72 -13.02
C2 4P2 B . -1.91 -2.42 -14.30
C3 4P2 B . -2.89 -3.59 -14.51
N41 4P2 B . -4.11 -1.92 -10.06
C42 4P2 B . -5.26 -1.45 -9.24
C43 4P2 B . -6.25 -2.59 -8.81
C44 4P2 B . -5.34 -1.97 -7.81
C47 4P2 B . -7.69 -2.38 -8.73
C48 4P2 B . -8.61 -3.30 -8.94
C45 4P2 B . -5.75 0.02 -9.47
O46 4P2 B . -6.92 0.33 -9.27
N49 4P2 B . -4.77 0.91 -9.90
S 4P2 B . -5.02 2.51 -10.19
O51 4P2 B . -3.92 2.95 -11.02
O52 4P2 B . -6.39 2.72 -10.57
C53 4P2 B . -4.74 3.33 -8.59
C54 4P2 B . -5.70 4.46 -8.28
C55 4P2 B . -5.82 3.13 -7.57
H2 4P2 B . -1.94 -1.78 -15.19
H10 4P2 B . -0.75 -9.17 -14.30
H111 4P2 B . -1.30 -11.37 -14.67
H112 4P2 B . -2.37 -11.44 -13.26
H122 4P2 B . 0.65 -11.66 -13.34
H121 4P2 B . -0.49 -12.76 -12.54
H132 4P2 B . 0.68 -10.96 -11.00
H131 4P2 B . -1.07 -11.07 -10.90
H14 4P2 B . -1.03 -8.82 -11.37
H151 4P2 B . 1.44 -8.72 -11.28
H152 4P2 B . 1.57 -9.22 -12.95
H162 4P2 B . 0.62 -7.17 -13.76
H161 4P2 B . 0.09 -6.68 -12.13
H171 4P2 B . 2.99 -7.10 -13.00
H172 4P2 B . 2.48 -6.54 -11.40
H182 4P2 B . 3.30 -4.75 -12.95
H181 4P2 B . 2.02 -5.11 -14.09
H191 4P2 B . 1.67 -4.04 -11.23
H192 4P2 B . 0.31 -4.45 -12.26
H23 4P2 B . 4.94 -0.68 -12.15
H24 4P2 B . 5.67 1.43 -13.33
H25 4P2 B . 4.25 2.45 -15.15
H26 4P2 B . 2.03 1.36 -15.80
H28 4P2 B . 0.33 -0.60 -15.42
H6 4P2 B . -4.34 -5.84 -14.90
H7 4P2 B . -4.79 -8.07 -13.07
H33 4P2 B . -6.63 -6.22 -12.85
H341 4P2 B . -6.38 -7.03 -15.78
H342 4P2 B . -6.99 -7.99 -14.42
H352 4P2 B . -9.08 -6.96 -14.48
H351 4P2 B . -8.63 -6.56 -16.13
H361 4P2 B . -8.97 -4.81 -13.82
H362 4P2 B . -8.69 -4.31 -15.49
H371 4P2 B . -6.84 -3.87 -13.55
H372 4P2 B . -6.36 -4.27 -15.21
H31 4P2 B . -2.35 -3.36 -11.50
H302 4P2 B . -1.60 -1.24 -12.47
H301 4P2 B . -3.13 -0.95 -13.30
H32 4P2 B . -2.39 -4.47 -14.91
H31A 4P2 B . -3.71 -3.29 -15.16
H41 4P2 B . -3.20 -1.97 -9.62
H43 4P2 B . -6.00 -3.61 -9.15
H442 4P2 B . -4.51 -2.58 -7.45
H441 4P2 B . -5.75 -1.32 -7.03
H47 4P2 B . -8.04 -1.39 -8.47
H482 4P2 B . -8.33 -4.31 -9.13
H481 4P2 B . -9.67 -3.07 -8.95
H53 4P2 B . -3.71 3.40 -8.26
H541 4P2 B . -5.31 5.31 -7.72
H542 4P2 B . -6.46 4.72 -9.00
H552 4P2 B . -5.52 3.09 -6.53
H551 4P2 B . -6.66 2.50 -7.82
ZN ZN C . 4.17 -9.85 11.15
N THR A 1 -21.75 5.25 -2.83
CA THR A 1 -22.46 4.54 -1.73
C THR A 1 -21.54 3.48 -1.11
N GLY A 2 -22.10 2.58 -0.33
CA GLY A 2 -21.27 1.53 0.31
C GLY A 2 -21.07 1.84 1.79
N ARG A 3 -22.00 2.55 2.39
CA ARG A 3 -21.89 2.90 3.84
C ARG A 3 -20.52 3.54 4.14
N ASP A 4 -20.22 4.64 3.51
CA ASP A 4 -18.90 5.31 3.75
C ASP A 4 -18.92 6.03 5.11
N LYS A 5 -18.08 5.61 6.02
CA LYS A 5 -18.04 6.27 7.37
C LYS A 5 -16.65 6.86 7.65
N ASN A 6 -15.67 6.60 6.80
CA ASN A 6 -14.29 7.15 7.03
C ASN A 6 -13.79 6.78 8.43
N GLN A 7 -13.07 5.69 8.54
CA GLN A 7 -12.54 5.28 9.88
C GLN A 7 -11.43 6.22 10.33
N VAL A 8 -11.11 6.21 11.61
CA VAL A 8 -10.04 7.12 12.13
C VAL A 8 -8.70 6.80 11.43
N GLU A 9 -7.94 7.82 11.13
CA GLU A 9 -6.62 7.59 10.45
C GLU A 9 -5.72 6.71 11.33
N GLY A 10 -5.08 5.74 10.74
CA GLY A 10 -4.19 4.83 11.53
C GLY A 10 -2.74 4.99 11.06
N GLU A 11 -2.40 4.35 9.97
CA GLU A 11 -0.99 4.46 9.45
C GLU A 11 -0.96 4.71 7.94
N VAL A 12 -2.10 4.79 7.29
CA VAL A 12 -2.10 5.05 5.82
C VAL A 12 -3.15 6.12 5.47
N GLN A 13 -2.76 7.14 4.76
CA GLN A 13 -3.72 8.22 4.39
C GLN A 13 -4.09 8.14 2.90
N VAL A 14 -5.35 8.25 2.59
CA VAL A 14 -5.79 8.18 1.16
C VAL A 14 -5.37 9.46 0.43
N VAL A 15 -5.08 9.35 -0.83
CA VAL A 15 -4.66 10.54 -1.63
C VAL A 15 -5.56 10.69 -2.86
N SER A 16 -5.84 11.90 -3.27
CA SER A 16 -6.72 12.11 -4.45
C SER A 16 -5.93 12.80 -5.58
N THR A 17 -5.95 12.22 -6.75
CA THR A 17 -5.20 12.82 -7.90
C THR A 17 -6.18 13.28 -8.97
N ALA A 18 -5.68 13.92 -9.99
CA ALA A 18 -6.58 14.41 -11.08
C ALA A 18 -7.03 13.27 -12.00
N THR A 19 -6.38 12.12 -11.93
CA THR A 19 -6.78 10.99 -12.82
C THR A 19 -7.18 9.76 -12.01
N GLN A 20 -6.64 9.59 -10.83
CA GLN A 20 -7.00 8.39 -10.00
C GLN A 20 -6.82 8.67 -8.51
N SER A 21 -7.18 7.74 -7.67
CA SER A 21 -7.01 7.93 -6.20
C SER A 21 -6.44 6.67 -5.57
N PHE A 22 -5.32 6.78 -4.89
CA PHE A 22 -4.68 5.59 -4.25
C PHE A 22 -4.40 5.87 -2.77
N LEU A 23 -3.66 5.00 -2.13
CA LEU A 23 -3.34 5.20 -0.68
C LEU A 23 -1.83 5.40 -0.48
N ALA A 24 -1.44 5.82 0.69
CA ALA A 24 0.01 6.03 0.98
C ALA A 24 0.34 5.58 2.39
N THR A 25 1.49 4.95 2.58
CA THR A 25 1.88 4.48 3.94
C THR A 25 3.18 5.16 4.37
N CYS A 26 3.27 5.56 5.61
CA CYS A 26 4.51 6.23 6.10
C CYS A 26 5.38 5.25 6.89
N VAL A 27 6.55 4.95 6.39
CA VAL A 27 7.46 4.00 7.11
C VAL A 27 8.87 4.61 7.24
N ASN A 28 9.39 4.65 8.45
CA ASN A 28 10.76 5.23 8.66
C ASN A 28 10.87 6.63 8.06
N GLY A 29 9.85 7.43 8.20
CA GLY A 29 9.89 8.82 7.65
C GLY A 29 9.92 8.78 6.12
N VAL A 30 9.48 7.69 5.53
CA VAL A 30 9.47 7.58 4.04
C VAL A 30 8.09 7.11 3.56
N CYS A 31 7.37 7.94 2.87
CA CYS A 31 6.02 7.55 2.37
C CYS A 31 6.15 6.75 1.08
N TRP A 32 5.45 5.65 0.97
CA TRP A 32 5.55 4.83 -0.26
C TRP A 32 4.18 4.68 -0.94
N THR A 33 4.15 4.82 -2.24
CA THR A 33 2.87 4.68 -2.99
C THR A 33 3.14 3.88 -4.27
N VAL A 34 2.13 3.63 -5.07
CA VAL A 34 2.35 2.86 -6.33
C VAL A 34 2.64 3.81 -7.49
N TYR A 35 3.46 3.38 -8.43
CA TYR A 35 3.80 4.27 -9.59
C TYR A 35 2.73 4.19 -10.69
N HIS A 36 2.26 3.02 -11.02
CA HIS A 36 1.25 2.90 -12.13
C HIS A 36 0.07 3.85 -11.90
N GLY A 37 -0.20 4.19 -10.66
CA GLY A 37 -1.33 5.12 -10.36
C GLY A 37 -0.83 6.56 -10.39
N ALA A 38 0.18 6.87 -9.61
CA ALA A 38 0.72 8.26 -9.58
C ALA A 38 1.68 8.48 -10.76
N GLY A 39 2.77 7.75 -10.80
CA GLY A 39 3.75 7.92 -11.92
C GLY A 39 4.80 8.94 -11.52
N SER A 40 5.27 9.72 -12.47
CA SER A 40 6.31 10.74 -12.17
C SER A 40 5.69 12.15 -12.14
N LYS A 41 4.40 12.24 -11.94
CA LYS A 41 3.73 13.58 -11.90
C LYS A 41 3.83 14.17 -10.48
N THR A 42 3.67 15.47 -10.36
CA THR A 42 3.74 16.11 -9.02
C THR A 42 2.44 15.88 -8.24
N LEU A 43 2.53 15.77 -6.93
CA LEU A 43 1.31 15.55 -6.11
C LEU A 43 0.81 16.87 -5.53
N ALA A 44 -0.48 17.04 -5.45
CA ALA A 44 -1.05 18.31 -4.90
C ALA A 44 -1.44 18.13 -3.44
N GLY A 45 -0.96 18.99 -2.57
CA GLY A 45 -1.29 18.87 -1.12
C GLY A 45 -1.77 20.23 -0.60
N PRO A 46 -2.49 20.22 0.51
CA PRO A 46 -3.00 21.49 1.09
C PRO A 46 -1.85 22.32 1.65
N LYS A 47 -0.96 21.72 2.39
CA LYS A 47 0.19 22.49 2.97
C LYS A 47 1.19 22.85 1.86
N GLY A 48 1.29 22.02 0.85
CA GLY A 48 2.24 22.31 -0.26
C GLY A 48 2.49 21.03 -1.07
N PRO A 49 2.91 21.19 -2.31
CA PRO A 49 3.17 20.02 -3.17
C PRO A 49 4.47 19.32 -2.73
N ILE A 50 4.68 18.10 -3.19
CA ILE A 50 5.91 17.36 -2.80
C ILE A 50 6.60 16.80 -4.06
N THR A 51 7.90 16.91 -4.13
CA THR A 51 8.63 16.40 -5.33
C THR A 51 8.90 14.89 -5.19
N GLN A 52 8.98 14.20 -6.31
CA GLN A 52 9.23 12.73 -6.27
C GLN A 52 10.73 12.47 -6.13
N MET A 53 11.14 11.81 -5.07
CA MET A 53 12.59 11.52 -4.88
C MET A 53 12.99 10.26 -5.65
N TYR A 54 12.27 9.18 -5.47
CA TYR A 54 12.62 7.92 -6.22
C TYR A 54 11.44 7.42 -7.05
N THR A 55 11.67 7.14 -8.31
CA THR A 55 10.58 6.66 -9.20
C THR A 55 11.04 5.47 -10.04
N ASN A 56 10.19 4.48 -10.26
CA ASN A 56 10.61 3.29 -11.05
C ASN A 56 9.42 2.49 -11.59
N VAL A 57 9.31 2.33 -12.89
CA VAL A 57 8.17 1.52 -13.46
C VAL A 57 8.43 0.04 -13.19
N ASP A 58 9.66 -0.40 -13.30
CA ASP A 58 9.98 -1.86 -13.07
C ASP A 58 9.50 -2.28 -11.69
N GLN A 59 9.73 -1.47 -10.69
CA GLN A 59 9.26 -1.82 -9.32
C GLN A 59 7.85 -1.28 -9.07
N ASP A 60 7.33 -0.45 -9.96
CA ASP A 60 5.96 0.12 -9.78
C ASP A 60 5.79 0.77 -8.40
N LEU A 61 6.77 1.51 -7.94
CA LEU A 61 6.63 2.16 -6.60
C LEU A 61 7.40 3.49 -6.55
N VAL A 62 6.83 4.47 -5.87
CA VAL A 62 7.49 5.80 -5.74
C VAL A 62 7.19 6.37 -4.35
N GLY A 63 8.11 7.07 -3.75
CA GLY A 63 7.85 7.63 -2.39
C GLY A 63 8.49 9.02 -2.27
N TRP A 64 7.98 9.82 -1.36
CA TRP A 64 8.54 11.18 -1.15
C TRP A 64 9.18 11.27 0.24
N GLN A 65 9.93 12.30 0.51
CA GLN A 65 10.56 12.44 1.85
C GLN A 65 9.58 13.15 2.80
N ALA A 66 8.91 12.39 3.63
CA ALA A 66 7.92 13.01 4.58
C ALA A 66 8.65 13.87 5.63
N PRO A 67 7.92 14.78 6.24
CA PRO A 67 8.53 15.66 7.27
C PRO A 67 8.82 14.85 8.55
N PRO A 68 9.70 15.37 9.38
CA PRO A 68 10.04 14.67 10.64
C PRO A 68 8.88 14.77 11.64
N GLY A 69 8.74 13.80 12.50
CA GLY A 69 7.63 13.83 13.51
C GLY A 69 6.49 12.91 13.05
N ALA A 70 6.39 12.65 11.76
CA ALA A 70 5.30 11.75 11.25
C ALA A 70 5.41 10.36 11.89
N ARG A 71 4.31 9.67 12.01
CA ARG A 71 4.33 8.30 12.63
C ARG A 71 5.04 7.32 11.69
N SER A 72 5.71 6.34 12.24
CA SER A 72 6.42 5.34 11.41
C SER A 72 5.98 3.92 11.80
N LEU A 73 5.99 3.00 10.86
CA LEU A 73 5.58 1.60 11.17
C LEU A 73 6.79 0.67 11.13
N THR A 74 6.70 -0.46 11.81
CA THR A 74 7.83 -1.43 11.81
C THR A 74 7.56 -2.55 10.79
N PRO A 75 8.62 -3.02 10.15
CA PRO A 75 8.46 -4.10 9.14
C PRO A 75 8.06 -5.41 9.81
N CYS A 76 7.51 -6.33 9.06
CA CYS A 76 7.09 -7.64 9.66
C CYS A 76 8.30 -8.36 10.25
N THR A 77 8.15 -8.89 11.44
CA THR A 77 9.28 -9.61 12.10
C THR A 77 8.77 -10.91 12.73
N CYS A 78 8.01 -11.68 11.99
CA CYS A 78 7.46 -12.95 12.57
C CYS A 78 7.38 -14.09 11.51
N GLY A 79 7.61 -13.80 10.25
CA GLY A 79 7.54 -14.86 9.20
C GLY A 79 6.19 -15.59 9.27
N SER A 80 5.13 -14.94 8.86
CA SER A 80 3.78 -15.59 8.90
C SER A 80 3.13 -15.55 7.53
N SER A 81 2.64 -16.68 7.06
CA SER A 81 1.99 -16.72 5.72
C SER A 81 0.68 -15.93 5.75
N ASP A 82 -0.06 -16.04 6.82
CA ASP A 82 -1.35 -15.29 6.92
C ASP A 82 -1.11 -13.78 6.82
N LEU A 83 -1.87 -13.10 5.98
CA LEU A 83 -1.69 -11.63 5.83
C LEU A 83 -3.05 -10.94 5.80
N TYR A 84 -3.09 -9.65 6.07
CA TYR A 84 -4.38 -8.91 6.05
C TYR A 84 -4.31 -7.75 5.06
N LEU A 85 -5.03 -7.86 3.97
CA LEU A 85 -5.02 -6.76 2.95
C LEU A 85 -5.86 -5.58 3.46
N VAL A 86 -5.50 -4.37 3.09
CA VAL A 86 -6.28 -3.18 3.57
C VAL A 86 -6.71 -2.32 2.38
N THR A 87 -8.01 -2.14 2.19
CA THR A 87 -8.49 -1.30 1.04
C THR A 87 -8.65 0.16 1.48
N ARG A 88 -9.34 0.96 0.71
CA ARG A 88 -9.54 2.38 1.06
C ARG A 88 -10.81 2.58 1.91
N HIS A 89 -11.72 1.63 1.88
CA HIS A 89 -12.99 1.78 2.68
C HIS A 89 -13.00 0.80 3.86
N ALA A 90 -11.84 0.46 4.37
CA ALA A 90 -11.75 -0.48 5.55
C ALA A 90 -12.42 -1.83 5.26
N ASP A 91 -12.37 -2.29 4.05
CA ASP A 91 -12.98 -3.62 3.73
C ASP A 91 -11.90 -4.57 3.20
N VAL A 92 -11.88 -5.80 3.68
CA VAL A 92 -10.83 -6.78 3.19
C VAL A 92 -11.04 -8.16 3.81
N ILE A 93 -10.11 -9.05 3.58
CA ILE A 93 -10.20 -10.42 4.13
C ILE A 93 -8.76 -10.98 4.29
N PRO A 94 -8.64 -12.10 4.98
CA PRO A 94 -7.29 -12.70 5.19
C PRO A 94 -6.77 -13.27 3.86
N VAL A 95 -5.47 -13.18 3.65
CA VAL A 95 -4.88 -13.70 2.37
C VAL A 95 -3.74 -14.68 2.68
N ARG A 96 -3.77 -15.84 2.08
CA ARG A 96 -2.68 -16.83 2.32
C ARG A 96 -1.48 -16.53 1.43
N ARG A 97 -0.29 -16.52 1.99
CA ARG A 97 0.93 -16.23 1.17
C ARG A 97 1.15 -17.34 0.14
N ARG A 98 1.41 -16.99 -1.08
CA ARG A 98 1.65 -18.01 -2.15
C ARG A 98 3.09 -17.90 -2.69
N GLY A 99 3.71 -16.75 -2.54
CA GLY A 99 5.10 -16.58 -3.05
C GLY A 99 5.79 -15.47 -2.27
N ASP A 100 6.93 -15.01 -2.75
CA ASP A 100 7.66 -13.92 -2.04
C ASP A 100 6.91 -12.59 -2.17
N SER A 101 6.35 -12.32 -3.31
CA SER A 101 5.60 -11.03 -3.50
C SER A 101 4.21 -11.30 -4.11
N ARG A 102 3.67 -12.46 -3.89
CA ARG A 102 2.32 -12.78 -4.44
C ARG A 102 1.52 -13.64 -3.45
N GLY A 103 0.22 -13.56 -3.49
CA GLY A 103 -0.62 -14.36 -2.56
C GLY A 103 -1.95 -14.71 -3.21
N SER A 104 -2.80 -15.42 -2.51
CA SER A 104 -4.12 -15.80 -3.09
C SER A 104 -5.25 -15.24 -2.23
N LEU A 105 -6.38 -14.96 -2.83
CA LEU A 105 -7.54 -14.41 -2.06
C LEU A 105 -8.54 -15.51 -1.73
N LEU A 106 -8.93 -15.62 -0.48
CA LEU A 106 -9.90 -16.67 -0.07
C LEU A 106 -11.24 -16.50 -0.81
N SER A 107 -11.82 -15.33 -0.72
CA SER A 107 -13.11 -15.08 -1.41
C SER A 107 -12.88 -14.42 -2.78
N PRO A 108 -13.48 -14.96 -3.82
CA PRO A 108 -13.28 -14.39 -5.17
C PRO A 108 -14.17 -13.16 -5.37
N ARG A 109 -13.57 -12.00 -5.37
CA ARG A 109 -14.36 -10.74 -5.56
C ARG A 109 -13.97 -10.07 -6.88
N PRO A 110 -14.91 -9.37 -7.49
CA PRO A 110 -14.63 -8.71 -8.80
C PRO A 110 -13.65 -7.54 -8.62
N VAL A 111 -12.87 -7.25 -9.62
CA VAL A 111 -11.89 -6.11 -9.54
C VAL A 111 -12.63 -4.83 -9.12
N SER A 112 -13.89 -4.71 -9.45
CA SER A 112 -14.67 -3.49 -9.08
C SER A 112 -14.71 -3.30 -7.57
N TYR A 113 -14.93 -4.35 -6.82
CA TYR A 113 -14.99 -4.22 -5.33
C TYR A 113 -13.61 -3.82 -4.79
N LEU A 114 -12.59 -4.39 -5.35
CA LEU A 114 -11.20 -4.07 -4.91
C LEU A 114 -10.61 -2.94 -5.77
N LYS A 115 -11.44 -2.19 -6.46
CA LYS A 115 -10.91 -1.11 -7.33
C LYS A 115 -10.61 0.16 -6.56
N GLY A 116 -9.35 0.51 -6.56
CA GLY A 116 -8.91 1.74 -5.84
C GLY A 116 -8.29 1.38 -4.50
N SER A 117 -7.69 0.22 -4.41
CA SER A 117 -7.06 -0.21 -3.13
C SER A 117 -5.52 -0.22 -3.28
N SER A 118 -5.00 0.49 -4.26
CA SER A 118 -3.51 0.51 -4.43
C SER A 118 -2.88 1.42 -3.37
N GLY A 119 -1.75 1.04 -2.85
CA GLY A 119 -1.08 1.87 -1.81
C GLY A 119 -1.45 1.35 -0.42
N GLY A 120 -2.59 0.71 -0.28
CA GLY A 120 -3.00 0.17 1.04
C GLY A 120 -1.96 -0.86 1.51
N PRO A 121 -1.45 -0.71 2.72
CA PRO A 121 -0.44 -1.66 3.22
C PRO A 121 -1.06 -3.00 3.60
N LEU A 122 -0.25 -3.97 3.92
CA LEU A 122 -0.75 -5.31 4.33
C LEU A 122 -0.31 -5.58 5.77
N LEU A 123 -1.25 -5.70 6.67
CA LEU A 123 -0.88 -5.94 8.10
C LEU A 123 -0.80 -7.44 8.40
N CYS A 124 0.00 -7.81 9.36
CA CYS A 124 0.15 -9.25 9.73
C CYS A 124 -0.82 -9.56 10.89
N PRO A 125 -0.85 -10.80 11.33
CA PRO A 125 -1.75 -11.18 12.44
C PRO A 125 -1.28 -10.55 13.75
N SER A 126 -0.01 -10.26 13.87
CA SER A 126 0.52 -9.63 15.12
C SER A 126 0.23 -8.13 15.10
N GLY A 127 0.16 -7.54 13.93
CA GLY A 127 -0.11 -6.08 13.83
C GLY A 127 1.11 -5.36 13.28
N HIS A 128 1.65 -5.83 12.19
CA HIS A 128 2.86 -5.17 11.59
C HIS A 128 2.70 -5.05 10.07
N ALA A 129 3.25 -4.02 9.49
CA ALA A 129 3.14 -3.83 8.01
C ALA A 129 4.08 -4.80 7.29
N VAL A 130 3.62 -5.41 6.23
CA VAL A 130 4.48 -6.37 5.47
C VAL A 130 4.68 -5.89 4.02
N GLY A 131 3.77 -5.11 3.49
CA GLY A 131 3.93 -4.63 2.08
C GLY A 131 2.71 -3.81 1.67
N ILE A 132 2.58 -3.52 0.39
CA ILE A 132 1.43 -2.71 -0.10
C ILE A 132 0.76 -3.42 -1.29
N PHE A 133 -0.47 -3.10 -1.58
CA PHE A 133 -1.16 -3.75 -2.73
C PHE A 133 -0.68 -3.15 -4.04
N ARG A 134 -0.70 -3.90 -5.11
CA ARG A 134 -0.23 -3.37 -6.42
C ARG A 134 -1.25 -3.66 -7.53
N ALA A 135 -1.31 -4.88 -8.01
CA ALA A 135 -2.27 -5.21 -9.10
C ALA A 135 -3.22 -6.33 -8.68
N ALA A 136 -4.44 -6.23 -9.11
CA ALA A 136 -5.46 -7.28 -8.80
C ALA A 136 -5.48 -8.29 -9.95
N VAL A 137 -5.35 -9.56 -9.66
CA VAL A 137 -5.31 -10.60 -10.74
C VAL A 137 -6.68 -11.25 -10.95
N CYS A 138 -7.25 -11.11 -12.12
CA CYS A 138 -8.58 -11.76 -12.39
C CYS A 138 -8.63 -12.31 -13.82
N THR A 139 -9.37 -13.38 -14.03
CA THR A 139 -9.48 -13.97 -15.39
C THR A 139 -10.60 -13.26 -16.17
N ARG A 140 -11.76 -13.14 -15.58
CA ARG A 140 -12.89 -12.46 -16.25
C ARG A 140 -13.39 -11.30 -15.38
N GLY A 141 -12.50 -10.68 -14.66
CA GLY A 141 -12.89 -9.56 -13.76
C GLY A 141 -12.98 -10.03 -12.31
N VAL A 142 -12.94 -11.33 -12.08
CA VAL A 142 -12.99 -11.86 -10.69
C VAL A 142 -11.57 -11.96 -10.13
N ALA A 143 -11.30 -11.28 -9.06
CA ALA A 143 -9.92 -11.32 -8.48
C ALA A 143 -9.76 -12.50 -7.52
N LYS A 144 -8.94 -13.45 -7.88
CA LYS A 144 -8.71 -14.63 -7.00
C LYS A 144 -7.31 -14.55 -6.39
N ALA A 145 -6.39 -13.89 -7.05
CA ALA A 145 -5.01 -13.77 -6.51
C ALA A 145 -4.64 -12.29 -6.31
N VAL A 146 -3.61 -12.01 -5.57
CA VAL A 146 -3.20 -10.59 -5.34
C VAL A 146 -1.67 -10.46 -5.32
N ASP A 147 -1.14 -9.52 -6.06
CA ASP A 147 0.34 -9.32 -6.10
C ASP A 147 0.75 -8.11 -5.25
N PHE A 148 1.70 -8.27 -4.37
CA PHE A 148 2.17 -7.14 -3.52
C PHE A 148 3.69 -7.21 -3.31
N VAL A 149 4.29 -6.13 -2.90
CA VAL A 149 5.78 -6.12 -2.68
C VAL A 149 6.08 -5.98 -1.18
N PRO A 150 7.14 -6.63 -0.74
CA PRO A 150 7.52 -6.56 0.70
C PRO A 150 8.09 -5.17 1.05
N VAL A 151 8.37 -4.95 2.31
CA VAL A 151 8.93 -3.63 2.75
C VAL A 151 10.43 -3.57 2.45
N GLU A 152 11.12 -4.65 2.70
CA GLU A 152 12.60 -4.67 2.46
C GLU A 152 12.94 -4.26 1.02
N SER A 153 12.11 -4.63 0.07
CA SER A 153 12.38 -4.26 -1.35
C SER A 153 12.36 -2.73 -1.49
N MET A 154 11.54 -2.07 -0.73
CA MET A 154 11.46 -0.57 -0.81
C MET A 154 12.74 0.06 -0.23
N GLU A 155 13.39 -0.62 0.69
CA GLU A 155 14.63 -0.05 1.30
C GLU A 155 15.69 0.19 0.22
N THR A 156 15.96 -0.79 -0.59
CA THR A 156 16.99 -0.61 -1.67
C THR A 156 16.51 0.36 -2.75
N THR A 157 15.21 0.53 -2.87
CA THR A 157 14.67 1.47 -3.91
C THR A 157 15.01 2.92 -3.56
N MET A 158 15.14 3.22 -2.29
CA MET A 158 15.47 4.62 -1.88
C MET A 158 16.81 5.05 -2.50
N ARG A 159 17.81 4.22 -2.36
CA ARG A 159 19.15 4.58 -2.93
C ARG A 159 19.06 4.77 -4.45
N ALA A 160 18.29 3.95 -5.11
CA ALA A 160 18.13 4.08 -6.59
C ALA A 160 17.11 5.16 -6.93
O1 4P2 B . -0.83 -3.01 -14.12
C8 4P2 B . -3.17 -7.69 -13.76
O9 4P2 B . -2.94 -9.00 -13.41
C10 4P2 B . -1.60 -9.56 -13.62
C11 4P2 B . -1.78 -11.08 -13.86
C12 4P2 B . -0.65 -11.74 -13.11
C13 4P2 B . -0.52 -10.90 -11.86
C14 4P2 B . -0.70 -9.44 -12.34
C15 4P2 B . 0.68 -8.76 -12.55
C16 4P2 B . 0.63 -7.29 -12.94
C17 4P2 B . 2.00 -6.65 -12.81
C18 4P2 B . 2.05 -5.20 -13.31
C19 4P2 B . 1.23 -4.21 -12.47
C20 4P2 B . 1.34 -2.83 -13.07
N21 4P2 B . 2.59 -2.21 -12.82
C22 4P2 B . 2.95 -1.05 -13.48
C23 4P2 B . 4.23 -0.43 -13.21
C24 4P2 B . 4.63 0.80 -13.88
C25 4P2 B . 3.75 1.44 -14.84
C26 4P2 B . 2.45 0.85 -15.13
C27 4P2 B . 2.02 -0.39 -14.47
C28 4P2 B . 0.74 -1.04 -14.70
C29 4P2 B . 0.36 -2.29 -14.00
O38 4P2 B . -2.36 -6.91 -14.25
C5 4P2 B . -4.38 -4.99 -12.72
C6 4P2 B . -4.99 -5.96 -13.80
N7 4P2 B . -4.48 -7.32 -13.49
O32 4P2 B . -4.57 -5.22 -11.56
C33 4P2 B . -6.55 -5.89 -13.70
C34 4P2 B . -7.29 -6.83 -14.67
C35 4P2 B . -8.70 -6.24 -14.82
C36 4P2 B . -8.63 -4.80 -14.39
C37 4P2 B . -7.17 -4.51 -14.09
N4 4P2 B . -3.69 -3.83 -13.10
C31 4P2 B . -3.22 -2.85 -12.08
C39 4P2 B . -4.44 -2.31 -11.25
O40 4P2 B . -5.57 -2.23 -11.76
C30 4P2 B . -2.57 -1.72 -12.90
C2 4P2 B . -2.13 -2.39 -14.23
C3 4P2 B . -3.15 -3.53 -14.42
N41 4P2 B . -4.20 -1.96 -9.91
C42 4P2 B . -5.31 -1.50 -9.03
C43 4P2 B . -6.29 -2.64 -8.58
C44 4P2 B . -5.31 -2.06 -7.60
C47 4P2 B . -7.72 -2.40 -8.41
C48 4P2 B . -8.66 -3.32 -8.60
C45 4P2 B . -5.78 -0.02 -9.19
O46 4P2 B . -6.92 0.31 -8.90
N49 4P2 B . -4.81 0.87 -9.64
S 4P2 B . -5.04 2.48 -9.87
O51 4P2 B . -3.99 2.92 -10.78
O52 4P2 B . -6.43 2.75 -10.16
C53 4P2 B . -4.61 3.26 -8.30
C54 4P2 B . -5.47 4.44 -7.91
C55 4P2 B . -5.62 3.12 -7.20
H2 4P2 B . -2.19 -1.72 -15.10
H10 4P2 B . -1.13 -9.14 -14.51
H111 4P2 B . -1.75 -11.32 -14.92
H112 4P2 B . -2.74 -11.42 -13.46
H122 4P2 B . 0.28 -11.70 -13.71
H121 4P2 B . -0.86 -12.79 -12.88
H132 4P2 B . 0.44 -11.07 -11.36
H131 4P2 B . -1.30 -11.15 -11.16
H14 4P2 B . -1.24 -8.88 -11.55
H151 4P2 B . 1.24 -8.85 -11.62
H152 4P2 B . 1.26 -9.30 -13.30
H162 4P2 B . 0.29 -7.20 -13.98
H161 4P2 B . -0.10 -6.74 -12.31
H171 4P2 B . 2.72 -7.22 -13.41
H172 4P2 B . 2.35 -6.70 -11.77
H182 4P2 B . 3.10 -4.88 -13.31
H181 4P2 B . 1.72 -5.17 -14.35
H191 4P2 B . 1.63 -4.19 -11.45
H192 4P2 B . 0.19 -4.53 -12.37
H23 4P2 B . 4.90 -0.89 -12.50
H24 4P2 B . 5.60 1.23 -13.66
H25 4P2 B . 4.08 2.36 -15.33
H26 4P2 B . 1.80 1.34 -15.86
H28 4P2 B . 0.06 -0.58 -15.41
H6 4P2 B . -4.68 -5.73 -14.82
H7 4P2 B . -5.07 -8.02 -13.05
H33 4P2 B . -6.88 -6.14 -12.68
H341 4P2 B . -6.79 -6.84 -15.65
H342 4P2 B . -7.32 -7.85 -14.29
H352 4P2 B . -9.40 -6.79 -14.20
H351 4P2 B . -9.04 -6.34 -15.86
H361 4P2 B . -9.23 -4.66 -13.48
H362 4P2 B . -9.03 -4.12 -15.14
H371 4P2 B . -7.06 -3.77 -13.30
H372 4P2 B . -6.69 -4.12 -14.99
H31 4P2 B . -2.51 -3.39 -11.42
H302 4P2 B . -1.74 -1.27 -12.36
H301 4P2 B . -3.29 -0.92 -13.13
H32 4P2 B . -2.68 -4.42 -14.86
H31A 4P2 B . -3.99 -3.21 -15.04
H41 4P2 B . -3.28 -2.05 -9.51
H43 4P2 B . -6.07 -3.64 -8.94
H442 4P2 B . -4.48 -2.68 -7.31
H441 4P2 B . -5.68 -1.42 -6.79
H47 4P2 B . -8.04 -1.42 -8.10
H482 4P2 B . -8.41 -4.32 -8.82
H481 4P2 B . -9.71 -3.07 -8.55
H53 4P2 B . -3.56 3.28 -8.03
H541 4P2 B . -5.00 5.25 -7.38
H542 4P2 B . -6.27 4.75 -8.58
H552 4P2 B . -5.27 3.05 -6.18
H551 4P2 B . -6.53 2.53 -7.39
ZN ZN C . 3.89 -9.69 11.37
N THR A 1 -20.56 -8.59 1.32
CA THR A 1 -21.55 -7.61 1.87
C THR A 1 -21.00 -6.97 3.15
N GLY A 2 -20.76 -5.69 3.13
CA GLY A 2 -20.23 -4.99 4.34
C GLY A 2 -20.94 -3.66 4.52
N ARG A 3 -20.61 -2.67 3.71
CA ARG A 3 -21.26 -1.33 3.81
C ARG A 3 -21.15 -0.80 5.25
N ASP A 4 -19.97 -0.79 5.80
CA ASP A 4 -19.79 -0.28 7.20
C ASP A 4 -19.62 1.24 7.20
N LYS A 5 -19.65 1.85 8.36
CA LYS A 5 -19.49 3.33 8.44
C LYS A 5 -18.01 3.72 8.36
N ASN A 6 -17.70 4.98 8.49
CA ASN A 6 -16.28 5.42 8.43
C ASN A 6 -15.47 4.77 9.55
N GLN A 7 -14.23 4.44 9.28
CA GLN A 7 -13.37 3.80 10.32
C GLN A 7 -12.05 4.56 10.48
N VAL A 8 -11.36 4.34 11.56
CA VAL A 8 -10.05 5.06 11.78
C VAL A 8 -8.99 4.51 10.82
N GLU A 9 -8.16 5.37 10.28
CA GLU A 9 -7.10 4.91 9.34
C GLU A 9 -6.00 4.17 10.10
N GLY A 10 -5.24 3.35 9.41
CA GLY A 10 -4.14 2.59 10.08
C GLY A 10 -2.80 2.94 9.44
N GLU A 11 -2.15 3.98 9.91
CA GLU A 11 -0.83 4.39 9.33
C GLU A 11 -0.92 4.60 7.82
N VAL A 12 -2.10 4.84 7.30
CA VAL A 12 -2.26 5.07 5.84
C VAL A 12 -3.13 6.30 5.58
N GLN A 13 -3.04 6.87 4.41
CA GLN A 13 -3.87 8.07 4.10
C GLN A 13 -4.34 8.03 2.64
N VAL A 14 -5.62 8.17 2.42
CA VAL A 14 -6.13 8.14 1.02
C VAL A 14 -5.81 9.47 0.32
N VAL A 15 -5.54 9.41 -0.96
CA VAL A 15 -5.20 10.66 -1.71
C VAL A 15 -5.94 10.69 -3.05
N SER A 16 -6.30 11.86 -3.52
CA SER A 16 -7.03 11.97 -4.81
C SER A 16 -6.18 12.73 -5.83
N THR A 17 -5.96 12.15 -6.98
CA THR A 17 -5.15 12.83 -8.04
C THR A 17 -6.09 13.42 -9.09
N ALA A 18 -5.55 13.89 -10.19
CA ALA A 18 -6.41 14.49 -11.24
C ALA A 18 -7.42 13.46 -11.76
N THR A 19 -6.95 12.31 -12.17
CA THR A 19 -7.90 11.27 -12.70
C THR A 19 -7.70 9.92 -11.99
N GLN A 20 -6.95 9.89 -10.91
CA GLN A 20 -6.74 8.59 -10.19
C GLN A 20 -6.57 8.83 -8.68
N SER A 21 -6.74 7.81 -7.89
CA SER A 21 -6.59 7.96 -6.41
C SER A 21 -5.95 6.70 -5.81
N PHE A 22 -4.87 6.86 -5.09
CA PHE A 22 -4.19 5.68 -4.46
C PHE A 22 -3.94 5.93 -2.98
N LEU A 23 -3.17 5.09 -2.34
CA LEU A 23 -2.89 5.27 -0.88
C LEU A 23 -1.39 5.28 -0.63
N ALA A 24 -0.97 5.74 0.53
CA ALA A 24 0.48 5.78 0.85
C ALA A 24 0.72 5.33 2.30
N THR A 25 1.76 4.58 2.54
CA THR A 25 2.05 4.10 3.93
C THR A 25 3.36 4.71 4.42
N CYS A 26 3.35 5.33 5.58
CA CYS A 26 4.60 5.94 6.12
C CYS A 26 5.55 4.87 6.67
N VAL A 27 6.72 4.74 6.07
CA VAL A 27 7.69 3.71 6.54
C VAL A 27 9.08 4.35 6.75
N ASN A 28 9.62 4.21 7.93
CA ASN A 28 10.97 4.79 8.23
C ASN A 28 11.07 6.26 7.83
N GLY A 29 10.00 7.00 7.94
CA GLY A 29 10.03 8.45 7.58
C GLY A 29 9.71 8.67 6.10
N VAL A 30 9.92 7.67 5.26
CA VAL A 30 9.62 7.83 3.81
C VAL A 30 8.35 7.06 3.44
N CYS A 31 7.30 7.74 3.07
CA CYS A 31 6.03 7.03 2.71
C CYS A 31 6.20 6.30 1.38
N TRP A 32 5.44 5.25 1.17
CA TRP A 32 5.55 4.48 -0.11
C TRP A 32 4.20 4.39 -0.82
N THR A 33 4.20 4.58 -2.11
CA THR A 33 2.93 4.51 -2.88
C THR A 33 3.15 3.72 -4.18
N VAL A 34 2.12 3.57 -4.98
CA VAL A 34 2.28 2.83 -6.26
C VAL A 34 2.79 3.78 -7.35
N TYR A 35 3.66 3.32 -8.21
CA TYR A 35 4.18 4.21 -9.29
C TYR A 35 3.24 4.22 -10.51
N HIS A 36 2.76 3.08 -10.92
CA HIS A 36 1.87 3.04 -12.13
C HIS A 36 0.61 3.88 -11.92
N GLY A 37 0.26 4.15 -10.68
CA GLY A 37 -0.96 4.97 -10.39
C GLY A 37 -0.58 6.44 -10.28
N ALA A 38 0.36 6.75 -9.42
CA ALA A 38 0.79 8.18 -9.25
C ALA A 38 1.69 8.62 -10.40
N GLY A 39 2.67 7.82 -10.72
CA GLY A 39 3.60 8.18 -11.83
C GLY A 39 4.63 9.20 -11.33
N SER A 40 5.05 10.10 -12.18
CA SER A 40 6.05 11.13 -11.76
C SER A 40 5.50 12.54 -11.99
N LYS A 41 4.26 12.76 -11.63
CA LYS A 41 3.65 14.11 -11.83
C LYS A 41 3.31 14.74 -10.47
N THR A 42 2.82 15.95 -10.48
CA THR A 42 2.47 16.63 -9.20
C THR A 42 1.30 15.90 -8.52
N LEU A 43 1.21 16.00 -7.22
CA LEU A 43 0.10 15.32 -6.49
C LEU A 43 -0.90 16.34 -5.94
N ALA A 44 -2.14 15.95 -5.82
CA ALA A 44 -3.17 16.89 -5.29
C ALA A 44 -3.44 16.60 -3.81
N GLY A 45 -3.04 17.50 -2.94
CA GLY A 45 -3.26 17.28 -1.48
C GLY A 45 -3.93 18.52 -0.88
N PRO A 46 -4.37 18.40 0.35
CA PRO A 46 -5.04 19.55 1.03
C PRO A 46 -4.02 20.67 1.30
N LYS A 47 -2.87 20.33 1.81
CA LYS A 47 -1.84 21.37 2.09
C LYS A 47 -1.26 21.92 0.78
N GLY A 48 -1.21 21.11 -0.24
CA GLY A 48 -0.67 21.56 -1.55
C GLY A 48 0.07 20.41 -2.24
N PRO A 49 0.66 20.70 -3.39
CA PRO A 49 1.40 19.64 -4.13
C PRO A 49 2.71 19.29 -3.41
N ILE A 50 3.36 18.24 -3.83
CA ILE A 50 4.64 17.83 -3.19
C ILE A 50 5.70 17.50 -4.25
N THR A 51 6.85 17.03 -3.84
CA THR A 51 7.93 16.70 -4.83
C THR A 51 8.19 15.19 -4.83
N GLN A 52 8.45 14.63 -5.99
CA GLN A 52 8.74 13.16 -6.07
C GLN A 52 10.16 12.86 -5.60
N MET A 53 10.31 11.98 -4.63
CA MET A 53 11.68 11.64 -4.14
C MET A 53 12.32 10.59 -5.06
N TYR A 54 11.64 9.50 -5.30
CA TYR A 54 12.21 8.46 -6.22
C TYR A 54 11.10 7.75 -7.00
N THR A 55 11.34 7.48 -8.26
CA THR A 55 10.33 6.79 -9.10
C THR A 55 10.99 5.62 -9.85
N ASN A 56 10.32 4.50 -9.96
CA ASN A 56 10.92 3.33 -10.69
C ASN A 56 9.84 2.34 -11.15
N VAL A 57 9.75 2.10 -12.43
CA VAL A 57 8.72 1.13 -12.94
C VAL A 57 9.13 -0.30 -12.57
N ASP A 58 10.41 -0.59 -12.58
CA ASP A 58 10.87 -1.97 -12.23
C ASP A 58 10.35 -2.38 -10.85
N GLN A 59 10.28 -1.44 -9.95
CA GLN A 59 9.77 -1.75 -8.57
C GLN A 59 8.33 -1.26 -8.41
N ASP A 60 7.84 -0.43 -9.32
CA ASP A 60 6.45 0.10 -9.23
C ASP A 60 6.22 0.78 -7.88
N LEU A 61 7.22 1.48 -7.38
CA LEU A 61 7.06 2.17 -6.06
C LEU A 61 7.63 3.59 -6.13
N VAL A 62 7.06 4.49 -5.38
CA VAL A 62 7.55 5.91 -5.38
C VAL A 62 7.38 6.49 -3.97
N GLY A 63 8.40 7.08 -3.39
CA GLY A 63 8.23 7.64 -2.01
C GLY A 63 8.44 9.15 -1.98
N TRP A 64 8.00 9.78 -0.92
CA TRP A 64 8.16 11.25 -0.78
C TRP A 64 8.71 11.58 0.61
N GLN A 65 9.31 12.73 0.77
CA GLN A 65 9.87 13.11 2.10
C GLN A 65 8.73 13.49 3.06
N ALA A 66 8.39 12.61 3.97
CA ALA A 66 7.29 12.91 4.94
C ALA A 66 7.73 14.00 5.93
N PRO A 67 6.77 14.66 6.53
CA PRO A 67 7.09 15.73 7.50
C PRO A 67 7.62 15.12 8.81
N PRO A 68 8.32 15.93 9.60
CA PRO A 68 8.88 15.43 10.88
C PRO A 68 7.77 15.28 11.92
N GLY A 69 8.01 14.50 12.94
CA GLY A 69 6.97 14.30 14.00
C GLY A 69 6.03 13.16 13.60
N ALA A 70 6.53 12.22 12.84
CA ALA A 70 5.67 11.07 12.41
C ALA A 70 6.33 9.75 12.82
N ARG A 71 5.55 8.81 13.30
CA ARG A 71 6.11 7.49 13.72
C ARG A 71 6.39 6.62 12.49
N SER A 72 7.50 5.92 12.49
CA SER A 72 7.84 5.05 11.33
C SER A 72 7.33 3.63 11.57
N LEU A 73 6.90 2.96 10.53
CA LEU A 73 6.39 1.56 10.70
C LEU A 73 7.56 0.58 10.80
N THR A 74 7.32 -0.57 11.38
CA THR A 74 8.41 -1.58 11.52
C THR A 74 8.13 -2.80 10.63
N PRO A 75 9.18 -3.44 10.17
CA PRO A 75 9.01 -4.63 9.29
C PRO A 75 8.49 -5.82 10.08
N CYS A 76 7.94 -6.80 9.40
CA CYS A 76 7.41 -8.01 10.11
C CYS A 76 8.55 -8.85 10.66
N THR A 77 8.43 -9.30 11.89
CA THR A 77 9.51 -10.13 12.51
C THR A 77 8.91 -11.33 13.25
N CYS A 78 8.04 -12.07 12.59
CA CYS A 78 7.41 -13.25 13.26
C CYS A 78 7.17 -14.41 12.28
N GLY A 79 7.58 -14.29 11.04
CA GLY A 79 7.38 -15.39 10.05
C GLY A 79 5.91 -15.84 10.04
N SER A 80 5.02 -15.02 9.53
CA SER A 80 3.58 -15.41 9.50
C SER A 80 3.06 -15.41 8.06
N SER A 81 2.35 -16.44 7.68
CA SER A 81 1.80 -16.51 6.30
C SER A 81 0.49 -15.72 6.20
N ASP A 82 -0.23 -15.63 7.29
CA ASP A 82 -1.52 -14.87 7.27
C ASP A 82 -1.25 -13.38 7.04
N LEU A 83 -2.00 -12.77 6.15
CA LEU A 83 -1.80 -11.31 5.88
C LEU A 83 -3.15 -10.60 5.82
N TYR A 84 -3.16 -9.29 5.95
CA TYR A 84 -4.44 -8.54 5.89
C TYR A 84 -4.32 -7.38 4.91
N LEU A 85 -4.98 -7.47 3.78
CA LEU A 85 -4.92 -6.37 2.76
C LEU A 85 -5.75 -5.18 3.25
N VAL A 86 -5.36 -3.97 2.94
CA VAL A 86 -6.15 -2.78 3.40
C VAL A 86 -6.67 -1.99 2.18
N THR A 87 -7.96 -1.73 2.13
CA THR A 87 -8.52 -0.97 0.97
C THR A 87 -8.80 0.49 1.37
N ARG A 88 -9.07 1.33 0.41
CA ARG A 88 -9.35 2.76 0.72
C ARG A 88 -10.61 2.91 1.58
N HIS A 89 -11.53 1.98 1.47
CA HIS A 89 -12.80 2.07 2.27
C HIS A 89 -12.70 1.22 3.54
N ALA A 90 -11.50 1.03 4.05
CA ALA A 90 -11.32 0.21 5.30
C ALA A 90 -12.00 -1.15 5.18
N ASP A 91 -12.19 -1.63 3.97
CA ASP A 91 -12.84 -2.96 3.78
C ASP A 91 -11.84 -3.93 3.16
N VAL A 92 -11.83 -5.17 3.61
CA VAL A 92 -10.85 -6.17 3.04
C VAL A 92 -11.09 -7.55 3.64
N ILE A 93 -10.21 -8.47 3.34
CA ILE A 93 -10.33 -9.87 3.87
C ILE A 93 -8.91 -10.43 4.13
N PRO A 94 -8.84 -11.57 4.79
CA PRO A 94 -7.52 -12.17 5.08
C PRO A 94 -6.92 -12.82 3.82
N VAL A 95 -5.64 -12.64 3.61
CA VAL A 95 -4.99 -13.23 2.40
C VAL A 95 -3.87 -14.19 2.83
N ARG A 96 -3.86 -15.39 2.31
CA ARG A 96 -2.80 -16.36 2.68
C ARG A 96 -1.56 -16.15 1.80
N ARG A 97 -0.40 -16.16 2.40
CA ARG A 97 0.86 -15.94 1.61
C ARG A 97 1.10 -17.12 0.65
N ARG A 98 1.45 -16.84 -0.57
CA ARG A 98 1.71 -17.93 -1.56
C ARG A 98 2.91 -17.57 -2.44
N GLY A 99 3.82 -16.79 -1.92
CA GLY A 99 5.02 -16.40 -2.71
C GLY A 99 5.71 -15.20 -2.06
N ASP A 100 6.89 -14.85 -2.50
CA ASP A 100 7.61 -13.69 -1.90
C ASP A 100 6.81 -12.40 -2.15
N SER A 101 6.33 -12.21 -3.35
CA SER A 101 5.55 -10.97 -3.66
C SER A 101 4.16 -11.34 -4.19
N ARG A 102 3.65 -12.49 -3.82
CA ARG A 102 2.31 -12.91 -4.30
C ARG A 102 1.54 -13.62 -3.18
N GLY A 103 0.23 -13.62 -3.25
CA GLY A 103 -0.58 -14.29 -2.19
C GLY A 103 -1.90 -14.78 -2.79
N SER A 104 -2.77 -15.33 -1.98
CA SER A 104 -4.07 -15.83 -2.50
C SER A 104 -5.23 -15.10 -1.79
N LEU A 105 -6.35 -14.99 -2.45
CA LEU A 105 -7.52 -14.28 -1.85
C LEU A 105 -8.61 -15.31 -1.49
N LEU A 106 -9.32 -15.08 -0.42
CA LEU A 106 -10.41 -16.01 -0.01
C LEU A 106 -11.74 -15.59 -0.66
N SER A 107 -12.33 -14.53 -0.18
CA SER A 107 -13.61 -14.05 -0.77
C SER A 107 -13.34 -13.42 -2.14
N PRO A 108 -13.81 -14.06 -3.20
CA PRO A 108 -13.57 -13.53 -4.55
C PRO A 108 -14.41 -12.28 -4.82
N ARG A 109 -13.76 -11.20 -5.18
CA ARG A 109 -14.50 -9.94 -5.49
C ARG A 109 -14.09 -9.42 -6.87
N PRO A 110 -14.96 -8.67 -7.50
CA PRO A 110 -14.64 -8.13 -8.86
C PRO A 110 -13.60 -7.02 -8.76
N VAL A 111 -12.79 -6.86 -9.78
CA VAL A 111 -11.75 -5.78 -9.77
C VAL A 111 -12.40 -4.42 -9.42
N SER A 112 -13.65 -4.25 -9.77
CA SER A 112 -14.35 -2.97 -9.48
C SER A 112 -14.42 -2.69 -7.97
N TYR A 113 -14.78 -3.67 -7.19
CA TYR A 113 -14.87 -3.46 -5.71
C TYR A 113 -13.47 -3.14 -5.15
N LEU A 114 -12.48 -3.80 -5.66
CA LEU A 114 -11.08 -3.57 -5.20
C LEU A 114 -10.40 -2.52 -6.07
N LYS A 115 -11.18 -1.73 -6.81
CA LYS A 115 -10.56 -0.71 -7.69
C LYS A 115 -10.20 0.57 -6.97
N GLY A 116 -8.93 0.87 -6.98
CA GLY A 116 -8.45 2.11 -6.30
C GLY A 116 -7.88 1.76 -4.93
N SER A 117 -7.46 0.53 -4.75
CA SER A 117 -6.90 0.12 -3.42
C SER A 117 -5.38 -0.01 -3.50
N SER A 118 -4.75 0.63 -4.47
CA SER A 118 -3.27 0.54 -4.57
C SER A 118 -2.64 1.39 -3.48
N GLY A 119 -1.53 0.95 -2.93
CA GLY A 119 -0.87 1.73 -1.84
C GLY A 119 -1.28 1.15 -0.48
N GLY A 120 -2.42 0.51 -0.41
CA GLY A 120 -2.87 -0.09 0.88
C GLY A 120 -1.81 -1.08 1.36
N PRO A 121 -1.23 -0.85 2.53
CA PRO A 121 -0.19 -1.76 3.05
C PRO A 121 -0.80 -3.08 3.54
N LEU A 122 0.03 -4.02 3.90
CA LEU A 122 -0.47 -5.34 4.40
C LEU A 122 0.06 -5.57 5.81
N LEU A 123 -0.81 -5.92 6.73
CA LEU A 123 -0.36 -6.15 8.14
C LEU A 123 -0.53 -7.61 8.55
N CYS A 124 0.51 -8.24 9.03
CA CYS A 124 0.40 -9.66 9.47
C CYS A 124 -0.40 -9.72 10.78
N PRO A 125 -0.85 -10.89 11.17
CA PRO A 125 -1.64 -11.02 12.42
C PRO A 125 -0.80 -10.63 13.65
N SER A 126 0.51 -10.54 13.51
CA SER A 126 1.36 -10.16 14.67
C SER A 126 1.24 -8.65 14.93
N GLY A 127 1.07 -7.87 13.90
CA GLY A 127 0.96 -6.39 14.08
C GLY A 127 2.16 -5.70 13.44
N HIS A 128 2.49 -6.06 12.23
CA HIS A 128 3.66 -5.43 11.53
C HIS A 128 3.39 -5.34 10.03
N ALA A 129 3.90 -4.33 9.38
CA ALA A 129 3.69 -4.18 7.91
C ALA A 129 4.60 -5.16 7.15
N VAL A 130 4.09 -5.80 6.14
CA VAL A 130 4.93 -6.77 5.36
C VAL A 130 5.06 -6.34 3.89
N GLY A 131 4.05 -5.68 3.35
CA GLY A 131 4.14 -5.26 1.92
C GLY A 131 3.01 -4.28 1.58
N ILE A 132 2.84 -3.99 0.32
CA ILE A 132 1.76 -3.04 -0.11
C ILE A 132 1.10 -3.56 -1.40
N PHE A 133 -0.17 -3.29 -1.59
CA PHE A 133 -0.87 -3.80 -2.82
C PHE A 133 -0.32 -3.15 -4.09
N ARG A 134 -0.45 -3.83 -5.19
CA ARG A 134 0.05 -3.28 -6.49
C ARG A 134 -0.98 -3.55 -7.60
N ALA A 135 -1.13 -4.80 -8.00
CA ALA A 135 -2.10 -5.12 -9.09
C ALA A 135 -3.14 -6.16 -8.64
N ALA A 136 -4.33 -6.01 -9.13
CA ALA A 136 -5.42 -6.99 -8.80
C ALA A 136 -5.47 -8.05 -9.90
N VAL A 137 -5.47 -9.31 -9.53
CA VAL A 137 -5.47 -10.40 -10.56
C VAL A 137 -6.88 -10.99 -10.75
N CYS A 138 -7.40 -10.95 -11.96
CA CYS A 138 -8.75 -11.53 -12.20
C CYS A 138 -8.79 -12.24 -13.57
N THR A 139 -9.43 -13.38 -13.63
CA THR A 139 -9.52 -14.12 -14.94
C THR A 139 -10.46 -13.37 -15.89
N ARG A 140 -11.58 -12.92 -15.40
CA ARG A 140 -12.55 -12.17 -16.25
C ARG A 140 -13.24 -11.09 -15.43
N GLY A 141 -12.48 -10.26 -14.77
CA GLY A 141 -13.07 -9.18 -13.93
C GLY A 141 -13.29 -9.68 -12.49
N VAL A 142 -13.17 -10.97 -12.26
CA VAL A 142 -13.35 -11.51 -10.87
C VAL A 142 -11.97 -11.72 -10.24
N ALA A 143 -11.76 -11.23 -9.06
CA ALA A 143 -10.41 -11.38 -8.41
C ALA A 143 -10.32 -12.70 -7.63
N LYS A 144 -9.34 -13.50 -7.96
CA LYS A 144 -9.15 -14.80 -7.24
C LYS A 144 -7.84 -14.76 -6.44
N ALA A 145 -6.88 -14.00 -6.90
CA ALA A 145 -5.57 -13.89 -6.17
C ALA A 145 -5.10 -12.43 -6.16
N VAL A 146 -4.11 -12.11 -5.38
CA VAL A 146 -3.62 -10.70 -5.33
C VAL A 146 -2.09 -10.63 -5.28
N ASP A 147 -1.52 -9.59 -5.84
CA ASP A 147 -0.03 -9.44 -5.84
C ASP A 147 0.36 -8.15 -5.12
N PHE A 148 1.40 -8.21 -4.31
CA PHE A 148 1.84 -6.99 -3.56
C PHE A 148 3.37 -6.89 -3.53
N VAL A 149 3.90 -5.72 -3.25
CA VAL A 149 5.38 -5.54 -3.20
C VAL A 149 5.89 -5.74 -1.75
N PRO A 150 7.00 -6.44 -1.61
CA PRO A 150 7.57 -6.66 -0.26
C PRO A 150 8.29 -5.41 0.24
N VAL A 151 8.43 -5.25 1.53
CA VAL A 151 9.13 -4.05 2.09
C VAL A 151 10.65 -4.24 2.00
N GLU A 152 11.12 -5.47 2.02
CA GLU A 152 12.59 -5.70 1.94
C GLU A 152 13.17 -5.12 0.64
N SER A 153 12.36 -5.05 -0.40
CA SER A 153 12.85 -4.50 -1.70
C SER A 153 12.90 -2.96 -1.62
N MET A 154 12.06 -2.37 -0.82
CA MET A 154 12.04 -0.89 -0.70
C MET A 154 13.40 -0.37 -0.20
N GLU A 155 14.08 -1.13 0.62
CA GLU A 155 15.41 -0.68 1.14
C GLU A 155 16.38 -0.45 -0.03
N THR A 156 16.49 -1.42 -0.91
CA THR A 156 17.42 -1.26 -2.08
C THR A 156 16.84 -0.25 -3.07
N THR A 157 15.55 -0.29 -3.29
CA THR A 157 14.90 0.66 -4.24
C THR A 157 15.10 2.10 -3.77
N MET A 158 15.04 2.33 -2.48
CA MET A 158 15.23 3.71 -1.94
C MET A 158 16.61 4.25 -2.33
N ARG A 159 17.59 3.40 -2.39
CA ARG A 159 18.97 3.85 -2.76
C ARG A 159 18.96 4.48 -4.16
N ALA A 160 18.22 3.90 -5.08
CA ALA A 160 18.16 4.46 -6.46
C ALA A 160 17.20 5.66 -6.50
O1 4P2 B . -0.39 -3.32 -14.21
C8 4P2 B . -2.99 -7.86 -13.64
O9 4P2 B . -2.84 -9.16 -13.20
C10 4P2 B . -1.52 -9.80 -13.31
C11 4P2 B . -1.75 -11.31 -13.49
C12 4P2 B . -0.69 -11.98 -12.65
C13 4P2 B . -0.60 -11.08 -11.44
C14 4P2 B . -0.70 -9.64 -12.00
C15 4P2 B . 0.72 -9.03 -12.15
C16 4P2 B . 0.74 -7.57 -12.62
C17 4P2 B . 2.13 -6.96 -12.41
C18 4P2 B . 2.27 -5.55 -12.97
C19 4P2 B . 1.42 -4.48 -12.24
C20 4P2 B . 1.63 -3.13 -12.89
N21 4P2 B . 2.85 -2.52 -12.51
C22 4P2 B . 3.31 -1.38 -13.16
C23 4P2 B . 4.56 -0.76 -12.77
C24 4P2 B . 5.05 0.44 -13.44
C25 4P2 B . 4.30 1.04 -14.52
C26 4P2 B . 3.04 0.45 -14.96
C27 4P2 B . 2.52 -0.76 -14.28
C28 4P2 B . 1.27 -1.42 -14.66
C29 4P2 B . 0.79 -2.62 -13.96
O38 4P2 B . -2.12 -7.16 -14.14
C5 4P2 B . -4.09 -5.06 -12.81
C6 4P2 B . -4.72 -6.06 -13.86
N7 4P2 B . -4.30 -7.43 -13.46
O32 4P2 B . -4.34 -5.22 -11.65
C33 4P2 B . -6.28 -5.91 -13.83
C34 4P2 B . -7.01 -6.88 -14.79
C35 4P2 B . -8.37 -6.24 -15.07
C36 4P2 B . -8.26 -4.77 -14.70
C37 4P2 B . -6.81 -4.54 -14.32
N4 4P2 B . -3.33 -3.96 -13.23
C31 4P2 B . -2.83 -2.96 -12.25
C39 4P2 B . -4.03 -2.32 -11.46
O40 4P2 B . -5.15 -2.22 -12.00
C30 4P2 B . -2.11 -1.90 -13.12
C2 4P2 B . -1.67 -2.66 -14.39
C3 4P2 B . -2.72 -3.77 -14.54
N41 4P2 B . -3.81 -1.92 -10.13
C42 4P2 B . -4.92 -1.37 -9.30
C43 4P2 B . -5.97 -2.45 -8.87
C44 4P2 B . -5.00 -1.90 -7.87
C47 4P2 B . -7.39 -2.12 -8.77
C48 4P2 B . -8.38 -2.99 -9.00
C45 4P2 B . -5.29 0.13 -9.49
O46 4P2 B . -6.43 0.53 -9.26
N49 4P2 B . -4.25 0.96 -9.92
S 4P2 B . -4.40 2.57 -10.16
O51 4P2 B . -3.30 2.96 -11.02
O52 4P2 B . -5.76 2.90 -10.51
C53 4P2 B . -4.01 3.35 -8.56
C54 4P2 B . -4.85 4.54 -8.21
C55 4P2 B . -5.06 3.22 -7.52
H2 4P2 B . -1.68 -2.05 -15.29
H10 4P2 B . -0.98 -9.43 -14.19
H111 4P2 B . -1.67 -11.59 -14.54
H112 4P2 B . -2.75 -11.59 -13.15
H122 4P2 B . 0.26 -12.01 -13.19
H121 4P2 B . -0.96 -13.00 -12.40
H132 4P2 B . 0.32 -11.27 -10.87
H131 4P2 B . -1.43 -11.26 -10.77
H14 4P2 B . -1.25 -9.03 -11.27
H151 4P2 B . 1.22 -9.09 -11.18
H152 4P2 B . 1.32 -9.62 -12.84
H162 4P2 B . 0.49 -7.52 -13.67
H161 4P2 B . 0.00 -6.97 -12.06
H171 4P2 B . 2.86 -7.58 -12.93
H172 4P2 B . 2.39 -6.98 -11.34
H182 4P2 B . 3.33 -5.26 -12.90
H181 4P2 B . 2.03 -5.55 -14.04
H191 4P2 B . 1.73 -4.42 -11.19
H192 4P2 B . 0.36 -4.76 -12.23
H23 4P2 B . 5.12 -1.20 -11.96
H24 4P2 B . 5.99 0.88 -13.12
H25 4P2 B . 4.69 1.94 -15.02
H26 4P2 B . 2.49 0.91 -15.78
H28 4P2 B . 0.70 -0.98 -15.46
H6 4P2 B . -4.36 -5.91 -14.88
H7 4P2 B . -4.94 -8.07 -12.99
H33 4P2 B . -6.66 -6.10 -12.81
H341 4P2 B . -6.45 -6.99 -15.72
H342 4P2 B . -7.13 -7.87 -14.34
H352 4P2 B . -9.15 -6.70 -14.47
H351 4P2 B . -8.64 -6.37 -16.13
H361 4P2 B . -8.92 -4.56 -13.85
H362 4P2 B . -8.57 -4.12 -15.53
H371 4P2 B . -6.73 -3.76 -13.56
H372 4P2 B . -6.25 -4.20 -15.21
H31 4P2 B . -2.16 -3.49 -11.55
H302 4P2 B . -1.28 -1.45 -12.57
H301 4P2 B . -2.79 -1.08 -13.40
H32 4P2 B . -2.27 -4.70 -14.90
H31A 4P2 B . -3.52 -3.47 -15.22
H41 4P2 B . -2.90 -2.03 -9.71
H43 4P2 B . -5.81 -3.47 -9.22
H442 4P2 B . -4.22 -2.58 -7.53
H441 4P2 B . -5.37 -1.25 -7.08
H47 4P2 B . -7.68 -1.12 -8.49
H482 4P2 B . -8.17 -4.01 -9.19
H481 4P2 B . -9.41 -2.68 -9.00
H53 4P2 B . -2.97 3.32 -8.26
H541 4P2 B . -4.37 5.34 -7.65
H542 4P2 B . -5.61 4.89 -8.90
H552 4P2 B . -4.76 3.13 -6.49
H551 4P2 B . -5.97 2.67 -7.75
ZN ZN C . 4.22 -9.66 11.86
N THR A 1 8.85 -8.08 24.83
CA THR A 1 7.38 -7.83 24.73
C THR A 1 7.13 -6.66 23.78
N GLY A 2 6.92 -6.93 22.51
CA GLY A 2 6.67 -5.84 21.54
C GLY A 2 5.30 -5.20 21.84
N ARG A 3 5.01 -4.10 21.19
CA ARG A 3 3.70 -3.42 21.44
C ARG A 3 2.63 -3.99 20.50
N ASP A 4 1.48 -4.34 21.04
CA ASP A 4 0.39 -4.89 20.19
C ASP A 4 -0.91 -4.08 20.35
N LYS A 5 -0.82 -2.90 20.93
CA LYS A 5 -2.05 -2.07 21.11
C LYS A 5 -1.84 -0.69 20.47
N ASN A 6 -2.85 -0.18 19.81
CA ASN A 6 -2.72 1.16 19.16
C ASN A 6 -3.78 2.12 19.71
N GLN A 7 -3.36 3.13 20.41
CA GLN A 7 -4.34 4.13 20.97
C GLN A 7 -5.05 4.86 19.83
N VAL A 8 -4.32 5.20 18.81
CA VAL A 8 -4.93 5.92 17.64
C VAL A 8 -4.65 5.16 16.34
N GLU A 9 -5.46 5.37 15.34
CA GLU A 9 -5.25 4.67 14.04
C GLU A 9 -5.03 5.69 12.93
N GLY A 10 -4.12 5.42 12.03
CA GLY A 10 -3.86 6.37 10.91
C GLY A 10 -2.60 5.94 10.16
N GLU A 11 -2.44 4.66 9.93
CA GLU A 11 -1.24 4.16 9.19
C GLU A 11 -1.31 4.57 7.72
N VAL A 12 -2.49 4.71 7.19
CA VAL A 12 -2.63 5.11 5.76
C VAL A 12 -3.56 6.33 5.64
N GLN A 13 -3.22 7.25 4.77
CA GLN A 13 -4.06 8.48 4.60
C GLN A 13 -4.90 8.36 3.33
N VAL A 14 -6.13 8.83 3.39
CA VAL A 14 -7.01 8.75 2.17
C VAL A 14 -6.81 9.97 1.28
N VAL A 15 -6.32 9.77 0.08
CA VAL A 15 -6.09 10.91 -0.85
C VAL A 15 -6.54 10.53 -2.27
N SER A 16 -7.23 11.42 -2.94
CA SER A 16 -7.70 11.11 -4.33
C SER A 16 -7.37 12.26 -5.29
N THR A 17 -7.01 11.94 -6.50
CA THR A 17 -6.69 13.00 -7.49
C THR A 17 -7.92 13.29 -8.36
N ALA A 18 -7.80 14.21 -9.29
CA ALA A 18 -8.96 14.53 -10.16
C ALA A 18 -9.21 13.44 -11.19
N THR A 19 -8.28 12.53 -11.39
CA THR A 19 -8.50 11.44 -12.39
C THR A 19 -8.46 10.06 -11.73
N GLN A 20 -7.79 9.91 -10.62
CA GLN A 20 -7.72 8.57 -9.95
C GLN A 20 -7.79 8.72 -8.43
N SER A 21 -7.98 7.62 -7.73
CA SER A 21 -8.06 7.68 -6.24
C SER A 21 -7.30 6.50 -5.62
N PHE A 22 -6.29 6.79 -4.85
CA PHE A 22 -5.48 5.70 -4.20
C PHE A 22 -5.12 6.08 -2.77
N LEU A 23 -4.49 5.20 -2.03
CA LEU A 23 -4.13 5.53 -0.63
C LEU A 23 -2.60 5.56 -0.46
N ALA A 24 -2.12 6.33 0.49
CA ALA A 24 -0.65 6.42 0.72
C ALA A 24 -0.30 5.90 2.12
N THR A 25 0.80 5.19 2.24
CA THR A 25 1.21 4.65 3.57
C THR A 25 2.55 5.25 4.00
N CYS A 26 2.71 5.52 5.27
CA CYS A 26 3.98 6.12 5.76
C CYS A 26 4.94 5.02 6.23
N VAL A 27 6.05 4.84 5.55
CA VAL A 27 7.03 3.80 5.95
C VAL A 27 8.42 4.43 6.09
N ASN A 28 9.09 4.18 7.19
CA ASN A 28 10.47 4.75 7.41
C ASN A 28 10.48 6.27 7.22
N GLY A 29 9.46 6.95 7.69
CA GLY A 29 9.40 8.43 7.55
C GLY A 29 9.27 8.84 6.07
N VAL A 30 8.87 7.92 5.22
CA VAL A 30 8.72 8.26 3.77
C VAL A 30 7.34 7.80 3.27
N CYS A 31 6.61 8.66 2.62
CA CYS A 31 5.27 8.28 2.10
C CYS A 31 5.41 7.53 0.78
N TRP A 32 5.09 6.25 0.76
CA TRP A 32 5.21 5.46 -0.50
C TRP A 32 3.83 5.29 -1.15
N THR A 33 3.77 5.43 -2.44
CA THR A 33 2.47 5.26 -3.17
C THR A 33 2.69 4.44 -4.44
N VAL A 34 1.66 4.20 -5.20
CA VAL A 34 1.80 3.42 -6.46
C VAL A 34 2.27 4.34 -7.59
N TYR A 35 3.13 3.84 -8.45
CA TYR A 35 3.65 4.67 -9.58
C TYR A 35 2.68 4.64 -10.78
N HIS A 36 2.14 3.49 -11.12
CA HIS A 36 1.22 3.43 -12.29
C HIS A 36 -0.02 4.29 -12.06
N GLY A 37 -0.32 4.60 -10.82
CA GLY A 37 -1.51 5.46 -10.52
C GLY A 37 -1.10 6.93 -10.66
N ALA A 38 -0.38 7.44 -9.69
CA ALA A 38 0.06 8.88 -9.75
C ALA A 38 0.99 9.08 -10.95
N GLY A 39 1.98 8.23 -11.11
CA GLY A 39 2.92 8.37 -12.25
C GLY A 39 4.15 9.17 -11.81
N SER A 40 5.05 9.45 -12.72
CA SER A 40 6.28 10.23 -12.37
C SER A 40 5.89 11.61 -11.82
N LYS A 41 4.90 12.23 -12.40
CA LYS A 41 4.47 13.57 -11.92
C LYS A 41 4.03 13.49 -10.46
N THR A 42 4.47 14.43 -9.65
CA THR A 42 4.08 14.41 -8.20
C THR A 42 2.81 15.26 -7.98
N LEU A 43 2.35 15.32 -6.75
CA LEU A 43 1.14 16.12 -6.45
C LEU A 43 1.49 17.34 -5.59
N ALA A 44 0.85 18.44 -5.82
CA ALA A 44 1.15 19.67 -5.03
C ALA A 44 -0.09 20.10 -4.23
N GLY A 45 0.07 20.34 -2.95
CA GLY A 45 -1.08 20.76 -2.12
C GLY A 45 -0.57 21.43 -0.83
N PRO A 46 -1.33 21.30 0.24
CA PRO A 46 -0.91 21.91 1.53
C PRO A 46 0.28 21.15 2.12
N LYS A 47 0.25 19.85 2.06
CA LYS A 47 1.37 19.04 2.63
C LYS A 47 2.02 18.18 1.53
N GLY A 48 1.83 18.53 0.28
CA GLY A 48 2.44 17.73 -0.82
C GLY A 48 3.63 18.50 -1.43
N PRO A 49 4.71 17.80 -1.69
CA PRO A 49 5.90 18.46 -2.28
C PRO A 49 5.74 18.63 -3.80
N ILE A 50 6.56 19.45 -4.39
CA ILE A 50 6.48 19.67 -5.87
C ILE A 50 7.64 18.97 -6.60
N THR A 51 8.49 18.26 -5.88
CA THR A 51 9.64 17.57 -6.54
C THR A 51 9.55 16.06 -6.30
N GLN A 52 10.04 15.27 -7.23
CA GLN A 52 9.98 13.78 -7.06
C GLN A 52 11.30 13.25 -6.53
N MET A 53 11.25 12.50 -5.45
CA MET A 53 12.51 11.94 -4.86
C MET A 53 12.73 10.50 -5.33
N TYR A 54 11.72 9.68 -5.27
CA TYR A 54 11.88 8.26 -5.71
C TYR A 54 10.93 7.95 -6.87
N THR A 55 11.41 7.29 -7.89
CA THR A 55 10.54 6.94 -9.06
C THR A 55 11.02 5.66 -9.73
N ASN A 56 10.15 4.70 -9.94
CA ASN A 56 10.58 3.43 -10.60
C ASN A 56 9.39 2.69 -11.20
N VAL A 57 9.37 2.53 -12.51
CA VAL A 57 8.24 1.80 -13.17
C VAL A 57 8.34 0.31 -12.83
N ASP A 58 9.52 -0.24 -12.80
CA ASP A 58 9.68 -1.70 -12.49
C ASP A 58 9.11 -2.00 -11.09
N GLN A 59 9.43 -1.17 -10.13
CA GLN A 59 8.91 -1.39 -8.75
C GLN A 59 7.47 -0.87 -8.64
N ASP A 60 7.02 -0.10 -9.61
CA ASP A 60 5.63 0.45 -9.57
C ASP A 60 5.36 1.18 -8.25
N LEU A 61 6.35 1.87 -7.73
CA LEU A 61 6.15 2.60 -6.45
C LEU A 61 6.84 3.97 -6.50
N VAL A 62 6.39 4.89 -5.69
CA VAL A 62 7.00 6.25 -5.66
C VAL A 62 7.10 6.70 -4.20
N GLY A 63 8.01 7.59 -3.87
CA GLY A 63 8.14 8.03 -2.45
C GLY A 63 8.31 9.54 -2.34
N TRP A 64 7.80 10.12 -1.29
CA TRP A 64 7.93 11.59 -1.07
C TRP A 64 8.52 11.85 0.31
N GLN A 65 9.42 12.80 0.43
CA GLN A 65 10.04 13.10 1.75
C GLN A 65 8.97 13.52 2.77
N ALA A 66 9.06 13.01 3.98
CA ALA A 66 8.05 13.37 5.03
C ALA A 66 8.68 14.29 6.08
N PRO A 67 7.85 14.96 6.85
CA PRO A 67 8.38 15.89 7.90
C PRO A 67 8.98 15.09 9.07
N PRO A 68 9.98 15.65 9.71
CA PRO A 68 10.63 14.96 10.84
C PRO A 68 9.75 15.04 12.09
N GLY A 69 9.98 14.17 13.05
CA GLY A 69 9.17 14.19 14.30
C GLY A 69 7.98 13.22 14.19
N ALA A 70 7.71 12.71 13.02
CA ALA A 70 6.56 11.76 12.86
C ALA A 70 7.01 10.33 13.13
N ARG A 71 6.13 9.38 12.97
CA ARG A 71 6.49 7.94 13.22
C ARG A 71 5.99 7.08 12.05
N SER A 72 6.58 5.92 11.87
CA SER A 72 6.15 5.03 10.74
C SER A 72 6.08 3.57 11.21
N LEU A 73 5.62 2.70 10.35
CA LEU A 73 5.51 1.25 10.71
C LEU A 73 6.86 0.55 10.49
N THR A 74 6.99 -0.67 10.95
CA THR A 74 8.25 -1.43 10.77
C THR A 74 8.02 -2.66 9.88
N PRO A 75 9.08 -3.16 9.28
CA PRO A 75 8.96 -4.34 8.40
C PRO A 75 8.71 -5.62 9.23
N CYS A 76 7.64 -6.31 8.95
CA CYS A 76 7.34 -7.57 9.72
C CYS A 76 8.32 -8.67 9.32
N THR A 77 8.75 -9.47 10.26
CA THR A 77 9.71 -10.56 9.94
C THR A 77 9.28 -11.87 10.62
N CYS A 78 8.24 -12.49 10.14
CA CYS A 78 7.76 -13.77 10.76
C CYS A 78 7.20 -14.75 9.71
N GLY A 79 7.18 -14.40 8.45
CA GLY A 79 6.65 -15.33 7.40
C GLY A 79 5.22 -15.76 7.76
N SER A 80 4.42 -14.86 8.25
CA SER A 80 3.01 -15.22 8.62
C SER A 80 2.18 -15.49 7.36
N SER A 81 1.62 -16.67 7.26
CA SER A 81 0.79 -17.00 6.06
C SER A 81 -0.52 -16.20 6.06
N ASP A 82 -1.12 -16.05 7.21
CA ASP A 82 -2.40 -15.28 7.29
C ASP A 82 -2.10 -13.77 7.34
N LEU A 83 -2.60 -13.04 6.38
CA LEU A 83 -2.35 -11.56 6.36
C LEU A 83 -3.66 -10.80 6.16
N TYR A 84 -3.75 -9.60 6.68
CA TYR A 84 -4.99 -8.80 6.53
C TYR A 84 -4.70 -7.54 5.69
N LEU A 85 -5.53 -7.26 4.72
CA LEU A 85 -5.30 -6.05 3.87
C LEU A 85 -6.41 -5.02 4.10
N VAL A 86 -6.05 -3.76 4.17
CA VAL A 86 -7.07 -2.69 4.39
C VAL A 86 -7.44 -2.05 3.05
N THR A 87 -8.72 -1.96 2.77
CA THR A 87 -9.16 -1.36 1.47
C THR A 87 -9.62 0.08 1.69
N ARG A 88 -9.85 0.80 0.62
CA ARG A 88 -10.31 2.22 0.74
C ARG A 88 -11.68 2.28 1.44
N HIS A 89 -12.43 1.21 1.39
CA HIS A 89 -13.78 1.20 2.06
C HIS A 89 -13.68 0.65 3.49
N ALA A 90 -12.53 0.76 4.10
CA ALA A 90 -12.36 0.26 5.51
C ALA A 90 -12.75 -1.22 5.61
N ASP A 91 -12.32 -2.02 4.67
CA ASP A 91 -12.66 -3.48 4.71
C ASP A 91 -11.39 -4.31 4.93
N VAL A 92 -11.53 -5.50 5.46
CA VAL A 92 -10.33 -6.35 5.71
C VAL A 92 -10.56 -7.77 5.18
N ILE A 93 -9.58 -8.34 4.54
CA ILE A 93 -9.73 -9.72 3.99
C ILE A 93 -8.46 -10.54 4.27
N PRO A 94 -8.64 -11.81 4.60
CA PRO A 94 -7.46 -12.66 4.89
C PRO A 94 -6.76 -13.08 3.60
N VAL A 95 -5.45 -13.08 3.60
CA VAL A 95 -4.69 -13.47 2.37
C VAL A 95 -3.69 -14.59 2.72
N ARG A 96 -3.69 -15.64 1.95
CA ARG A 96 -2.75 -16.77 2.20
C ARG A 96 -1.43 -16.54 1.45
N ARG A 97 -0.32 -16.79 2.09
CA ARG A 97 1.00 -16.59 1.41
C ARG A 97 1.34 -17.80 0.55
N ARG A 98 1.58 -17.57 -0.73
CA ARG A 98 1.92 -18.70 -1.64
C ARG A 98 3.21 -18.39 -2.42
N GLY A 99 4.06 -17.55 -1.87
CA GLY A 99 5.33 -17.20 -2.57
C GLY A 99 5.98 -16.02 -1.86
N ASP A 100 7.13 -15.58 -2.34
CA ASP A 100 7.82 -14.42 -1.70
C ASP A 100 6.94 -13.17 -1.76
N SER A 101 6.28 -12.95 -2.87
CA SER A 101 5.40 -11.75 -3.00
C SER A 101 4.08 -12.13 -3.68
N ARG A 102 3.69 -13.38 -3.63
CA ARG A 102 2.42 -13.81 -4.27
C ARG A 102 1.57 -14.63 -3.30
N GLY A 103 0.28 -14.41 -3.32
CA GLY A 103 -0.62 -15.17 -2.39
C GLY A 103 -1.97 -15.40 -3.08
N SER A 104 -2.87 -16.07 -2.42
CA SER A 104 -4.22 -16.33 -3.02
C SER A 104 -5.33 -15.92 -2.06
N LEU A 105 -6.42 -15.42 -2.59
CA LEU A 105 -7.55 -14.99 -1.72
C LEU A 105 -8.64 -16.06 -1.68
N LEU A 106 -9.17 -16.34 -0.52
CA LEU A 106 -10.23 -17.40 -0.41
C LEU A 106 -11.53 -16.91 -1.07
N SER A 107 -11.87 -15.65 -0.89
CA SER A 107 -13.12 -15.12 -1.50
C SER A 107 -12.79 -14.38 -2.81
N PRO A 108 -13.17 -14.95 -3.94
CA PRO A 108 -12.89 -14.29 -5.24
C PRO A 108 -13.87 -13.14 -5.48
N ARG A 109 -13.37 -12.02 -5.94
CA ARG A 109 -14.26 -10.85 -6.21
C ARG A 109 -13.88 -10.21 -7.55
N PRO A 110 -14.77 -9.41 -8.10
CA PRO A 110 -14.49 -8.74 -9.39
C PRO A 110 -13.45 -7.65 -9.20
N VAL A 111 -12.66 -7.38 -10.22
CA VAL A 111 -11.61 -6.30 -10.10
C VAL A 111 -12.28 -4.96 -9.77
N SER A 112 -13.46 -4.73 -10.28
CA SER A 112 -14.16 -3.43 -10.00
C SER A 112 -14.39 -3.27 -8.49
N TYR A 113 -14.74 -4.33 -7.81
CA TYR A 113 -14.98 -4.23 -6.34
C TYR A 113 -13.68 -3.79 -5.64
N LEU A 114 -12.57 -4.33 -6.06
CA LEU A 114 -11.26 -3.97 -5.43
C LEU A 114 -10.62 -2.76 -6.15
N LYS A 115 -11.15 -2.35 -7.27
CA LYS A 115 -10.54 -1.19 -8.00
C LYS A 115 -10.62 0.08 -7.15
N GLY A 116 -9.57 0.85 -7.16
CA GLY A 116 -9.56 2.11 -6.35
C GLY A 116 -9.09 1.83 -4.92
N SER A 117 -8.41 0.72 -4.70
CA SER A 117 -7.93 0.39 -3.33
C SER A 117 -6.40 0.27 -3.29
N SER A 118 -5.71 0.72 -4.31
CA SER A 118 -4.22 0.62 -4.32
C SER A 118 -3.63 1.39 -3.14
N GLY A 119 -2.49 0.98 -2.66
CA GLY A 119 -1.85 1.68 -1.51
C GLY A 119 -2.26 1.01 -0.20
N GLY A 120 -3.32 0.23 -0.20
CA GLY A 120 -3.77 -0.45 1.06
C GLY A 120 -2.62 -1.32 1.61
N PRO A 121 -2.06 -0.92 2.74
CA PRO A 121 -0.94 -1.69 3.32
C PRO A 121 -1.46 -2.95 4.02
N LEU A 122 -0.71 -4.03 3.93
CA LEU A 122 -1.14 -5.30 4.58
C LEU A 122 -0.45 -5.40 5.95
N LEU A 123 -1.18 -5.71 6.99
CA LEU A 123 -0.58 -5.80 8.35
C LEU A 123 -0.54 -7.25 8.83
N CYS A 124 0.35 -7.55 9.74
CA CYS A 124 0.46 -8.95 10.27
C CYS A 124 -0.14 -9.00 11.68
N PRO A 125 -0.19 -10.19 12.26
CA PRO A 125 -0.75 -10.33 13.62
C PRO A 125 0.21 -9.74 14.66
N SER A 126 1.49 -9.71 14.34
CA SER A 126 2.48 -9.14 15.30
C SER A 126 2.29 -7.62 15.43
N GLY A 127 1.84 -6.99 14.38
CA GLY A 127 1.61 -5.51 14.43
C GLY A 127 2.57 -4.80 13.47
N HIS A 128 2.98 -5.47 12.41
CA HIS A 128 3.91 -4.84 11.43
C HIS A 128 3.35 -4.97 10.01
N ALA A 129 3.61 -4.01 9.17
CA ALA A 129 3.09 -4.06 7.76
C ALA A 129 4.02 -4.91 6.89
N VAL A 130 3.46 -5.79 6.09
CA VAL A 130 4.31 -6.66 5.22
C VAL A 130 4.52 -5.99 3.84
N GLY A 131 3.65 -5.11 3.44
CA GLY A 131 3.82 -4.44 2.11
C GLY A 131 2.55 -3.68 1.73
N ILE A 132 2.41 -3.32 0.47
CA ILE A 132 1.21 -2.57 0.01
C ILE A 132 0.62 -3.25 -1.23
N PHE A 133 -0.66 -3.04 -1.49
CA PHE A 133 -1.30 -3.68 -2.69
C PHE A 133 -0.74 -3.05 -3.96
N ARG A 134 -0.41 -3.86 -4.93
CA ARG A 134 0.16 -3.32 -6.20
C ARG A 134 -0.79 -3.57 -7.38
N ALA A 135 -1.02 -4.82 -7.72
CA ALA A 135 -1.92 -5.13 -8.87
C ALA A 135 -2.87 -6.29 -8.52
N ALA A 136 -4.05 -6.28 -9.11
CA ALA A 136 -5.03 -7.38 -8.84
C ALA A 136 -4.93 -8.45 -9.93
N VAL A 137 -4.75 -9.68 -9.54
CA VAL A 137 -4.62 -10.78 -10.55
C VAL A 137 -5.98 -11.47 -10.77
N CYS A 138 -6.50 -11.41 -11.97
CA CYS A 138 -7.83 -12.07 -12.24
C CYS A 138 -7.81 -12.75 -13.62
N THR A 139 -8.48 -13.87 -13.73
CA THR A 139 -8.52 -14.59 -15.05
C THR A 139 -9.44 -13.85 -16.03
N ARG A 140 -10.64 -13.52 -15.60
CA ARG A 140 -11.58 -12.79 -16.49
C ARG A 140 -12.33 -11.71 -15.71
N GLY A 141 -11.61 -10.90 -14.98
CA GLY A 141 -12.26 -9.82 -14.18
C GLY A 141 -12.46 -10.28 -12.73
N VAL A 142 -12.27 -11.55 -12.45
CA VAL A 142 -12.43 -12.05 -11.05
C VAL A 142 -11.05 -12.23 -10.41
N ALA A 143 -10.80 -11.56 -9.32
CA ALA A 143 -9.46 -11.68 -8.67
C ALA A 143 -9.42 -12.85 -7.69
N LYS A 144 -8.56 -13.80 -7.95
CA LYS A 144 -8.43 -14.98 -7.04
C LYS A 144 -7.18 -14.83 -6.16
N ALA A 145 -6.20 -14.10 -6.64
CA ALA A 145 -4.96 -13.89 -5.85
C ALA A 145 -4.54 -12.42 -5.89
N VAL A 146 -3.62 -12.03 -5.06
CA VAL A 146 -3.18 -10.60 -5.05
C VAL A 146 -1.65 -10.51 -5.02
N ASP A 147 -1.09 -9.57 -5.76
CA ASP A 147 0.39 -9.41 -5.78
C ASP A 147 0.78 -8.10 -5.09
N PHE A 148 1.73 -8.15 -4.19
CA PHE A 148 2.16 -6.90 -3.47
C PHE A 148 3.68 -6.88 -3.31
N VAL A 149 4.23 -5.71 -3.11
CA VAL A 149 5.72 -5.60 -2.93
C VAL A 149 6.06 -5.59 -1.43
N PRO A 150 7.07 -6.35 -1.04
CA PRO A 150 7.45 -6.39 0.39
C PRO A 150 8.14 -5.09 0.81
N VAL A 151 8.07 -4.77 2.08
CA VAL A 151 8.70 -3.50 2.58
C VAL A 151 10.22 -3.54 2.32
N GLU A 152 10.82 -4.68 2.48
CA GLU A 152 12.29 -4.81 2.25
C GLU A 152 12.67 -4.37 0.83
N SER A 153 11.81 -4.62 -0.12
CA SER A 153 12.11 -4.21 -1.52
C SER A 153 12.26 -2.69 -1.61
N MET A 154 11.44 -1.96 -0.90
CA MET A 154 11.53 -0.46 -0.93
C MET A 154 12.90 0.00 -0.43
N GLU A 155 13.43 -0.66 0.57
CA GLU A 155 14.77 -0.27 1.11
C GLU A 155 15.85 -0.37 0.03
N THR A 156 15.72 -1.31 -0.88
CA THR A 156 16.74 -1.45 -1.96
C THR A 156 16.83 -0.17 -2.79
N THR A 157 15.71 0.45 -3.08
CA THR A 157 15.73 1.71 -3.88
C THR A 157 16.50 2.80 -3.13
N MET A 158 16.17 3.02 -1.88
CA MET A 158 16.88 4.08 -1.08
C MET A 158 18.35 3.70 -0.91
N ARG A 159 18.64 2.43 -0.76
CA ARG A 159 20.06 2.00 -0.57
C ARG A 159 20.90 2.41 -1.79
N ALA A 160 20.35 2.28 -2.97
CA ALA A 160 21.11 2.66 -4.20
C ALA A 160 21.08 4.18 -4.38
O1 4P2 B . -0.80 -2.82 -14.53
C8 4P2 B . -2.33 -8.01 -13.81
O9 4P2 B . -2.17 -9.29 -13.32
C10 4P2 B . -0.85 -9.93 -13.44
C11 4P2 B . -1.10 -11.44 -13.45
C12 4P2 B . 0.16 -12.02 -12.85
C13 4P2 B . 0.45 -11.08 -11.69
C14 4P2 B . 0.04 -9.67 -12.19
C15 4P2 B . 1.30 -8.81 -12.47
C16 4P2 B . 1.00 -7.39 -12.94
C17 4P2 B . 2.11 -6.41 -12.53
C18 4P2 B . 2.05 -5.09 -13.29
C19 4P2 B . 1.07 -4.06 -12.68
C20 4P2 B . 1.29 -2.70 -13.30
N21 4P2 B . 2.50 -2.08 -12.94
C22 4P2 B . 2.91 -0.89 -13.53
C23 4P2 B . 4.16 -0.27 -13.15
C24 4P2 B . 4.60 0.98 -13.76
C25 4P2 B . 3.79 1.62 -14.79
C26 4P2 B . 2.52 1.02 -15.21
C27 4P2 B . 2.07 -0.23 -14.58
C28 4P2 B . 0.81 -0.89 -14.94
C29 4P2 B . 0.38 -2.13 -14.29
O38 4P2 B . -1.50 -7.34 -14.42
C5 4P2 B . -3.46 -5.21 -12.74
C6 4P2 B . -4.04 -6.18 -13.85
N7 4P2 B . -3.61 -7.56 -13.53
O32 4P2 B . -3.23 -5.63 -11.60
C33 4P2 B . -5.60 -6.06 -13.86
C34 4P2 B . -6.32 -7.22 -14.56
C35 4P2 B . -7.72 -6.68 -14.89
C36 4P2 B . -7.62 -5.15 -14.79
C37 4P2 B . -6.13 -4.86 -14.65
N4 4P2 B . -3.28 -3.87 -13.06
C31 4P2 B . -2.90 -2.87 -12.04
C39 4P2 B . -4.16 -2.38 -11.29
O40 4P2 B . -5.28 -2.33 -11.82
C30 4P2 B . -2.23 -1.72 -12.85
C2 4P2 B . -2.10 -2.22 -14.29
C3 4P2 B . -3.15 -3.33 -14.40
N41 4P2 B . -3.96 -2.03 -9.95
C42 4P2 B . -5.06 -1.67 -9.03
C43 4P2 B . -5.84 -2.89 -8.43
C44 4P2 B . -4.91 -2.09 -7.57
C47 4P2 B . -7.30 -2.83 -8.22
C48 4P2 B . -8.17 -3.75 -8.68
C45 4P2 B . -5.67 -0.25 -9.19
O46 4P2 B . -6.82 -0.02 -8.84
N49 4P2 B . -4.82 0.70 -9.76
S 4P2 B . -5.15 2.30 -9.96
O51 4P2 B . -3.98 2.87 -10.59
O52 4P2 B . -6.46 2.49 -10.53
C53 4P2 B . -5.12 3.04 -8.29
C54 4P2 B . -6.17 4.08 -8.05
C55 4P2 B . -6.30 2.72 -7.42
H2 4P2 B . -2.32 -1.45 -15.05
H10 4P2 B . -0.36 -9.65 -14.38
H111 4P2 B . -1.26 -11.81 -14.47
H112 4P2 B . -1.97 -11.69 -12.84
H122 4P2 B . 0.97 -12.00 -13.58
H121 4P2 B . 0.02 -13.06 -12.52
H132 4P2 B . 1.50 -11.16 -11.37
H131 4P2 B . -0.16 -11.35 -10.83
H14 4P2 B . -0.54 -9.17 -11.39
H151 4P2 B . 1.90 -8.77 -11.55
H152 4P2 B . 1.93 -9.31 -13.23
H162 4P2 B . 0.89 -7.37 -14.03
H161 4P2 B . 0.04 -7.05 -12.50
H171 4P2 B . 3.09 -6.87 -12.74
H172 4P2 B . 2.07 -6.22 -11.45
H182 4P2 B . 3.06 -4.66 -13.31
H181 4P2 B . 1.78 -5.28 -14.34
H191 4P2 B . 1.25 -3.99 -11.60
H192 4P2 B . 0.03 -4.38 -12.79
H23 4P2 B . 4.79 -0.75 -12.40
H24 4P2 B . 5.55 1.42 -13.47
H25 4P2 B . 4.13 2.55 -15.25
H26 4P2 B . 1.93 1.51 -15.97
H28 4P2 B . 0.20 -0.41 -15.70
H6 4P2 B . -3.65 -5.94 -14.84
H7 4P2 B . -4.23 -8.22 -13.08
H33 4P2 B . -5.98 -5.99 -12.82
H341 4P2 B . -5.80 -7.49 -15.49
H342 4P2 B . -6.38 -8.11 -13.93
H352 4P2 B . -8.46 -7.05 -14.18
H351 4P2 B . -8.03 -6.99 -15.90
H361 4P2 B . -8.15 -4.81 -13.90
H362 4P2 B . -8.05 -4.66 -15.66
H371 4P2 B . -5.96 -3.90 -14.14
H372 4P2 B . -5.67 -4.81 -15.64
H31 4P2 B . -2.19 -3.34 -11.35
H302 4P2 B . -1.28 -1.45 -12.39
H301 4P2 B . -2.86 -0.81 -12.85
H32 4P2 B . -2.85 -4.10 -15.11
H31A 4P2 B . -4.13 -2.92 -14.67
H41 4P2 B . -3.02 -2.04 -9.57
H43 4P2 B . -5.50 -3.87 -8.73
H442 4P2 B . -3.98 -2.57 -7.25
H441 4P2 B . -5.32 -1.45 -6.80
H47 4P2 B . -7.71 -1.99 -7.66
H482 4P2 B . -7.84 -4.64 -9.18
H481 4P2 B . -9.24 -3.60 -8.55
H53 4P2 B . -4.15 3.18 -7.83
H541 4P2 B . -5.92 4.92 -7.41
H542 4P2 B . -6.87 4.35 -8.84
H552 4P2 B . -6.13 2.65 -6.35
H551 4P2 B . -7.08 2.06 -7.78
ZN ZN C . 4.41 -9.44 11.33
N THR A 1 -9.65 19.44 12.58
CA THR A 1 -8.71 20.38 13.25
C THR A 1 -8.51 19.98 14.72
N GLY A 2 -7.29 19.83 15.14
CA GLY A 2 -7.02 19.45 16.57
C GLY A 2 -7.24 17.94 16.74
N ARG A 3 -8.27 17.56 17.45
CA ARG A 3 -8.55 16.11 17.66
C ARG A 3 -9.19 15.49 16.41
N ASP A 4 -9.02 14.21 16.22
CA ASP A 4 -9.60 13.53 15.02
C ASP A 4 -10.23 12.19 15.43
N LYS A 5 -11.45 12.23 15.91
CA LYS A 5 -12.13 10.96 16.33
C LYS A 5 -12.39 10.06 15.10
N ASN A 6 -12.67 10.64 13.98
CA ASN A 6 -12.94 9.84 12.75
C ASN A 6 -11.72 8.98 12.40
N GLN A 7 -10.54 9.53 12.54
CA GLN A 7 -9.30 8.76 12.22
C GLN A 7 -8.68 8.21 13.51
N VAL A 8 -8.73 6.92 13.70
CA VAL A 8 -8.15 6.31 14.93
C VAL A 8 -6.63 6.25 14.83
N GLU A 9 -6.12 5.72 13.73
CA GLU A 9 -4.64 5.62 13.55
C GLU A 9 -4.22 6.23 12.21
N GLY A 10 -2.98 6.62 12.09
CA GLY A 10 -2.50 7.23 10.82
C GLY A 10 -1.60 6.22 10.07
N GLU A 11 -1.96 4.96 10.12
CA GLU A 11 -1.13 3.92 9.42
C GLU A 11 -1.08 4.23 7.92
N VAL A 12 -2.19 4.63 7.36
CA VAL A 12 -2.23 4.96 5.90
C VAL A 12 -3.12 6.18 5.66
N GLN A 13 -2.72 7.05 4.77
CA GLN A 13 -3.55 8.27 4.49
C GLN A 13 -4.29 8.09 3.16
N VAL A 14 -5.52 8.51 3.10
CA VAL A 14 -6.32 8.37 1.84
C VAL A 14 -5.99 9.53 0.88
N VAL A 15 -5.78 9.24 -0.37
CA VAL A 15 -5.47 10.31 -1.36
C VAL A 15 -6.40 10.20 -2.57
N SER A 16 -7.02 11.29 -2.95
CA SER A 16 -7.94 11.26 -4.13
C SER A 16 -7.48 12.26 -5.19
N THR A 17 -7.45 11.85 -6.43
CA THR A 17 -6.99 12.78 -7.52
C THR A 17 -8.19 13.17 -8.40
N ALA A 18 -7.93 13.90 -9.45
CA ALA A 18 -9.04 14.34 -10.35
C ALA A 18 -9.63 13.17 -11.14
N THR A 19 -8.79 12.24 -11.58
CA THR A 19 -9.32 11.09 -12.37
C THR A 19 -9.04 9.75 -11.68
N GLN A 20 -8.10 9.71 -10.76
CA GLN A 20 -7.79 8.43 -10.06
C GLN A 20 -7.71 8.64 -8.55
N SER A 21 -7.95 7.61 -7.78
CA SER A 21 -7.88 7.74 -6.29
C SER A 21 -7.07 6.58 -5.72
N PHE A 22 -6.04 6.88 -4.97
CA PHE A 22 -5.19 5.80 -4.37
C PHE A 22 -4.87 6.12 -2.91
N LEU A 23 -4.30 5.18 -2.20
CA LEU A 23 -3.95 5.41 -0.77
C LEU A 23 -2.44 5.36 -0.58
N ALA A 24 -1.91 6.09 0.37
CA ALA A 24 -0.43 6.09 0.60
C ALA A 24 -0.12 5.52 2.00
N THR A 25 1.01 4.86 2.14
CA THR A 25 1.37 4.29 3.47
C THR A 25 2.69 4.90 3.95
N CYS A 26 2.77 5.26 5.21
CA CYS A 26 4.05 5.87 5.73
C CYS A 26 4.95 4.80 6.37
N VAL A 27 6.15 4.67 5.85
CA VAL A 27 7.10 3.65 6.40
C VAL A 27 8.46 4.32 6.67
N ASN A 28 9.00 4.13 7.85
CA ASN A 28 10.32 4.74 8.20
C ASN A 28 10.31 6.26 7.95
N GLY A 29 9.23 6.92 8.27
CA GLY A 29 9.16 8.40 8.06
C GLY A 29 9.13 8.74 6.57
N VAL A 30 8.85 7.78 5.72
CA VAL A 30 8.80 8.06 4.25
C VAL A 30 7.46 7.60 3.69
N CYS A 31 6.72 8.49 3.06
CA CYS A 31 5.40 8.11 2.49
C CYS A 31 5.60 7.38 1.14
N TRP A 32 5.23 6.13 1.07
CA TRP A 32 5.38 5.36 -0.20
C TRP A 32 4.02 5.20 -0.90
N THR A 33 3.99 5.38 -2.19
CA THR A 33 2.70 5.23 -2.94
C THR A 33 2.93 4.44 -4.22
N VAL A 34 1.90 4.21 -4.99
CA VAL A 34 2.05 3.44 -6.26
C VAL A 34 2.48 4.39 -7.39
N TYR A 35 3.34 3.95 -8.26
CA TYR A 35 3.81 4.84 -9.37
C TYR A 35 2.78 4.90 -10.52
N HIS A 36 2.21 3.79 -10.91
CA HIS A 36 1.23 3.83 -12.03
C HIS A 36 -0.03 4.61 -11.64
N GLY A 37 -0.28 4.77 -10.35
CA GLY A 37 -1.49 5.52 -9.90
C GLY A 37 -1.09 6.95 -9.54
N ALA A 38 -0.07 7.10 -8.73
CA ALA A 38 0.38 8.48 -8.33
C ALA A 38 1.63 8.88 -9.11
N GLY A 39 2.53 7.95 -9.33
CA GLY A 39 3.77 8.27 -10.09
C GLY A 39 3.42 8.77 -11.50
N SER A 40 2.25 8.47 -11.98
CA SER A 40 1.85 8.93 -13.34
C SER A 40 1.87 10.47 -13.41
N LYS A 41 1.54 11.13 -12.33
CA LYS A 41 1.54 12.62 -12.32
C LYS A 41 2.21 13.15 -11.06
N THR A 42 2.47 14.43 -11.01
CA THR A 42 3.13 15.03 -9.81
C THR A 42 2.09 15.74 -8.94
N LEU A 43 2.21 15.62 -7.64
CA LEU A 43 1.23 16.29 -6.73
C LEU A 43 1.85 17.54 -6.10
N ALA A 44 1.05 18.54 -5.84
CA ALA A 44 1.59 19.80 -5.23
C ALA A 44 1.35 19.81 -3.72
N GLY A 45 2.39 19.94 -2.95
CA GLY A 45 2.25 19.97 -1.47
C GLY A 45 1.74 21.35 -1.02
N PRO A 46 1.17 21.41 0.17
CA PRO A 46 0.65 22.70 0.68
C PRO A 46 1.81 23.61 1.08
N LYS A 47 2.82 23.07 1.71
CA LYS A 47 3.99 23.91 2.14
C LYS A 47 4.78 24.36 0.91
N GLY A 48 4.79 23.55 -0.13
CA GLY A 48 5.54 23.92 -1.36
C GLY A 48 5.62 22.70 -2.29
N PRO A 49 5.96 22.95 -3.54
CA PRO A 49 6.07 21.82 -4.52
C PRO A 49 7.32 20.98 -4.22
N ILE A 50 7.15 19.70 -4.06
CA ILE A 50 8.31 18.82 -3.76
C ILE A 50 8.48 17.77 -4.87
N THR A 51 9.67 17.63 -5.40
CA THR A 51 9.91 16.63 -6.48
C THR A 51 9.82 15.21 -5.91
N GLN A 52 9.41 14.26 -6.70
CA GLN A 52 9.28 12.85 -6.21
C GLN A 52 10.63 12.35 -5.69
N MET A 53 10.68 11.91 -4.46
CA MET A 53 11.97 11.40 -3.88
C MET A 53 12.35 10.07 -4.54
N TYR A 54 11.39 9.22 -4.77
CA TYR A 54 11.69 7.89 -5.41
C TYR A 54 10.82 7.68 -6.65
N THR A 55 11.42 7.32 -7.75
CA THR A 55 10.66 7.10 -9.01
C THR A 55 11.16 5.85 -9.73
N ASN A 56 10.31 4.86 -9.91
CA ASN A 56 10.75 3.62 -10.62
C ASN A 56 9.55 2.86 -11.22
N VAL A 57 9.48 2.80 -12.53
CA VAL A 57 8.34 2.07 -13.18
C VAL A 57 8.51 0.57 -12.95
N ASP A 58 9.72 0.07 -13.03
CA ASP A 58 9.95 -1.39 -12.82
C ASP A 58 9.45 -1.81 -11.44
N GLN A 59 9.77 -1.06 -10.43
CA GLN A 59 9.30 -1.38 -9.05
C GLN A 59 7.90 -0.81 -8.83
N ASP A 60 7.45 0.09 -9.69
CA ASP A 60 6.08 0.69 -9.53
C ASP A 60 5.92 1.30 -8.13
N LEU A 61 6.95 1.93 -7.63
CA LEU A 61 6.86 2.53 -6.26
C LEU A 61 7.49 3.93 -6.22
N VAL A 62 6.96 4.78 -5.40
CA VAL A 62 7.50 6.17 -5.26
C VAL A 62 7.26 6.68 -3.84
N GLY A 63 7.69 7.87 -3.52
CA GLY A 63 7.46 8.39 -2.14
C GLY A 63 8.04 9.80 -2.00
N TRP A 64 7.76 10.44 -0.89
CA TRP A 64 8.28 11.82 -0.65
C TRP A 64 8.94 11.89 0.72
N GLN A 65 9.80 12.86 0.95
CA GLN A 65 10.48 12.97 2.27
C GLN A 65 9.56 13.67 3.27
N ALA A 66 9.29 13.04 4.39
CA ALA A 66 8.41 13.65 5.42
C ALA A 66 9.25 14.34 6.51
N PRO A 67 8.60 15.19 7.28
CA PRO A 67 9.33 15.91 8.36
C PRO A 67 9.71 14.93 9.50
N PRO A 68 10.79 15.23 10.20
CA PRO A 68 11.23 14.35 11.30
C PRO A 68 10.29 14.48 12.50
N GLY A 69 10.24 13.49 13.35
CA GLY A 69 9.35 13.56 14.54
C GLY A 69 7.99 12.97 14.20
N ALA A 70 7.95 12.02 13.29
CA ALA A 70 6.65 11.39 12.91
C ALA A 70 6.69 9.88 13.11
N ARG A 71 5.56 9.27 13.32
CA ARG A 71 5.53 7.79 13.54
C ARG A 71 5.87 7.05 12.24
N SER A 72 6.46 5.89 12.34
CA SER A 72 6.82 5.11 11.11
C SER A 72 6.40 3.65 11.27
N LEU A 73 6.25 2.95 10.17
CA LEU A 73 5.85 1.51 10.26
C LEU A 73 7.06 0.61 9.98
N THR A 74 7.18 -0.49 10.70
CA THR A 74 8.32 -1.41 10.49
C THR A 74 7.86 -2.67 9.76
N PRO A 75 8.79 -3.40 9.17
CA PRO A 75 8.43 -4.63 8.43
C PRO A 75 8.04 -5.74 9.40
N CYS A 76 7.20 -6.65 8.97
CA CYS A 76 6.77 -7.76 9.87
C CYS A 76 7.77 -8.91 9.83
N THR A 77 8.07 -9.50 10.96
CA THR A 77 9.04 -10.62 11.00
C THR A 77 8.42 -11.85 11.66
N CYS A 78 7.51 -12.51 11.00
CA CYS A 78 6.85 -13.71 11.60
C CYS A 78 6.54 -14.81 10.56
N GLY A 79 6.71 -14.54 9.29
CA GLY A 79 6.43 -15.57 8.24
C GLY A 79 5.00 -16.10 8.39
N SER A 80 4.08 -15.25 8.81
CA SER A 80 2.67 -15.70 8.97
C SER A 80 1.94 -15.71 7.62
N SER A 81 1.48 -16.86 7.20
CA SER A 81 0.76 -16.95 5.89
C SER A 81 -0.49 -16.06 5.92
N ASP A 82 -1.18 -16.04 7.02
CA ASP A 82 -2.41 -15.18 7.12
C ASP A 82 -2.03 -13.71 7.00
N LEU A 83 -2.64 -13.01 6.07
CA LEU A 83 -2.32 -11.56 5.89
C LEU A 83 -3.60 -10.74 5.86
N TYR A 84 -3.51 -9.47 6.20
CA TYR A 84 -4.73 -8.60 6.18
C TYR A 84 -4.53 -7.47 5.17
N LEU A 85 -5.53 -7.19 4.37
CA LEU A 85 -5.41 -6.11 3.36
C LEU A 85 -6.37 -4.95 3.68
N VAL A 86 -5.87 -3.74 3.66
CA VAL A 86 -6.73 -2.57 3.96
C VAL A 86 -7.33 -2.02 2.66
N THR A 87 -8.63 -2.00 2.56
CA THR A 87 -9.29 -1.49 1.31
C THR A 87 -9.76 -0.05 1.51
N ARG A 88 -10.00 0.65 0.43
CA ARG A 88 -10.47 2.08 0.55
C ARG A 88 -11.79 2.14 1.31
N HIS A 89 -12.56 1.07 1.30
CA HIS A 89 -13.87 1.06 2.01
C HIS A 89 -13.71 0.53 3.44
N ALA A 90 -12.55 0.67 4.03
CA ALA A 90 -12.32 0.17 5.42
C ALA A 90 -12.68 -1.32 5.53
N ASP A 91 -12.50 -2.06 4.47
CA ASP A 91 -12.82 -3.51 4.49
C ASP A 91 -11.53 -4.33 4.57
N VAL A 92 -11.45 -5.25 5.50
CA VAL A 92 -10.22 -6.09 5.64
C VAL A 92 -10.51 -7.53 5.20
N ILE A 93 -9.73 -8.03 4.28
CA ILE A 93 -9.94 -9.43 3.80
C ILE A 93 -8.67 -10.27 4.07
N PRO A 94 -8.85 -11.47 4.59
CA PRO A 94 -7.68 -12.34 4.88
C PRO A 94 -7.10 -12.93 3.59
N VAL A 95 -5.80 -12.91 3.45
CA VAL A 95 -5.17 -13.47 2.22
C VAL A 95 -4.05 -14.44 2.62
N ARG A 96 -4.05 -15.63 2.06
CA ARG A 96 -2.98 -16.62 2.40
C ARG A 96 -1.70 -16.31 1.62
N ARG A 97 -0.58 -16.74 2.12
CA ARG A 97 0.71 -16.47 1.41
C ARG A 97 1.14 -17.70 0.61
N ARG A 98 1.30 -17.54 -0.68
CA ARG A 98 1.72 -18.70 -1.53
C ARG A 98 3.06 -18.40 -2.23
N GLY A 99 3.85 -17.51 -1.67
CA GLY A 99 5.16 -17.18 -2.31
C GLY A 99 5.92 -16.19 -1.42
N ASP A 100 7.06 -15.73 -1.85
CA ASP A 100 7.85 -14.76 -1.04
C ASP A 100 7.08 -13.43 -0.91
N SER A 101 6.45 -12.99 -1.97
CA SER A 101 5.68 -11.71 -1.91
C SER A 101 4.33 -11.86 -2.60
N ARG A 102 3.82 -13.07 -2.68
CA ARG A 102 2.50 -13.28 -3.34
C ARG A 102 1.53 -14.00 -2.41
N GLY A 103 0.25 -13.76 -2.54
CA GLY A 103 -0.74 -14.43 -1.66
C GLY A 103 -2.01 -14.74 -2.46
N SER A 104 -2.91 -15.52 -1.91
CA SER A 104 -4.16 -15.86 -2.63
C SER A 104 -5.36 -15.23 -1.94
N LEU A 105 -6.41 -14.94 -2.68
CA LEU A 105 -7.63 -14.31 -2.07
C LEU A 105 -8.70 -15.37 -1.82
N LEU A 106 -9.09 -15.54 -0.58
CA LEU A 106 -10.14 -16.57 -0.26
C LEU A 106 -11.44 -16.27 -1.00
N SER A 107 -11.88 -15.03 -0.97
CA SER A 107 -13.15 -14.67 -1.67
C SER A 107 -12.83 -14.05 -3.05
N PRO A 108 -13.17 -14.75 -4.11
CA PRO A 108 -12.90 -14.24 -5.47
C PRO A 108 -13.87 -13.10 -5.82
N ARG A 109 -13.36 -11.91 -5.95
CA ARG A 109 -14.25 -10.74 -6.29
C ARG A 109 -13.81 -10.11 -7.62
N PRO A 110 -14.68 -9.33 -8.21
CA PRO A 110 -14.34 -8.66 -9.49
C PRO A 110 -13.28 -7.58 -9.28
N VAL A 111 -12.47 -7.33 -10.28
CA VAL A 111 -11.40 -6.28 -10.13
C VAL A 111 -12.03 -4.93 -9.74
N SER A 112 -13.23 -4.67 -10.22
CA SER A 112 -13.90 -3.38 -9.88
C SER A 112 -14.06 -3.21 -8.37
N TYR A 113 -14.52 -4.24 -7.70
CA TYR A 113 -14.69 -4.15 -6.21
C TYR A 113 -13.35 -3.86 -5.54
N LEU A 114 -12.31 -4.49 -6.00
CA LEU A 114 -10.96 -4.28 -5.38
C LEU A 114 -10.26 -3.06 -5.98
N LYS A 115 -10.79 -2.50 -7.05
CA LYS A 115 -10.14 -1.30 -7.67
C LYS A 115 -10.24 -0.09 -6.75
N GLY A 116 -9.21 0.73 -6.73
CA GLY A 116 -9.22 1.94 -5.86
C GLY A 116 -8.52 1.65 -4.53
N SER A 117 -8.08 0.43 -4.31
CA SER A 117 -7.38 0.11 -3.03
C SER A 117 -5.86 0.05 -3.23
N SER A 118 -5.37 0.48 -4.38
CA SER A 118 -3.90 0.44 -4.62
C SER A 118 -3.16 1.29 -3.59
N GLY A 119 -2.02 0.82 -3.12
CA GLY A 119 -1.25 1.59 -2.11
C GLY A 119 -1.67 1.16 -0.69
N GLY A 120 -2.73 0.41 -0.56
CA GLY A 120 -3.18 -0.03 0.80
C GLY A 120 -2.12 -0.95 1.41
N PRO A 121 -1.69 -0.67 2.62
CA PRO A 121 -0.66 -1.50 3.27
C PRO A 121 -1.26 -2.82 3.78
N LEU A 122 -0.48 -3.87 3.79
CA LEU A 122 -0.99 -5.18 4.28
C LEU A 122 -0.52 -5.38 5.72
N LEU A 123 -1.44 -5.50 6.65
CA LEU A 123 -1.04 -5.67 8.08
C LEU A 123 -0.94 -7.15 8.45
N CYS A 124 -0.29 -7.44 9.54
CA CYS A 124 -0.15 -8.87 10.00
C CYS A 124 -0.80 -9.03 11.38
N PRO A 125 -0.81 -10.25 11.88
CA PRO A 125 -1.42 -10.50 13.21
C PRO A 125 -0.55 -9.89 14.32
N SER A 126 0.74 -9.76 14.08
CA SER A 126 1.65 -9.18 15.11
C SER A 126 1.35 -7.69 15.28
N GLY A 127 0.98 -7.03 14.21
CA GLY A 127 0.69 -5.56 14.30
C GLY A 127 1.82 -4.77 13.64
N HIS A 128 2.25 -5.20 12.48
CA HIS A 128 3.36 -4.49 11.77
C HIS A 128 3.04 -4.37 10.29
N ALA A 129 3.68 -3.45 9.60
CA ALA A 129 3.42 -3.27 8.14
C ALA A 129 4.16 -4.35 7.33
N VAL A 130 3.45 -5.07 6.52
CA VAL A 130 4.09 -6.14 5.70
C VAL A 130 4.52 -5.59 4.34
N GLY A 131 3.61 -4.97 3.62
CA GLY A 131 3.96 -4.40 2.29
C GLY A 131 2.81 -3.54 1.76
N ILE A 132 2.80 -3.28 0.48
CA ILE A 132 1.71 -2.45 -0.12
C ILE A 132 1.12 -3.15 -1.36
N PHE A 133 -0.18 -3.09 -1.52
CA PHE A 133 -0.82 -3.75 -2.70
C PHE A 133 -0.29 -3.11 -3.99
N ARG A 134 0.16 -3.92 -4.92
CA ARG A 134 0.70 -3.36 -6.21
C ARG A 134 -0.31 -3.55 -7.34
N ALA A 135 -0.52 -4.77 -7.76
CA ALA A 135 -1.48 -5.03 -8.88
C ALA A 135 -2.40 -6.21 -8.54
N ALA A 136 -3.59 -6.21 -9.10
CA ALA A 136 -4.54 -7.32 -8.84
C ALA A 136 -4.39 -8.38 -9.93
N VAL A 137 -4.64 -9.62 -9.62
CA VAL A 137 -4.48 -10.70 -10.65
C VAL A 137 -5.83 -11.39 -10.91
N CYS A 138 -6.31 -11.33 -12.12
CA CYS A 138 -7.62 -12.00 -12.44
C CYS A 138 -7.56 -12.64 -13.84
N THR A 139 -8.17 -13.79 -13.99
CA THR A 139 -8.17 -14.47 -15.33
C THR A 139 -9.14 -13.76 -16.27
N ARG A 140 -10.29 -13.38 -15.78
CA ARG A 140 -11.30 -12.68 -16.64
C ARG A 140 -12.06 -11.63 -15.83
N GLY A 141 -11.36 -10.77 -15.14
CA GLY A 141 -12.04 -9.71 -14.32
C GLY A 141 -12.26 -10.22 -12.89
N VAL A 142 -12.05 -11.49 -12.63
CA VAL A 142 -12.23 -12.02 -11.25
C VAL A 142 -10.87 -12.18 -10.59
N ALA A 143 -10.66 -11.55 -9.46
CA ALA A 143 -9.34 -11.64 -8.77
C ALA A 143 -9.31 -12.85 -7.84
N LYS A 144 -8.41 -13.77 -8.09
CA LYS A 144 -8.29 -14.98 -7.22
C LYS A 144 -7.04 -14.86 -6.36
N ALA A 145 -6.05 -14.15 -6.83
CA ALA A 145 -4.78 -13.99 -6.04
C ALA A 145 -4.37 -12.52 -6.01
N VAL A 146 -3.52 -12.15 -5.10
CA VAL A 146 -3.07 -10.73 -5.01
C VAL A 146 -1.54 -10.66 -4.94
N ASP A 147 -0.95 -9.71 -5.63
CA ASP A 147 0.54 -9.58 -5.62
C ASP A 147 0.96 -8.24 -5.01
N PHE A 148 1.77 -8.27 -3.97
CA PHE A 148 2.24 -7.01 -3.35
C PHE A 148 3.76 -7.05 -3.13
N VAL A 149 4.38 -5.92 -2.96
CA VAL A 149 5.87 -5.92 -2.75
C VAL A 149 6.18 -5.80 -1.24
N PRO A 150 7.22 -6.50 -0.81
CA PRO A 150 7.60 -6.46 0.61
C PRO A 150 8.35 -5.16 0.92
N VAL A 151 8.60 -4.90 2.18
CA VAL A 151 9.33 -3.64 2.57
C VAL A 151 10.73 -3.62 1.92
N GLU A 152 11.34 -4.77 1.82
CA GLU A 152 12.71 -4.84 1.23
C GLU A 152 12.72 -4.32 -0.21
N SER A 153 11.64 -4.52 -0.94
CA SER A 153 11.61 -4.02 -2.36
C SER A 153 11.75 -2.50 -2.38
N MET A 154 11.22 -1.83 -1.38
CA MET A 154 11.32 -0.34 -1.33
C MET A 154 12.77 0.08 -1.09
N GLU A 155 13.47 -0.63 -0.23
CA GLU A 155 14.90 -0.27 0.06
C GLU A 155 15.74 -0.33 -1.22
N THR A 156 15.49 -1.30 -2.06
CA THR A 156 16.28 -1.43 -3.33
C THR A 156 16.11 -0.17 -4.18
N THR A 157 14.93 0.38 -4.24
CA THR A 157 14.69 1.61 -5.05
C THR A 157 15.57 2.75 -4.52
N MET A 158 15.69 2.87 -3.23
CA MET A 158 16.52 3.96 -2.64
C MET A 158 17.98 3.82 -3.09
N ARG A 159 18.48 2.61 -3.10
CA ARG A 159 19.90 2.39 -3.53
C ARG A 159 20.09 2.82 -4.98
N ALA A 160 19.12 2.53 -5.83
CA ALA A 160 19.24 2.92 -7.27
C ALA A 160 18.96 4.41 -7.43
O1 4P2 B . -0.66 -2.53 -14.57
C8 4P2 B . -2.10 -7.83 -13.90
O9 4P2 B . -1.91 -9.11 -13.42
C10 4P2 B . -0.59 -9.73 -13.56
C11 4P2 B . -0.81 -11.24 -13.53
C12 4P2 B . 0.47 -11.79 -12.94
C13 4P2 B . 0.75 -10.83 -11.79
C14 4P2 B . 0.31 -9.43 -12.32
C15 4P2 B . 1.56 -8.57 -12.63
C16 4P2 B . 1.23 -7.15 -13.11
C17 4P2 B . 2.36 -6.17 -12.80
C18 4P2 B . 2.22 -4.83 -13.53
C19 4P2 B . 1.26 -3.85 -12.83
C20 4P2 B . 1.45 -2.45 -13.39
N21 4P2 B . 2.68 -1.83 -13.02
C22 4P2 B . 3.03 -0.59 -13.56
C23 4P2 B . 4.28 0.03 -13.18
C24 4P2 B . 4.67 1.33 -13.70
C25 4P2 B . 3.80 2.03 -14.65
C26 4P2 B . 2.54 1.42 -15.07
C27 4P2 B . 2.14 0.12 -14.53
C28 4P2 B . 0.90 -0.55 -14.89
C29 4P2 B . 0.51 -1.84 -14.31
O38 4P2 B . -1.28 -7.14 -14.51
C5 4P2 B . -3.22 -5.06 -12.76
C6 4P2 B . -3.82 -6.00 -13.87
N7 4P2 B . -3.37 -7.40 -13.59
O32 4P2 B . -2.94 -5.51 -11.64
C33 4P2 B . -5.38 -5.90 -13.84
C34 4P2 B . -6.12 -7.06 -14.54
C35 4P2 B . -7.51 -6.52 -14.89
C36 4P2 B . -7.42 -5.00 -14.73
C37 4P2 B . -5.94 -4.69 -14.61
N4 4P2 B . -3.06 -3.71 -13.04
C31 4P2 B . -2.66 -2.73 -12.00
C39 4P2 B . -3.89 -2.29 -11.16
O40 4P2 B . -5.03 -2.22 -11.64
C30 4P2 B . -2.07 -1.53 -12.79
C2 4P2 B . -1.97 -1.98 -14.26
C3 4P2 B . -2.99 -3.11 -14.36
N41 4P2 B . -3.62 -2.03 -9.81
C42 4P2 B . -4.67 -1.73 -8.82
C43 4P2 B . -5.44 -2.98 -8.28
C44 4P2 B . -4.46 -2.27 -7.41
C47 4P2 B . -6.89 -2.94 -8.01
C48 4P2 B . -7.79 -3.80 -8.50
C45 4P2 B . -5.28 -0.31 -8.85
O46 4P2 B . -6.36 -0.08 -8.30
N49 4P2 B . -4.54 0.65 -9.54
S 4P2 B . -5.00 2.20 -9.85
O51 4P2 B . -3.95 2.76 -10.66
O52 4P2 B . -6.37 2.24 -10.29
C53 4P2 B . -4.87 3.10 -8.28
C54 4P2 B . -5.87 4.22 -8.13
C55 4P2 B . -6.04 2.95 -7.34
H2 4P2 B . -2.24 -1.20 -14.98
H10 4P2 B . -0.12 -9.46 -14.50
H111 4P2 B . -0.98 -11.64 -14.54
H112 4P2 B . -1.67 -11.51 -12.90
H122 4P2 B . 1.28 -11.76 -13.67
H121 4P2 B . 0.35 -12.82 -12.60
H132 4P2 B . 1.79 -10.87 -11.47
H131 4P2 B . 0.14 -11.09 -10.93
H14 4P2 B . -0.26 -8.92 -11.53
H151 4P2 B . 2.17 -8.50 -11.72
H152 4P2 B . 2.18 -9.07 -13.39
H162 4P2 B . 1.07 -7.16 -14.19
H161 4P2 B . 0.31 -6.80 -12.64
H171 4P2 B . 3.32 -6.63 -13.09
H172 4P2 B . 2.42 -6.00 -11.71
H182 4P2 B . 3.22 -4.39 -13.61
H181 4P2 B . 1.89 -5.02 -14.55
H191 4P2 B . 1.48 -3.83 -11.75
H192 4P2 B . 0.22 -4.17 -12.92
H23 4P2 B . 4.95 -0.48 -12.48
H24 4P2 B . 5.62 1.78 -13.40
H25 4P2 B . 4.09 3.01 -15.03
H26 4P2 B . 1.91 1.95 -15.79
H28 4P2 B . 0.25 -0.04 -15.61
H6 4P2 B . -3.45 -5.73 -14.87
H7 4P2 B . -3.98 -8.06 -13.15
H33 4P2 B . -5.74 -5.84 -12.80
H341 4P2 B . -5.60 -7.34 -15.48
H342 4P2 B . -6.18 -7.95 -13.92
H352 4P2 B . -8.26 -6.92 -14.20
H351 4P2 B . -7.80 -6.80 -15.90
H361 4P2 B . -7.94 -4.69 -13.81
H362 4P2 B . -7.88 -4.47 -15.57
H371 4P2 B . -5.76 -3.74 -14.10
H372 4P2 B . -5.49 -4.63 -15.62
H31 4P2 B . -1.91 -3.20 -11.37
H302 4P2 B . -1.10 -1.25 -12.36
H301 4P2 B . -2.71 -0.64 -12.74
H32 4P2 B . -2.69 -3.86 -15.11
H31A 4P2 B . -3.99 -2.74 -14.60
H41 4P2 B . -2.66 -2.05 -9.48
H43 4P2 B . -5.12 -3.95 -8.67
H442 4P2 B . -3.54 -2.78 -7.17
H441 4P2 B . -4.83 -1.69 -6.57
H47 4P2 B . -7.26 -2.14 -7.35
H482 4P2 B . -7.48 -4.65 -9.10
H481 4P2 B . -8.85 -3.66 -8.32
H53 4P2 B . -3.88 3.24 -7.87
H541 4P2 B . -5.53 5.11 -7.60
H542 4P2 B . -6.58 4.43 -8.92
H552 4P2 B . -5.83 2.99 -6.27
H551 4P2 B . -6.85 2.30 -7.60
ZN ZN C . 3.71 -9.31 11.40
N THR A 1 -19.56 19.51 14.55
CA THR A 1 -19.16 18.99 13.21
C THR A 1 -19.04 17.46 13.25
N GLY A 2 -18.14 16.95 14.06
CA GLY A 2 -17.97 15.47 14.15
C GLY A 2 -17.91 15.05 15.63
N ARG A 3 -18.39 13.88 15.94
CA ARG A 3 -18.37 13.42 17.36
C ARG A 3 -17.46 12.18 17.47
N ASP A 4 -16.53 12.20 18.41
CA ASP A 4 -15.60 11.05 18.59
C ASP A 4 -14.90 10.70 17.28
N LYS A 5 -14.57 11.69 16.49
CA LYS A 5 -13.88 11.43 15.19
C LYS A 5 -12.43 11.93 15.23
N ASN A 6 -11.80 11.81 16.37
CA ASN A 6 -10.38 12.27 16.50
C ASN A 6 -9.49 11.46 15.56
N GLN A 7 -9.74 10.18 15.44
CA GLN A 7 -8.91 9.32 14.55
C GLN A 7 -9.49 9.32 13.13
N VAL A 8 -8.91 10.11 12.25
CA VAL A 8 -9.42 10.16 10.84
C VAL A 8 -8.45 9.45 9.90
N GLU A 9 -7.18 9.40 10.25
CA GLU A 9 -6.17 8.72 9.38
C GLU A 9 -5.11 8.06 10.26
N GLY A 10 -4.40 7.10 9.71
CA GLY A 10 -3.34 6.41 10.50
C GLY A 10 -2.28 5.84 9.57
N GLU A 11 -2.02 4.56 9.65
CA GLU A 11 -0.99 3.93 8.77
C GLU A 11 -1.37 4.11 7.30
N VAL A 12 -2.64 3.98 6.99
CA VAL A 12 -3.09 4.14 5.57
C VAL A 12 -3.67 5.54 5.37
N GLN A 13 -3.16 6.26 4.38
CA GLN A 13 -3.68 7.64 4.11
C GLN A 13 -4.51 7.64 2.83
N VAL A 14 -5.57 8.40 2.80
CA VAL A 14 -6.43 8.47 1.57
C VAL A 14 -5.89 9.54 0.62
N VAL A 15 -5.40 9.14 -0.53
CA VAL A 15 -4.85 10.13 -1.50
C VAL A 15 -5.65 10.10 -2.80
N SER A 16 -6.07 11.24 -3.29
CA SER A 16 -6.86 11.28 -4.55
C SER A 16 -6.16 12.17 -5.58
N THR A 17 -6.08 11.73 -6.81
CA THR A 17 -5.40 12.55 -7.86
C THR A 17 -6.44 13.24 -8.73
N ALA A 18 -5.99 13.98 -9.71
CA ALA A 18 -6.93 14.72 -10.60
C ALA A 18 -7.74 13.74 -11.46
N THR A 19 -7.11 12.71 -11.96
CA THR A 19 -7.85 11.72 -12.82
C THR A 19 -7.95 10.36 -12.13
N GLN A 20 -7.00 10.03 -11.28
CA GLN A 20 -7.03 8.72 -10.58
C GLN A 20 -6.92 8.91 -9.07
N SER A 21 -6.91 7.83 -8.33
CA SER A 21 -6.81 7.95 -6.85
C SER A 21 -6.18 6.68 -6.26
N PHE A 22 -5.13 6.84 -5.49
CA PHE A 22 -4.44 5.66 -4.88
C PHE A 22 -4.21 5.92 -3.38
N LEU A 23 -3.54 5.02 -2.71
CA LEU A 23 -3.28 5.22 -1.24
C LEU A 23 -1.79 5.08 -0.95
N ALA A 24 -1.32 5.77 0.06
CA ALA A 24 0.13 5.70 0.42
C ALA A 24 0.31 5.01 1.79
N THR A 25 1.50 4.55 2.08
CA THR A 25 1.74 3.86 3.38
C THR A 25 2.98 4.42 4.05
N CYS A 26 2.87 4.80 5.31
CA CYS A 26 4.05 5.37 6.03
C CYS A 26 4.99 4.24 6.48
N VAL A 27 6.15 4.15 5.86
CA VAL A 27 7.11 3.08 6.25
C VAL A 27 8.51 3.67 6.49
N ASN A 28 9.14 3.30 7.56
CA ASN A 28 10.52 3.81 7.91
C ASN A 28 10.66 5.33 7.69
N GLY A 29 9.61 6.08 7.92
CA GLY A 29 9.69 7.56 7.75
C GLY A 29 9.36 7.99 6.32
N VAL A 30 9.44 7.09 5.37
CA VAL A 30 9.12 7.47 3.95
C VAL A 30 7.80 6.83 3.52
N CYS A 31 6.91 7.62 2.97
CA CYS A 31 5.59 7.07 2.52
C CYS A 31 5.77 6.32 1.19
N TRP A 32 4.98 5.31 0.95
CA TRP A 32 5.12 4.55 -0.33
C TRP A 32 3.75 4.31 -0.98
N THR A 33 3.68 4.49 -2.27
CA THR A 33 2.40 4.26 -3.00
C THR A 33 2.70 3.52 -4.31
N VAL A 34 1.70 3.20 -5.08
CA VAL A 34 1.95 2.50 -6.37
C VAL A 34 2.38 3.52 -7.42
N TYR A 35 3.31 3.17 -8.27
CA TYR A 35 3.79 4.13 -9.30
C TYR A 35 2.89 4.10 -10.56
N HIS A 36 2.50 2.93 -11.01
CA HIS A 36 1.66 2.86 -12.25
C HIS A 36 0.35 3.65 -12.09
N GLY A 37 -0.06 3.88 -10.87
CA GLY A 37 -1.33 4.64 -10.65
C GLY A 37 -1.04 6.15 -10.60
N ALA A 38 -0.12 6.55 -9.76
CA ALA A 38 0.22 8.01 -9.66
C ALA A 38 1.15 8.42 -10.79
N GLY A 39 2.33 7.86 -10.84
CA GLY A 39 3.30 8.22 -11.92
C GLY A 39 4.20 9.36 -11.44
N SER A 40 4.54 10.27 -12.32
CA SER A 40 5.42 11.41 -11.92
C SER A 40 4.62 12.72 -11.89
N LYS A 41 3.33 12.65 -11.69
CA LYS A 41 2.50 13.89 -11.66
C LYS A 41 2.40 14.41 -10.23
N THR A 42 1.98 15.64 -10.07
CA THR A 42 1.86 16.23 -8.70
C THR A 42 0.68 15.57 -7.96
N LEU A 43 0.71 15.60 -6.65
CA LEU A 43 -0.39 14.97 -5.87
C LEU A 43 -1.11 16.03 -5.01
N ALA A 44 -2.40 15.89 -4.85
CA ALA A 44 -3.18 16.86 -4.03
C ALA A 44 -3.32 16.34 -2.60
N GLY A 45 -2.80 17.06 -1.64
CA GLY A 45 -2.90 16.61 -0.22
C GLY A 45 -3.29 17.80 0.67
N PRO A 46 -3.07 17.66 1.96
CA PRO A 46 -3.42 18.76 2.90
C PRO A 46 -2.50 19.97 2.68
N LYS A 47 -1.25 19.73 2.44
CA LYS A 47 -0.29 20.85 2.22
C LYS A 47 -0.28 21.27 0.74
N GLY A 48 -0.51 20.34 -0.14
CA GLY A 48 -0.53 20.67 -1.60
C GLY A 48 0.34 19.66 -2.37
N PRO A 49 0.95 20.11 -3.45
CA PRO A 49 1.81 19.21 -4.25
C PRO A 49 3.11 18.89 -3.52
N ILE A 50 3.81 17.88 -3.94
CA ILE A 50 5.10 17.51 -3.27
C ILE A 50 6.19 17.29 -4.33
N THR A 51 7.44 17.36 -3.93
CA THR A 51 8.56 17.16 -4.90
C THR A 51 8.81 15.66 -5.10
N GLN A 52 8.89 15.22 -6.33
CA GLN A 52 9.13 13.77 -6.61
C GLN A 52 10.54 13.37 -6.17
N MET A 53 10.66 12.33 -5.39
CA MET A 53 12.01 11.88 -4.94
C MET A 53 12.28 10.44 -5.43
N TYR A 54 11.35 9.54 -5.21
CA TYR A 54 11.55 8.14 -5.68
C TYR A 54 10.59 7.82 -6.83
N THR A 55 11.12 7.32 -7.92
CA THR A 55 10.25 6.98 -9.09
C THR A 55 10.86 5.83 -9.88
N ASN A 56 10.13 4.75 -10.06
CA ASN A 56 10.69 3.59 -10.83
C ASN A 56 9.58 2.64 -11.28
N VAL A 57 9.51 2.35 -12.56
CA VAL A 57 8.46 1.42 -13.07
C VAL A 57 8.81 -0.02 -12.66
N ASP A 58 10.08 -0.37 -12.70
CA ASP A 58 10.48 -1.76 -12.31
C ASP A 58 9.99 -2.10 -10.90
N GLN A 59 10.06 -1.15 -10.01
CA GLN A 59 9.58 -1.40 -8.61
C GLN A 59 8.11 -1.01 -8.48
N ASP A 60 7.57 -0.28 -9.44
CA ASP A 60 6.12 0.13 -9.37
C ASP A 60 5.84 0.84 -8.04
N LEU A 61 6.76 1.67 -7.58
CA LEU A 61 6.53 2.37 -6.28
C LEU A 61 7.07 3.80 -6.32
N VAL A 62 6.60 4.61 -5.43
CA VAL A 62 7.06 6.04 -5.35
C VAL A 62 7.10 6.44 -3.87
N GLY A 63 7.80 7.48 -3.52
CA GLY A 63 7.86 7.86 -2.07
C GLY A 63 8.18 9.34 -1.88
N TRP A 64 7.87 9.86 -0.72
CA TRP A 64 8.15 11.30 -0.41
C TRP A 64 8.54 11.44 1.06
N GLN A 65 9.04 12.58 1.45
CA GLN A 65 9.44 12.78 2.88
C GLN A 65 8.18 12.83 3.76
N ALA A 66 8.26 12.30 4.95
CA ALA A 66 7.06 12.32 5.86
C ALA A 66 7.10 13.56 6.77
N PRO A 67 5.96 13.89 7.36
CA PRO A 67 5.91 15.06 8.26
C PRO A 67 6.61 14.75 9.59
N PRO A 68 7.17 15.77 10.21
CA PRO A 68 7.87 15.57 11.50
C PRO A 68 6.86 15.39 12.64
N GLY A 69 7.28 14.83 13.73
CA GLY A 69 6.35 14.63 14.89
C GLY A 69 5.46 13.41 14.63
N ALA A 70 5.95 12.45 13.88
CA ALA A 70 5.14 11.24 13.59
C ALA A 70 6.05 10.03 13.35
N ARG A 71 5.71 8.89 13.90
CA ARG A 71 6.55 7.67 13.70
C ARG A 71 5.82 6.66 12.83
N SER A 72 6.48 6.13 11.84
CA SER A 72 5.83 5.13 10.94
C SER A 72 6.08 3.71 11.46
N LEU A 73 5.50 2.72 10.82
CA LEU A 73 5.69 1.32 11.26
C LEU A 73 6.95 0.72 10.61
N THR A 74 7.35 -0.44 11.04
CA THR A 74 8.56 -1.09 10.47
C THR A 74 8.17 -2.36 9.70
N PRO A 75 9.12 -2.96 9.00
CA PRO A 75 8.82 -4.19 8.24
C PRO A 75 8.57 -5.36 9.20
N CYS A 76 7.86 -6.37 8.75
CA CYS A 76 7.56 -7.53 9.63
C CYS A 76 8.74 -8.50 9.66
N THR A 77 8.86 -9.26 10.71
CA THR A 77 9.99 -10.23 10.82
C THR A 77 9.49 -11.58 11.34
N CYS A 78 8.53 -12.17 10.66
CA CYS A 78 7.99 -13.49 11.13
C CYS A 78 7.60 -14.41 9.96
N GLY A 79 7.61 -13.93 8.73
CA GLY A 79 7.25 -14.79 7.56
C GLY A 79 5.88 -15.45 7.79
N SER A 80 5.01 -14.81 8.53
CA SER A 80 3.66 -15.40 8.79
C SER A 80 2.82 -15.39 7.52
N SER A 81 1.92 -16.32 7.38
CA SER A 81 1.05 -16.38 6.17
C SER A 81 -0.19 -15.49 6.35
N ASP A 82 -0.61 -15.30 7.59
CA ASP A 82 -1.81 -14.45 7.84
C ASP A 82 -1.48 -12.98 7.58
N LEU A 83 -2.19 -12.35 6.67
CA LEU A 83 -1.93 -10.92 6.36
C LEU A 83 -3.25 -10.16 6.21
N TYR A 84 -3.25 -8.89 6.55
CA TYR A 84 -4.50 -8.08 6.41
C TYR A 84 -4.26 -6.90 5.46
N LEU A 85 -5.12 -6.73 4.49
CA LEU A 85 -4.94 -5.61 3.51
C LEU A 85 -6.00 -4.53 3.76
N VAL A 86 -5.64 -3.28 3.54
CA VAL A 86 -6.62 -2.17 3.75
C VAL A 86 -7.07 -1.62 2.40
N THR A 87 -8.35 -1.63 2.15
CA THR A 87 -8.86 -1.11 0.84
C THR A 87 -9.22 0.38 0.97
N ARG A 88 -9.66 0.97 -0.11
CA ARG A 88 -10.02 2.43 -0.08
C ARG A 88 -11.30 2.66 0.74
N HIS A 89 -12.06 1.63 1.01
CA HIS A 89 -13.32 1.80 1.79
C HIS A 89 -13.07 1.54 3.28
N ALA A 90 -11.86 1.74 3.74
CA ALA A 90 -11.54 1.50 5.19
C ALA A 90 -11.98 0.10 5.63
N ASP A 91 -12.05 -0.82 4.71
CA ASP A 91 -12.46 -2.21 5.08
C ASP A 91 -11.23 -3.09 5.29
N VAL A 92 -11.36 -4.14 6.06
CA VAL A 92 -10.19 -5.03 6.32
C VAL A 92 -10.48 -6.44 5.79
N ILE A 93 -9.62 -6.97 4.96
CA ILE A 93 -9.83 -8.34 4.41
C ILE A 93 -8.59 -9.21 4.65
N PRO A 94 -8.80 -10.48 4.96
CA PRO A 94 -7.67 -11.39 5.23
C PRO A 94 -7.00 -11.80 3.91
N VAL A 95 -5.73 -12.12 3.96
CA VAL A 95 -5.00 -12.54 2.73
C VAL A 95 -4.05 -13.70 3.05
N ARG A 96 -3.96 -14.67 2.18
CA ARG A 96 -3.06 -15.83 2.42
C ARG A 96 -1.81 -15.73 1.56
N ARG A 97 -0.66 -15.97 2.13
CA ARG A 97 0.61 -15.88 1.34
C ARG A 97 0.73 -17.08 0.39
N ARG A 98 1.19 -16.85 -0.81
CA ARG A 98 1.34 -17.97 -1.79
C ARG A 98 2.67 -17.85 -2.55
N GLY A 99 3.63 -17.15 -1.99
CA GLY A 99 4.94 -16.98 -2.68
C GLY A 99 5.75 -15.87 -2.01
N ASP A 100 6.84 -15.48 -2.59
CA ASP A 100 7.68 -14.41 -1.99
C ASP A 100 6.96 -13.05 -2.11
N SER A 101 6.33 -12.81 -3.22
CA SER A 101 5.61 -11.50 -3.42
C SER A 101 4.22 -11.73 -4.01
N ARG A 102 3.65 -12.90 -3.80
CA ARG A 102 2.29 -13.18 -4.34
C ARG A 102 1.48 -14.00 -3.33
N GLY A 103 0.21 -13.71 -3.20
CA GLY A 103 -0.64 -14.46 -2.24
C GLY A 103 -2.05 -14.64 -2.83
N SER A 104 -2.92 -15.31 -2.13
CA SER A 104 -4.31 -15.51 -2.65
C SER A 104 -5.31 -14.72 -1.79
N LEU A 105 -6.50 -14.53 -2.28
CA LEU A 105 -7.53 -13.77 -1.51
C LEU A 105 -8.63 -14.70 -1.00
N LEU A 106 -8.96 -14.61 0.27
CA LEU A 106 -10.03 -15.51 0.83
C LEU A 106 -11.36 -15.27 0.10
N SER A 107 -11.79 -14.03 0.01
CA SER A 107 -13.06 -13.72 -0.68
C SER A 107 -12.80 -13.22 -2.11
N PRO A 108 -13.09 -14.04 -3.10
CA PRO A 108 -12.84 -13.64 -4.50
C PRO A 108 -13.86 -12.59 -4.94
N ARG A 109 -13.42 -11.36 -5.11
CA ARG A 109 -14.36 -10.28 -5.55
C ARG A 109 -13.92 -9.76 -6.92
N PRO A 110 -14.83 -9.10 -7.61
CA PRO A 110 -14.51 -8.56 -8.96
C PRO A 110 -13.51 -7.41 -8.87
N VAL A 111 -12.69 -7.24 -9.90
CA VAL A 111 -11.69 -6.12 -9.89
C VAL A 111 -12.38 -4.79 -9.56
N SER A 112 -13.63 -4.66 -9.93
CA SER A 112 -14.37 -3.39 -9.64
C SER A 112 -14.45 -3.11 -8.13
N TYR A 113 -14.70 -4.13 -7.35
CA TYR A 113 -14.79 -3.91 -5.86
C TYR A 113 -13.40 -3.52 -5.33
N LEU A 114 -12.39 -4.15 -5.84
CA LEU A 114 -11.00 -3.84 -5.38
C LEU A 114 -10.37 -2.78 -6.31
N LYS A 115 -11.17 -2.06 -7.05
CA LYS A 115 -10.60 -1.03 -7.98
C LYS A 115 -10.28 0.25 -7.26
N GLY A 116 -9.02 0.58 -7.27
CA GLY A 116 -8.57 1.84 -6.60
C GLY A 116 -7.97 1.50 -5.24
N SER A 117 -7.45 0.31 -5.08
CA SER A 117 -6.84 -0.08 -3.79
C SER A 117 -5.32 -0.25 -3.93
N SER A 118 -4.73 0.35 -4.93
CA SER A 118 -3.25 0.23 -5.10
C SER A 118 -2.56 0.97 -3.97
N GLY A 119 -1.63 0.32 -3.30
CA GLY A 119 -0.93 0.99 -2.16
C GLY A 119 -1.42 0.40 -0.83
N GLY A 120 -2.51 -0.34 -0.84
CA GLY A 120 -3.03 -0.95 0.43
C GLY A 120 -1.91 -1.78 1.09
N PRO A 121 -1.43 -1.32 2.23
CA PRO A 121 -0.35 -2.05 2.92
C PRO A 121 -0.86 -3.34 3.56
N LEU A 122 0.00 -4.32 3.71
CA LEU A 122 -0.41 -5.60 4.34
C LEU A 122 0.20 -5.72 5.73
N LEU A 123 -0.61 -5.90 6.75
CA LEU A 123 -0.06 -6.01 8.14
C LEU A 123 -0.46 -7.35 8.77
N CYS A 124 0.45 -7.95 9.50
CA CYS A 124 0.15 -9.26 10.16
C CYS A 124 -0.77 -9.02 11.37
N PRO A 125 -1.38 -10.06 11.86
CA PRO A 125 -2.27 -9.92 13.03
C PRO A 125 -1.45 -9.55 14.28
N SER A 126 -0.33 -10.21 14.45
CA SER A 126 0.54 -9.91 15.61
C SER A 126 1.92 -9.44 15.12
N GLY A 127 1.98 -8.85 13.95
CA GLY A 127 3.29 -8.38 13.42
C GLY A 127 3.12 -7.00 12.76
N HIS A 128 4.16 -6.51 12.13
CA HIS A 128 4.08 -5.18 11.45
C HIS A 128 3.78 -5.35 9.95
N ALA A 129 3.91 -4.30 9.19
CA ALA A 129 3.62 -4.38 7.72
C ALA A 129 4.61 -5.33 7.02
N VAL A 130 4.16 -6.00 5.99
CA VAL A 130 5.05 -6.93 5.24
C VAL A 130 5.22 -6.49 3.78
N GLY A 131 4.23 -5.84 3.23
CA GLY A 131 4.33 -5.39 1.80
C GLY A 131 3.19 -4.43 1.47
N ILE A 132 2.93 -4.21 0.20
CA ILE A 132 1.84 -3.27 -0.20
C ILE A 132 1.13 -3.82 -1.47
N PHE A 133 -0.08 -3.41 -1.72
CA PHE A 133 -0.82 -3.91 -2.92
C PHE A 133 -0.22 -3.36 -4.21
N ARG A 134 -0.47 -4.02 -5.32
CA ARG A 134 0.07 -3.55 -6.62
C ARG A 134 -0.93 -3.86 -7.74
N ALA A 135 -1.01 -5.10 -8.16
CA ALA A 135 -1.97 -5.44 -9.26
C ALA A 135 -2.97 -6.51 -8.80
N ALA A 136 -4.19 -6.37 -9.25
CA ALA A 136 -5.25 -7.37 -8.89
C ALA A 136 -5.32 -8.42 -10.00
N VAL A 137 -5.26 -9.68 -9.64
CA VAL A 137 -5.27 -10.76 -10.68
C VAL A 137 -6.66 -11.38 -10.84
N CYS A 138 -7.21 -11.36 -12.02
CA CYS A 138 -8.56 -11.97 -12.24
C CYS A 138 -8.60 -12.69 -13.60
N THR A 139 -9.28 -13.81 -13.66
CA THR A 139 -9.39 -14.56 -14.95
C THR A 139 -10.38 -13.87 -15.88
N ARG A 140 -11.48 -13.41 -15.34
CA ARG A 140 -12.51 -12.71 -16.18
C ARG A 140 -13.13 -11.57 -15.37
N GLY A 141 -12.31 -10.74 -14.78
CA GLY A 141 -12.84 -9.61 -13.96
C GLY A 141 -13.01 -10.05 -12.50
N VAL A 142 -12.92 -11.33 -12.23
CA VAL A 142 -13.07 -11.81 -10.82
C VAL A 142 -11.67 -11.93 -10.19
N ALA A 143 -11.43 -11.21 -9.13
CA ALA A 143 -10.08 -11.27 -8.48
C ALA A 143 -10.01 -12.41 -7.46
N LYS A 144 -9.20 -13.40 -7.73
CA LYS A 144 -9.06 -14.54 -6.78
C LYS A 144 -7.67 -14.49 -6.12
N ALA A 145 -6.70 -13.97 -6.82
CA ALA A 145 -5.32 -13.87 -6.25
C ALA A 145 -4.92 -12.41 -6.11
N VAL A 146 -3.84 -12.14 -5.41
CA VAL A 146 -3.39 -10.72 -5.22
C VAL A 146 -1.86 -10.64 -5.19
N ASP A 147 -1.29 -9.72 -5.93
CA ASP A 147 0.20 -9.57 -5.95
C ASP A 147 0.62 -8.30 -5.18
N PHE A 148 1.58 -8.43 -4.30
CA PHE A 148 2.04 -7.25 -3.52
C PHE A 148 3.58 -7.12 -3.59
N VAL A 149 4.10 -5.96 -3.28
CA VAL A 149 5.58 -5.77 -3.33
C VAL A 149 6.18 -5.95 -1.92
N PRO A 150 7.35 -6.57 -1.85
CA PRO A 150 8.00 -6.78 -0.54
C PRO A 150 8.60 -5.46 -0.02
N VAL A 151 8.85 -5.37 1.27
CA VAL A 151 9.41 -4.11 1.84
C VAL A 151 10.95 -4.13 1.78
N GLU A 152 11.55 -5.30 1.81
CA GLU A 152 13.05 -5.37 1.76
C GLU A 152 13.58 -4.72 0.47
N SER A 153 12.80 -4.73 -0.58
CA SER A 153 13.26 -4.11 -1.86
C SER A 153 13.36 -2.59 -1.70
N MET A 154 12.57 -2.01 -0.84
CA MET A 154 12.61 -0.53 -0.64
C MET A 154 14.00 -0.09 -0.17
N GLU A 155 14.70 -0.94 0.53
CA GLU A 155 16.07 -0.58 1.03
C GLU A 155 16.98 -0.26 -0.16
N THR A 156 16.90 -1.03 -1.22
CA THR A 156 17.77 -0.77 -2.40
C THR A 156 17.32 0.53 -3.11
N THR A 157 16.04 0.73 -3.22
CA THR A 157 15.53 1.97 -3.90
C THR A 157 15.80 3.20 -3.02
N MET A 158 15.63 3.06 -1.73
CA MET A 158 15.88 4.23 -0.81
C MET A 158 17.33 4.70 -0.94
N ARG A 159 18.25 3.77 -1.04
CA ARG A 159 19.69 4.15 -1.17
C ARG A 159 19.91 5.02 -2.42
N ALA A 160 19.25 4.69 -3.50
CA ALA A 160 19.41 5.49 -4.75
C ALA A 160 18.62 6.79 -4.66
O1 4P2 B . -0.34 -3.55 -14.48
C8 4P2 B . -2.90 -8.16 -13.78
O9 4P2 B . -2.71 -9.45 -13.36
C10 4P2 B . -1.38 -10.05 -13.50
C11 4P2 B . -1.57 -11.56 -13.70
C12 4P2 B . -0.47 -12.22 -12.89
C13 4P2 B . -0.37 -11.34 -11.66
C14 4P2 B . -0.53 -9.89 -12.20
C15 4P2 B . 0.86 -9.24 -12.39
C16 4P2 B . 0.83 -7.77 -12.83
C17 4P2 B . 2.21 -7.12 -12.66
C18 4P2 B . 2.30 -5.70 -13.20
C19 4P2 B . 1.45 -4.67 -12.44
C20 4P2 B . 1.62 -3.31 -13.07
N21 4P2 B . 2.80 -2.66 -12.65
C22 4P2 B . 3.23 -1.50 -13.27
C23 4P2 B . 4.45 -0.85 -12.81
C24 4P2 B . 4.94 0.37 -13.44
C25 4P2 B . 4.23 0.96 -14.57
C26 4P2 B . 2.99 0.33 -15.06
C27 4P2 B . 2.49 -0.90 -14.42
C28 4P2 B . 1.27 -1.59 -14.84
C29 4P2 B . 0.80 -2.82 -14.18
O38 4P2 B . -2.06 -7.43 -14.29
C5 4P2 B . -4.05 -5.38 -12.91
C6 4P2 B . -4.66 -6.39 -13.94
N7 4P2 B . -4.21 -7.75 -13.55
O32 4P2 B . -4.30 -5.52 -11.75
C33 4P2 B . -6.23 -6.28 -13.89
C34 4P2 B . -6.96 -7.25 -14.83
C35 4P2 B . -8.34 -6.64 -15.07
C36 4P2 B . -8.25 -5.18 -14.70
C37 4P2 B . -6.80 -4.92 -14.37
N4 4P2 B . -3.27 -4.28 -13.34
C31 4P2 B . -2.78 -3.27 -12.37
C39 4P2 B . -4.00 -2.62 -11.62
O40 4P2 B . -5.11 -2.53 -12.16
C30 4P2 B . -2.05 -2.22 -13.25
C2 4P2 B . -1.66 -2.96 -14.55
C3 4P2 B . -2.66 -4.13 -14.65
N41 4P2 B . -3.80 -2.21 -10.28
C42 4P2 B . -4.91 -1.66 -9.47
C43 4P2 B . -5.95 -2.75 -8.99
C44 4P2 B . -4.99 -2.16 -8.02
C47 4P2 B . -7.39 -2.46 -8.91
C48 4P2 B . -8.35 -3.36 -9.10
C45 4P2 B . -5.33 -0.18 -9.71
O46 4P2 B . -6.48 0.19 -9.50
N49 4P2 B . -4.33 0.67 -10.16
S 4P2 B . -4.53 2.28 -10.46
O51 4P2 B . -3.44 2.68 -11.32
O52 4P2 B . -5.90 2.53 -10.83
C53 4P2 B . -4.19 3.12 -8.89
C54 4P2 B . -5.07 4.30 -8.61
C55 4P2 B . -5.27 3.01 -7.86
H2 4P2 B . -1.76 -2.34 -15.45
H10 4P2 B . -0.86 -9.66 -14.39
H111 4P2 B . -1.50 -11.85 -14.75
H112 4P2 B . -2.55 -11.88 -13.33
H122 4P2 B . 0.47 -12.21 -13.45
H121 4P2 B . -0.71 -13.26 -12.64
H132 4P2 B . 0.56 -11.50 -11.11
H131 4P2 B . -1.19 -11.55 -10.98
H14 4P2 B . -1.08 -9.30 -11.46
H151 4P2 B . 1.40 -9.28 -11.43
H152 4P2 B . 1.47 -9.81 -13.10
H162 4P2 B . 0.56 -7.72 -13.90
H161 4P2 B . 0.10 -7.20 -12.26
H171 4P2 B . 2.95 -7.72 -13.19
H172 4P2 B . 2.50 -7.14 -11.60
H182 4P2 B . 3.36 -5.39 -13.14
H181 4P2 B . 2.04 -5.69 -14.26
H191 4P2 B . 1.77 -4.62 -11.40
H192 4P2 B . 0.39 -4.97 -12.41
H23 4P2 B . 5.00 -1.28 -11.98
H24 4P2 B . 5.85 0.83 -13.08
H25 4P2 B . 4.63 1.87 -15.03
H26 4P2 B . 2.47 0.79 -15.90
H28 4P2 B . 0.71 -1.17 -15.67
H6 4P2 B . -4.33 -6.23 -14.98
H7 4P2 B . -4.82 -8.40 -13.09
H33 4P2 B . -6.58 -6.47 -12.87
H341 4P2 B . -6.42 -7.35 -15.78
H342 4P2 B . -7.05 -8.26 -14.39
H352 4P2 B . -9.09 -7.14 -14.44
H351 4P2 B . -8.65 -6.79 -16.12
H361 4P2 B . -8.89 -4.98 -13.83
H362 4P2 B . -8.60 -4.53 -15.52
H371 4P2 B . -6.71 -4.13 -13.60
H372 4P2 B . -6.28 -4.57 -15.26
H31 4P2 B . -2.12 -3.79 -11.67
H302 4P2 B . -1.19 -1.81 -12.72
H301 4P2 B . -2.71 -1.38 -13.51
H32 4P2 B . -2.16 -5.05 -14.96
H31A 4P2 B . -3.47 -3.89 -15.35
H41 4P2 B . -2.89 -2.31 -9.84
H43 4P2 B . -5.76 -3.78 -9.32
H442 4P2 B . -4.20 -2.80 -7.66
H441 4P2 B . -5.38 -1.47 -7.25
H47 4P2 B . -7.68 -1.45 -8.66
H482 4P2 B . -8.11 -4.37 -9.27
H481 4P2 B . -9.40 -3.07 -9.11
H53 4P2 B . -3.16 3.14 -8.57
H541 4P2 B . -4.62 5.14 -8.08
H542 4P2 B . -5.83 4.60 -9.33
H552 4P2 B . -4.98 2.98 -6.82
H551 4P2 B . -6.15 2.43 -8.08
ZN ZN C . 3.89 -9.47 11.70
N THR A 1 -18.93 3.98 21.34
CA THR A 1 -18.22 5.28 21.10
C THR A 1 -17.87 5.41 19.61
N GLY A 2 -17.65 4.32 18.93
CA GLY A 2 -17.31 4.38 17.49
C GLY A 2 -15.78 4.34 17.28
N ARG A 3 -15.01 4.41 18.34
CA ARG A 3 -13.52 4.39 18.19
C ARG A 3 -13.08 3.09 17.51
N ASP A 4 -13.65 1.97 17.92
CA ASP A 4 -13.29 0.65 17.31
C ASP A 4 -11.76 0.45 17.27
N LYS A 5 -11.07 0.89 18.29
CA LYS A 5 -9.58 0.74 18.34
C LYS A 5 -8.92 1.34 17.10
N ASN A 6 -7.61 1.44 17.10
CA ASN A 6 -6.90 2.01 15.93
C ASN A 6 -6.00 0.95 15.25
N GLN A 7 -5.84 -0.19 15.88
CA GLN A 7 -4.97 -1.26 15.28
C GLN A 7 -5.50 -1.67 13.89
N VAL A 8 -6.79 -1.83 13.78
CA VAL A 8 -7.38 -2.24 12.46
C VAL A 8 -7.22 -1.11 11.43
N GLU A 9 -7.25 0.12 11.88
CA GLU A 9 -7.10 1.26 10.93
C GLU A 9 -5.68 1.31 10.35
N GLY A 10 -4.70 1.04 11.18
CA GLY A 10 -3.29 1.07 10.69
C GLY A 10 -2.84 2.51 10.47
N GLU A 11 -1.71 2.71 9.85
CA GLU A 11 -1.21 4.09 9.61
C GLU A 11 -1.22 4.41 8.11
N VAL A 12 -2.37 4.70 7.56
CA VAL A 12 -2.47 5.02 6.12
C VAL A 12 -3.36 6.24 5.90
N GLN A 13 -3.07 7.04 4.91
CA GLN A 13 -3.88 8.26 4.64
C GLN A 13 -4.79 8.04 3.42
N VAL A 14 -5.77 8.89 3.24
CA VAL A 14 -6.68 8.73 2.07
C VAL A 14 -6.65 10.00 1.21
N VAL A 15 -6.47 9.84 -0.08
CA VAL A 15 -6.42 11.03 -0.99
C VAL A 15 -7.12 10.72 -2.32
N SER A 16 -7.73 11.71 -2.91
CA SER A 16 -8.45 11.50 -4.21
C SER A 16 -7.85 12.39 -5.30
N THR A 17 -7.99 11.99 -6.54
CA THR A 17 -7.42 12.80 -7.66
C THR A 17 -8.53 13.17 -8.64
N ALA A 18 -8.18 13.87 -9.70
CA ALA A 18 -9.20 14.27 -10.71
C ALA A 18 -9.90 13.04 -11.31
N THR A 19 -9.15 12.07 -11.75
CA THR A 19 -9.76 10.85 -12.35
C THR A 19 -9.25 9.57 -11.67
N GLN A 20 -8.51 9.68 -10.60
CA GLN A 20 -8.01 8.46 -9.90
C GLN A 20 -8.00 8.65 -8.38
N SER A 21 -7.98 7.57 -7.64
CA SER A 21 -7.97 7.67 -6.16
C SER A 21 -7.08 6.56 -5.58
N PHE A 22 -6.05 6.92 -4.85
CA PHE A 22 -5.13 5.90 -4.26
C PHE A 22 -4.83 6.22 -2.80
N LEU A 23 -4.11 5.35 -2.13
CA LEU A 23 -3.78 5.59 -0.69
C LEU A 23 -2.26 5.58 -0.49
N ALA A 24 -1.80 6.10 0.62
CA ALA A 24 -0.34 6.12 0.91
C ALA A 24 -0.06 5.61 2.32
N THR A 25 1.03 4.91 2.51
CA THR A 25 1.36 4.39 3.87
C THR A 25 2.72 4.92 4.32
N CYS A 26 2.84 5.26 5.58
CA CYS A 26 4.14 5.79 6.10
C CYS A 26 5.09 4.64 6.45
N VAL A 27 6.10 4.41 5.64
CA VAL A 27 7.05 3.30 5.92
C VAL A 27 8.48 3.85 6.05
N ASN A 28 9.16 3.50 7.11
CA ASN A 28 10.56 3.99 7.32
C ASN A 28 10.65 5.52 7.20
N GLY A 29 9.67 6.21 7.74
CA GLY A 29 9.68 7.71 7.67
C GLY A 29 9.58 8.18 6.21
N VAL A 30 9.08 7.33 5.33
CA VAL A 30 8.96 7.71 3.89
C VAL A 30 7.54 7.41 3.41
N CYS A 31 6.89 8.36 2.78
CA CYS A 31 5.51 8.13 2.27
C CYS A 31 5.59 7.40 0.91
N TRP A 32 5.32 6.12 0.91
CA TRP A 32 5.38 5.36 -0.37
C TRP A 32 4.00 5.27 -1.03
N THR A 33 3.96 5.46 -2.32
CA THR A 33 2.66 5.38 -3.05
C THR A 33 2.85 4.60 -4.36
N VAL A 34 1.79 4.40 -5.10
CA VAL A 34 1.91 3.67 -6.40
C VAL A 34 2.40 4.63 -7.48
N TYR A 35 3.26 4.16 -8.36
CA TYR A 35 3.79 5.06 -9.44
C TYR A 35 2.82 5.13 -10.63
N HIS A 36 2.26 4.02 -11.04
CA HIS A 36 1.33 4.05 -12.21
C HIS A 36 0.06 4.85 -11.89
N GLY A 37 -0.21 5.10 -10.63
CA GLY A 37 -1.43 5.88 -10.26
C GLY A 37 -1.04 7.33 -9.97
N ALA A 38 -0.14 7.55 -9.04
CA ALA A 38 0.28 8.93 -8.70
C ALA A 38 1.34 9.43 -9.69
N GLY A 39 2.21 8.57 -10.12
CA GLY A 39 3.28 8.98 -11.08
C GLY A 39 2.66 9.51 -12.37
N SER A 40 1.46 9.11 -12.68
CA SER A 40 0.79 9.58 -13.93
C SER A 40 0.64 11.11 -13.91
N LYS A 41 0.31 11.67 -12.78
CA LYS A 41 0.13 13.15 -12.69
C LYS A 41 0.91 13.72 -11.50
N THR A 42 1.19 15.00 -11.52
CA THR A 42 1.94 15.62 -10.39
C THR A 42 1.07 15.66 -9.13
N LEU A 43 1.67 15.89 -7.99
CA LEU A 43 0.89 15.95 -6.73
C LEU A 43 0.58 17.40 -6.36
N ALA A 44 -0.64 17.68 -5.98
CA ALA A 44 -1.02 19.07 -5.60
C ALA A 44 -1.08 19.22 -4.08
N GLY A 45 -0.53 20.30 -3.57
CA GLY A 45 -0.53 20.51 -2.08
C GLY A 45 -0.73 22.00 -1.79
N PRO A 46 -0.46 22.39 -0.56
CA PRO A 46 -0.62 23.82 -0.17
C PRO A 46 0.47 24.67 -0.83
N LYS A 47 1.70 24.24 -0.74
CA LYS A 47 2.81 25.04 -1.35
C LYS A 47 2.74 24.97 -2.88
N GLY A 48 2.25 23.89 -3.42
CA GLY A 48 2.14 23.76 -4.90
C GLY A 48 2.65 22.37 -5.34
N PRO A 49 3.31 22.31 -6.47
CA PRO A 49 3.83 21.01 -6.96
C PRO A 49 5.08 20.59 -6.19
N ILE A 50 5.42 19.33 -6.23
CA ILE A 50 6.63 18.85 -5.49
C ILE A 50 7.42 17.85 -6.36
N THR A 51 8.68 17.69 -6.09
CA THR A 51 9.51 16.73 -6.89
C THR A 51 9.70 15.43 -6.11
N GLN A 52 9.33 14.31 -6.71
CA GLN A 52 9.48 13.00 -6.02
C GLN A 52 10.95 12.62 -5.86
N MET A 53 11.36 12.26 -4.67
CA MET A 53 12.78 11.87 -4.43
C MET A 53 13.08 10.50 -5.05
N TYR A 54 12.17 9.57 -4.95
CA TYR A 54 12.41 8.21 -5.52
C TYR A 54 11.45 7.95 -6.70
N THR A 55 11.94 7.32 -7.74
CA THR A 55 11.07 7.03 -8.93
C THR A 55 11.46 5.68 -9.55
N ASN A 56 10.52 4.80 -9.74
CA ASN A 56 10.85 3.47 -10.35
C ASN A 56 9.62 2.85 -11.02
N VAL A 57 9.58 2.87 -12.35
CA VAL A 57 8.41 2.25 -13.07
C VAL A 57 8.46 0.73 -12.90
N ASP A 58 9.63 0.15 -12.97
CA ASP A 58 9.74 -1.34 -12.82
C ASP A 58 9.15 -1.78 -11.48
N GLN A 59 9.50 -1.08 -10.43
CA GLN A 59 8.94 -1.42 -9.09
C GLN A 59 7.54 -0.82 -8.92
N ASP A 60 7.15 0.07 -9.80
CA ASP A 60 5.79 0.71 -9.71
C ASP A 60 5.58 1.34 -8.33
N LEU A 61 6.59 1.97 -7.79
CA LEU A 61 6.46 2.61 -6.45
C LEU A 61 7.18 3.95 -6.41
N VAL A 62 6.71 4.85 -5.59
CA VAL A 62 7.36 6.20 -5.47
C VAL A 62 7.57 6.52 -3.99
N GLY A 63 8.55 7.31 -3.66
CA GLY A 63 8.79 7.64 -2.22
C GLY A 63 8.95 9.15 -2.03
N TRP A 64 8.69 9.63 -0.84
CA TRP A 64 8.82 11.09 -0.56
C TRP A 64 9.52 11.30 0.79
N GLN A 65 10.08 12.46 1.01
CA GLN A 65 10.77 12.72 2.31
C GLN A 65 9.75 13.13 3.37
N ALA A 66 9.69 12.42 4.47
CA ALA A 66 8.72 12.78 5.54
C ALA A 66 9.41 13.61 6.63
N PRO A 67 8.64 14.48 7.26
CA PRO A 67 9.21 15.34 8.33
C PRO A 67 9.50 14.51 9.59
N PRO A 68 10.44 14.97 10.40
CA PRO A 68 10.78 14.23 11.64
C PRO A 68 9.65 14.36 12.67
N GLY A 69 9.61 13.47 13.63
CA GLY A 69 8.54 13.54 14.67
C GLY A 69 7.33 12.71 14.20
N ALA A 70 7.58 11.67 13.44
CA ALA A 70 6.46 10.81 12.95
C ALA A 70 6.77 9.33 13.23
N ARG A 71 5.76 8.50 13.26
CA ARG A 71 5.98 7.05 13.52
C ARG A 71 6.27 6.32 12.21
N SER A 72 7.07 5.28 12.26
CA SER A 72 7.39 4.51 11.02
C SER A 72 6.95 3.05 11.18
N LEU A 73 6.41 2.47 10.14
CA LEU A 73 5.96 1.06 10.21
C LEU A 73 7.15 0.11 10.05
N THR A 74 7.02 -1.12 10.49
CA THR A 74 8.13 -2.10 10.37
C THR A 74 7.72 -3.26 9.45
N PRO A 75 8.71 -3.92 8.87
CA PRO A 75 8.41 -5.05 7.97
C PRO A 75 7.91 -6.25 8.78
N CYS A 76 7.31 -7.22 8.12
CA CYS A 76 6.79 -8.42 8.86
C CYS A 76 7.96 -9.24 9.41
N THR A 77 7.90 -9.55 10.68
CA THR A 77 9.00 -10.36 11.31
C THR A 77 8.38 -11.50 12.14
N CYS A 78 7.47 -12.22 11.56
CA CYS A 78 6.81 -13.34 12.32
C CYS A 78 6.48 -14.55 11.42
N GLY A 79 6.64 -14.44 10.11
CA GLY A 79 6.34 -15.59 9.21
C GLY A 79 4.88 -16.01 9.37
N SER A 80 4.00 -15.08 9.65
CA SER A 80 2.55 -15.42 9.81
C SER A 80 1.88 -15.57 8.43
N SER A 81 1.46 -16.75 8.09
CA SER A 81 0.80 -16.96 6.77
C SER A 81 -0.47 -16.10 6.66
N ASP A 82 -1.22 -16.00 7.72
CA ASP A 82 -2.46 -15.18 7.69
C ASP A 82 -2.11 -13.69 7.55
N LEU A 83 -2.81 -12.98 6.71
CA LEU A 83 -2.52 -11.53 6.52
C LEU A 83 -3.82 -10.72 6.45
N TYR A 84 -3.74 -9.44 6.69
CA TYR A 84 -4.96 -8.58 6.63
C TYR A 84 -4.75 -7.49 5.57
N LEU A 85 -5.77 -7.19 4.81
CA LEU A 85 -5.62 -6.13 3.75
C LEU A 85 -6.53 -4.94 4.07
N VAL A 86 -5.97 -3.76 4.11
CA VAL A 86 -6.79 -2.55 4.41
C VAL A 86 -7.31 -1.96 3.10
N THR A 87 -8.61 -2.03 2.89
CA THR A 87 -9.19 -1.48 1.63
C THR A 87 -9.59 -0.01 1.83
N ARG A 88 -9.61 0.74 0.76
CA ARG A 88 -10.00 2.19 0.87
C ARG A 88 -11.41 2.33 1.45
N HIS A 89 -12.21 1.29 1.40
CA HIS A 89 -13.60 1.36 1.94
C HIS A 89 -13.64 0.85 3.38
N ALA A 90 -12.54 0.94 4.10
CA ALA A 90 -12.50 0.45 5.52
C ALA A 90 -12.93 -1.02 5.59
N ASP A 91 -12.41 -1.84 4.72
CA ASP A 91 -12.77 -3.29 4.73
C ASP A 91 -11.52 -4.15 4.96
N VAL A 92 -11.65 -5.25 5.65
CA VAL A 92 -10.47 -6.13 5.91
C VAL A 92 -10.72 -7.55 5.41
N ILE A 93 -9.81 -8.09 4.65
CA ILE A 93 -9.98 -9.48 4.12
C ILE A 93 -8.73 -10.32 4.45
N PRO A 94 -8.93 -11.55 4.87
CA PRO A 94 -7.78 -12.42 5.22
C PRO A 94 -7.09 -12.94 3.96
N VAL A 95 -5.77 -13.00 3.97
CA VAL A 95 -5.02 -13.49 2.78
C VAL A 95 -4.01 -14.56 3.21
N ARG A 96 -3.99 -15.68 2.53
CA ARG A 96 -3.02 -16.77 2.89
C ARG A 96 -1.72 -16.59 2.11
N ARG A 97 -0.59 -16.74 2.77
CA ARG A 97 0.72 -16.58 2.06
C ARG A 97 0.92 -17.73 1.05
N ARG A 98 1.12 -17.40 -0.20
CA ARG A 98 1.32 -18.45 -1.24
C ARG A 98 2.61 -18.18 -2.02
N GLY A 99 3.53 -17.43 -1.47
CA GLY A 99 4.79 -17.13 -2.20
C GLY A 99 5.55 -16.02 -1.47
N ASP A 100 6.64 -15.58 -2.02
CA ASP A 100 7.44 -14.50 -1.37
C ASP A 100 6.70 -13.16 -1.46
N SER A 101 6.09 -12.87 -2.60
CA SER A 101 5.36 -11.58 -2.75
C SER A 101 3.96 -11.80 -3.33
N ARG A 102 3.48 -13.03 -3.36
CA ARG A 102 2.12 -13.29 -3.92
C ARG A 102 1.31 -14.15 -2.94
N GLY A 103 0.05 -13.84 -2.77
CA GLY A 103 -0.80 -14.62 -1.83
C GLY A 103 -2.16 -14.86 -2.48
N SER A 104 -2.86 -15.89 -2.07
CA SER A 104 -4.20 -16.18 -2.65
C SER A 104 -5.29 -15.39 -1.92
N LEU A 105 -6.42 -15.20 -2.53
CA LEU A 105 -7.52 -14.43 -1.87
C LEU A 105 -8.65 -15.38 -1.47
N LEU A 106 -9.07 -15.33 -0.23
CA LEU A 106 -10.17 -16.23 0.24
C LEU A 106 -11.45 -15.98 -0.55
N SER A 107 -11.75 -14.73 -0.83
CA SER A 107 -12.98 -14.40 -1.60
C SER A 107 -12.63 -13.76 -2.95
N PRO A 108 -12.71 -14.53 -4.01
CA PRO A 108 -12.37 -14.00 -5.36
C PRO A 108 -13.49 -13.07 -5.86
N ARG A 109 -13.17 -11.85 -6.18
CA ARG A 109 -14.21 -10.90 -6.67
C ARG A 109 -13.71 -10.19 -7.95
N PRO A 110 -14.60 -9.46 -8.61
CA PRO A 110 -14.22 -8.74 -9.86
C PRO A 110 -13.19 -7.64 -9.58
N VAL A 111 -12.35 -7.34 -10.54
CA VAL A 111 -11.32 -6.26 -10.34
C VAL A 111 -12.01 -4.95 -9.91
N SER A 112 -13.23 -4.76 -10.31
CA SER A 112 -13.96 -3.51 -9.90
C SER A 112 -14.12 -3.47 -8.39
N TYR A 113 -14.24 -4.62 -7.78
CA TYR A 113 -14.40 -4.67 -6.29
C TYR A 113 -13.12 -4.13 -5.62
N LEU A 114 -11.98 -4.48 -6.15
CA LEU A 114 -10.71 -4.02 -5.55
C LEU A 114 -10.11 -2.86 -6.36
N LYS A 115 -10.91 -2.20 -7.17
CA LYS A 115 -10.37 -1.07 -7.98
C LYS A 115 -10.40 0.23 -7.17
N GLY A 116 -9.34 0.99 -7.22
CA GLY A 116 -9.29 2.28 -6.45
C GLY A 116 -8.89 1.99 -5.00
N SER A 117 -8.22 0.88 -4.76
CA SER A 117 -7.81 0.54 -3.37
C SER A 117 -6.27 0.42 -3.27
N SER A 118 -5.55 0.82 -4.27
CA SER A 118 -4.06 0.72 -4.23
C SER A 118 -3.51 1.52 -3.03
N GLY A 119 -2.34 1.18 -2.56
CA GLY A 119 -1.75 1.91 -1.41
C GLY A 119 -2.17 1.26 -0.08
N GLY A 120 -3.15 0.39 -0.10
CA GLY A 120 -3.60 -0.26 1.17
C GLY A 120 -2.44 -1.13 1.72
N PRO A 121 -1.99 -0.83 2.93
CA PRO A 121 -0.89 -1.62 3.52
C PRO A 121 -1.38 -2.95 4.07
N LEU A 122 -0.57 -3.98 3.96
CA LEU A 122 -0.96 -5.32 4.47
C LEU A 122 -0.30 -5.54 5.85
N LEU A 123 -1.09 -5.76 6.87
CA LEU A 123 -0.51 -5.97 8.23
C LEU A 123 -0.84 -7.36 8.77
N CYS A 124 -0.02 -7.86 9.65
CA CYS A 124 -0.27 -9.20 10.27
C CYS A 124 -0.99 -9.03 11.61
N PRO A 125 -1.37 -10.13 12.22
CA PRO A 125 -2.05 -10.05 13.54
C PRO A 125 -1.09 -9.53 14.62
N SER A 126 0.19 -9.71 14.43
CA SER A 126 1.17 -9.23 15.44
C SER A 126 1.16 -7.70 15.51
N GLY A 127 1.04 -7.05 14.38
CA GLY A 127 1.01 -5.55 14.36
C GLY A 127 2.23 -5.02 13.59
N HIS A 128 2.59 -5.66 12.51
CA HIS A 128 3.75 -5.18 11.71
C HIS A 128 3.36 -5.02 10.24
N ALA A 129 3.92 -4.03 9.58
CA ALA A 129 3.58 -3.81 8.13
C ALA A 129 4.27 -4.86 7.25
N VAL A 130 3.62 -5.27 6.19
CA VAL A 130 4.22 -6.29 5.28
C VAL A 130 4.52 -5.66 3.92
N GLY A 131 3.55 -5.01 3.33
CA GLY A 131 3.78 -4.37 1.99
C GLY A 131 2.53 -3.56 1.59
N ILE A 132 2.43 -3.22 0.33
CA ILE A 132 1.26 -2.42 -0.14
C ILE A 132 0.69 -3.06 -1.42
N PHE A 133 -0.62 -3.03 -1.58
CA PHE A 133 -1.25 -3.62 -2.80
C PHE A 133 -0.72 -2.92 -4.05
N ARG A 134 -0.21 -3.68 -4.99
CA ARG A 134 0.34 -3.07 -6.23
C ARG A 134 -0.60 -3.31 -7.42
N ALA A 135 -0.72 -4.52 -7.87
CA ALA A 135 -1.62 -4.82 -9.03
C ALA A 135 -2.51 -6.02 -8.73
N ALA A 136 -3.68 -6.06 -9.32
CA ALA A 136 -4.61 -7.20 -9.09
C ALA A 136 -4.45 -8.25 -10.19
N VAL A 137 -4.36 -9.51 -9.83
CA VAL A 137 -4.19 -10.59 -10.84
C VAL A 137 -5.54 -11.27 -11.12
N CYS A 138 -6.04 -11.15 -12.33
CA CYS A 138 -7.35 -11.81 -12.66
C CYS A 138 -7.32 -12.40 -14.07
N THR A 139 -7.89 -13.56 -14.25
CA THR A 139 -7.91 -14.19 -15.61
C THR A 139 -9.03 -13.59 -16.45
N ARG A 140 -10.22 -13.50 -15.90
CA ARG A 140 -11.37 -12.91 -16.65
C ARG A 140 -12.02 -11.80 -15.84
N GLY A 141 -11.23 -10.96 -15.22
CA GLY A 141 -11.79 -9.85 -14.40
C GLY A 141 -11.95 -10.29 -12.94
N VAL A 142 -11.82 -11.58 -12.67
CA VAL A 142 -11.96 -12.06 -11.26
C VAL A 142 -10.58 -12.20 -10.64
N ALA A 143 -10.32 -11.52 -9.55
CA ALA A 143 -8.98 -11.62 -8.89
C ALA A 143 -8.95 -12.77 -7.89
N LYS A 144 -8.13 -13.76 -8.15
CA LYS A 144 -8.02 -14.91 -7.20
C LYS A 144 -6.74 -14.78 -6.40
N ALA A 145 -5.73 -14.19 -6.98
CA ALA A 145 -4.43 -14.01 -6.26
C ALA A 145 -4.06 -12.52 -6.27
N VAL A 146 -3.27 -12.09 -5.32
CA VAL A 146 -2.87 -10.65 -5.26
C VAL A 146 -1.35 -10.51 -5.13
N ASP A 147 -0.79 -9.56 -5.81
CA ASP A 147 0.69 -9.36 -5.74
C ASP A 147 1.03 -8.01 -5.11
N PHE A 148 1.92 -8.00 -4.15
CA PHE A 148 2.30 -6.73 -3.47
C PHE A 148 3.82 -6.67 -3.28
N VAL A 149 4.36 -5.50 -3.12
CA VAL A 149 5.84 -5.36 -2.93
C VAL A 149 6.19 -5.28 -1.43
N PRO A 150 7.14 -6.10 -0.99
CA PRO A 150 7.54 -6.08 0.44
C PRO A 150 8.34 -4.81 0.75
N VAL A 151 8.54 -4.53 2.02
CA VAL A 151 9.31 -3.31 2.40
C VAL A 151 10.80 -3.49 2.05
N GLU A 152 11.28 -4.70 2.09
CA GLU A 152 12.73 -4.96 1.77
C GLU A 152 13.05 -4.49 0.35
N SER A 153 12.16 -4.74 -0.59
CA SER A 153 12.42 -4.31 -2.00
C SER A 153 12.58 -2.79 -2.08
N MET A 154 11.78 -2.06 -1.33
CA MET A 154 11.87 -0.57 -1.37
C MET A 154 13.28 -0.10 -0.95
N GLU A 155 13.94 -0.87 -0.13
CA GLU A 155 15.31 -0.47 0.34
C GLU A 155 16.27 -0.35 -0.86
N THR A 156 16.14 -1.21 -1.83
CA THR A 156 17.04 -1.15 -3.02
C THR A 156 16.91 0.20 -3.73
N THR A 157 15.70 0.71 -3.84
CA THR A 157 15.49 2.02 -4.54
C THR A 157 16.28 3.13 -3.83
N MET A 158 16.35 3.08 -2.52
CA MET A 158 17.09 4.14 -1.77
C MET A 158 18.56 4.19 -2.20
N ARG A 159 19.16 3.06 -2.45
CA ARG A 159 20.60 3.05 -2.87
C ARG A 159 20.78 3.83 -4.18
N ALA A 160 19.86 3.67 -5.09
CA ALA A 160 19.97 4.40 -6.39
C ALA A 160 19.47 5.85 -6.23
O1 4P2 B . -0.44 -2.25 -14.64
C8 4P2 B . -1.90 -7.46 -14.11
O9 4P2 B . -1.67 -8.73 -13.65
C10 4P2 B . -0.33 -9.31 -13.78
C11 4P2 B . -0.51 -10.83 -13.77
C12 4P2 B . 0.75 -11.34 -13.12
C13 4P2 B . 0.95 -10.38 -11.96
C14 4P2 B . 0.56 -8.99 -12.54
C15 4P2 B . 1.84 -8.17 -12.86
C16 4P2 B . 1.56 -6.73 -13.27
C17 4P2 B . 2.71 -5.79 -12.88
C18 4P2 B . 2.61 -4.42 -13.54
C19 4P2 B . 1.56 -3.50 -12.92
C20 4P2 B . 1.69 -2.10 -13.47
N21 4P2 B . 2.90 -1.44 -13.11
C22 4P2 B . 3.23 -0.21 -13.67
C23 4P2 B . 4.47 0.45 -13.29
C24 4P2 B . 4.83 1.75 -13.85
C25 4P2 B . 3.95 2.40 -14.82
C26 4P2 B . 2.71 1.76 -15.22
C27 4P2 B . 2.32 0.46 -14.66
C28 4P2 B . 1.08 -0.23 -15.00
C29 4P2 B . 0.73 -1.52 -14.40
O38 4P2 B . -1.11 -6.73 -14.71
C5 4P2 B . -3.11 -4.74 -12.93
C6 4P2 B . -3.67 -5.69 -14.06
N7 4P2 B . -3.18 -7.06 -13.80
O32 4P2 B . -2.90 -5.18 -11.80
C33 4P2 B . -5.24 -5.62 -14.04
C34 4P2 B . -5.93 -6.81 -14.75
C35 4P2 B . -7.34 -6.31 -15.08
C36 4P2 B . -7.30 -4.78 -14.93
C37 4P2 B . -5.82 -4.44 -14.80
N4 4P2 B . -2.94 -3.40 -13.22
C31 4P2 B . -2.58 -2.41 -12.17
C39 4P2 B . -3.86 -1.95 -11.42
O40 4P2 B . -4.95 -1.86 -11.98
C30 4P2 B . -1.92 -1.23 -12.93
C2 4P2 B . -1.75 -1.69 -14.40
C3 4P2 B . -2.78 -2.82 -14.54
N41 4P2 B . -3.69 -1.69 -10.06
C42 4P2 B . -4.82 -1.38 -9.14
C43 4P2 B . -5.61 -2.64 -8.64
C44 4P2 B . -4.70 -1.90 -7.72
C47 4P2 B . -7.07 -2.60 -8.48
C48 4P2 B . -7.92 -3.52 -8.96
C45 4P2 B . -5.44 0.04 -9.26
O46 4P2 B . -6.54 0.26 -8.79
N49 4P2 B . -4.66 0.99 -9.91
S 4P2 B . -5.00 2.58 -10.08
O51 4P2 B . -3.93 3.14 -10.88
O52 4P2 B . -6.38 2.76 -10.48
C53 4P2 B . -4.77 3.35 -8.45
C54 4P2 B . -5.79 4.39 -8.08
C55 4P2 B . -5.82 3.04 -7.42
H2 4P2 B . -1.99 -0.91 -15.13
H10 4P2 B . 0.13 -9.02 -14.73
H111 4P2 B . -0.62 -11.23 -14.78
H112 4P2 B . -1.39 -11.12 -13.18
H122 4P2 B . 1.60 -11.30 -13.82
H121 4P2 B . 0.65 -12.38 -12.77
H132 4P2 B . 1.98 -10.42 -11.57
H131 4P2 B . 0.28 -10.63 -11.14
H14 4P2 B . -0.01 -8.44 -11.78
H151 4P2 B . 2.47 -8.17 -11.97
H152 4P2 B . 2.42 -8.67 -13.65
H162 4P2 B . 1.43 -6.67 -14.36
H161 4P2 B . 0.64 -6.37 -12.80
H171 4P2 B . 3.66 -6.26 -13.18
H172 4P2 B . 2.75 -5.68 -11.79
H182 4P2 B . 3.59 -3.94 -13.46
H181 4P2 B . 2.41 -4.54 -14.61
H191 4P2 B . 1.69 -3.46 -11.83
H192 4P2 B . 0.54 -3.88 -13.07
H23 4P2 B . 5.13 -0.04 -12.59
H24 4P2 B . 5.77 2.21 -13.55
H25 4P2 B . 4.24 3.37 -15.22
H26 4P2 B . 2.07 2.27 -15.95
H28 4P2 B . 0.43 0.26 -15.72
H6 4P2 B . -3.31 -5.40 -15.05
H7 4P2 B . -3.77 -7.76 -13.36
H33 4P2 B . -5.60 -5.60 -13.00
H341 4P2 B . -5.41 -7.06 -15.68
H342 4P2 B . -5.97 -7.71 -14.13
H352 4P2 B . -8.07 -6.73 -14.39
H351 4P2 B . -7.64 -6.60 -16.09
H361 4P2 B . -7.83 -4.49 -14.02
H362 4P2 B . -7.77 -4.27 -15.77
H371 4P2 B . -5.68 -3.49 -14.28
H372 4P2 B . -5.38 -4.36 -15.80
H31 4P2 B . -1.87 -2.90 -11.48
H302 4P2 B . -0.97 -0.96 -12.47
H301 4P2 B . -2.55 -0.33 -12.92
H32 4P2 B . -2.45 -3.57 -15.27
H31A 4P2 B . -3.76 -2.43 -14.84
H41 4P2 B . -2.76 -1.73 -9.65
H43 4P2 B . -5.25 -3.60 -8.98
H442 4P2 B . -3.79 -2.39 -7.39
H441 4P2 B . -5.13 -1.29 -6.92
H47 4P2 B . -7.50 -1.76 -7.92
H482 4P2 B . -7.56 -4.41 -9.46
H481 4P2 B . -8.99 -3.39 -8.86
H53 4P2 B . -3.74 3.50 -8.13
H541 4P2 B . -5.45 5.23 -7.50
H542 4P2 B . -6.58 4.63 -8.79
H552 4P2 B . -5.52 2.99 -6.38
H551 4P2 B . -6.63 2.37 -7.68
ZN ZN C . 3.64 -9.90 11.23
N THR A 1 -26.69 11.59 13.90
CA THR A 1 -25.46 12.29 14.36
C THR A 1 -24.60 11.35 15.22
N GLY A 2 -23.53 11.86 15.77
CA GLY A 2 -22.65 11.00 16.62
C GLY A 2 -21.82 11.89 17.55
N ARG A 3 -21.25 11.31 18.58
CA ARG A 3 -20.42 12.11 19.53
C ARG A 3 -19.05 11.48 19.70
N ASP A 4 -18.57 10.79 18.70
CA ASP A 4 -17.22 10.15 18.78
C ASP A 4 -16.27 10.77 17.75
N LYS A 5 -15.11 11.17 18.18
CA LYS A 5 -14.14 11.80 17.23
C LYS A 5 -12.92 10.87 17.04
N ASN A 6 -12.49 10.70 15.82
CA ASN A 6 -11.31 9.81 15.56
C ASN A 6 -10.29 10.56 14.70
N GLN A 7 -9.02 10.41 15.01
CA GLN A 7 -7.96 11.11 14.21
C GLN A 7 -7.91 10.54 12.79
N VAL A 8 -8.07 11.38 11.81
CA VAL A 8 -8.04 10.90 10.38
C VAL A 8 -6.61 10.48 10.02
N GLU A 9 -5.64 11.23 10.46
CA GLU A 9 -4.22 10.88 10.13
C GLU A 9 -3.78 9.64 10.91
N GLY A 10 -2.88 8.87 10.36
CA GLY A 10 -2.39 7.65 11.07
C GLY A 10 -1.40 6.91 10.18
N GLU A 11 -1.20 5.64 10.41
CA GLU A 11 -0.23 4.85 9.58
C GLU A 11 -0.65 4.88 8.11
N VAL A 12 -1.93 4.98 7.84
CA VAL A 12 -2.40 5.01 6.43
C VAL A 12 -3.12 6.34 6.15
N GLN A 13 -2.76 7.00 5.09
CA GLN A 13 -3.40 8.30 4.74
C GLN A 13 -4.38 8.13 3.59
N VAL A 14 -5.52 8.79 3.65
CA VAL A 14 -6.52 8.66 2.55
C VAL A 14 -6.26 9.72 1.47
N VAL A 15 -6.01 9.30 0.26
CA VAL A 15 -5.73 10.28 -0.84
C VAL A 15 -6.70 10.03 -2.00
N SER A 16 -7.35 11.07 -2.48
CA SER A 16 -8.30 10.90 -3.62
C SER A 16 -7.86 11.75 -4.82
N THR A 17 -7.91 11.18 -6.00
CA THR A 17 -7.49 11.95 -7.22
C THR A 17 -8.73 12.41 -8.00
N ALA A 18 -8.52 13.12 -9.08
CA ALA A 18 -9.68 13.60 -9.88
C ALA A 18 -10.52 12.42 -10.40
N THR A 19 -9.88 11.45 -11.00
CA THR A 19 -10.63 10.27 -11.53
C THR A 19 -10.19 8.98 -10.84
N GLN A 20 -9.02 8.97 -10.24
CA GLN A 20 -8.54 7.74 -9.54
C GLN A 20 -8.43 7.97 -8.03
N SER A 21 -8.19 6.94 -7.28
CA SER A 21 -8.08 7.09 -5.80
C SER A 21 -7.12 6.04 -5.24
N PHE A 22 -6.07 6.46 -4.58
CA PHE A 22 -5.08 5.49 -4.01
C PHE A 22 -4.72 5.91 -2.58
N LEU A 23 -4.02 5.07 -1.87
CA LEU A 23 -3.63 5.40 -0.46
C LEU A 23 -2.12 5.45 -0.32
N ALA A 24 -1.63 6.13 0.69
CA ALA A 24 -0.16 6.22 0.91
C ALA A 24 0.20 5.77 2.32
N THR A 25 1.40 5.26 2.51
CA THR A 25 1.82 4.80 3.87
C THR A 25 3.13 5.48 4.27
N CYS A 26 3.28 5.79 5.53
CA CYS A 26 4.55 6.45 5.99
C CYS A 26 5.54 5.41 6.51
N VAL A 27 6.61 5.20 5.79
CA VAL A 27 7.63 4.20 6.24
C VAL A 27 9.00 4.87 6.37
N ASN A 28 9.64 4.73 7.50
CA ASN A 28 11.00 5.33 7.72
C ASN A 28 10.98 6.83 7.39
N GLY A 29 9.93 7.52 7.74
CA GLY A 29 9.86 8.99 7.46
C GLY A 29 9.75 9.24 5.96
N VAL A 30 9.35 8.25 5.19
CA VAL A 30 9.22 8.44 3.72
C VAL A 30 7.85 7.95 3.26
N CYS A 31 7.13 8.75 2.51
CA CYS A 31 5.79 8.32 2.02
C CYS A 31 5.94 7.50 0.73
N TRP A 32 5.26 6.38 0.65
CA TRP A 32 5.39 5.53 -0.57
C TRP A 32 4.02 5.37 -1.25
N THR A 33 4.00 5.49 -2.56
CA THR A 33 2.71 5.32 -3.30
C THR A 33 2.95 4.49 -4.57
N VAL A 34 1.91 4.18 -5.29
CA VAL A 34 2.08 3.37 -6.54
C VAL A 34 2.51 4.28 -7.70
N TYR A 35 3.38 3.79 -8.55
CA TYR A 35 3.88 4.62 -9.70
C TYR A 35 2.83 4.70 -10.83
N HIS A 36 2.18 3.62 -11.15
CA HIS A 36 1.19 3.66 -12.27
C HIS A 36 -0.06 4.46 -11.86
N GLY A 37 -0.24 4.72 -10.59
CA GLY A 37 -1.42 5.51 -10.14
C GLY A 37 -0.99 6.93 -9.78
N ALA A 38 -0.41 7.11 -8.62
CA ALA A 38 0.03 8.47 -8.19
C ALA A 38 1.24 8.93 -9.01
N GLY A 39 2.16 8.03 -9.28
CA GLY A 39 3.38 8.40 -10.08
C GLY A 39 2.97 8.89 -11.47
N SER A 40 1.80 8.54 -11.94
CA SER A 40 1.36 8.97 -13.29
C SER A 40 1.32 10.50 -13.39
N LYS A 41 0.85 11.16 -12.36
CA LYS A 41 0.78 12.66 -12.38
C LYS A 41 1.24 13.25 -11.05
N THR A 42 1.80 14.43 -11.08
CA THR A 42 2.27 15.07 -9.81
C THR A 42 1.08 15.57 -9.01
N LEU A 43 1.17 15.54 -7.71
CA LEU A 43 0.03 16.02 -6.86
C LEU A 43 0.28 17.45 -6.37
N ALA A 44 -0.75 18.25 -6.36
CA ALA A 44 -0.59 19.67 -5.90
C ALA A 44 -1.29 19.87 -4.54
N GLY A 45 -0.64 20.54 -3.63
CA GLY A 45 -1.25 20.77 -2.29
C GLY A 45 -1.10 22.25 -1.90
N PRO A 46 -1.77 22.65 -0.84
CA PRO A 46 -1.69 24.06 -0.39
C PRO A 46 -0.29 24.37 0.17
N LYS A 47 0.42 23.36 0.60
CA LYS A 47 1.79 23.58 1.16
C LYS A 47 2.76 23.98 0.04
N GLY A 48 2.53 23.49 -1.14
CA GLY A 48 3.43 23.83 -2.29
C GLY A 48 3.70 22.57 -3.11
N PRO A 49 4.39 22.74 -4.23
CA PRO A 49 4.71 21.57 -5.09
C PRO A 49 5.78 20.70 -4.44
N ILE A 50 5.70 19.40 -4.63
CA ILE A 50 6.71 18.49 -4.01
C ILE A 50 7.44 17.71 -5.11
N THR A 51 8.74 17.80 -5.16
CA THR A 51 9.52 17.07 -6.21
C THR A 51 9.57 15.57 -5.89
N GLN A 52 9.32 14.75 -6.86
CA GLN A 52 9.35 13.27 -6.63
C GLN A 52 10.77 12.83 -6.25
N MET A 53 10.90 12.07 -5.19
CA MET A 53 12.26 11.61 -4.77
C MET A 53 12.58 10.24 -5.38
N TYR A 54 11.59 9.39 -5.50
CA TYR A 54 11.82 8.03 -6.08
C TYR A 54 10.88 7.77 -7.26
N THR A 55 11.40 7.26 -8.34
CA THR A 55 10.53 6.98 -9.54
C THR A 55 11.05 5.74 -10.28
N ASN A 56 10.23 4.73 -10.42
CA ASN A 56 10.68 3.50 -11.15
C ASN A 56 9.47 2.72 -11.70
N VAL A 57 9.38 2.60 -13.00
CA VAL A 57 8.24 1.83 -13.60
C VAL A 57 8.43 0.34 -13.34
N ASP A 58 9.65 -0.14 -13.38
CA ASP A 58 9.92 -1.59 -13.14
C ASP A 58 9.40 -1.98 -11.74
N GLN A 59 9.74 -1.20 -10.75
CA GLN A 59 9.25 -1.50 -9.36
C GLN A 59 7.84 -0.91 -9.17
N ASP A 60 7.41 -0.03 -10.06
CA ASP A 60 6.06 0.58 -9.95
C ASP A 60 5.87 1.25 -8.58
N LEU A 61 6.87 1.92 -8.08
CA LEU A 61 6.73 2.60 -6.76
C LEU A 61 7.43 3.96 -6.73
N VAL A 62 6.88 4.88 -5.99
CA VAL A 62 7.48 6.24 -5.86
C VAL A 62 7.32 6.73 -4.42
N GLY A 63 7.89 7.86 -4.09
CA GLY A 63 7.76 8.38 -2.69
C GLY A 63 8.24 9.84 -2.63
N TRP A 64 8.00 10.49 -1.53
CA TRP A 64 8.42 11.91 -1.38
C TRP A 64 9.21 12.07 -0.06
N GLN A 65 10.01 13.10 0.03
CA GLN A 65 10.80 13.32 1.28
C GLN A 65 9.93 13.98 2.35
N ALA A 66 9.78 13.34 3.49
CA ALA A 66 8.93 13.92 4.57
C ALA A 66 9.81 14.27 5.78
N PRO A 67 9.34 15.21 6.59
CA PRO A 67 10.11 15.62 7.79
C PRO A 67 10.08 14.52 8.86
N PRO A 68 11.09 14.48 9.70
CA PRO A 68 11.15 13.46 10.77
C PRO A 68 10.12 13.76 11.86
N GLY A 69 9.70 12.76 12.59
CA GLY A 69 8.70 12.99 13.67
C GLY A 69 7.35 12.38 13.26
N ALA A 70 7.38 11.32 12.49
CA ALA A 70 6.12 10.68 12.04
C ALA A 70 6.14 9.17 12.33
N ARG A 71 5.00 8.55 12.37
CA ARG A 71 4.95 7.08 12.66
C ARG A 71 5.61 6.30 11.51
N SER A 72 6.33 5.26 11.83
CA SER A 72 7.01 4.45 10.78
C SER A 72 6.56 2.99 10.86
N LEU A 73 6.46 2.33 9.73
CA LEU A 73 6.02 0.91 9.73
C LEU A 73 7.23 -0.03 9.76
N THR A 74 7.12 -1.15 10.44
CA THR A 74 8.25 -2.10 10.52
C THR A 74 7.99 -3.32 9.60
N PRO A 75 9.05 -3.92 9.09
CA PRO A 75 8.88 -5.09 8.21
C PRO A 75 8.37 -6.30 9.00
N CYS A 76 7.66 -7.19 8.36
CA CYS A 76 7.14 -8.39 9.08
C CYS A 76 8.22 -9.46 9.20
N THR A 77 8.42 -9.97 10.39
CA THR A 77 9.46 -11.02 10.59
C THR A 77 8.89 -12.15 11.47
N CYS A 78 7.80 -12.73 11.06
CA CYS A 78 7.18 -13.83 11.86
C CYS A 78 6.54 -14.90 10.97
N GLY A 79 6.78 -14.87 9.67
CA GLY A 79 6.19 -15.88 8.74
C GLY A 79 4.67 -15.99 8.96
N SER A 80 3.98 -14.88 8.93
CA SER A 80 2.50 -14.91 9.13
C SER A 80 1.79 -15.32 7.84
N SER A 81 1.23 -16.50 7.81
CA SER A 81 0.50 -16.95 6.58
C SER A 81 -0.78 -16.14 6.40
N ASP A 82 -1.43 -15.79 7.49
CA ASP A 82 -2.69 -15.00 7.40
C ASP A 82 -2.36 -13.51 7.27
N LEU A 83 -2.62 -12.93 6.13
CA LEU A 83 -2.33 -11.49 5.93
C LEU A 83 -3.64 -10.71 5.69
N TYR A 84 -3.78 -9.57 6.32
CA TYR A 84 -5.03 -8.76 6.13
C TYR A 84 -4.74 -7.53 5.26
N LEU A 85 -5.64 -7.21 4.37
CA LEU A 85 -5.42 -6.02 3.48
C LEU A 85 -6.41 -4.91 3.84
N VAL A 86 -5.97 -3.68 3.78
CA VAL A 86 -6.86 -2.53 4.12
C VAL A 86 -7.51 -1.97 2.85
N THR A 87 -8.79 -1.79 2.85
CA THR A 87 -9.49 -1.25 1.65
C THR A 87 -9.86 0.23 1.87
N ARG A 88 -10.14 0.95 0.82
CA ARG A 88 -10.51 2.39 0.97
C ARG A 88 -11.77 2.54 1.82
N HIS A 89 -12.60 1.52 1.89
CA HIS A 89 -13.84 1.61 2.70
C HIS A 89 -13.62 1.02 4.10
N ALA A 90 -12.40 1.03 4.58
CA ALA A 90 -12.10 0.48 5.93
C ALA A 90 -12.60 -0.96 6.06
N ASP A 91 -12.38 -1.76 5.06
CA ASP A 91 -12.83 -3.19 5.12
C ASP A 91 -11.62 -4.12 5.20
N VAL A 92 -11.63 -5.05 6.12
CA VAL A 92 -10.47 -5.98 6.26
C VAL A 92 -10.80 -7.34 5.63
N ILE A 93 -9.81 -8.01 5.10
CA ILE A 93 -10.05 -9.33 4.45
C ILE A 93 -8.80 -10.23 4.62
N PRO A 94 -9.00 -11.46 5.02
CA PRO A 94 -7.85 -12.39 5.21
C PRO A 94 -7.29 -12.82 3.85
N VAL A 95 -5.98 -12.96 3.77
CA VAL A 95 -5.35 -13.38 2.47
C VAL A 95 -4.39 -14.54 2.72
N ARG A 96 -4.50 -15.59 1.96
CA ARG A 96 -3.58 -16.77 2.15
C ARG A 96 -2.22 -16.47 1.52
N ARG A 97 -1.15 -16.68 2.26
CA ARG A 97 0.21 -16.42 1.72
C ARG A 97 0.50 -17.36 0.54
N ARG A 98 1.13 -16.86 -0.49
CA ARG A 98 1.45 -17.72 -1.68
C ARG A 98 2.77 -17.28 -2.32
N GLY A 99 3.79 -17.06 -1.53
CA GLY A 99 5.11 -16.64 -2.09
C GLY A 99 5.72 -15.56 -1.19
N ASP A 100 6.96 -15.23 -1.41
CA ASP A 100 7.63 -14.18 -0.58
C ASP A 100 6.89 -12.85 -0.71
N SER A 101 6.50 -12.50 -1.91
CA SER A 101 5.76 -11.22 -2.12
C SER A 101 4.47 -11.46 -2.89
N ARG A 102 3.93 -12.66 -2.80
CA ARG A 102 2.67 -12.98 -3.52
C ARG A 102 1.70 -13.73 -2.60
N GLY A 103 0.45 -13.38 -2.63
CA GLY A 103 -0.56 -14.07 -1.77
C GLY A 103 -1.80 -14.38 -2.61
N SER A 104 -2.70 -15.16 -2.07
CA SER A 104 -3.94 -15.51 -2.84
C SER A 104 -5.18 -15.04 -2.09
N LEU A 105 -6.14 -14.52 -2.81
CA LEU A 105 -7.40 -14.04 -2.15
C LEU A 105 -8.27 -15.22 -1.76
N LEU A 106 -8.84 -15.19 -0.58
CA LEU A 106 -9.71 -16.33 -0.13
C LEU A 106 -10.89 -16.52 -1.08
N SER A 107 -11.58 -15.45 -1.40
CA SER A 107 -12.75 -15.56 -2.33
C SER A 107 -12.50 -14.74 -3.60
N PRO A 108 -12.88 -15.27 -4.74
CA PRO A 108 -12.66 -14.54 -6.02
C PRO A 108 -13.67 -13.40 -6.17
N ARG A 109 -13.19 -12.21 -6.40
CA ARG A 109 -14.11 -11.03 -6.58
C ARG A 109 -13.74 -10.27 -7.86
N PRO A 110 -14.64 -9.44 -8.33
CA PRO A 110 -14.37 -8.67 -9.58
C PRO A 110 -13.29 -7.61 -9.32
N VAL A 111 -12.53 -7.28 -10.33
CA VAL A 111 -11.47 -6.23 -10.16
C VAL A 111 -12.10 -4.90 -9.73
N SER A 112 -13.29 -4.63 -10.19
CA SER A 112 -13.96 -3.34 -9.82
C SER A 112 -14.14 -3.26 -8.30
N TYR A 113 -14.49 -4.35 -7.67
CA TYR A 113 -14.67 -4.32 -6.17
C TYR A 113 -13.34 -3.94 -5.49
N LEU A 114 -12.26 -4.46 -6.00
CA LEU A 114 -10.93 -4.15 -5.40
C LEU A 114 -10.30 -2.91 -6.06
N LYS A 115 -10.86 -2.43 -7.14
CA LYS A 115 -10.28 -1.23 -7.82
C LYS A 115 -10.34 -0.01 -6.91
N GLY A 116 -9.28 0.76 -6.88
CA GLY A 116 -9.25 1.98 -6.02
C GLY A 116 -8.75 1.62 -4.61
N SER A 117 -8.01 0.54 -4.48
CA SER A 117 -7.49 0.14 -3.14
C SER A 117 -5.95 0.09 -3.14
N SER A 118 -5.31 0.50 -4.20
CA SER A 118 -3.81 0.47 -4.24
C SER A 118 -3.24 1.32 -3.09
N GLY A 119 -2.13 0.92 -2.54
CA GLY A 119 -1.52 1.70 -1.43
C GLY A 119 -1.93 1.09 -0.08
N GLY A 120 -3.04 0.38 -0.06
CA GLY A 120 -3.50 -0.23 1.22
C GLY A 120 -2.44 -1.22 1.72
N PRO A 121 -1.79 -0.90 2.83
CA PRO A 121 -0.74 -1.81 3.36
C PRO A 121 -1.36 -3.05 3.99
N LEU A 122 -0.65 -4.15 3.94
CA LEU A 122 -1.18 -5.41 4.55
C LEU A 122 -0.51 -5.63 5.90
N LEU A 123 -1.29 -5.85 6.94
CA LEU A 123 -0.69 -6.06 8.29
C LEU A 123 -1.05 -7.44 8.84
N CYS A 124 -0.05 -8.23 9.15
CA CYS A 124 -0.33 -9.60 9.71
C CYS A 124 -0.93 -9.46 11.11
N PRO A 125 -1.54 -10.51 11.61
CA PRO A 125 -2.17 -10.45 12.96
C PRO A 125 -1.13 -10.22 14.06
N SER A 126 0.12 -10.53 13.79
CA SER A 126 1.18 -10.32 14.83
C SER A 126 1.28 -8.84 15.17
N GLY A 127 1.20 -7.98 14.18
CA GLY A 127 1.30 -6.52 14.44
C GLY A 127 2.51 -5.94 13.70
N HIS A 128 2.74 -6.39 12.49
CA HIS A 128 3.90 -5.88 11.70
C HIS A 128 3.46 -5.53 10.27
N ALA A 129 4.16 -4.62 9.64
CA ALA A 129 3.80 -4.23 8.24
C ALA A 129 4.31 -5.28 7.25
N VAL A 130 3.48 -5.68 6.32
CA VAL A 130 3.91 -6.71 5.32
C VAL A 130 4.31 -6.04 4.00
N GLY A 131 3.40 -5.34 3.38
CA GLY A 131 3.73 -4.66 2.08
C GLY A 131 2.54 -3.83 1.61
N ILE A 132 2.53 -3.46 0.35
CA ILE A 132 1.40 -2.64 -0.19
C ILE A 132 0.86 -3.28 -1.47
N PHE A 133 -0.44 -3.28 -1.64
CA PHE A 133 -1.05 -3.89 -2.87
C PHE A 133 -0.55 -3.15 -4.11
N ARG A 134 -0.09 -3.87 -5.10
CA ARG A 134 0.42 -3.22 -6.34
C ARG A 134 -0.56 -3.46 -7.50
N ALA A 135 -0.73 -4.69 -7.90
CA ALA A 135 -1.66 -4.98 -9.05
C ALA A 135 -2.52 -6.21 -8.74
N ALA A 136 -3.70 -6.28 -9.32
CA ALA A 136 -4.60 -7.44 -9.09
C ALA A 136 -4.39 -8.48 -10.19
N VAL A 137 -4.69 -9.72 -9.92
CA VAL A 137 -4.50 -10.79 -10.96
C VAL A 137 -5.83 -11.49 -11.27
N CYS A 138 -6.35 -11.30 -12.46
CA CYS A 138 -7.64 -11.97 -12.82
C CYS A 138 -7.61 -12.45 -14.28
N THR A 139 -8.18 -13.58 -14.56
CA THR A 139 -8.20 -14.10 -15.96
C THR A 139 -9.29 -13.41 -16.77
N ARG A 140 -10.45 -13.23 -16.17
CA ARG A 140 -11.58 -12.56 -16.89
C ARG A 140 -12.27 -11.54 -15.98
N GLY A 141 -11.50 -10.72 -15.31
CA GLY A 141 -12.10 -9.69 -14.41
C GLY A 141 -12.27 -10.26 -13.00
N VAL A 142 -12.09 -11.55 -12.82
CA VAL A 142 -12.24 -12.15 -11.45
C VAL A 142 -10.86 -12.31 -10.83
N ALA A 143 -10.63 -11.70 -9.70
CA ALA A 143 -9.29 -11.81 -9.04
C ALA A 143 -9.23 -13.03 -8.12
N LYS A 144 -8.40 -13.98 -8.45
CA LYS A 144 -8.27 -15.20 -7.61
C LYS A 144 -7.01 -15.09 -6.75
N ALA A 145 -6.01 -14.39 -7.25
CA ALA A 145 -4.75 -14.22 -6.48
C ALA A 145 -4.37 -12.74 -6.45
N VAL A 146 -3.55 -12.34 -5.52
CA VAL A 146 -3.14 -10.90 -5.42
C VAL A 146 -1.63 -10.78 -5.25
N ASP A 147 -1.03 -9.80 -5.87
CA ASP A 147 0.45 -9.61 -5.75
C ASP A 147 0.76 -8.25 -5.12
N PHE A 148 1.65 -8.22 -4.15
CA PHE A 148 1.99 -6.93 -3.47
C PHE A 148 3.51 -6.82 -3.28
N VAL A 149 4.00 -5.62 -3.08
CA VAL A 149 5.47 -5.42 -2.89
C VAL A 149 5.80 -5.35 -1.38
N PRO A 150 6.84 -6.04 -0.96
CA PRO A 150 7.23 -6.02 0.48
C PRO A 150 7.88 -4.69 0.84
N VAL A 151 7.74 -4.27 2.08
CA VAL A 151 8.34 -2.98 2.52
C VAL A 151 9.87 -3.11 2.59
N GLU A 152 10.36 -4.29 2.84
CA GLU A 152 11.85 -4.49 2.94
C GLU A 152 12.53 -4.10 1.63
N SER A 153 11.94 -4.43 0.52
CA SER A 153 12.56 -4.10 -0.80
C SER A 153 12.69 -2.58 -0.97
N MET A 154 11.82 -1.82 -0.34
CA MET A 154 11.88 -0.33 -0.47
C MET A 154 13.20 0.19 0.10
N GLU A 155 13.71 -0.44 1.13
CA GLU A 155 15.00 0.03 1.74
C GLU A 155 16.13 -0.04 0.71
N THR A 156 16.17 -1.07 -0.08
CA THR A 156 17.24 -1.19 -1.12
C THR A 156 17.13 -0.04 -2.13
N THR A 157 15.92 0.30 -2.51
CA THR A 157 15.74 1.41 -3.50
C THR A 157 16.26 2.73 -2.92
N MET A 158 15.99 2.97 -1.67
CA MET A 158 16.47 4.24 -1.03
C MET A 158 18.00 4.33 -1.08
N ARG A 159 18.67 3.23 -0.84
CA ARG A 159 20.17 3.23 -0.88
C ARG A 159 20.65 3.65 -2.27
N ALA A 160 19.99 3.19 -3.31
CA ALA A 160 20.42 3.56 -4.69
C ALA A 160 20.23 5.07 -4.92
O1 4P2 B . -0.85 -2.48 -14.82
C8 4P2 B . -2.28 -7.75 -14.15
O9 4P2 B . -2.09 -9.03 -13.68
C10 4P2 B . -0.76 -9.64 -13.81
C11 4P2 B . -0.98 -11.15 -13.83
C12 4P2 B . 0.30 -11.71 -13.23
C13 4P2 B . 0.56 -10.77 -12.06
C14 4P2 B . 0.12 -9.36 -12.57
C15 4P2 B . 1.37 -8.49 -12.85
C16 4P2 B . 1.04 -7.07 -13.32
C17 4P2 B . 2.16 -6.08 -12.94
C18 4P2 B . 2.04 -4.75 -13.69
C19 4P2 B . 1.08 -3.74 -13.03
C20 4P2 B . 1.27 -2.36 -13.64
N21 4P2 B . 2.50 -1.74 -13.29
C22 4P2 B . 2.86 -0.52 -13.86
C23 4P2 B . 4.11 0.11 -13.50
C24 4P2 B . 4.51 1.40 -14.06
C25 4P2 B . 3.64 2.06 -15.05
C26 4P2 B . 2.39 1.43 -15.45
C27 4P2 B . 1.97 0.15 -14.87
C28 4P2 B . 0.72 -0.52 -15.20
C29 4P2 B . 0.34 -1.78 -14.59
O38 4P2 B . -1.49 -7.05 -14.77
C5 4P2 B . -3.41 -4.99 -12.99
C6 4P2 B . -4.01 -5.93 -14.11
N7 4P2 B . -3.56 -7.32 -13.84
O32 4P2 B . -3.14 -5.44 -11.89
C33 4P2 B . -5.57 -5.81 -14.09
C34 4P2 B . -6.30 -6.96 -14.82
C35 4P2 B . -7.70 -6.41 -15.12
C36 4P2 B . -7.62 -4.91 -14.95
C37 4P2 B . -6.13 -4.60 -14.84
N4 4P2 B . -3.25 -3.63 -13.27
C31 4P2 B . -2.83 -2.67 -12.24
C39 4P2 B . -4.07 -2.21 -11.40
O40 4P2 B . -5.20 -2.10 -11.89
C30 4P2 B . -2.23 -1.47 -13.02
C2 4P2 B . -2.15 -1.91 -14.50
C3 4P2 B . -3.17 -3.04 -14.60
N41 4P2 B . -3.82 -2.03 -10.04
C42 4P2 B . -4.87 -1.74 -9.05
C43 4P2 B . -5.66 -3.00 -8.55
C44 4P2 B . -4.68 -2.32 -7.64
C47 4P2 B . -7.10 -2.95 -8.29
C48 4P2 B . -8.00 -3.80 -8.80
C45 4P2 B . -5.48 -0.31 -9.05
O46 4P2 B . -6.53 -0.09 -8.47
N49 4P2 B . -4.75 0.65 -9.76
S 4P2 B . -5.09 2.25 -9.84
O51 4P2 B . -3.98 2.85 -10.55
O52 4P2 B . -6.44 2.46 -10.30
C53 4P2 B . -4.93 2.91 -8.16
C54 4P2 B . -5.94 3.99 -7.81
C55 4P2 B . -6.07 2.60 -7.22
H2 4P2 B . -2.41 -1.13 -15.22
H10 4P2 B . -0.29 -9.34 -14.75
H111 4P2 B . -1.14 -11.53 -14.85
H112 4P2 B . -1.84 -11.43 -13.22
H122 4P2 B . 1.11 -11.66 -13.96
H121 4P2 B . 0.19 -12.75 -12.92
H132 4P2 B . 1.60 -10.83 -11.74
H131 4P2 B . -0.06 -11.06 -11.21
H14 4P2 B . -0.46 -8.87 -11.77
H151 4P2 B . 1.97 -8.43 -11.93
H152 4P2 B . 2.01 -8.98 -13.60
H162 4P2 B . 0.91 -7.05 -14.40
H161 4P2 B . 0.11 -6.74 -12.86
H171 4P2 B . 3.13 -6.53 -13.19
H172 4P2 B . 2.16 -5.90 -11.86
H182 4P2 B . 3.05 -4.31 -13.74
H181 4P2 B . 1.75 -4.94 -14.73
H191 4P2 B . 1.29 -3.69 -11.96
H192 4P2 B . 0.04 -4.07 -13.13
H23 4P2 B . 4.77 -0.37 -12.78
H24 4P2 B . 5.45 1.85 -13.78
H25 4P2 B . 3.96 3.02 -15.48
H26 4P2 B . 1.77 1.93 -16.19
H28 4P2 B . 0.08 -0.03 -15.94
H6 4P2 B . -3.64 -5.66 -15.11
H7 4P2 B . -4.17 -7.99 -13.38
H33 4P2 B . -5.93 -5.79 -13.04
H341 4P2 B . -5.79 -7.21 -15.75
H342 4P2 B . -6.35 -7.87 -14.21
H352 4P2 B . -8.44 -6.84 -14.42
H351 4P2 B . -8.02 -6.70 -16.13
H361 4P2 B . -8.14 -4.61 -14.04
H362 4P2 B . -8.07 -4.37 -15.79
H371 4P2 B . -5.96 -3.66 -14.30
H372 4P2 B . -5.69 -4.52 -15.83
H31 4P2 B . -2.09 -3.15 -11.60
H302 4P2 B . -1.27 -1.20 -12.60
H301 4P2 B . -2.87 -0.57 -12.97
H32 4P2 B . -2.88 -3.78 -15.34
H31A 4P2 B . -4.17 -2.65 -14.84
H41 4P2 B . -2.87 -2.09 -9.70
H43 4P2 B . -5.34 -3.96 -8.95
H442 4P2 B . -3.75 -2.85 -7.42
H441 4P2 B . -5.05 -1.74 -6.80
H47 4P2 B . -7.47 -2.17 -7.62
H482 4P2 B . -7.72 -4.61 -9.45
H481 4P2 B . -9.06 -3.67 -8.59
H53 4P2 B . -3.93 3.00 -7.76
H541 4P2 B . -5.60 4.78 -7.16
H542 4P2 B . -6.66 4.29 -8.54
H552 4P2 B . -5.84 2.48 -6.17
H551 4P2 B . -6.88 1.98 -7.57
ZN ZN C . 3.90 -9.94 11.50
N THR A 1 -17.69 -13.20 22.02
CA THR A 1 -19.14 -12.86 22.11
C THR A 1 -19.42 -12.08 23.40
N GLY A 2 -18.80 -12.47 24.48
CA GLY A 2 -19.03 -11.76 25.78
C GLY A 2 -18.22 -10.47 25.80
N ARG A 3 -16.91 -10.58 25.69
CA ARG A 3 -16.06 -9.36 25.70
C ARG A 3 -15.12 -9.36 24.48
N ASP A 4 -15.01 -8.24 23.80
CA ASP A 4 -14.13 -8.17 22.61
C ASP A 4 -13.17 -6.98 22.73
N LYS A 5 -11.92 -7.17 22.39
CA LYS A 5 -10.93 -6.06 22.48
C LYS A 5 -10.64 -5.49 21.09
N ASN A 6 -10.84 -4.21 20.90
CA ASN A 6 -10.58 -3.59 19.58
C ASN A 6 -9.34 -2.69 19.65
N GLN A 7 -8.32 -3.02 18.90
CA GLN A 7 -7.08 -2.20 18.92
C GLN A 7 -6.88 -1.52 17.56
N VAL A 8 -6.41 -0.30 17.55
CA VAL A 8 -6.19 0.41 16.25
C VAL A 8 -4.69 0.49 15.95
N GLU A 9 -4.28 -0.02 14.82
CA GLU A 9 -2.83 0.01 14.45
C GLU A 9 -2.66 0.32 12.97
N GLY A 10 -1.52 0.82 12.59
CA GLY A 10 -1.27 1.15 11.15
C GLY A 10 -1.62 2.61 10.90
N GLU A 11 -0.80 3.30 10.14
CA GLU A 11 -1.07 4.74 9.86
C GLU A 11 -1.18 4.97 8.34
N VAL A 12 -2.39 5.15 7.86
CA VAL A 12 -2.58 5.38 6.39
C VAL A 12 -3.61 6.49 6.17
N GLN A 13 -3.28 7.47 5.35
CA GLN A 13 -4.23 8.58 5.09
C GLN A 13 -4.88 8.42 3.72
N VAL A 14 -6.18 8.55 3.64
CA VAL A 14 -6.89 8.41 2.34
C VAL A 14 -6.69 9.67 1.49
N VAL A 15 -6.39 9.51 0.22
CA VAL A 15 -6.18 10.70 -0.66
C VAL A 15 -6.87 10.48 -2.01
N SER A 16 -7.49 11.51 -2.53
CA SER A 16 -8.20 11.38 -3.84
C SER A 16 -7.65 12.41 -4.84
N THR A 17 -7.41 12.00 -6.06
CA THR A 17 -6.88 12.95 -7.07
C THR A 17 -8.02 13.44 -7.98
N ALA A 18 -7.69 14.29 -8.92
CA ALA A 18 -8.76 14.83 -9.83
C ALA A 18 -9.45 13.70 -10.59
N THR A 19 -8.71 12.72 -11.06
CA THR A 19 -9.34 11.61 -11.83
C THR A 19 -9.07 10.24 -11.18
N GLN A 20 -8.01 10.12 -10.44
CA GLN A 20 -7.70 8.80 -9.78
C GLN A 20 -7.70 8.94 -8.27
N SER A 21 -7.86 7.84 -7.56
CA SER A 21 -7.87 7.88 -6.07
C SER A 21 -7.10 6.68 -5.51
N PHE A 22 -6.07 6.93 -4.75
CA PHE A 22 -5.27 5.82 -4.16
C PHE A 22 -4.96 6.12 -2.69
N LEU A 23 -4.33 5.20 -2.00
CA LEU A 23 -4.01 5.43 -0.55
C LEU A 23 -2.50 5.45 -0.34
N ALA A 24 -2.05 6.03 0.75
CA ALA A 24 -0.58 6.09 1.03
C ALA A 24 -0.28 5.57 2.44
N THR A 25 0.83 4.89 2.60
CA THR A 25 1.20 4.36 3.95
C THR A 25 2.58 4.89 4.36
N CYS A 26 2.73 5.30 5.60
CA CYS A 26 4.04 5.82 6.07
C CYS A 26 4.85 4.72 6.75
N VAL A 27 5.94 4.30 6.14
CA VAL A 27 6.78 3.24 6.74
C VAL A 27 8.25 3.67 6.77
N ASN A 28 8.95 3.38 7.84
CA ASN A 28 10.40 3.78 7.96
C ASN A 28 10.57 5.29 7.73
N GLY A 29 9.64 6.07 8.21
CA GLY A 29 9.74 7.56 8.05
C GLY A 29 9.60 7.95 6.57
N VAL A 30 9.15 7.05 5.72
CA VAL A 30 8.99 7.39 4.28
C VAL A 30 7.61 6.96 3.79
N CYS A 31 6.89 7.84 3.14
CA CYS A 31 5.53 7.47 2.64
C CYS A 31 5.65 6.82 1.26
N TRP A 32 5.32 5.55 1.17
CA TRP A 32 5.41 4.85 -0.15
C TRP A 32 4.02 4.60 -0.74
N THR A 33 3.89 4.84 -2.02
CA THR A 33 2.58 4.63 -2.70
C THR A 33 2.83 3.92 -4.04
N VAL A 34 1.79 3.66 -4.80
CA VAL A 34 1.99 2.99 -6.12
C VAL A 34 2.44 4.02 -7.15
N TYR A 35 3.33 3.65 -8.05
CA TYR A 35 3.84 4.62 -9.06
C TYR A 35 2.88 4.74 -10.26
N HIS A 36 2.32 3.65 -10.74
CA HIS A 36 1.41 3.75 -11.93
C HIS A 36 0.22 4.68 -11.64
N GLY A 37 -0.06 4.92 -10.38
CA GLY A 37 -1.21 5.82 -10.03
C GLY A 37 -0.68 7.23 -9.75
N ALA A 38 0.03 7.39 -8.66
CA ALA A 38 0.58 8.74 -8.32
C ALA A 38 1.74 9.12 -9.25
N GLY A 39 2.53 8.15 -9.65
CA GLY A 39 3.68 8.44 -10.56
C GLY A 39 3.17 9.04 -11.87
N SER A 40 1.98 8.69 -12.28
CA SER A 40 1.43 9.24 -13.56
C SER A 40 1.32 10.77 -13.51
N LYS A 41 0.92 11.32 -12.38
CA LYS A 41 0.78 12.79 -12.27
C LYS A 41 1.53 13.31 -11.05
N THR A 42 2.14 14.47 -11.15
CA THR A 42 2.90 15.04 -9.99
C THR A 42 1.94 15.38 -8.85
N LEU A 43 2.43 15.33 -7.63
CA LEU A 43 1.58 15.65 -6.45
C LEU A 43 1.85 17.08 -5.99
N ALA A 44 0.82 17.85 -5.74
CA ALA A 44 1.01 19.26 -5.29
C ALA A 44 1.07 19.33 -3.76
N GLY A 45 2.06 20.00 -3.22
CA GLY A 45 2.18 20.11 -1.73
C GLY A 45 1.59 21.46 -1.28
N PRO A 46 1.63 21.72 0.00
CA PRO A 46 1.09 22.99 0.54
C PRO A 46 1.99 24.17 0.14
N LYS A 47 3.27 23.95 0.10
CA LYS A 47 4.22 25.05 -0.29
C LYS A 47 4.37 25.14 -1.82
N GLY A 48 3.89 24.15 -2.54
CA GLY A 48 4.01 24.19 -4.03
C GLY A 48 4.19 22.75 -4.56
N PRO A 49 4.62 22.64 -5.80
CA PRO A 49 4.81 21.30 -6.40
C PRO A 49 6.05 20.63 -5.79
N ILE A 50 6.07 19.33 -5.75
CA ILE A 50 7.25 18.61 -5.16
C ILE A 50 7.73 17.51 -6.11
N THR A 51 8.98 17.12 -6.00
CA THR A 51 9.52 16.06 -6.88
C THR A 51 9.56 14.73 -6.12
N GLN A 52 9.09 13.66 -6.74
CA GLN A 52 9.09 12.33 -6.04
C GLN A 52 10.52 11.92 -5.70
N MET A 53 10.78 11.65 -4.44
CA MET A 53 12.16 11.24 -4.03
C MET A 53 12.54 9.90 -4.66
N TYR A 54 11.62 8.98 -4.74
CA TYR A 54 11.94 7.65 -5.35
C TYR A 54 10.97 7.34 -6.49
N THR A 55 11.47 6.87 -7.61
CA THR A 55 10.58 6.55 -8.76
C THR A 55 11.13 5.35 -9.54
N ASN A 56 10.27 4.43 -9.90
CA ASN A 56 10.74 3.22 -10.67
C ASN A 56 9.55 2.55 -11.35
N VAL A 57 9.43 2.70 -12.65
CA VAL A 57 8.27 2.07 -13.37
C VAL A 57 8.43 0.55 -13.36
N ASP A 58 9.63 0.06 -13.56
CA ASP A 58 9.84 -1.43 -13.58
C ASP A 58 9.36 -2.06 -12.28
N GLN A 59 9.60 -1.43 -11.16
CA GLN A 59 9.16 -2.01 -9.85
C GLN A 59 7.84 -1.38 -9.38
N ASP A 60 7.36 -0.34 -10.05
CA ASP A 60 6.09 0.32 -9.62
C ASP A 60 6.22 0.77 -8.16
N LEU A 61 7.36 1.29 -7.80
CA LEU A 61 7.58 1.75 -6.40
C LEU A 61 7.88 3.24 -6.37
N VAL A 62 7.22 3.97 -5.50
CA VAL A 62 7.44 5.45 -5.42
C VAL A 62 7.02 5.94 -4.03
N GLY A 63 7.47 7.09 -3.62
CA GLY A 63 7.09 7.60 -2.26
C GLY A 63 7.69 8.99 -2.03
N TRP A 64 7.25 9.66 -0.99
CA TRP A 64 7.77 11.03 -0.68
C TRP A 64 8.47 11.01 0.69
N GLN A 65 9.39 11.92 0.90
CA GLN A 65 10.11 11.97 2.21
C GLN A 65 9.20 12.60 3.28
N ALA A 66 9.35 12.17 4.51
CA ALA A 66 8.50 12.73 5.61
C ALA A 66 9.37 13.54 6.59
N PRO A 67 8.75 14.42 7.34
CA PRO A 67 9.50 15.25 8.31
C PRO A 67 9.96 14.39 9.50
N PRO A 68 10.99 14.85 10.19
CA PRO A 68 11.52 14.09 11.35
C PRO A 68 10.57 14.22 12.55
N GLY A 69 10.66 13.32 13.49
CA GLY A 69 9.76 13.38 14.68
C GLY A 69 8.40 12.79 14.33
N ALA A 70 8.36 11.88 13.39
CA ALA A 70 7.06 11.26 12.99
C ALA A 70 7.07 9.76 13.33
N ARG A 71 5.91 9.16 13.45
CA ARG A 71 5.85 7.71 13.77
C ARG A 71 6.06 6.87 12.51
N SER A 72 6.92 5.89 12.57
CA SER A 72 7.19 5.03 11.36
C SER A 72 6.74 3.59 11.63
N LEU A 73 6.34 2.88 10.62
CA LEU A 73 5.89 1.47 10.81
C LEU A 73 7.07 0.50 10.59
N THR A 74 7.20 -0.48 11.45
CA THR A 74 8.31 -1.45 11.30
C THR A 74 7.96 -2.53 10.26
N PRO A 75 8.97 -3.15 9.68
CA PRO A 75 8.73 -4.21 8.66
C PRO A 75 8.21 -5.48 9.33
N CYS A 76 7.65 -6.38 8.56
CA CYS A 76 7.12 -7.65 9.14
C CYS A 76 8.23 -8.70 9.19
N THR A 77 8.49 -9.24 10.37
CA THR A 77 9.55 -10.27 10.50
C THR A 77 9.02 -11.45 11.32
N CYS A 78 8.00 -12.11 10.85
CA CYS A 78 7.43 -13.27 11.61
C CYS A 78 6.92 -14.37 10.67
N GLY A 79 7.15 -14.27 9.38
CA GLY A 79 6.68 -15.33 8.43
C GLY A 79 5.19 -15.61 8.64
N SER A 80 4.39 -14.58 8.70
CA SER A 80 2.92 -14.78 8.91
C SER A 80 2.22 -15.03 7.58
N SER A 81 1.75 -16.24 7.36
CA SER A 81 1.04 -16.56 6.09
C SER A 81 -0.28 -15.80 6.03
N ASP A 82 -0.97 -15.71 7.15
CA ASP A 82 -2.27 -14.98 7.18
C ASP A 82 -2.01 -13.47 7.25
N LEU A 83 -2.60 -12.71 6.37
CA LEU A 83 -2.38 -11.23 6.39
C LEU A 83 -3.71 -10.48 6.27
N TYR A 84 -3.78 -9.30 6.83
CA TYR A 84 -5.04 -8.50 6.75
C TYR A 84 -4.85 -7.34 5.78
N LEU A 85 -5.73 -7.18 4.83
CA LEU A 85 -5.58 -6.07 3.84
C LEU A 85 -6.68 -5.01 4.07
N VAL A 86 -6.34 -3.75 3.92
CA VAL A 86 -7.35 -2.67 4.11
C VAL A 86 -7.75 -2.08 2.75
N THR A 87 -9.02 -2.07 2.46
CA THR A 87 -9.49 -1.51 1.16
C THR A 87 -9.91 -0.05 1.32
N ARG A 88 -10.12 0.64 0.23
CA ARG A 88 -10.54 2.07 0.30
C ARG A 88 -11.93 2.19 0.93
N HIS A 89 -12.72 1.14 0.86
CA HIS A 89 -14.09 1.18 1.45
C HIS A 89 -14.09 0.64 2.89
N ALA A 90 -12.96 0.71 3.56
CA ALA A 90 -12.87 0.22 4.97
C ALA A 90 -13.35 -1.23 5.09
N ASP A 91 -12.84 -2.10 4.25
CA ASP A 91 -13.26 -3.53 4.31
C ASP A 91 -12.04 -4.42 4.63
N VAL A 92 -12.15 -5.25 5.64
CA VAL A 92 -11.01 -6.13 6.01
C VAL A 92 -11.14 -7.49 5.31
N ILE A 93 -10.17 -7.85 4.52
CA ILE A 93 -10.22 -9.16 3.79
C ILE A 93 -8.96 -9.99 4.13
N PRO A 94 -9.14 -11.26 4.41
CA PRO A 94 -7.99 -12.13 4.73
C PRO A 94 -7.24 -12.52 3.45
N VAL A 95 -5.94 -12.61 3.51
CA VAL A 95 -5.15 -12.98 2.30
C VAL A 95 -4.16 -14.10 2.63
N ARG A 96 -3.99 -15.05 1.75
CA ARG A 96 -3.04 -16.17 2.01
C ARG A 96 -1.69 -15.88 1.32
N ARG A 97 -0.60 -16.07 2.02
CA ARG A 97 0.74 -15.80 1.41
C ARG A 97 1.05 -16.85 0.35
N ARG A 98 1.57 -16.43 -0.77
CA ARG A 98 1.91 -17.39 -1.87
C ARG A 98 3.28 -17.05 -2.47
N GLY A 99 4.14 -16.43 -1.70
CA GLY A 99 5.49 -16.08 -2.21
C GLY A 99 6.00 -14.84 -1.48
N ASP A 100 7.12 -14.31 -1.89
CA ASP A 100 7.69 -13.11 -1.22
C ASP A 100 6.83 -11.87 -1.52
N SER A 101 6.34 -11.76 -2.74
CA SER A 101 5.50 -10.57 -3.10
C SER A 101 4.18 -11.00 -3.75
N ARG A 102 3.74 -12.21 -3.49
CA ARG A 102 2.45 -12.67 -4.09
C ARG A 102 1.64 -13.51 -3.10
N GLY A 103 0.34 -13.38 -3.12
CA GLY A 103 -0.51 -14.17 -2.18
C GLY A 103 -1.76 -14.67 -2.92
N SER A 104 -2.66 -15.32 -2.21
CA SER A 104 -3.90 -15.83 -2.86
C SER A 104 -5.13 -15.15 -2.26
N LEU A 105 -6.24 -15.18 -2.95
CA LEU A 105 -7.48 -14.53 -2.43
C LEU A 105 -8.52 -15.60 -2.05
N LEU A 106 -8.98 -15.59 -0.82
CA LEU A 106 -9.99 -16.59 -0.39
C LEU A 106 -11.33 -16.30 -1.07
N SER A 107 -11.68 -15.06 -1.19
CA SER A 107 -12.98 -14.69 -1.84
C SER A 107 -12.73 -14.16 -3.26
N PRO A 108 -13.10 -14.93 -4.26
CA PRO A 108 -12.88 -14.49 -5.66
C PRO A 108 -13.85 -13.35 -6.02
N ARG A 109 -13.33 -12.17 -6.23
CA ARG A 109 -14.20 -11.01 -6.58
C ARG A 109 -13.72 -10.37 -7.89
N PRO A 110 -14.60 -9.58 -8.51
CA PRO A 110 -14.22 -8.92 -9.78
C PRO A 110 -13.20 -7.81 -9.53
N VAL A 111 -12.36 -7.53 -10.50
CA VAL A 111 -11.33 -6.46 -10.32
C VAL A 111 -12.01 -5.12 -9.98
N SER A 112 -13.17 -4.88 -10.51
CA SER A 112 -13.89 -3.60 -10.22
C SER A 112 -14.17 -3.46 -8.72
N TYR A 113 -14.53 -4.54 -8.07
CA TYR A 113 -14.82 -4.48 -6.60
C TYR A 113 -13.54 -4.12 -5.84
N LEU A 114 -12.43 -4.67 -6.25
CA LEU A 114 -11.15 -4.38 -5.55
C LEU A 114 -10.44 -3.15 -6.14
N LYS A 115 -10.98 -2.58 -7.20
CA LYS A 115 -10.33 -1.38 -7.80
C LYS A 115 -10.47 -0.15 -6.91
N GLY A 116 -9.44 0.65 -6.81
CA GLY A 116 -9.49 1.87 -5.95
C GLY A 116 -8.83 1.61 -4.59
N SER A 117 -8.38 0.40 -4.34
CA SER A 117 -7.71 0.11 -3.03
C SER A 117 -6.19 0.10 -3.19
N SER A 118 -5.67 0.51 -4.33
CA SER A 118 -4.20 0.53 -4.52
C SER A 118 -3.55 1.48 -3.52
N GLY A 119 -2.54 1.03 -2.82
CA GLY A 119 -1.86 1.90 -1.82
C GLY A 119 -2.23 1.44 -0.40
N GLY A 120 -3.31 0.72 -0.24
CA GLY A 120 -3.70 0.25 1.12
C GLY A 120 -2.61 -0.70 1.65
N PRO A 121 -2.12 -0.44 2.85
CA PRO A 121 -1.06 -1.31 3.41
C PRO A 121 -1.62 -2.64 3.94
N LEU A 122 -0.77 -3.61 4.12
CA LEU A 122 -1.22 -4.93 4.64
C LEU A 122 -0.56 -5.17 5.99
N LEU A 123 -1.34 -5.44 7.02
CA LEU A 123 -0.75 -5.65 8.38
C LEU A 123 -1.00 -7.07 8.87
N CYS A 124 0.03 -7.73 9.33
CA CYS A 124 -0.13 -9.12 9.87
C CYS A 124 -0.65 -9.05 11.32
N PRO A 125 -1.15 -10.16 11.82
CA PRO A 125 -1.67 -10.17 13.21
C PRO A 125 -0.54 -9.97 14.23
N SER A 126 0.69 -10.11 13.81
CA SER A 126 1.84 -9.90 14.76
C SER A 126 1.91 -8.44 15.20
N GLY A 127 1.68 -7.53 14.28
CA GLY A 127 1.73 -6.08 14.62
C GLY A 127 2.85 -5.39 13.84
N HIS A 128 3.13 -5.84 12.65
CA HIS A 128 4.21 -5.21 11.84
C HIS A 128 3.72 -4.95 10.40
N ALA A 129 4.19 -3.91 9.78
CA ALA A 129 3.76 -3.61 8.38
C ALA A 129 4.35 -4.62 7.40
N VAL A 130 3.55 -5.13 6.49
CA VAL A 130 4.08 -6.12 5.50
C VAL A 130 4.40 -5.43 4.18
N GLY A 131 3.43 -4.81 3.56
CA GLY A 131 3.68 -4.11 2.26
C GLY A 131 2.42 -3.39 1.80
N ILE A 132 2.41 -2.90 0.59
CA ILE A 132 1.21 -2.18 0.07
C ILE A 132 0.67 -2.87 -1.19
N PHE A 133 -0.63 -2.90 -1.36
CA PHE A 133 -1.22 -3.54 -2.57
C PHE A 133 -0.74 -2.82 -3.83
N ARG A 134 -0.19 -3.54 -4.78
CA ARG A 134 0.32 -2.89 -6.02
C ARG A 134 -0.60 -3.18 -7.20
N ALA A 135 -0.70 -4.43 -7.60
CA ALA A 135 -1.58 -4.78 -8.76
C ALA A 135 -2.44 -6.00 -8.44
N ALA A 136 -3.60 -6.09 -9.05
CA ALA A 136 -4.50 -7.25 -8.79
C ALA A 136 -4.26 -8.32 -9.87
N VAL A 137 -4.51 -9.56 -9.56
CA VAL A 137 -4.28 -10.64 -10.57
C VAL A 137 -5.59 -11.39 -10.86
N CYS A 138 -6.03 -11.38 -12.10
CA CYS A 138 -7.30 -12.10 -12.44
C CYS A 138 -7.18 -12.79 -13.80
N THR A 139 -7.73 -13.96 -13.94
CA THR A 139 -7.66 -14.69 -15.25
C THR A 139 -8.52 -13.97 -16.29
N ARG A 140 -9.70 -13.57 -15.92
CA ARG A 140 -10.60 -12.86 -16.88
C ARG A 140 -11.48 -11.85 -16.14
N GLY A 141 -10.88 -11.03 -15.32
CA GLY A 141 -11.66 -10.01 -14.55
C GLY A 141 -11.95 -10.53 -13.13
N VAL A 142 -11.70 -11.79 -12.87
CA VAL A 142 -11.95 -12.34 -11.50
C VAL A 142 -10.63 -12.45 -10.75
N ALA A 143 -10.52 -11.82 -9.60
CA ALA A 143 -9.24 -11.86 -8.84
C ALA A 143 -9.18 -13.09 -7.92
N LYS A 144 -8.23 -13.95 -8.16
CA LYS A 144 -8.08 -15.17 -7.31
C LYS A 144 -6.79 -15.06 -6.47
N ALA A 145 -5.91 -14.16 -6.81
CA ALA A 145 -4.64 -13.99 -6.03
C ALA A 145 -4.26 -12.51 -5.98
N VAL A 146 -3.33 -12.14 -5.15
CA VAL A 146 -2.92 -10.70 -5.06
C VAL A 146 -1.41 -10.55 -4.96
N ASP A 147 -0.87 -9.51 -5.55
CA ASP A 147 0.61 -9.29 -5.50
C ASP A 147 0.92 -7.93 -4.86
N PHE A 148 1.83 -7.89 -3.93
CA PHE A 148 2.18 -6.59 -3.26
C PHE A 148 3.68 -6.51 -2.99
N VAL A 149 4.22 -5.31 -2.92
CA VAL A 149 5.68 -5.16 -2.65
C VAL A 149 5.93 -5.02 -1.13
N PRO A 150 6.86 -5.78 -0.61
CA PRO A 150 7.16 -5.70 0.85
C PRO A 150 7.91 -4.41 1.16
N VAL A 151 7.90 -4.00 2.41
CA VAL A 151 8.60 -2.74 2.79
C VAL A 151 10.12 -2.94 2.70
N GLU A 152 10.58 -4.12 2.97
CA GLU A 152 12.06 -4.40 2.91
C GLU A 152 12.58 -4.13 1.50
N SER A 153 11.83 -4.51 0.49
CA SER A 153 12.30 -4.31 -0.91
C SER A 153 12.42 -2.82 -1.25
N MET A 154 11.72 -1.97 -0.55
CA MET A 154 11.79 -0.50 -0.84
C MET A 154 13.23 0.00 -0.68
N GLU A 155 13.95 -0.53 0.27
CA GLU A 155 15.35 -0.07 0.50
C GLU A 155 16.21 -0.30 -0.75
N THR A 156 15.92 -1.33 -1.50
CA THR A 156 16.72 -1.63 -2.73
C THR A 156 16.64 -0.45 -3.71
N THR A 157 15.47 0.13 -3.85
CA THR A 157 15.31 1.29 -4.79
C THR A 157 16.07 2.52 -4.28
N MET A 158 16.12 2.69 -2.98
CA MET A 158 16.84 3.88 -2.42
C MET A 158 18.31 3.87 -2.83
N ARG A 159 18.94 2.73 -2.80
CA ARG A 159 20.39 2.65 -3.19
C ARG A 159 20.57 3.09 -4.64
N ALA A 160 19.67 2.70 -5.51
CA ALA A 160 19.78 3.08 -6.95
C ALA A 160 19.24 4.50 -7.16
O1 4P2 B . -0.70 -2.43 -14.56
C8 4P2 B . -1.99 -7.73 -13.80
O9 4P2 B . -1.78 -8.99 -13.30
C10 4P2 B . -0.43 -9.58 -13.37
C11 4P2 B . -0.62 -11.10 -13.37
C12 4P2 B . 0.64 -11.62 -12.72
C13 4P2 B . 0.85 -10.65 -11.57
C14 4P2 B . 0.40 -9.26 -12.10
C15 4P2 B . 1.65 -8.38 -12.37
C16 4P2 B . 1.33 -6.99 -12.93
C17 4P2 B . 2.37 -5.95 -12.49
C18 4P2 B . 2.26 -4.64 -13.27
C19 4P2 B . 1.19 -3.68 -12.72
C20 4P2 B . 1.38 -2.29 -13.31
N21 4P2 B . 2.58 -1.65 -12.92
C22 4P2 B . 2.95 -0.44 -13.49
C23 4P2 B . 4.18 0.21 -13.08
C24 4P2 B . 4.59 1.49 -13.65
C25 4P2 B . 3.77 2.14 -14.67
C26 4P2 B . 2.52 1.50 -15.12
C27 4P2 B . 2.09 0.22 -14.53
C28 4P2 B . 0.86 -0.45 -14.90
C29 4P2 B . 0.46 -1.72 -14.29
O38 4P2 B . -1.17 -7.03 -14.40
C5 4P2 B . -3.21 -4.96 -12.73
C6 4P2 B . -3.76 -5.95 -13.84
N7 4P2 B . -3.27 -7.32 -13.53
O32 4P2 B . -2.95 -5.38 -11.61
C33 4P2 B . -5.31 -5.90 -13.86
C34 4P2 B . -5.98 -7.08 -14.58
C35 4P2 B . -7.39 -6.60 -14.95
C36 4P2 B . -7.37 -5.08 -14.81
C37 4P2 B . -5.90 -4.71 -14.64
N4 4P2 B . -3.10 -3.61 -13.04
C31 4P2 B . -2.73 -2.61 -12.01
C39 4P2 B . -3.99 -2.18 -11.20
O40 4P2 B . -5.11 -2.13 -11.72
C30 4P2 B . -2.14 -1.42 -12.81
C2 4P2 B . -2.01 -1.88 -14.28
C3 4P2 B . -3.02 -3.04 -14.37
N41 4P2 B . -3.75 -1.92 -9.85
C42 4P2 B . -4.84 -1.64 -8.89
C43 4P2 B . -5.57 -2.92 -8.36
C44 4P2 B . -4.64 -2.17 -7.46
C47 4P2 B . -7.03 -2.92 -8.11
C48 4P2 B . -7.89 -3.81 -8.63
C45 4P2 B . -5.49 -0.24 -8.94
O46 4P2 B . -6.63 -0.06 -8.52
N49 4P2 B . -4.69 0.77 -9.49
S 4P2 B . -5.13 2.34 -9.73
O51 4P2 B . -4.06 2.92 -10.52
O52 4P2 B . -6.50 2.42 -10.19
C53 4P2 B . -5.00 3.17 -8.13
C54 4P2 B . -5.95 4.34 -7.96
C55 4P2 B . -6.20 3.05 -7.22
H2 4P2 B . -2.29 -1.12 -15.01
H10 4P2 B . 0.07 -9.29 -14.30
H111 4P2 B . -0.73 -11.49 -14.39
H112 4P2 B . -1.50 -11.39 -12.79
H122 4P2 B . 1.48 -11.56 -13.42
H121 4P2 B . 0.54 -12.66 -12.39
H132 4P2 B . 1.88 -10.68 -11.19
H131 4P2 B . 0.20 -10.94 -10.73
H14 4P2 B . -0.21 -8.76 -11.34
H151 4P2 B . 2.20 -8.26 -11.42
H152 4P2 B . 2.34 -8.89 -13.06
H162 4P2 B . 1.31 -7.02 -14.02
H161 4P2 B . 0.34 -6.68 -12.58
H171 4P2 B . 3.37 -6.36 -12.64
H172 4P2 B . 2.26 -5.75 -11.41
H182 4P2 B . 3.24 -4.15 -13.25
H181 4P2 B . 2.06 -4.87 -14.32
H191 4P2 B . 1.28 -3.60 -11.64
H192 4P2 B . 0.18 -4.05 -12.92
H23 4P2 B . 4.81 -0.26 -12.32
H24 4P2 B . 5.51 1.96 -13.33
H25 4P2 B . 4.09 3.08 -15.11
H26 4P2 B . 1.92 1.99 -15.88
H28 4P2 B . 0.24 0.02 -15.65
H6 4P2 B . -3.37 -5.69 -14.84
H7 4P2 B . -3.87 -8.00 -13.08
H33 4P2 B . -5.70 -5.85 -12.83
H341 4P2 B . -5.44 -7.34 -15.49
H342 4P2 B . -6.02 -7.98 -13.96
H352 4P2 B . -8.13 -7.02 -14.27
H351 4P2 B . -7.65 -6.91 -15.96
H361 4P2 B . -7.93 -4.79 -13.91
H362 4P2 B . -7.82 -4.58 -15.66
H371 4P2 B . -5.77 -3.76 -14.13
H372 4P2 B . -5.43 -4.64 -15.64
H31 4P2 B . -1.97 -3.06 -11.35
H302 4P2 B . -1.19 -1.11 -12.38
H301 4P2 B . -2.80 -0.54 -12.79
H32 4P2 B . -2.70 -3.80 -15.10
H31A 4P2 B . -4.02 -2.68 -14.63
H41 4P2 B . -2.80 -1.92 -9.50
H43 4P2 B . -5.21 -3.87 -8.72
H442 4P2 B . -3.70 -2.65 -7.20
H441 4P2 B . -5.05 -1.58 -6.65
H47 4P2 B . -7.43 -2.14 -7.47
H482 4P2 B . -7.54 -4.64 -9.22
H481 4P2 B . -8.95 -3.70 -8.47
H53 4P2 B . -4.01 3.25 -7.69
H541 4P2 B . -5.58 5.19 -7.39
H542 4P2 B . -6.61 4.62 -8.76
H552 4P2 B . -6.03 3.05 -6.16
H551 4P2 B . -7.05 2.45 -7.54
ZN ZN C . 4.22 -9.36 11.38
N THR A 1 -1.97 7.43 33.61
CA THR A 1 -3.27 8.09 33.31
C THR A 1 -3.60 7.96 31.82
N GLY A 2 -4.70 8.53 31.39
CA GLY A 2 -5.09 8.44 29.95
C GLY A 2 -6.61 8.35 29.83
N ARG A 3 -7.33 9.17 30.57
CA ARG A 3 -8.82 9.12 30.49
C ARG A 3 -9.29 9.46 29.07
N ASP A 4 -8.67 10.42 28.44
CA ASP A 4 -9.08 10.81 27.06
C ASP A 4 -8.70 9.69 26.07
N LYS A 5 -7.52 9.11 26.24
CA LYS A 5 -7.08 8.00 25.32
C LYS A 5 -7.24 8.41 23.85
N ASN A 6 -6.93 9.65 23.53
CA ASN A 6 -7.06 10.11 22.12
C ASN A 6 -5.77 9.83 21.34
N GLN A 7 -5.41 8.57 21.21
CA GLN A 7 -4.15 8.22 20.46
C GLN A 7 -4.25 8.71 19.01
N VAL A 8 -5.41 8.57 18.42
CA VAL A 8 -5.60 9.02 17.00
C VAL A 8 -4.49 8.46 16.09
N GLU A 9 -4.50 7.17 15.85
CA GLU A 9 -3.46 6.56 14.97
C GLU A 9 -3.66 7.04 13.51
N GLY A 10 -2.59 7.32 12.81
CA GLY A 10 -2.73 7.78 11.40
C GLY A 10 -1.69 7.09 10.51
N GLU A 11 -1.53 5.79 10.67
CA GLU A 11 -0.55 5.05 9.83
C GLU A 11 -0.92 5.19 8.34
N VAL A 12 -2.18 5.11 8.05
CA VAL A 12 -2.64 5.24 6.63
C VAL A 12 -3.56 6.45 6.48
N GLN A 13 -3.43 7.20 5.43
CA GLN A 13 -4.30 8.39 5.24
C GLN A 13 -5.12 8.26 3.94
N VAL A 14 -6.35 8.70 3.96
CA VAL A 14 -7.22 8.60 2.75
C VAL A 14 -6.99 9.80 1.82
N VAL A 15 -6.56 9.54 0.60
CA VAL A 15 -6.32 10.66 -0.36
C VAL A 15 -7.01 10.39 -1.70
N SER A 16 -7.59 11.40 -2.29
CA SER A 16 -8.29 11.20 -3.60
C SER A 16 -7.69 12.10 -4.67
N THR A 17 -7.71 11.66 -5.90
CA THR A 17 -7.14 12.51 -7.00
C THR A 17 -8.26 13.02 -7.91
N ALA A 18 -7.91 13.72 -8.96
CA ALA A 18 -8.96 14.26 -9.88
C ALA A 18 -9.74 13.14 -10.57
N THR A 19 -9.06 12.10 -10.98
CA THR A 19 -9.77 10.98 -11.70
C THR A 19 -9.55 9.62 -10.99
N GLN A 20 -8.63 9.55 -10.06
CA GLN A 20 -8.38 8.25 -9.36
C GLN A 20 -8.23 8.47 -7.85
N SER A 21 -8.35 7.43 -7.08
CA SER A 21 -8.22 7.58 -5.59
C SER A 21 -7.44 6.40 -5.01
N PHE A 22 -6.36 6.67 -4.31
CA PHE A 22 -5.55 5.59 -3.70
C PHE A 22 -5.16 5.96 -2.26
N LEU A 23 -4.47 5.08 -1.58
CA LEU A 23 -4.07 5.39 -0.17
C LEU A 23 -2.55 5.43 -0.05
N ALA A 24 -2.04 6.27 0.82
CA ALA A 24 -0.55 6.36 1.01
C ALA A 24 -0.15 5.78 2.37
N THR A 25 1.06 5.34 2.50
CA THR A 25 1.52 4.76 3.80
C THR A 25 2.85 5.40 4.23
N CYS A 26 3.04 5.60 5.50
CA CYS A 26 4.32 6.21 5.99
C CYS A 26 5.26 5.13 6.53
N VAL A 27 6.39 4.95 5.89
CA VAL A 27 7.36 3.93 6.37
C VAL A 27 8.76 4.54 6.50
N ASN A 28 9.40 4.35 7.62
CA ASN A 28 10.78 4.91 7.83
C ASN A 28 10.81 6.42 7.53
N GLY A 29 9.79 7.13 7.93
CA GLY A 29 9.76 8.61 7.68
C GLY A 29 9.65 8.90 6.18
N VAL A 30 9.18 7.95 5.40
CA VAL A 30 9.04 8.18 3.94
C VAL A 30 7.64 7.76 3.48
N CYS A 31 6.91 8.66 2.86
CA CYS A 31 5.54 8.31 2.37
C CYS A 31 5.64 7.56 1.04
N TRP A 32 5.35 6.29 1.04
CA TRP A 32 5.44 5.50 -0.24
C TRP A 32 4.06 5.39 -0.90
N THR A 33 4.04 5.55 -2.20
CA THR A 33 2.75 5.44 -2.96
C THR A 33 2.98 4.62 -4.23
N VAL A 34 1.94 4.30 -4.96
CA VAL A 34 2.11 3.50 -6.20
C VAL A 34 2.56 4.39 -7.37
N TYR A 35 3.42 3.89 -8.21
CA TYR A 35 3.93 4.71 -9.36
C TYR A 35 2.88 4.85 -10.47
N HIS A 36 2.19 3.78 -10.82
CA HIS A 36 1.17 3.89 -11.93
C HIS A 36 0.01 4.80 -11.51
N GLY A 37 -0.10 5.12 -10.24
CA GLY A 37 -1.22 6.01 -9.79
C GLY A 37 -0.73 7.47 -9.80
N ALA A 38 -0.14 7.90 -8.71
CA ALA A 38 0.35 9.32 -8.65
C ALA A 38 1.58 9.50 -9.56
N GLY A 39 2.45 8.52 -9.59
CA GLY A 39 3.68 8.64 -10.43
C GLY A 39 3.31 8.88 -11.90
N SER A 40 2.15 8.42 -12.31
CA SER A 40 1.73 8.62 -13.73
C SER A 40 1.66 10.12 -14.07
N LYS A 41 1.16 10.92 -13.17
CA LYS A 41 1.07 12.38 -13.45
C LYS A 41 1.48 13.18 -12.21
N THR A 42 2.11 14.31 -12.40
CA THR A 42 2.55 15.15 -11.24
C THR A 42 1.31 15.69 -10.50
N LEU A 43 1.36 15.74 -9.20
CA LEU A 43 0.19 16.25 -8.42
C LEU A 43 0.67 17.10 -7.24
N ALA A 44 -0.09 18.10 -6.87
CA ALA A 44 0.31 18.99 -5.74
C ALA A 44 -0.74 18.94 -4.63
N GLY A 45 -0.31 18.84 -3.40
CA GLY A 45 -1.28 18.79 -2.27
C GLY A 45 -1.60 20.22 -1.81
N PRO A 46 -2.18 20.35 -0.63
CA PRO A 46 -2.52 21.69 -0.11
C PRO A 46 -1.25 22.46 0.28
N LYS A 47 -0.19 21.75 0.59
CA LYS A 47 1.09 22.43 0.98
C LYS A 47 1.71 23.11 -0.24
N GLY A 48 1.52 22.55 -1.41
CA GLY A 48 2.10 23.15 -2.64
C GLY A 48 2.52 22.03 -3.61
N PRO A 49 3.46 22.34 -4.48
CA PRO A 49 3.93 21.33 -5.47
C PRO A 49 4.77 20.26 -4.77
N ILE A 50 4.69 19.04 -5.24
CA ILE A 50 5.48 17.94 -4.61
C ILE A 50 6.33 17.22 -5.66
N THR A 51 7.59 17.03 -5.40
CA THR A 51 8.48 16.33 -6.38
C THR A 51 8.77 14.91 -5.90
N GLN A 52 8.60 13.93 -6.76
CA GLN A 52 8.85 12.52 -6.36
C GLN A 52 10.36 12.24 -6.32
N MET A 53 10.91 12.07 -5.15
CA MET A 53 12.37 11.79 -5.03
C MET A 53 12.68 10.38 -5.54
N TYR A 54 11.78 9.45 -5.32
CA TYR A 54 12.01 8.05 -5.78
C TYR A 54 11.05 7.72 -6.94
N THR A 55 11.57 7.23 -8.04
CA THR A 55 10.70 6.88 -9.19
C THR A 55 11.22 5.63 -9.91
N ASN A 56 10.41 4.61 -10.00
CA ASN A 56 10.85 3.36 -10.68
C ASN A 56 9.65 2.62 -11.28
N VAL A 57 9.55 2.59 -12.60
CA VAL A 57 8.41 1.87 -13.24
C VAL A 57 8.56 0.36 -13.03
N ASP A 58 9.77 -0.13 -13.05
CA ASP A 58 9.98 -1.60 -12.86
C ASP A 58 9.43 -2.03 -11.49
N GLN A 59 9.64 -1.20 -10.49
CA GLN A 59 9.10 -1.51 -9.14
C GLN A 59 7.69 -0.94 -8.97
N ASP A 60 7.29 -0.05 -9.86
CA ASP A 60 5.92 0.57 -9.76
C ASP A 60 5.71 1.21 -8.39
N LEU A 61 6.72 1.86 -7.86
CA LEU A 61 6.56 2.51 -6.53
C LEU A 61 7.35 3.83 -6.46
N VAL A 62 6.86 4.75 -5.67
CA VAL A 62 7.54 6.07 -5.52
C VAL A 62 7.45 6.51 -4.05
N GLY A 63 8.19 7.52 -3.66
CA GLY A 63 8.13 7.98 -2.25
C GLY A 63 8.47 9.48 -2.15
N TRP A 64 8.03 10.11 -1.10
CA TRP A 64 8.32 11.57 -0.92
C TRP A 64 9.06 11.80 0.40
N GLN A 65 9.95 12.76 0.43
CA GLN A 65 10.70 13.03 1.69
C GLN A 65 9.76 13.60 2.76
N ALA A 66 9.79 13.03 3.95
CA ALA A 66 8.90 13.53 5.04
C ALA A 66 9.75 14.14 6.17
N PRO A 67 9.13 14.98 6.97
CA PRO A 67 9.87 15.62 8.10
C PRO A 67 10.20 14.58 9.18
N PRO A 68 11.25 14.85 9.94
CA PRO A 68 11.66 13.90 11.01
C PRO A 68 10.67 13.97 12.19
N GLY A 69 10.65 12.96 13.02
CA GLY A 69 9.72 12.96 14.18
C GLY A 69 8.31 12.62 13.72
N ALA A 70 8.19 11.85 12.66
CA ALA A 70 6.84 11.48 12.15
C ALA A 70 6.57 9.98 12.39
N ARG A 71 5.33 9.60 12.48
CA ARG A 71 4.99 8.17 12.72
C ARG A 71 5.56 7.29 11.59
N SER A 72 5.96 6.09 11.92
CA SER A 72 6.54 5.18 10.90
C SER A 72 6.12 3.73 11.16
N LEU A 73 6.22 2.88 10.17
CA LEU A 73 5.82 1.45 10.35
C LEU A 73 7.06 0.55 10.38
N THR A 74 7.02 -0.49 11.16
CA THR A 74 8.20 -1.42 11.26
C THR A 74 8.01 -2.62 10.31
N PRO A 75 9.09 -3.27 9.97
CA PRO A 75 9.01 -4.45 9.06
C PRO A 75 8.40 -5.65 9.79
N CYS A 76 7.73 -6.51 9.08
CA CYS A 76 7.11 -7.71 9.73
C CYS A 76 8.10 -8.86 9.80
N THR A 77 8.29 -9.43 10.95
CA THR A 77 9.24 -10.57 11.10
C THR A 77 8.62 -11.67 11.96
N CYS A 78 7.64 -12.37 11.43
CA CYS A 78 6.98 -13.45 12.23
C CYS A 78 6.56 -14.64 11.34
N GLY A 79 6.96 -14.66 10.09
CA GLY A 79 6.58 -15.80 9.19
C GLY A 79 5.06 -16.03 9.22
N SER A 80 4.29 -14.97 9.18
CA SER A 80 2.81 -15.12 9.21
C SER A 80 2.28 -15.51 7.83
N SER A 81 1.69 -16.67 7.71
CA SER A 81 1.15 -17.13 6.40
C SER A 81 -0.08 -16.30 6.01
N ASP A 82 -0.92 -15.99 6.98
CA ASP A 82 -2.14 -15.20 6.67
C ASP A 82 -1.82 -13.70 6.69
N LEU A 83 -2.42 -12.94 5.81
CA LEU A 83 -2.15 -11.47 5.76
C LEU A 83 -3.46 -10.69 5.69
N TYR A 84 -3.47 -9.48 6.19
CA TYR A 84 -4.72 -8.66 6.14
C TYR A 84 -4.49 -7.43 5.25
N LEU A 85 -5.46 -7.12 4.40
CA LEU A 85 -5.31 -5.94 3.49
C LEU A 85 -6.25 -4.82 3.91
N VAL A 86 -5.80 -3.59 3.84
CA VAL A 86 -6.66 -2.44 4.22
C VAL A 86 -7.37 -1.88 2.97
N THR A 87 -8.66 -1.70 3.04
CA THR A 87 -9.41 -1.16 1.86
C THR A 87 -9.90 0.26 2.15
N ARG A 88 -10.22 1.01 1.11
CA ARG A 88 -10.71 2.41 1.30
C ARG A 88 -12.02 2.43 2.09
N HIS A 89 -12.78 1.36 2.07
CA HIS A 89 -14.07 1.31 2.80
C HIS A 89 -13.88 0.67 4.18
N ALA A 90 -12.71 0.78 4.75
CA ALA A 90 -12.45 0.17 6.10
C ALA A 90 -12.76 -1.33 6.08
N ASP A 91 -12.48 -1.98 4.98
CA ASP A 91 -12.75 -3.45 4.88
C ASP A 91 -11.42 -4.22 4.87
N VAL A 92 -11.41 -5.40 5.43
CA VAL A 92 -10.15 -6.20 5.46
C VAL A 92 -10.45 -7.67 5.16
N ILE A 93 -9.65 -8.28 4.32
CA ILE A 93 -9.87 -9.72 3.98
C ILE A 93 -8.57 -10.52 4.23
N PRO A 94 -8.71 -11.74 4.69
CA PRO A 94 -7.52 -12.57 4.96
C PRO A 94 -6.94 -13.13 3.64
N VAL A 95 -5.64 -13.13 3.52
CA VAL A 95 -5.01 -13.65 2.27
C VAL A 95 -4.00 -14.76 2.62
N ARG A 96 -4.09 -15.89 1.96
CA ARG A 96 -3.15 -17.00 2.24
C ARG A 96 -1.84 -16.81 1.46
N ARG A 97 -0.73 -17.09 2.07
CA ARG A 97 0.58 -16.92 1.37
C ARG A 97 0.81 -18.08 0.39
N ARG A 98 1.14 -17.77 -0.84
CA ARG A 98 1.38 -18.85 -1.85
C ARG A 98 2.62 -18.53 -2.68
N GLY A 99 3.54 -17.77 -2.14
CA GLY A 99 4.78 -17.41 -2.90
C GLY A 99 5.61 -16.42 -2.08
N ASP A 100 6.74 -16.01 -2.61
CA ASP A 100 7.62 -15.06 -1.87
C ASP A 100 6.92 -13.69 -1.75
N SER A 101 6.26 -13.26 -2.79
CA SER A 101 5.56 -11.94 -2.74
C SER A 101 4.16 -12.06 -3.36
N ARG A 102 3.58 -13.24 -3.34
CA ARG A 102 2.23 -13.43 -3.91
C ARG A 102 1.37 -14.30 -2.99
N GLY A 103 0.07 -14.22 -3.14
CA GLY A 103 -0.83 -15.04 -2.28
C GLY A 103 -2.12 -15.37 -3.03
N SER A 104 -3.07 -15.98 -2.37
CA SER A 104 -4.36 -16.33 -3.04
C SER A 104 -5.53 -15.65 -2.33
N LEU A 105 -6.60 -15.40 -3.03
CA LEU A 105 -7.79 -14.74 -2.41
C LEU A 105 -8.91 -15.76 -2.21
N LEU A 106 -9.38 -15.92 -0.99
CA LEU A 106 -10.47 -16.90 -0.73
C LEU A 106 -11.76 -16.44 -1.41
N SER A 107 -12.05 -15.16 -1.38
CA SER A 107 -13.30 -14.65 -2.03
C SER A 107 -12.97 -14.04 -3.40
N PRO A 108 -13.38 -14.72 -4.46
CA PRO A 108 -13.10 -14.20 -5.82
C PRO A 108 -14.02 -13.01 -6.13
N ARG A 109 -13.45 -11.85 -6.32
CA ARG A 109 -14.28 -10.65 -6.61
C ARG A 109 -13.82 -9.99 -7.92
N PRO A 110 -14.67 -9.17 -8.50
CA PRO A 110 -14.31 -8.49 -9.77
C PRO A 110 -13.27 -7.39 -9.52
N VAL A 111 -12.44 -7.12 -10.49
CA VAL A 111 -11.40 -6.06 -10.32
C VAL A 111 -12.05 -4.71 -9.97
N SER A 112 -13.25 -4.48 -10.43
CA SER A 112 -13.94 -3.18 -10.13
C SER A 112 -14.12 -3.01 -8.62
N TYR A 113 -14.46 -4.07 -7.93
CA TYR A 113 -14.64 -3.98 -6.45
C TYR A 113 -13.31 -3.66 -5.78
N LEU A 114 -12.27 -4.33 -6.16
CA LEU A 114 -10.93 -4.08 -5.56
C LEU A 114 -10.28 -2.82 -6.14
N LYS A 115 -10.69 -2.41 -7.32
CA LYS A 115 -10.09 -1.19 -7.95
C LYS A 115 -10.32 0.03 -7.06
N GLY A 116 -9.30 0.84 -6.90
CA GLY A 116 -9.42 2.05 -6.06
C GLY A 116 -8.85 1.79 -4.65
N SER A 117 -8.41 0.58 -4.38
CA SER A 117 -7.84 0.27 -3.03
C SER A 117 -6.32 0.08 -3.12
N SER A 118 -5.70 0.52 -4.20
CA SER A 118 -4.22 0.35 -4.33
C SER A 118 -3.51 1.15 -3.23
N GLY A 119 -2.35 0.69 -2.82
CA GLY A 119 -1.61 1.39 -1.73
C GLY A 119 -2.01 0.85 -0.36
N GLY A 120 -3.08 0.07 -0.29
CA GLY A 120 -3.51 -0.50 1.02
C GLY A 120 -2.37 -1.37 1.59
N PRO A 121 -1.78 -0.94 2.69
CA PRO A 121 -0.67 -1.72 3.30
C PRO A 121 -1.19 -3.02 3.91
N LEU A 122 -0.45 -4.09 3.76
CA LEU A 122 -0.86 -5.39 4.35
C LEU A 122 -0.34 -5.47 5.79
N LEU A 123 -1.23 -5.72 6.73
CA LEU A 123 -0.79 -5.79 8.16
C LEU A 123 -0.89 -7.24 8.68
N CYS A 124 -0.18 -7.53 9.74
CA CYS A 124 -0.22 -8.90 10.33
C CYS A 124 -0.97 -8.87 11.66
N PRO A 125 -1.15 -10.04 12.27
CA PRO A 125 -1.87 -10.11 13.56
C PRO A 125 -1.01 -9.48 14.66
N SER A 126 0.28 -9.65 14.59
CA SER A 126 1.19 -9.07 15.63
C SER A 126 1.07 -7.54 15.61
N GLY A 127 0.98 -6.96 14.43
CA GLY A 127 0.86 -5.48 14.32
C GLY A 127 2.05 -4.93 13.52
N HIS A 128 2.48 -5.66 12.52
CA HIS A 128 3.63 -5.17 11.68
C HIS A 128 3.24 -5.17 10.21
N ALA A 129 3.62 -4.15 9.49
CA ALA A 129 3.28 -4.09 8.03
C ALA A 129 4.22 -5.00 7.23
N VAL A 130 3.71 -5.69 6.24
CA VAL A 130 4.57 -6.59 5.42
C VAL A 130 4.84 -5.97 4.04
N GLY A 131 3.94 -5.14 3.56
CA GLY A 131 4.15 -4.51 2.22
C GLY A 131 2.91 -3.72 1.79
N ILE A 132 2.83 -3.39 0.52
CA ILE A 132 1.65 -2.62 0.01
C ILE A 132 1.10 -3.30 -1.25
N PHE A 133 -0.21 -3.31 -1.40
CA PHE A 133 -0.82 -3.95 -2.61
C PHE A 133 -0.33 -3.25 -3.88
N ARG A 134 0.13 -4.01 -4.85
CA ARG A 134 0.63 -3.39 -6.11
C ARG A 134 -0.39 -3.58 -7.26
N ALA A 135 -0.51 -4.78 -7.76
CA ALA A 135 -1.48 -5.02 -8.88
C ALA A 135 -2.33 -6.26 -8.60
N ALA A 136 -3.52 -6.30 -9.16
CA ALA A 136 -4.41 -7.49 -8.94
C ALA A 136 -4.24 -8.48 -10.09
N VAL A 137 -4.55 -9.73 -9.87
CA VAL A 137 -4.38 -10.75 -10.95
C VAL A 137 -5.73 -11.42 -11.25
N CYS A 138 -6.24 -11.24 -12.45
CA CYS A 138 -7.55 -11.87 -12.80
C CYS A 138 -7.53 -12.38 -14.25
N THR A 139 -8.21 -13.46 -14.52
CA THR A 139 -8.25 -14.01 -15.90
C THR A 139 -9.30 -13.27 -16.73
N ARG A 140 -10.49 -13.14 -16.21
CA ARG A 140 -11.58 -12.43 -16.94
C ARG A 140 -12.23 -11.37 -16.05
N GLY A 141 -11.43 -10.59 -15.36
CA GLY A 141 -11.99 -9.53 -14.46
C GLY A 141 -12.15 -10.10 -13.04
N VAL A 142 -12.02 -11.39 -12.85
CA VAL A 142 -12.16 -11.98 -11.48
C VAL A 142 -10.78 -12.17 -10.87
N ALA A 143 -10.54 -11.58 -9.73
CA ALA A 143 -9.20 -11.71 -9.08
C ALA A 143 -9.14 -12.96 -8.20
N LYS A 144 -8.29 -13.89 -8.55
CA LYS A 144 -8.16 -15.14 -7.73
C LYS A 144 -6.88 -15.08 -6.90
N ALA A 145 -5.89 -14.38 -7.40
CA ALA A 145 -4.60 -14.26 -6.65
C ALA A 145 -4.22 -12.78 -6.53
N VAL A 146 -3.40 -12.43 -5.57
CA VAL A 146 -2.99 -11.01 -5.39
C VAL A 146 -1.48 -10.89 -5.19
N ASP A 147 -0.87 -9.90 -5.79
CA ASP A 147 0.61 -9.72 -5.65
C ASP A 147 0.92 -8.36 -5.00
N PHE A 148 1.79 -8.35 -4.02
CA PHE A 148 2.14 -7.06 -3.35
C PHE A 148 3.67 -6.95 -3.18
N VAL A 149 4.17 -5.75 -3.05
CA VAL A 149 5.65 -5.57 -2.89
C VAL A 149 6.02 -5.44 -1.40
N PRO A 150 7.05 -6.16 -0.98
CA PRO A 150 7.46 -6.09 0.44
C PRO A 150 8.19 -4.78 0.72
N VAL A 151 8.27 -4.39 1.98
CA VAL A 151 8.97 -3.12 2.33
C VAL A 151 10.49 -3.30 2.20
N GLU A 152 10.97 -4.50 2.33
CA GLU A 152 12.44 -4.75 2.21
C GLU A 152 12.95 -4.31 0.84
N SER A 153 12.17 -4.53 -0.18
CA SER A 153 12.60 -4.13 -1.56
C SER A 153 12.85 -2.63 -1.63
N MET A 154 12.02 -1.85 -0.97
CA MET A 154 12.20 -0.36 -0.98
C MET A 154 13.57 0.02 -0.41
N GLU A 155 14.04 -0.72 0.56
CA GLU A 155 15.36 -0.40 1.18
C GLU A 155 16.48 -0.45 0.12
N THR A 156 16.43 -1.42 -0.77
CA THR A 156 17.49 -1.52 -1.82
C THR A 156 17.38 -0.31 -2.76
N THR A 157 16.19 0.10 -3.10
CA THR A 157 16.00 1.26 -4.00
C THR A 157 16.58 2.53 -3.36
N MET A 158 16.39 2.70 -2.08
CA MET A 158 16.91 3.91 -1.38
C MET A 158 18.44 3.98 -1.50
N ARG A 159 19.10 2.86 -1.39
CA ARG A 159 20.60 2.85 -1.49
C ARG A 159 21.01 3.21 -2.92
N ALA A 160 20.31 2.70 -3.91
CA ALA A 160 20.66 3.01 -5.33
C ALA A 160 20.17 4.41 -5.71
O1 4P2 B . -0.67 -2.32 -14.46
C8 4P2 B . -2.09 -7.59 -14.02
O9 4P2 B . -1.88 -8.88 -13.60
C10 4P2 B . -0.55 -9.49 -13.74
C11 4P2 B . -0.76 -11.00 -13.79
C12 4P2 B . 0.52 -11.55 -13.19
C13 4P2 B . 0.77 -10.64 -12.01
C14 4P2 B . 0.34 -9.22 -12.50
C15 4P2 B . 1.61 -8.37 -12.80
C16 4P2 B . 1.30 -6.92 -13.20
C17 4P2 B . 2.45 -5.98 -12.86
C18 4P2 B . 2.32 -4.61 -13.54
C19 4P2 B . 1.33 -3.66 -12.83
C20 4P2 B . 1.50 -2.25 -13.38
N21 4P2 B . 2.74 -1.64 -13.07
C22 4P2 B . 3.07 -0.40 -13.59
C23 4P2 B . 4.35 0.22 -13.27
C24 4P2 B . 4.71 1.53 -13.80
C25 4P2 B . 3.79 2.24 -14.69
C26 4P2 B . 2.50 1.65 -15.05
C27 4P2 B . 2.13 0.33 -14.51
C28 4P2 B . 0.87 -0.32 -14.82
C29 4P2 B . 0.51 -1.63 -14.25
O38 4P2 B . -1.28 -6.87 -14.60
C5 4P2 B . -3.24 -4.88 -12.76
C6 4P2 B . -3.82 -5.78 -13.91
N7 4P2 B . -3.36 -7.18 -13.70
O32 4P2 B . -2.95 -5.38 -11.67
C33 4P2 B . -5.38 -5.68 -13.90
C34 4P2 B . -6.10 -6.82 -14.65
C35 4P2 B . -7.50 -6.28 -14.95
C36 4P2 B . -7.42 -4.77 -14.78
C37 4P2 B . -5.93 -4.46 -14.63
N4 4P2 B . -3.09 -3.51 -12.98
C31 4P2 B . -2.68 -2.59 -11.90
C39 4P2 B . -3.92 -2.17 -11.07
O40 4P2 B . -5.07 -2.15 -11.54
C30 4P2 B . -2.06 -1.37 -12.64
C2 4P2 B . -1.97 -1.75 -14.13
C3 4P2 B . -3.02 -2.86 -14.28
N41 4P2 B . -3.67 -1.87 -9.72
C42 4P2 B . -4.73 -1.59 -8.74
C43 4P2 B . -5.43 -2.85 -8.15
C44 4P2 B . -4.49 -2.06 -7.30
C47 4P2 B . -6.88 -2.86 -7.86
C48 4P2 B . -7.73 -3.86 -8.17
C45 4P2 B . -5.42 -0.20 -8.82
O46 4P2 B . -6.63 -0.10 -8.80
N49 4P2 B . -4.55 0.89 -8.94
S 4P2 B . -4.97 2.46 -9.17
O51 4P2 B . -3.79 3.11 -9.70
O52 4P2 B . -6.22 2.54 -9.88
C53 4P2 B . -5.18 3.21 -7.53
C54 4P2 B . -6.32 4.19 -7.43
C55 4P2 B . -6.42 2.83 -6.79
H2 4P2 B . -2.23 -0.93 -14.80
H10 4P2 B . -0.09 -9.17 -14.69
H111 4P2 B . -0.91 -11.36 -14.81
H112 4P2 B . -1.62 -11.30 -13.19
H122 4P2 B . 1.33 -11.50 -13.91
H121 4P2 B . 0.40 -12.60 -12.88
H132 4P2 B . 1.81 -10.70 -11.67
H131 4P2 B . 0.13 -10.92 -11.16
H14 4P2 B . -0.22 -8.72 -11.71
H151 4P2 B . 2.23 -8.35 -11.89
H152 4P2 B . 2.21 -8.85 -13.58
H162 4P2 B . 1.12 -6.89 -14.29
H161 4P2 B . 0.38 -6.58 -12.70
H171 4P2 B . 3.40 -6.43 -13.19
H172 4P2 B . 2.51 -5.85 -11.77
H182 4P2 B . 3.31 -4.15 -13.57
H181 4P2 B . 2.01 -4.76 -14.58
H191 4P2 B . 1.55 -3.65 -11.76
H192 4P2 B . 0.30 -4.00 -12.94
H23 4P2 B . 5.05 -0.31 -12.63
H24 4P2 B . 5.66 1.97 -13.55
H25 4P2 B . 4.07 3.22 -15.07
H26 4P2 B . 1.84 2.19 -15.72
H28 4P2 B . 0.18 0.20 -15.49
H6 4P2 B . -3.45 -5.47 -14.90
H7 4P2 B . -3.97 -7.86 -13.28
H33 4P2 B . -5.74 -5.67 -12.86
H341 4P2 B . -5.58 -7.04 -15.58
H342 4P2 B . -6.15 -7.74 -14.06
H352 4P2 B . -8.23 -6.69 -14.25
H351 4P2 B . -7.81 -6.56 -15.96
H361 4P2 B . -7.96 -4.46 -13.89
H362 4P2 B . -7.85 -4.23 -15.63
H371 4P2 B . -5.78 -3.52 -14.08
H372 4P2 B . -5.48 -4.34 -15.62
H31 4P2 B . -1.95 -3.10 -11.27
H302 4P2 B . -1.09 -1.13 -12.20
H301 4P2 B . -2.70 -0.47 -12.55
H32 4P2 B . -2.73 -3.58 -15.06
H31A 4P2 B . -4.01 -2.45 -14.48
H41 4P2 B . -2.71 -1.86 -9.39
H43 4P2 B . -5.07 -3.81 -8.50
H442 4P2 B . -3.54 -2.52 -7.05
H441 4P2 B . -4.88 -1.46 -6.49
H47 4P2 B . -7.30 -1.99 -7.36
H482 4P2 B . -7.39 -4.71 -8.75
H481 4P2 B . -8.77 -3.82 -7.87
H53 4P2 B . -4.27 3.43 -6.98
H541 4P2 B . -6.18 5.05 -6.80
H542 4P2 B . -6.93 4.39 -8.30
H552 4P2 B . -6.38 2.80 -5.70
H551 4P2 B . -7.11 2.12 -7.23
ZN ZN C . 3.75 -9.54 11.53
N THR A 1 -26.09 -2.52 18.02
CA THR A 1 -25.55 -2.48 16.63
C THR A 1 -24.03 -2.68 16.66
N GLY A 2 -23.53 -3.57 15.84
CA GLY A 2 -22.06 -3.82 15.80
C GLY A 2 -21.37 -2.70 15.02
N ARG A 3 -21.05 -1.61 15.68
CA ARG A 3 -20.39 -0.47 14.98
C ARG A 3 -19.07 -0.94 14.31
N ASP A 4 -18.79 -0.44 13.12
CA ASP A 4 -17.55 -0.85 12.42
C ASP A 4 -16.65 0.38 12.18
N LYS A 5 -16.78 1.38 13.00
CA LYS A 5 -15.93 2.61 12.84
C LYS A 5 -14.80 2.62 13.87
N ASN A 6 -15.15 2.53 15.14
CA ASN A 6 -14.13 2.52 16.26
C ASN A 6 -12.93 3.45 15.98
N GLN A 7 -11.87 2.93 15.38
CA GLN A 7 -10.69 3.79 15.08
C GLN A 7 -10.53 3.99 13.57
N VAL A 8 -10.14 2.96 12.88
CA VAL A 8 -9.95 3.04 11.39
C VAL A 8 -8.92 4.13 11.04
N GLU A 9 -8.38 4.08 9.85
CA GLU A 9 -7.38 5.10 9.41
C GLU A 9 -6.26 5.27 10.46
N GLY A 10 -5.42 6.26 10.30
CA GLY A 10 -4.32 6.48 11.27
C GLY A 10 -2.97 6.34 10.56
N GLU A 11 -2.44 5.16 10.48
CA GLU A 11 -1.13 4.95 9.80
C GLU A 11 -1.30 4.98 8.28
N VAL A 12 -2.49 4.71 7.79
CA VAL A 12 -2.72 4.72 6.31
C VAL A 12 -3.43 6.01 5.90
N GLN A 13 -2.85 6.74 4.98
CA GLN A 13 -3.49 8.03 4.53
C GLN A 13 -4.14 7.84 3.16
N VAL A 14 -5.36 8.29 3.01
CA VAL A 14 -6.07 8.15 1.71
C VAL A 14 -5.90 9.42 0.87
N VAL A 15 -5.50 9.29 -0.37
CA VAL A 15 -5.30 10.50 -1.23
C VAL A 15 -6.01 10.33 -2.57
N SER A 16 -6.28 11.41 -3.26
CA SER A 16 -6.97 11.33 -4.58
C SER A 16 -6.25 12.20 -5.61
N THR A 17 -6.34 11.84 -6.87
CA THR A 17 -5.66 12.64 -7.94
C THR A 17 -6.70 13.27 -8.86
N ALA A 18 -6.24 13.95 -9.89
CA ALA A 18 -7.19 14.61 -10.83
C ALA A 18 -8.13 13.58 -11.48
N THR A 19 -7.58 12.52 -12.01
CA THR A 19 -8.45 11.49 -12.67
C THR A 19 -8.36 10.14 -11.94
N GLN A 20 -7.30 9.91 -11.21
CA GLN A 20 -7.16 8.61 -10.49
C GLN A 20 -7.13 8.85 -8.98
N SER A 21 -7.31 7.82 -8.20
CA SER A 21 -7.28 7.98 -6.71
C SER A 21 -6.74 6.72 -6.04
N PHE A 22 -5.66 6.85 -5.31
CA PHE A 22 -5.05 5.67 -4.63
C PHE A 22 -4.77 6.01 -3.16
N LEU A 23 -4.18 5.09 -2.44
CA LEU A 23 -3.87 5.35 -0.99
C LEU A 23 -2.37 5.19 -0.74
N ALA A 24 -1.93 5.53 0.45
CA ALA A 24 -0.48 5.40 0.77
C ALA A 24 -0.28 5.11 2.26
N THR A 25 0.88 4.61 2.63
CA THR A 25 1.14 4.30 4.07
C THR A 25 2.56 4.76 4.44
N CYS A 26 2.73 5.25 5.65
CA CYS A 26 4.09 5.72 6.09
C CYS A 26 4.90 4.56 6.68
N VAL A 27 6.06 4.31 6.14
CA VAL A 27 6.91 3.19 6.66
C VAL A 27 8.35 3.69 6.90
N ASN A 28 8.85 3.52 8.10
CA ASN A 28 10.25 3.96 8.42
C ASN A 28 10.47 5.43 8.02
N GLY A 29 9.51 6.27 8.25
CA GLY A 29 9.66 7.72 7.89
C GLY A 29 9.64 7.89 6.37
N VAL A 30 9.07 6.94 5.66
CA VAL A 30 9.02 7.04 4.16
C VAL A 30 7.69 6.51 3.66
N CYS A 31 6.87 7.35 3.11
CA CYS A 31 5.53 6.90 2.60
C CYS A 31 5.69 6.23 1.23
N TRP A 32 5.23 5.02 1.09
CA TRP A 32 5.35 4.31 -0.22
C TRP A 32 3.96 4.08 -0.82
N THR A 33 3.83 4.32 -2.10
CA THR A 33 2.51 4.12 -2.78
C THR A 33 2.72 3.45 -4.14
N VAL A 34 1.65 3.20 -4.85
CA VAL A 34 1.77 2.55 -6.20
C VAL A 34 2.14 3.62 -7.26
N TYR A 35 2.99 3.27 -8.19
CA TYR A 35 3.42 4.25 -9.24
C TYR A 35 2.43 4.29 -10.43
N HIS A 36 1.98 3.15 -10.90
CA HIS A 36 1.07 3.13 -12.08
C HIS A 36 -0.21 3.96 -11.82
N GLY A 37 -0.51 4.25 -10.58
CA GLY A 37 -1.73 5.05 -10.26
C GLY A 37 -1.36 6.54 -10.33
N ALA A 38 -0.35 6.95 -9.61
CA ALA A 38 0.07 8.37 -9.62
C ALA A 38 0.92 8.65 -10.86
N GLY A 39 2.06 8.01 -10.97
CA GLY A 39 2.93 8.22 -12.17
C GLY A 39 4.16 9.05 -11.77
N SER A 40 4.91 9.50 -12.74
CA SER A 40 6.13 10.31 -12.45
C SER A 40 5.75 11.64 -11.81
N LYS A 41 4.64 12.21 -12.21
CA LYS A 41 4.20 13.51 -11.62
C LYS A 41 3.99 13.38 -10.12
N THR A 42 4.46 14.34 -9.36
CA THR A 42 4.28 14.27 -7.87
C THR A 42 2.88 14.73 -7.48
N LEU A 43 2.55 14.64 -6.22
CA LEU A 43 1.19 15.06 -5.76
C LEU A 43 1.23 16.49 -5.19
N ALA A 44 0.26 17.29 -5.54
CA ALA A 44 0.23 18.70 -5.02
C ALA A 44 -0.75 18.80 -3.85
N GLY A 45 -0.25 18.99 -2.65
CA GLY A 45 -1.14 19.11 -1.46
C GLY A 45 -1.58 20.56 -1.31
N PRO A 46 -2.00 20.94 -0.12
CA PRO A 46 -2.45 22.32 0.12
C PRO A 46 -1.27 23.30 0.02
N LYS A 47 -0.11 22.88 0.47
CA LYS A 47 1.09 23.77 0.40
C LYS A 47 1.65 23.81 -1.03
N GLY A 48 1.50 22.73 -1.76
CA GLY A 48 2.03 22.70 -3.16
C GLY A 48 2.69 21.34 -3.43
N PRO A 49 3.15 21.14 -4.65
CA PRO A 49 3.80 19.86 -5.01
C PRO A 49 5.21 19.80 -4.40
N ILE A 50 5.86 18.66 -4.51
CA ILE A 50 7.23 18.51 -3.94
C ILE A 50 8.18 17.90 -4.98
N THR A 51 9.45 17.89 -4.70
CA THR A 51 10.43 17.30 -5.66
C THR A 51 10.32 15.77 -5.67
N GLN A 52 10.40 15.17 -6.82
CA GLN A 52 10.29 13.68 -6.91
C GLN A 52 11.59 13.04 -6.42
N MET A 53 11.48 12.06 -5.54
CA MET A 53 12.71 11.39 -5.02
C MET A 53 12.70 9.90 -5.35
N TYR A 54 11.56 9.24 -5.21
CA TYR A 54 11.51 7.78 -5.54
C TYR A 54 10.47 7.53 -6.64
N THR A 55 10.92 7.10 -7.80
CA THR A 55 9.97 6.83 -8.93
C THR A 55 10.55 5.76 -9.87
N ASN A 56 9.77 4.77 -10.22
CA ASN A 56 10.28 3.69 -11.12
C ASN A 56 9.15 2.78 -11.61
N VAL A 57 9.00 2.62 -12.90
CA VAL A 57 7.92 1.72 -13.43
C VAL A 57 8.31 0.25 -13.17
N ASP A 58 9.57 -0.08 -13.31
CA ASP A 58 10.00 -1.50 -13.08
C ASP A 58 9.58 -1.97 -11.69
N GLN A 59 9.58 -1.09 -10.73
CA GLN A 59 9.18 -1.47 -9.34
C GLN A 59 7.72 -1.06 -9.08
N ASP A 60 7.14 -0.24 -9.95
CA ASP A 60 5.72 0.20 -9.74
C ASP A 60 5.54 0.81 -8.35
N LEU A 61 6.50 1.57 -7.90
CA LEU A 61 6.39 2.19 -6.54
C LEU A 61 6.95 3.62 -6.54
N VAL A 62 6.42 4.43 -5.68
CA VAL A 62 6.89 5.85 -5.57
C VAL A 62 6.78 6.27 -4.10
N GLY A 63 7.59 7.20 -3.66
CA GLY A 63 7.52 7.61 -2.23
C GLY A 63 7.99 9.06 -2.05
N TRP A 64 7.60 9.67 -0.97
CA TRP A 64 8.00 11.08 -0.70
C TRP A 64 8.52 11.19 0.74
N GLN A 65 9.14 12.30 1.07
CA GLN A 65 9.69 12.46 2.45
C GLN A 65 8.55 12.57 3.47
N ALA A 66 8.70 11.94 4.60
CA ALA A 66 7.63 11.99 5.64
C ALA A 66 7.84 13.21 6.55
N PRO A 67 6.76 13.77 7.05
CA PRO A 67 6.86 14.95 7.94
C PRO A 67 7.40 14.54 9.33
N PRO A 68 8.21 15.39 9.93
CA PRO A 68 8.77 15.08 11.26
C PRO A 68 7.72 15.30 12.36
N GLY A 69 7.93 14.70 13.50
CA GLY A 69 6.95 14.85 14.62
C GLY A 69 5.88 13.76 14.52
N ALA A 70 6.24 12.62 14.00
CA ALA A 70 5.26 11.50 13.88
C ALA A 70 5.98 10.15 13.92
N ARG A 71 5.24 9.08 14.07
CA ARG A 71 5.86 7.73 14.12
C ARG A 71 5.45 6.91 12.90
N SER A 72 6.20 5.89 12.56
CA SER A 72 5.86 5.05 11.38
C SER A 72 5.85 3.57 11.75
N LEU A 73 5.40 2.73 10.85
CA LEU A 73 5.35 1.26 11.14
C LEU A 73 6.72 0.63 10.91
N THR A 74 6.91 -0.57 11.40
CA THR A 74 8.22 -1.26 11.21
C THR A 74 8.05 -2.46 10.25
N PRO A 75 9.10 -2.80 9.55
CA PRO A 75 9.03 -3.95 8.60
C PRO A 75 8.86 -5.26 9.37
N CYS A 76 7.90 -6.06 8.98
CA CYS A 76 7.67 -7.37 9.69
C CYS A 76 8.78 -8.37 9.36
N THR A 77 9.15 -9.18 10.30
CA THR A 77 10.22 -10.19 10.06
C THR A 77 9.84 -11.55 10.64
N CYS A 78 8.82 -12.17 10.09
CA CYS A 78 8.37 -13.50 10.63
C CYS A 78 7.85 -14.43 9.51
N GLY A 79 7.70 -13.96 8.30
CA GLY A 79 7.19 -14.83 7.20
C GLY A 79 5.81 -15.38 7.56
N SER A 80 4.94 -14.55 8.08
CA SER A 80 3.57 -15.02 8.44
C SER A 80 2.74 -15.29 7.18
N SER A 81 2.12 -16.44 7.10
CA SER A 81 1.30 -16.77 5.90
C SER A 81 0.01 -15.93 5.90
N ASP A 82 -0.60 -15.76 7.05
CA ASP A 82 -1.86 -14.96 7.12
C ASP A 82 -1.54 -13.46 7.12
N LEU A 83 -2.20 -12.71 6.27
CA LEU A 83 -1.93 -11.24 6.21
C LEU A 83 -3.26 -10.47 6.10
N TYR A 84 -3.29 -9.25 6.58
CA TYR A 84 -4.54 -8.44 6.52
C TYR A 84 -4.38 -7.34 5.46
N LEU A 85 -5.26 -7.30 4.48
CA LEU A 85 -5.16 -6.26 3.42
C LEU A 85 -6.29 -5.25 3.55
N VAL A 86 -6.01 -3.98 3.34
CA VAL A 86 -7.07 -2.94 3.43
C VAL A 86 -7.36 -2.35 2.06
N THR A 87 -8.60 -2.07 1.76
CA THR A 87 -8.93 -1.50 0.41
C THR A 87 -9.37 -0.03 0.57
N ARG A 88 -10.02 0.50 -0.44
CA ARG A 88 -10.48 1.92 -0.37
C ARG A 88 -11.63 2.06 0.64
N HIS A 89 -12.34 0.99 0.91
CA HIS A 89 -13.46 1.05 1.89
C HIS A 89 -12.99 0.71 3.31
N ALA A 90 -11.71 0.80 3.57
CA ALA A 90 -11.17 0.50 4.94
C ALA A 90 -11.60 -0.91 5.40
N ASP A 91 -11.90 -1.77 4.47
CA ASP A 91 -12.32 -3.16 4.85
C ASP A 91 -11.09 -4.01 5.18
N VAL A 92 -11.28 -5.11 5.87
CA VAL A 92 -10.12 -5.98 6.22
C VAL A 92 -10.43 -7.44 5.82
N ILE A 93 -9.50 -8.10 5.18
CA ILE A 93 -9.73 -9.51 4.77
C ILE A 93 -8.41 -10.31 4.89
N PRO A 94 -8.50 -11.53 5.38
CA PRO A 94 -7.29 -12.37 5.53
C PRO A 94 -6.81 -12.87 4.16
N VAL A 95 -5.52 -12.87 3.94
CA VAL A 95 -4.97 -13.35 2.64
C VAL A 95 -3.86 -14.37 2.88
N ARG A 96 -3.92 -15.51 2.23
CA ARG A 96 -2.86 -16.55 2.42
C ARG A 96 -1.64 -16.23 1.55
N ARG A 97 -0.48 -16.59 2.00
CA ARG A 97 0.76 -16.31 1.21
C ARG A 97 0.97 -17.39 0.14
N ARG A 98 1.34 -17.00 -1.05
CA ARG A 98 1.56 -17.99 -2.14
C ARG A 98 2.77 -17.58 -2.99
N GLY A 99 3.69 -16.85 -2.42
CA GLY A 99 4.90 -16.42 -3.19
C GLY A 99 5.57 -15.24 -2.49
N ASP A 100 6.73 -14.84 -2.96
CA ASP A 100 7.44 -13.70 -2.31
C ASP A 100 6.73 -12.38 -2.62
N SER A 101 6.36 -12.18 -3.86
CA SER A 101 5.66 -10.91 -4.25
C SER A 101 4.24 -11.21 -4.74
N ARG A 102 3.70 -12.35 -4.40
CA ARG A 102 2.31 -12.69 -4.85
C ARG A 102 1.62 -13.55 -3.79
N GLY A 103 0.33 -13.37 -3.61
CA GLY A 103 -0.41 -14.18 -2.61
C GLY A 103 -1.78 -14.56 -3.17
N SER A 104 -2.59 -15.20 -2.37
CA SER A 104 -3.94 -15.61 -2.84
C SER A 104 -5.02 -14.95 -1.99
N LEU A 105 -6.16 -14.65 -2.58
CA LEU A 105 -7.25 -13.99 -1.80
C LEU A 105 -8.24 -15.05 -1.30
N LEU A 106 -8.58 -15.00 -0.04
CA LEU A 106 -9.54 -16.00 0.53
C LEU A 106 -10.91 -15.87 -0.15
N SER A 107 -11.48 -14.69 -0.15
CA SER A 107 -12.81 -14.49 -0.79
C SER A 107 -12.63 -13.95 -2.22
N PRO A 108 -13.29 -14.57 -3.18
CA PRO A 108 -13.17 -14.10 -4.58
C PRO A 108 -14.09 -12.91 -4.84
N ARG A 109 -13.53 -11.78 -5.15
CA ARG A 109 -14.37 -10.56 -5.42
C ARG A 109 -14.02 -9.99 -6.80
N PRO A 110 -14.96 -9.33 -7.42
CA PRO A 110 -14.72 -8.73 -8.76
C PRO A 110 -13.76 -7.55 -8.67
N VAL A 111 -12.99 -7.30 -9.71
CA VAL A 111 -12.03 -6.15 -9.68
C VAL A 111 -12.79 -4.85 -9.35
N SER A 112 -14.04 -4.75 -9.75
CA SER A 112 -14.83 -3.52 -9.47
C SER A 112 -14.94 -3.27 -7.96
N TYR A 113 -15.14 -4.29 -7.18
CA TYR A 113 -15.26 -4.10 -5.70
C TYR A 113 -13.90 -3.68 -5.14
N LEU A 114 -12.85 -4.28 -5.62
CA LEU A 114 -11.48 -3.94 -5.14
C LEU A 114 -10.84 -2.87 -6.05
N LYS A 115 -11.63 -2.16 -6.81
CA LYS A 115 -11.06 -1.13 -7.72
C LYS A 115 -10.80 0.18 -7.03
N GLY A 116 -9.55 0.55 -7.00
CA GLY A 116 -9.16 1.83 -6.34
C GLY A 116 -8.59 1.55 -4.96
N SER A 117 -8.04 0.38 -4.75
CA SER A 117 -7.45 0.04 -3.43
C SER A 117 -5.92 -0.04 -3.51
N SER A 118 -5.33 0.57 -4.51
CA SER A 118 -3.84 0.53 -4.62
C SER A 118 -3.21 1.29 -3.46
N GLY A 119 -2.09 0.84 -2.96
CA GLY A 119 -1.45 1.53 -1.81
C GLY A 119 -1.89 0.87 -0.50
N GLY A 120 -2.97 0.13 -0.51
CA GLY A 120 -3.46 -0.54 0.74
C GLY A 120 -2.34 -1.44 1.29
N PRO A 121 -1.76 -1.07 2.41
CA PRO A 121 -0.67 -1.88 3.00
C PRO A 121 -1.21 -3.19 3.57
N LEU A 122 -0.34 -4.15 3.77
CA LEU A 122 -0.75 -5.46 4.34
C LEU A 122 -0.12 -5.63 5.72
N LEU A 123 -0.92 -5.77 6.74
CA LEU A 123 -0.37 -5.92 8.12
C LEU A 123 -0.28 -7.39 8.51
N CYS A 124 0.42 -7.68 9.59
CA CYS A 124 0.55 -9.09 10.05
C CYS A 124 -0.28 -9.29 11.33
N PRO A 125 -0.28 -10.50 11.86
CA PRO A 125 -1.05 -10.76 13.10
C PRO A 125 -0.40 -10.06 14.29
N SER A 126 0.88 -9.80 14.21
CA SER A 126 1.58 -9.11 15.34
C SER A 126 1.31 -7.60 15.27
N GLY A 127 1.10 -7.07 14.09
CA GLY A 127 0.83 -5.62 13.95
C GLY A 127 1.95 -4.96 13.14
N HIS A 128 2.50 -5.67 12.17
CA HIS A 128 3.60 -5.09 11.34
C HIS A 128 3.21 -5.10 9.86
N ALA A 129 3.77 -4.21 9.08
CA ALA A 129 3.43 -4.16 7.63
C ALA A 129 4.38 -5.08 6.84
N VAL A 130 3.88 -5.73 5.81
CA VAL A 130 4.75 -6.64 5.01
C VAL A 130 4.84 -6.17 3.55
N GLY A 131 3.87 -5.43 3.08
CA GLY A 131 3.92 -4.95 1.65
C GLY A 131 2.70 -4.09 1.33
N ILE A 132 2.53 -3.72 0.08
CA ILE A 132 1.36 -2.89 -0.32
C ILE A 132 0.66 -3.52 -1.55
N PHE A 133 -0.58 -3.17 -1.76
CA PHE A 133 -1.32 -3.73 -2.93
C PHE A 133 -0.83 -3.10 -4.23
N ARG A 134 -0.79 -3.85 -5.30
CA ARG A 134 -0.32 -3.29 -6.60
C ARG A 134 -1.33 -3.61 -7.71
N ALA A 135 -1.35 -4.84 -8.18
CA ALA A 135 -2.31 -5.20 -9.27
C ALA A 135 -3.24 -6.33 -8.82
N ALA A 136 -4.47 -6.24 -9.22
CA ALA A 136 -5.47 -7.30 -8.86
C ALA A 136 -5.51 -8.34 -10.00
N VAL A 137 -5.35 -9.59 -9.68
CA VAL A 137 -5.33 -10.65 -10.73
C VAL A 137 -6.70 -11.33 -10.87
N CYS A 138 -7.30 -11.24 -12.04
CA CYS A 138 -8.63 -11.91 -12.24
C CYS A 138 -8.70 -12.53 -13.64
N THR A 139 -9.48 -13.58 -13.80
CA THR A 139 -9.62 -14.22 -15.14
C THR A 139 -10.83 -13.63 -15.86
N ARG A 140 -11.95 -13.57 -15.17
CA ARG A 140 -13.18 -13.01 -15.79
C ARG A 140 -13.64 -11.80 -14.98
N GLY A 141 -12.70 -11.03 -14.49
CA GLY A 141 -13.04 -9.85 -13.65
C GLY A 141 -13.08 -10.25 -12.17
N VAL A 142 -13.04 -11.53 -11.88
CA VAL A 142 -13.05 -11.97 -10.44
C VAL A 142 -11.62 -12.06 -9.94
N ALA A 143 -11.30 -11.37 -8.87
CA ALA A 143 -9.91 -11.39 -8.33
C ALA A 143 -9.73 -12.56 -7.36
N LYS A 144 -8.90 -13.50 -7.71
CA LYS A 144 -8.65 -14.67 -6.83
C LYS A 144 -7.25 -14.55 -6.20
N ALA A 145 -6.34 -13.93 -6.91
CA ALA A 145 -4.95 -13.76 -6.37
C ALA A 145 -4.62 -12.27 -6.22
N VAL A 146 -3.56 -11.95 -5.55
CA VAL A 146 -3.18 -10.52 -5.37
C VAL A 146 -1.66 -10.34 -5.42
N ASP A 147 -1.20 -9.39 -6.19
CA ASP A 147 0.27 -9.14 -6.29
C ASP A 147 0.68 -7.95 -5.43
N PHE A 148 1.66 -8.12 -4.58
CA PHE A 148 2.12 -6.99 -3.70
C PHE A 148 3.65 -6.92 -3.67
N VAL A 149 4.19 -5.80 -3.25
CA VAL A 149 5.68 -5.66 -3.18
C VAL A 149 6.14 -5.75 -1.72
N PRO A 150 7.30 -6.33 -1.49
CA PRO A 150 7.84 -6.46 -0.11
C PRO A 150 8.30 -5.10 0.42
N VAL A 151 8.56 -5.01 1.69
CA VAL A 151 9.01 -3.71 2.30
C VAL A 151 10.53 -3.62 2.31
N GLU A 152 11.19 -4.67 2.72
CA GLU A 152 12.69 -4.66 2.78
C GLU A 152 13.30 -4.28 1.43
N SER A 153 12.63 -4.57 0.35
CA SER A 153 13.18 -4.22 -1.00
C SER A 153 13.36 -2.71 -1.13
N MET A 154 12.58 -1.95 -0.40
CA MET A 154 12.69 -0.45 -0.46
C MET A 154 14.00 0.02 0.17
N GLU A 155 14.54 -0.73 1.11
CA GLU A 155 15.82 -0.32 1.77
C GLU A 155 16.93 -0.11 0.75
N THR A 156 17.03 -0.99 -0.23
CA THR A 156 18.12 -0.83 -1.26
C THR A 156 17.78 0.33 -2.21
N THR A 157 16.53 0.69 -2.32
CA THR A 157 16.15 1.81 -3.24
C THR A 157 16.61 3.15 -2.67
N MET A 158 16.49 3.33 -1.37
CA MET A 158 16.90 4.62 -0.75
C MET A 158 18.40 4.87 -0.98
N ARG A 159 19.21 3.87 -0.81
CA ARG A 159 20.68 4.03 -1.02
C ARG A 159 20.96 4.47 -2.47
N ALA A 160 20.26 3.92 -3.41
CA ALA A 160 20.48 4.28 -4.84
C ALA A 160 19.77 5.61 -5.16
O1 4P2 B . -0.91 -3.12 -14.38
C8 4P2 B . -3.24 -7.82 -13.85
O9 4P2 B . -2.99 -9.12 -13.48
C10 4P2 B . -1.64 -9.67 -13.70
C11 4P2 B . -1.80 -11.18 -13.92
C12 4P2 B . -0.64 -11.82 -13.19
C13 4P2 B . -0.50 -10.96 -11.95
C14 4P2 B . -0.73 -9.50 -12.44
C15 4P2 B . 0.64 -8.81 -12.68
C16 4P2 B . 0.56 -7.34 -13.08
C17 4P2 B . 1.92 -6.67 -12.98
C18 4P2 B . 1.94 -5.23 -13.49
C19 4P2 B . 1.12 -4.26 -12.63
C20 4P2 B . 1.19 -2.86 -13.21
N21 4P2 B . 2.39 -2.20 -12.89
C22 4P2 B . 2.73 -1.00 -13.51
C23 4P2 B . 3.96 -0.33 -13.17
C24 4P2 B . 4.34 0.93 -13.79
C25 4P2 B . 3.47 1.54 -14.79
C26 4P2 B . 2.21 0.89 -15.17
C27 4P2 B . 1.82 -0.38 -14.53
C28 4P2 B . 0.59 -1.09 -14.85
C29 4P2 B . 0.24 -2.36 -14.18
O38 4P2 B . -2.45 -7.04 -14.38
C5 4P2 B . -4.47 -5.12 -12.86
C6 4P2 B . -5.09 -6.13 -13.90
N7 4P2 B . -4.55 -7.47 -13.57
O32 4P2 B . -4.67 -5.30 -11.68
C33 4P2 B . -6.65 -6.07 -13.77
C34 4P2 B . -7.38 -7.04 -14.71
C35 4P2 B . -8.80 -6.49 -14.88
C36 4P2 B . -8.75 -5.03 -14.47
C37 4P2 B . -7.30 -4.72 -14.18
N4 4P2 B . -3.77 -3.97 -13.27
C31 4P2 B . -3.30 -2.96 -12.29
C39 4P2 B . -4.52 -2.39 -11.48
O40 4P2 B . -5.65 -2.34 -11.99
C30 4P2 B . -2.66 -1.86 -13.16
C2 4P2 B . -2.25 -2.56 -14.47
C3 4P2 B . -3.22 -3.74 -14.60
N41 4P2 B . -4.28 -2.00 -10.15
C42 4P2 B . -5.39 -1.52 -9.29
C43 4P2 B . -6.36 -2.66 -8.81
C44 4P2 B . -5.40 -2.05 -7.84
C47 4P2 B . -7.80 -2.43 -8.66
C48 4P2 B . -8.73 -3.36 -8.85
C45 4P2 B . -5.87 -0.05 -9.48
O46 4P2 B . -7.02 0.27 -9.23
N49 4P2 B . -4.91 0.84 -9.95
S 4P2 B . -5.17 2.45 -10.22
O51 4P2 B . -4.13 2.89 -11.12
O52 4P2 B . -6.57 2.66 -10.54
C53 4P2 B . -4.81 3.27 -8.65
C54 4P2 B . -5.71 4.42 -8.30
C55 4P2 B . -5.83 3.10 -7.57
H2 4P2 B . -2.35 -1.92 -15.36
H10 4P2 B . -1.19 -9.24 -14.61
H111 4P2 B . -1.78 -11.44 -14.97
H112 4P2 B . -2.75 -11.53 -13.51
H122 4P2 B . 0.26 -11.78 -13.80
H121 4P2 B . -0.84 -12.87 -12.94
H132 4P2 B . 0.46 -11.11 -11.45
H131 4P2 B . -1.28 -11.21 -11.22
H14 4P2 B . -1.25 -8.95 -11.65
H151 4P2 B . 1.22 -8.88 -11.75
H152 4P2 B . 1.21 -9.35 -13.44
H162 4P2 B . 0.20 -7.27 -14.11
H161 4P2 B . -0.16 -6.80 -12.44
H171 4P2 B . 2.64 -7.24 -13.59
H172 4P2 B . 2.28 -6.72 -11.94
H182 4P2 B . 2.99 -4.90 -13.50
H181 4P2 B . 1.59 -5.20 -14.53
H191 4P2 B . 1.53 -4.23 -11.61
H192 4P2 B . 0.08 -4.60 -12.52
H23 4P2 B . 4.61 -0.77 -12.42
H24 4P2 B . 5.26 1.41 -13.53
H25 4P2 B . 3.77 2.48 -15.26
H26 4P2 B . 1.58 1.36 -15.92
H28 4P2 B . -0.07 -0.65 -15.59
H6 4P2 B . -4.79 -5.91 -14.93
H7 4P2 B . -5.12 -8.17 -13.10
H33 4P2 B . -6.96 -6.31 -12.75
H341 4P2 B . -6.88 -7.08 -15.69
H342 4P2 B . -7.41 -8.07 -14.31
H352 4P2 B . -9.50 -7.03 -14.23
H351 4P2 B . -9.14 -6.61 -15.91
H361 4P2 B . -9.35 -4.89 -13.56
H362 4P2 B . -9.17 -4.37 -15.24
H371 4P2 B . -7.20 -3.96 -13.40
H372 4P2 B . -6.83 -4.33 -15.09
H31 4P2 B . -2.59 -3.47 -11.62
H302 4P2 B . -1.81 -1.40 -12.64
H301 4P2 B . -3.37 -1.06 -13.39
H32 4P2 B . -2.72 -4.63 -14.98
H31A 4P2 B . -4.07 -3.47 -15.26
H41 4P2 B . -3.35 -2.07 -9.74
H43 4P2 B . -6.15 -3.67 -9.16
H442 4P2 B . -4.57 -2.67 -7.53
H441 4P2 B . -5.78 -1.40 -7.06
H47 4P2 B . -8.13 -1.44 -8.37
H482 4P2 B . -8.46 -4.36 -9.05
H481 4P2 B . -9.79 -3.12 -8.80
H53 4P2 B . -3.76 3.33 -8.36
H541 4P2 B . -5.28 5.26 -7.77
H542 4P2 B . -6.51 4.69 -8.98
H552 4P2 B . -5.50 3.05 -6.55
H551 4P2 B . -6.70 2.48 -7.78
ZN ZN C . 4.43 -9.44 11.40
N THR A 1 -14.47 10.55 1.20
CA THR A 1 -15.65 10.20 0.35
C THR A 1 -15.64 11.03 -0.93
N GLY A 2 -15.34 12.30 -0.83
CA GLY A 2 -15.32 13.16 -2.04
C GLY A 2 -14.99 14.61 -1.63
N ARG A 3 -15.93 15.27 -1.00
CA ARG A 3 -15.68 16.69 -0.56
C ARG A 3 -14.49 16.75 0.39
N ASP A 4 -14.38 15.79 1.29
CA ASP A 4 -13.23 15.80 2.25
C ASP A 4 -11.90 15.72 1.51
N LYS A 5 -10.97 16.59 1.86
CA LYS A 5 -9.64 16.57 1.19
C LYS A 5 -8.54 16.99 2.17
N ASN A 6 -8.75 16.73 3.44
CA ASN A 6 -7.72 17.12 4.46
C ASN A 6 -6.79 15.93 4.75
N GLN A 7 -5.58 16.20 5.15
CA GLN A 7 -4.62 15.10 5.45
C GLN A 7 -4.55 14.86 6.96
N VAL A 8 -4.83 13.65 7.38
CA VAL A 8 -4.79 13.35 8.85
C VAL A 8 -3.95 12.09 9.10
N GLU A 9 -3.10 12.12 10.10
CA GLU A 9 -2.26 10.93 10.42
C GLU A 9 -3.13 9.71 10.73
N GLY A 10 -2.68 8.54 10.36
CA GLY A 10 -3.48 7.31 10.62
C GLY A 10 -3.08 6.23 9.62
N GLU A 11 -1.88 5.72 9.71
CA GLU A 11 -1.41 4.65 8.77
C GLU A 11 -1.53 5.11 7.31
N VAL A 12 -2.68 4.96 6.71
CA VAL A 12 -2.85 5.38 5.28
C VAL A 12 -3.92 6.47 5.16
N GLN A 13 -3.91 7.17 4.06
CA GLN A 13 -4.91 8.25 3.83
C GLN A 13 -5.44 8.17 2.40
N VAL A 14 -6.73 8.08 2.23
CA VAL A 14 -7.30 7.99 0.85
C VAL A 14 -7.23 9.36 0.17
N VAL A 15 -6.47 9.46 -0.91
CA VAL A 15 -6.37 10.77 -1.62
C VAL A 15 -7.06 10.70 -2.97
N SER A 16 -7.55 11.81 -3.46
CA SER A 16 -8.25 11.81 -4.78
C SER A 16 -7.47 12.65 -5.80
N THR A 17 -7.14 12.06 -6.92
CA THR A 17 -6.39 12.80 -7.98
C THR A 17 -7.37 13.34 -9.01
N ALA A 18 -6.85 13.84 -10.11
CA ALA A 18 -7.75 14.40 -11.16
C ALA A 18 -8.74 13.34 -11.66
N THR A 19 -8.26 12.18 -12.05
CA THR A 19 -9.17 11.11 -12.55
C THR A 19 -8.95 9.78 -11.82
N GLN A 20 -8.05 9.72 -10.86
CA GLN A 20 -7.81 8.44 -10.13
C GLN A 20 -7.58 8.72 -8.64
N SER A 21 -7.53 7.68 -7.84
CA SER A 21 -7.31 7.86 -6.37
C SER A 21 -6.48 6.71 -5.81
N PHE A 22 -5.46 7.02 -5.05
CA PHE A 22 -4.59 5.96 -4.47
C PHE A 22 -4.40 6.19 -2.96
N LEU A 23 -3.59 5.38 -2.32
CA LEU A 23 -3.37 5.53 -0.85
C LEU A 23 -1.89 5.82 -0.56
N ALA A 24 -1.61 6.39 0.58
CA ALA A 24 -0.18 6.69 0.95
C ALA A 24 0.15 6.09 2.31
N THR A 25 1.11 5.20 2.36
CA THR A 25 1.49 4.57 3.66
C THR A 25 2.77 5.21 4.21
N CYS A 26 2.85 5.34 5.51
CA CYS A 26 4.08 5.95 6.13
C CYS A 26 5.00 4.85 6.67
N VAL A 27 6.13 4.65 6.04
CA VAL A 27 7.07 3.59 6.52
C VAL A 27 8.50 4.17 6.65
N ASN A 28 9.13 3.95 7.77
CA ASN A 28 10.52 4.47 7.98
C ASN A 28 10.61 5.97 7.69
N GLY A 29 9.61 6.71 8.08
CA GLY A 29 9.62 8.19 7.84
C GLY A 29 9.57 8.47 6.33
N VAL A 30 9.04 7.55 5.55
CA VAL A 30 8.97 7.76 4.08
C VAL A 30 7.57 7.35 3.58
N CYS A 31 6.87 8.26 2.95
CA CYS A 31 5.52 7.92 2.42
C CYS A 31 5.64 7.14 1.12
N TRP A 32 5.28 5.87 1.13
CA TRP A 32 5.39 5.06 -0.12
C TRP A 32 4.03 4.95 -0.81
N THR A 33 4.02 5.10 -2.12
CA THR A 33 2.75 4.99 -2.89
C THR A 33 3.00 4.17 -4.16
N VAL A 34 1.98 3.99 -4.96
CA VAL A 34 2.16 3.20 -6.22
C VAL A 34 2.66 4.13 -7.33
N TYR A 35 3.55 3.65 -8.16
CA TYR A 35 4.09 4.51 -9.26
C TYR A 35 3.18 4.49 -10.50
N HIS A 36 2.70 3.33 -10.90
CA HIS A 36 1.85 3.26 -12.12
C HIS A 36 0.58 4.11 -11.97
N GLY A 37 0.22 4.48 -10.76
CA GLY A 37 -1.01 5.30 -10.55
C GLY A 37 -0.62 6.76 -10.29
N ALA A 38 0.09 7.00 -9.22
CA ALA A 38 0.48 8.41 -8.89
C ALA A 38 1.90 8.72 -9.40
N GLY A 39 2.71 7.71 -9.59
CA GLY A 39 4.11 7.94 -10.09
C GLY A 39 4.08 8.63 -11.45
N SER A 40 3.17 8.24 -12.31
CA SER A 40 3.09 8.87 -13.66
C SER A 40 2.58 10.31 -13.57
N LYS A 41 1.62 10.57 -12.72
CA LYS A 41 1.07 11.95 -12.59
C LYS A 41 1.68 12.67 -11.37
N THR A 42 1.30 13.90 -11.17
CA THR A 42 1.85 14.67 -10.01
C THR A 42 1.10 14.30 -8.72
N LEU A 43 1.59 14.74 -7.59
CA LEU A 43 0.91 14.41 -6.30
C LEU A 43 0.08 15.60 -5.81
N ALA A 44 -1.01 15.33 -5.14
CA ALA A 44 -1.88 16.43 -4.64
C ALA A 44 -1.99 16.34 -3.10
N GLY A 45 -1.64 17.40 -2.41
CA GLY A 45 -1.72 17.39 -0.92
C GLY A 45 -2.18 18.75 -0.42
N PRO A 46 -2.19 18.93 0.89
CA PRO A 46 -2.62 20.22 1.48
C PRO A 46 -1.61 21.33 1.16
N LYS A 47 -0.33 21.03 1.32
CA LYS A 47 0.71 22.06 1.01
C LYS A 47 0.79 22.31 -0.50
N GLY A 48 0.51 21.32 -1.29
CA GLY A 48 0.56 21.49 -2.76
C GLY A 48 1.43 20.37 -3.38
N PRO A 49 1.90 20.61 -4.59
CA PRO A 49 2.75 19.59 -5.26
C PRO A 49 4.14 19.54 -4.61
N ILE A 50 4.79 18.40 -4.68
CA ILE A 50 6.15 18.27 -4.07
C ILE A 50 7.13 17.68 -5.08
N THR A 51 8.41 17.85 -4.86
CA THR A 51 9.43 17.31 -5.80
C THR A 51 9.50 15.78 -5.68
N GLN A 52 9.84 15.10 -6.74
CA GLN A 52 9.92 13.61 -6.70
C GLN A 52 11.35 13.17 -6.41
N MET A 53 11.54 12.28 -5.46
CA MET A 53 12.92 11.81 -5.13
C MET A 53 13.03 10.30 -5.43
N TYR A 54 12.00 9.55 -5.17
CA TYR A 54 12.05 8.08 -5.45
C TYR A 54 11.10 7.76 -6.61
N THR A 55 11.63 7.23 -7.68
CA THR A 55 10.77 6.90 -8.87
C THR A 55 11.32 5.68 -9.61
N ASN A 56 10.51 4.66 -9.82
CA ASN A 56 11.02 3.46 -10.54
C ASN A 56 9.85 2.55 -10.99
N VAL A 57 9.77 2.27 -12.28
CA VAL A 57 8.68 1.38 -12.78
C VAL A 57 8.95 -0.06 -12.35
N ASP A 58 10.20 -0.45 -12.28
CA ASP A 58 10.55 -1.85 -11.87
C ASP A 58 9.92 -2.17 -10.51
N GLN A 59 10.04 -1.27 -9.58
CA GLN A 59 9.45 -1.50 -8.23
C GLN A 59 8.02 -0.98 -8.15
N ASP A 60 7.58 -0.24 -9.15
CA ASP A 60 6.18 0.31 -9.15
C ASP A 60 5.90 1.07 -7.85
N LEU A 61 6.86 1.82 -7.37
CA LEU A 61 6.65 2.58 -6.10
C LEU A 61 7.28 3.97 -6.18
N VAL A 62 6.85 4.85 -5.32
CA VAL A 62 7.40 6.24 -5.28
C VAL A 62 7.57 6.62 -3.80
N GLY A 63 8.30 7.66 -3.50
CA GLY A 63 8.49 8.04 -2.06
C GLY A 63 8.80 9.52 -1.93
N TRP A 64 8.49 10.09 -0.78
CA TRP A 64 8.75 11.54 -0.56
C TRP A 64 9.23 11.74 0.89
N GLN A 65 9.82 12.87 1.19
CA GLN A 65 10.29 13.13 2.57
C GLN A 65 9.09 13.40 3.49
N ALA A 66 8.94 12.64 4.54
CA ALA A 66 7.80 12.84 5.48
C ALA A 66 8.22 13.75 6.65
N PRO A 67 7.27 14.42 7.24
CA PRO A 67 7.56 15.31 8.38
C PRO A 67 7.90 14.49 9.63
N PRO A 68 8.80 15.00 10.45
CA PRO A 68 9.18 14.27 11.70
C PRO A 68 8.10 14.44 12.76
N GLY A 69 8.08 13.57 13.74
CA GLY A 69 7.06 13.67 14.82
C GLY A 69 5.83 12.83 14.46
N ALA A 70 6.03 11.77 13.70
CA ALA A 70 4.88 10.90 13.31
C ALA A 70 5.25 9.43 13.51
N ARG A 71 4.26 8.57 13.59
CA ARG A 71 4.55 7.12 13.79
C ARG A 71 4.94 6.47 12.46
N SER A 72 5.70 5.41 12.51
CA SER A 72 6.13 4.72 11.26
C SER A 72 5.96 3.21 11.39
N LEU A 73 5.87 2.52 10.28
CA LEU A 73 5.71 1.03 10.34
C LEU A 73 7.01 0.33 9.90
N THR A 74 7.18 -0.91 10.29
CA THR A 74 8.43 -1.64 9.90
C THR A 74 8.06 -3.08 9.48
N PRO A 75 8.98 -3.74 8.80
CA PRO A 75 8.72 -5.13 8.37
C PRO A 75 8.72 -6.09 9.56
N CYS A 76 7.86 -7.07 9.57
CA CYS A 76 7.81 -8.02 10.72
C CYS A 76 8.84 -9.14 10.55
N THR A 77 9.22 -9.77 11.63
CA THR A 77 10.21 -10.89 11.55
C THR A 77 9.53 -12.18 12.00
N CYS A 78 8.55 -12.64 11.25
CA CYS A 78 7.82 -13.88 11.65
C CYS A 78 7.40 -14.73 10.44
N GLY A 79 7.55 -14.24 9.23
CA GLY A 79 7.16 -15.04 8.02
C GLY A 79 5.73 -15.59 8.17
N SER A 80 4.90 -14.93 8.94
CA SER A 80 3.50 -15.41 9.14
C SER A 80 2.76 -15.50 7.81
N SER A 81 2.18 -16.64 7.53
CA SER A 81 1.44 -16.81 6.24
C SER A 81 0.17 -15.94 6.26
N ASP A 82 -0.51 -15.90 7.37
CA ASP A 82 -1.75 -15.07 7.47
C ASP A 82 -1.44 -13.60 7.21
N LEU A 83 -2.27 -12.91 6.49
CA LEU A 83 -2.01 -11.47 6.19
C LEU A 83 -3.32 -10.68 6.22
N TYR A 84 -3.22 -9.37 6.20
CA TYR A 84 -4.45 -8.52 6.22
C TYR A 84 -4.28 -7.35 5.24
N LEU A 85 -5.23 -7.15 4.37
CA LEU A 85 -5.12 -6.04 3.39
C LEU A 85 -6.21 -4.99 3.64
N VAL A 86 -5.82 -3.75 3.84
CA VAL A 86 -6.82 -2.67 4.10
C VAL A 86 -7.14 -1.96 2.78
N THR A 87 -8.33 -2.16 2.26
CA THR A 87 -8.71 -1.49 0.97
C THR A 87 -9.15 -0.05 1.23
N ARG A 88 -9.41 0.68 0.17
CA ARG A 88 -9.85 2.11 0.33
C ARG A 88 -11.16 2.18 1.14
N HIS A 89 -11.92 1.11 1.17
CA HIS A 89 -13.20 1.13 1.95
C HIS A 89 -12.98 0.64 3.39
N ALA A 90 -11.75 0.67 3.87
CA ALA A 90 -11.46 0.21 5.26
C ALA A 90 -12.01 -1.20 5.50
N ASP A 91 -11.87 -2.08 4.53
CA ASP A 91 -12.38 -3.47 4.70
C ASP A 91 -11.24 -4.42 5.06
N VAL A 92 -11.34 -5.08 6.19
CA VAL A 92 -10.26 -6.01 6.64
C VAL A 92 -9.99 -7.10 5.56
N ILE A 93 -10.80 -8.14 5.48
CA ILE A 93 -10.55 -9.22 4.46
C ILE A 93 -9.12 -9.77 4.59
N PRO A 94 -8.98 -10.91 5.24
CA PRO A 94 -7.64 -11.52 5.43
C PRO A 94 -7.11 -12.07 4.10
N VAL A 95 -5.84 -12.34 4.03
CA VAL A 95 -5.25 -12.88 2.76
C VAL A 95 -4.22 -13.96 3.09
N ARG A 96 -4.20 -15.02 2.33
CA ARG A 96 -3.23 -16.13 2.59
C ARG A 96 -1.96 -15.92 1.76
N ARG A 97 -0.83 -16.36 2.26
CA ARG A 97 0.45 -16.19 1.51
C ARG A 97 0.55 -17.20 0.37
N ARG A 98 1.18 -16.82 -0.71
CA ARG A 98 1.32 -17.74 -1.89
C ARG A 98 2.57 -17.36 -2.70
N GLY A 99 3.70 -17.25 -2.05
CA GLY A 99 4.95 -16.88 -2.77
C GLY A 99 5.59 -15.66 -2.10
N ASP A 100 6.79 -15.31 -2.49
CA ASP A 100 7.48 -14.13 -1.87
C ASP A 100 6.64 -12.86 -2.10
N SER A 101 6.38 -12.53 -3.33
CA SER A 101 5.57 -11.32 -3.63
C SER A 101 4.23 -11.73 -4.25
N ARG A 102 3.80 -12.94 -4.01
CA ARG A 102 2.51 -13.42 -4.59
C ARG A 102 1.61 -13.95 -3.47
N GLY A 103 0.34 -13.63 -3.50
CA GLY A 103 -0.59 -14.12 -2.43
C GLY A 103 -1.95 -14.45 -3.04
N SER A 104 -2.80 -15.09 -2.29
CA SER A 104 -4.16 -15.45 -2.81
C SER A 104 -5.23 -14.62 -2.10
N LEU A 105 -6.39 -14.52 -2.69
CA LEU A 105 -7.49 -13.72 -2.07
C LEU A 105 -8.56 -14.65 -1.48
N LEU A 106 -8.89 -14.46 -0.23
CA LEU A 106 -9.93 -15.32 0.42
C LEU A 106 -11.28 -15.08 -0.25
N SER A 107 -11.73 -13.86 -0.27
CA SER A 107 -13.05 -13.55 -0.91
C SER A 107 -12.84 -13.10 -2.37
N PRO A 108 -13.29 -13.90 -3.31
CA PRO A 108 -13.11 -13.54 -4.74
C PRO A 108 -14.05 -12.40 -5.12
N ARG A 109 -13.52 -11.23 -5.32
CA ARG A 109 -14.37 -10.06 -5.71
C ARG A 109 -13.92 -9.53 -7.08
N PRO A 110 -14.81 -8.83 -7.75
CA PRO A 110 -14.47 -8.28 -9.09
C PRO A 110 -13.49 -7.10 -8.96
N VAL A 111 -12.66 -6.90 -9.95
CA VAL A 111 -11.67 -5.77 -9.90
C VAL A 111 -12.40 -4.44 -9.60
N SER A 112 -13.64 -4.34 -10.03
CA SER A 112 -14.42 -3.07 -9.79
C SER A 112 -14.53 -2.77 -8.29
N TYR A 113 -14.85 -3.76 -7.49
CA TYR A 113 -14.98 -3.51 -6.02
C TYR A 113 -13.62 -3.17 -5.42
N LEU A 114 -12.59 -3.83 -5.88
CA LEU A 114 -11.22 -3.56 -5.36
C LEU A 114 -10.52 -2.50 -6.22
N LYS A 115 -11.26 -1.73 -6.99
CA LYS A 115 -10.62 -0.70 -7.86
C LYS A 115 -10.33 0.57 -7.10
N GLY A 116 -9.06 0.88 -7.04
CA GLY A 116 -8.62 2.12 -6.31
C GLY A 116 -8.10 1.74 -4.93
N SER A 117 -7.60 0.53 -4.78
CA SER A 117 -7.06 0.10 -3.47
C SER A 117 -5.53 0.08 -3.51
N SER A 118 -4.93 0.78 -4.45
CA SER A 118 -3.43 0.79 -4.53
C SER A 118 -2.87 1.66 -3.40
N GLY A 119 -1.93 1.15 -2.67
CA GLY A 119 -1.34 1.94 -1.54
C GLY A 119 -1.69 1.26 -0.21
N GLY A 120 -2.78 0.53 -0.17
CA GLY A 120 -3.18 -0.18 1.09
C GLY A 120 -2.03 -1.11 1.53
N PRO A 121 -1.64 -1.03 2.79
CA PRO A 121 -0.52 -1.86 3.26
C PRO A 121 -1.02 -3.25 3.69
N LEU A 122 -0.14 -4.22 3.71
CA LEU A 122 -0.52 -5.59 4.14
C LEU A 122 0.08 -5.88 5.52
N LEU A 123 -0.74 -6.22 6.47
CA LEU A 123 -0.21 -6.50 7.84
C LEU A 123 -0.21 -8.00 8.13
N CYS A 124 0.54 -8.40 9.13
CA CYS A 124 0.61 -9.85 9.50
C CYS A 124 0.02 -10.02 10.90
N PRO A 125 -0.22 -11.26 11.31
CA PRO A 125 -0.79 -11.50 12.67
C PRO A 125 0.17 -11.01 13.76
N SER A 126 1.41 -10.75 13.43
CA SER A 126 2.37 -10.24 14.46
C SER A 126 2.00 -8.81 14.86
N GLY A 127 1.52 -8.02 13.93
CA GLY A 127 1.13 -6.62 14.24
C GLY A 127 1.99 -5.63 13.43
N HIS A 128 2.67 -6.10 12.41
CA HIS A 128 3.52 -5.18 11.59
C HIS A 128 3.16 -5.30 10.10
N ALA A 129 3.67 -4.42 9.28
CA ALA A 129 3.35 -4.48 7.82
C ALA A 129 4.43 -5.27 7.06
N VAL A 130 4.06 -5.85 5.95
CA VAL A 130 5.05 -6.64 5.14
C VAL A 130 5.21 -6.04 3.74
N GLY A 131 4.21 -5.37 3.24
CA GLY A 131 4.32 -4.77 1.86
C GLY A 131 3.11 -3.88 1.57
N ILE A 132 2.87 -3.58 0.31
CA ILE A 132 1.72 -2.71 -0.06
C ILE A 132 1.04 -3.25 -1.34
N PHE A 133 -0.23 -2.99 -1.51
CA PHE A 133 -0.94 -3.51 -2.73
C PHE A 133 -0.39 -2.88 -4.00
N ARG A 134 -0.35 -3.64 -5.07
CA ARG A 134 0.18 -3.12 -6.36
C ARG A 134 -0.82 -3.44 -7.49
N ALA A 135 -0.94 -4.69 -7.86
CA ALA A 135 -1.88 -5.06 -8.94
C ALA A 135 -2.80 -6.20 -8.50
N ALA A 136 -4.00 -6.19 -9.01
CA ALA A 136 -4.98 -7.28 -8.68
C ALA A 136 -4.89 -8.37 -9.75
N VAL A 137 -5.31 -9.58 -9.44
CA VAL A 137 -5.19 -10.67 -10.47
C VAL A 137 -6.56 -11.29 -10.75
N CYS A 138 -7.07 -11.11 -11.95
CA CYS A 138 -8.40 -11.72 -12.29
C CYS A 138 -8.38 -12.31 -13.70
N THR A 139 -9.06 -13.42 -13.90
CA THR A 139 -9.11 -14.04 -15.26
C THR A 139 -10.18 -13.36 -16.11
N ARG A 140 -11.33 -13.11 -15.55
CA ARG A 140 -12.43 -12.44 -16.30
C ARG A 140 -12.98 -11.26 -15.50
N GLY A 141 -12.12 -10.59 -14.78
CA GLY A 141 -12.57 -9.43 -13.95
C GLY A 141 -12.74 -9.85 -12.49
N VAL A 142 -12.73 -11.13 -12.20
CA VAL A 142 -12.89 -11.59 -10.79
C VAL A 142 -11.50 -11.76 -10.16
N ALA A 143 -11.25 -11.09 -9.06
CA ALA A 143 -9.90 -11.18 -8.42
C ALA A 143 -9.86 -12.37 -7.45
N LYS A 144 -9.04 -13.35 -7.76
CA LYS A 144 -8.91 -14.53 -6.86
C LYS A 144 -7.60 -14.46 -6.07
N ALA A 145 -6.62 -13.76 -6.59
CA ALA A 145 -5.31 -13.64 -5.89
C ALA A 145 -4.87 -12.17 -5.85
N VAL A 146 -3.87 -11.85 -5.08
CA VAL A 146 -3.40 -10.43 -5.00
C VAL A 146 -1.87 -10.37 -4.90
N ASP A 147 -1.26 -9.46 -5.62
CA ASP A 147 0.23 -9.33 -5.57
C ASP A 147 0.63 -8.01 -4.92
N PHE A 148 1.66 -8.03 -4.11
CA PHE A 148 2.10 -6.77 -3.43
C PHE A 148 3.64 -6.70 -3.38
N VAL A 149 4.18 -5.52 -3.19
CA VAL A 149 5.66 -5.37 -3.14
C VAL A 149 6.15 -5.43 -1.67
N PRO A 150 7.21 -6.16 -1.43
CA PRO A 150 7.74 -6.28 -0.05
C PRO A 150 8.45 -4.98 0.36
N VAL A 151 8.59 -4.75 1.65
CA VAL A 151 9.27 -3.52 2.12
C VAL A 151 10.79 -3.68 2.00
N GLU A 152 11.28 -4.89 2.08
CA GLU A 152 12.75 -5.11 1.95
C GLU A 152 13.26 -4.62 0.60
N SER A 153 12.49 -4.80 -0.44
CA SER A 153 12.93 -4.36 -1.78
C SER A 153 13.13 -2.84 -1.81
N MET A 154 12.33 -2.11 -1.09
CA MET A 154 12.47 -0.62 -1.06
C MET A 154 13.86 -0.23 -0.54
N GLU A 155 14.43 -1.03 0.31
CA GLU A 155 15.79 -0.71 0.86
C GLU A 155 16.82 -0.61 -0.28
N THR A 156 16.77 -1.53 -1.21
CA THR A 156 17.74 -1.50 -2.35
C THR A 156 17.53 -0.23 -3.18
N THR A 157 16.29 0.14 -3.39
CA THR A 157 16.01 1.37 -4.20
C THR A 157 16.52 2.61 -3.47
N MET A 158 16.42 2.62 -2.16
CA MET A 158 16.89 3.81 -1.37
C MET A 158 18.40 4.01 -1.60
N ARG A 159 19.15 2.94 -1.70
CA ARG A 159 20.62 3.07 -1.91
C ARG A 159 20.90 3.81 -3.23
N ALA A 160 20.13 3.53 -4.25
CA ALA A 160 20.34 4.22 -5.56
C ALA A 160 19.68 5.60 -5.55
O1 4P2 B . -0.26 -3.18 -14.07
C8 4P2 B . -2.79 -7.75 -13.48
O9 4P2 B . -2.61 -9.04 -13.04
C10 4P2 B . -1.28 -9.65 -13.14
C11 4P2 B . -1.47 -11.17 -13.31
C12 4P2 B . -0.39 -11.80 -12.46
C13 4P2 B . -0.35 -10.90 -11.24
C14 4P2 B . -0.47 -9.46 -11.82
C15 4P2 B . 0.94 -8.81 -11.95
C16 4P2 B . 0.94 -7.37 -12.43
C17 4P2 B . 2.31 -6.73 -12.21
C18 4P2 B . 2.42 -5.31 -12.78
C19 4P2 B . 1.54 -4.27 -12.07
C20 4P2 B . 1.74 -2.92 -12.74
N21 4P2 B . 2.94 -2.27 -12.36
C22 4P2 B . 3.38 -1.14 -13.04
C23 4P2 B . 4.61 -0.49 -12.64
C24 4P2 B . 5.08 0.71 -13.33
C25 4P2 B . 4.33 1.27 -14.44
C26 4P2 B . 3.08 0.64 -14.87
C27 4P2 B . 2.58 -0.57 -14.18
C28 4P2 B . 1.35 -1.25 -14.54
C29 4P2 B . 0.89 -2.44 -13.82
O38 4P2 B . -1.93 -7.02 -13.97
C5 4P2 B . -3.99 -5.00 -12.66
C6 4P2 B . -4.56 -6.01 -13.71
N7 4P2 B . -4.10 -7.36 -13.31
O32 4P2 B . -4.27 -5.14 -11.49
C33 4P2 B . -6.13 -5.91 -13.69
C34 4P2 B . -6.82 -6.88 -14.67
C35 4P2 B . -8.21 -6.29 -14.93
C36 4P2 B . -8.15 -4.82 -14.54
C37 4P2 B . -6.70 -4.54 -14.19
N4 4P2 B . -3.21 -3.89 -13.05
C31 4P2 B . -2.75 -2.88 -12.06
C39 4P2 B . -3.98 -2.25 -11.31
O40 4P2 B . -5.07 -2.16 -11.88
C30 4P2 B . -2.00 -1.83 -12.92
C2 4P2 B . -1.57 -2.56 -14.20
C3 4P2 B . -2.58 -3.71 -14.36
N41 4P2 B . -3.79 -1.86 -9.97
C42 4P2 B . -4.92 -1.31 -9.18
C43 4P2 B . -5.96 -2.41 -8.75
C44 4P2 B . -5.03 -1.82 -7.74
C47 4P2 B . -7.40 -2.13 -8.68
C48 4P2 B . -8.36 -3.03 -8.91
C45 4P2 B . -5.34 0.16 -9.41
O46 4P2 B . -6.49 0.54 -9.22
N49 4P2 B . -4.32 1.01 -9.84
S 4P2 B . -4.51 2.63 -10.13
O51 4P2 B . -3.39 3.02 -10.97
O52 4P2 B . -5.86 2.90 -10.52
C53 4P2 B . -4.18 3.43 -8.54
C54 4P2 B . -5.06 4.62 -8.24
C55 4P2 B . -5.27 3.32 -7.53
H2 4P2 B . -1.62 -1.94 -15.10
H10 4P2 B . -0.74 -9.29 -14.02
H111 4P2 B . -1.38 -11.47 -14.35
H112 4P2 B . -2.47 -11.47 -12.94
H122 4P2 B . 0.57 -11.79 -12.99
H121 4P2 B . -0.63 -12.84 -12.20
H132 4P2 B . 0.55 -11.07 -10.65
H131 4P2 B . -1.20 -11.10 -10.60
H14 4P2 B . -1.04 -8.85 -11.10
H151 4P2 B . 1.43 -8.86 -10.98
H152 4P2 B . 1.57 -9.41 -12.63
H162 4P2 B . 0.71 -7.33 -13.50
H161 4P2 B . 0.18 -6.78 -11.90
H171 4P2 B . 3.07 -7.34 -12.71
H172 4P2 B . 2.56 -6.73 -11.14
H182 4P2 B . 3.48 -5.00 -12.70
H181 4P2 B . 2.20 -5.33 -13.86
H191 4P2 B . 1.85 -4.19 -11.03
H192 4P2 B . 0.50 -4.56 -12.07
H23 4P2 B . 5.18 -0.90 -11.82
H24 4P2 B . 6.01 1.16 -13.01
H25 4P2 B . 4.72 2.16 -14.95
H26 4P2 B . 2.53 1.08 -15.70
H28 4P2 B . 0.78 -0.84 -15.36
H6 4P2 B . -4.20 -5.82 -14.72
H7 4P2 B . -4.73 -8.02 -12.86
H33 4P2 B . -6.51 -6.11 -12.69
H341 4P2 B . -6.26 -6.94 -15.61
H342 4P2 B . -6.89 -7.89 -14.23
H352 4P2 B . -8.97 -6.80 -14.31
H351 4P2 B . -8.50 -6.43 -15.98
H361 4P2 B . -8.80 -4.64 -13.68
H362 4P2 B . -8.50 -4.18 -15.35
H371 4P2 B . -6.62 -3.76 -13.42
H372 4P2 B . -6.16 -4.19 -15.08
H31 4P2 B . -2.10 -3.41 -11.35
H302 4P2 B . -1.16 -1.40 -12.37
H301 4P2 B . -2.67 -1.00 -13.19
H32 4P2 B . -2.09 -4.63 -14.68
H31A 4P2 B . -3.38 -3.44 -15.06
H41 4P2 B . -2.89 -1.95 -9.52
H43 4P2 B . -5.77 -3.44 -9.07
H442 4P2 B . -4.24 -2.46 -7.37
H441 4P2 B . -5.43 -1.16 -6.98
H47 4P2 B . -7.71 -1.13 -8.43
H482 4P2 B . -8.12 -4.04 -9.07
H481 4P2 B . -9.40 -2.74 -8.92
H53 4P2 B . -3.15 3.45 -8.20
H541 4P2 B . -4.62 5.44 -7.69
H542 4P2 B . -5.81 4.93 -8.97
H552 4P2 B . -4.99 3.26 -6.48
H551 4P2 B . -6.15 2.74 -7.76
ZN ZN C . 4.68 -9.40 11.37
#